data_7LW1
#
_entry.id   7LW1
#
loop_
_entity.id
_entity.type
_entity.pdbx_description
1 polymer 'ATP-dependent 6-phosphofructokinase, liver type'
2 non-polymer N-{(11S)-2-[2-(5-hydroxypent-1-yn-1-yl)phenyl]-4H,10H-pyrazolo[5,1-c][1,4]benzoxazepin-7-yl}acetamide
3 non-polymer 1,6-di-O-phosphono-beta-D-fructofuranose
4 non-polymer 6-O-phosphono-beta-D-fructofuranose
5 non-polymer "ADENOSINE-5'-DIPHOSPHATE"
#
_entity_poly.entity_id   1
_entity_poly.type   'polypeptide(L)'
_entity_poly.pdbx_seq_one_letter_code
;MAAVDLEKLRASGAGKAIGVLTSGGDAQGMNAAVRAVTRMGIYVGAKVFLIYEGYEGLVEGGENIKQANWLSVSNIIQLG
GTIIGSARCKAFTTREGRRAAAYNLVQHGITNLCVIGGDGSLTGANIFRSEWGSLLEELVAEGKISETTARTYSHLNIAG
LVGSIDNDFCGTDMTIGTDSALHRIMEVIDAITTTAQSHQRTFVLEVMGRHCGYLALVSALASGADWLFIPEAPPEDGWE
NFMCERLGETRSRGSRLNIIIIAEGAIDRNGKPISSSYVKDLVVQRLGFDTRVTVLGHVQRGGTPSAFDRILSSKMGMEA
VMALLEATPDTPACVVTLSGNQSVRLPLMECVQMTKEVQKAMDDKRFDEATQLRGGSFENNWNIYKLLAHQKPPKEKSNF
SLAILNVGAPAAGMNAAVRSAVRTGISHGHTVYVVHDGFEGLAKGQVQEVGWHDVAGWLGRGGSMLGTKRTLPKGQLESI
VENIRIYGIHALLVVGGFEAYEGVLQLVEARGRYEELCIVMCVIPATISNNVPGTDFSLGSDTAVNAAMESCDRIKQSAS
GTKRRVFIVETMGGYCGYLATVTGIAVGADAAYVFEDPFNIHDLKVNVEHMTEKMKTDIQRGLVLRNEKCHDYYTTEFLY
NLYSSEGKGVFDCRTNVLGHLQQGGAPTPFDRNYGTKLGVKAMLWLSEKLREVYRKGRVFANAPDSACVIGLKKKAVAFS
PVTELKKDTDFEHRMPREQWWLSLRLMLKMLAQYRISMAAYVSGELEHVTRRTLSMDKGF
;
_entity_poly.pdbx_strand_id   A,D,E,F
#
loop_
_chem_comp.id
_chem_comp.type
_chem_comp.name
_chem_comp.formula
ADP non-polymer ADENOSINE-5'-DIPHOSPHATE 'C10 H15 N5 O10 P2'
F6P D-saccharide, beta linking 6-O-phosphono-beta-D-fructofuranose 'C6 H13 O9 P'
FBP D-saccharide, beta linking 1,6-di-O-phosphono-beta-D-fructofuranose 'C6 H14 O12 P2'
YG1 non-polymer N-{(11S)-2-[2-(5-hydroxypent-1-yn-1-yl)phenyl]-4H,10H-pyrazolo[5,1-c][1,4]benzoxazepin-7-yl}acetamide 'C24 H23 N3 O3'
#
# COMPACT_ATOMS: atom_id res chain seq x y z
N ALA A 11 21.21 29.25 21.62
CA ALA A 11 21.29 29.29 23.07
C ALA A 11 20.51 30.48 23.64
N SER A 12 19.99 30.35 24.87
CA SER A 12 19.41 31.47 25.63
C SER A 12 20.48 32.48 26.05
N GLY A 13 20.09 33.72 26.32
CA GLY A 13 21.02 34.81 26.61
C GLY A 13 20.34 36.07 27.11
N ALA A 14 19.59 35.99 28.21
CA ALA A 14 18.71 37.06 28.66
C ALA A 14 18.76 37.33 30.18
N GLY A 15 17.92 36.72 31.01
CA GLY A 15 17.76 37.11 32.41
C GLY A 15 17.07 38.46 32.59
N LYS A 16 16.28 38.91 31.62
CA LYS A 16 15.67 40.24 31.53
C LYS A 16 14.27 40.20 30.90
N ALA A 17 13.48 41.25 31.08
CA ALA A 17 12.09 41.29 30.67
C ALA A 17 11.86 42.08 29.38
N ILE A 18 11.01 41.56 28.51
CA ILE A 18 10.49 42.20 27.29
C ILE A 18 8.99 42.46 27.47
N GLY A 19 8.54 43.70 27.34
CA GLY A 19 7.14 44.01 27.13
C GLY A 19 6.80 43.98 25.64
N VAL A 20 5.57 43.66 25.28
CA VAL A 20 5.09 43.83 23.89
C VAL A 20 3.69 44.44 23.87
N LEU A 21 3.48 45.47 23.05
CA LEU A 21 2.18 46.08 22.81
C LEU A 21 1.95 46.28 21.31
N THR A 22 0.71 46.12 20.88
CA THR A 22 0.22 46.46 19.55
C THR A 22 -0.60 47.74 19.69
N SER A 23 -0.41 48.72 18.81
CA SER A 23 -0.94 50.07 19.01
C SER A 23 -1.39 50.70 17.70
N GLY A 24 -2.30 51.66 17.81
CA GLY A 24 -2.90 52.32 16.66
C GLY A 24 -3.75 51.38 15.80
N GLY A 25 -3.83 51.66 14.50
CA GLY A 25 -4.70 50.91 13.59
C GLY A 25 -4.29 49.44 13.51
N ASP A 26 -5.20 48.53 13.85
CA ASP A 26 -4.85 47.12 13.89
C ASP A 26 -4.69 46.54 12.50
N ALA A 27 -3.82 45.55 12.37
CA ALA A 27 -3.45 44.93 11.12
C ALA A 27 -3.44 43.43 11.33
N GLN A 28 -4.13 42.68 10.46
CA GLN A 28 -4.11 41.24 10.53
C GLN A 28 -2.71 40.71 10.19
N GLY A 29 -2.08 40.06 11.16
CA GLY A 29 -0.65 39.81 11.24
C GLY A 29 -0.03 40.18 12.59
N MET A 30 -0.65 41.08 13.37
CA MET A 30 -0.18 41.45 14.71
C MET A 30 -0.19 40.29 15.72
N ASN A 31 -1.03 39.27 15.51
CA ASN A 31 -1.01 38.05 16.32
C ASN A 31 0.20 37.18 16.05
N ALA A 32 0.49 36.89 14.79
CA ALA A 32 1.72 36.22 14.38
C ALA A 32 2.97 36.97 14.86
N ALA A 33 2.94 38.30 14.93
CA ALA A 33 4.00 39.11 15.51
C ALA A 33 4.12 38.93 17.01
N VAL A 34 3.05 39.10 17.80
CA VAL A 34 3.12 38.95 19.26
C VAL A 34 3.40 37.53 19.69
N ARG A 35 2.98 36.53 18.91
CA ARG A 35 3.34 35.14 19.11
C ARG A 35 4.84 34.92 18.95
N ALA A 36 5.41 35.41 17.87
CA ALA A 36 6.83 35.25 17.61
C ALA A 36 7.71 36.08 18.55
N VAL A 37 7.25 37.26 18.98
CA VAL A 37 7.92 38.03 20.03
C VAL A 37 7.87 37.29 21.37
N THR A 38 6.75 36.65 21.69
CA THR A 38 6.62 35.86 22.92
C THR A 38 7.46 34.60 22.90
N ARG A 39 7.36 33.80 21.84
CA ARG A 39 8.06 32.52 21.76
C ARG A 39 9.56 32.71 21.62
N MET A 40 10.04 33.64 20.81
CA MET A 40 11.46 33.96 20.76
C MET A 40 11.97 34.57 22.06
N GLY A 41 11.18 35.43 22.71
CA GLY A 41 11.51 36.02 24.00
C GLY A 41 11.72 34.98 25.09
N ILE A 42 10.80 34.03 25.26
CA ILE A 42 10.91 33.00 26.32
C ILE A 42 11.78 31.80 25.90
N TYR A 43 11.98 31.57 24.61
CA TYR A 43 13.02 30.66 24.09
C TYR A 43 14.41 31.16 24.48
N VAL A 44 14.71 32.43 24.23
CA VAL A 44 16.00 33.03 24.58
C VAL A 44 16.13 33.36 26.08
N GLY A 45 15.14 33.00 26.89
CA GLY A 45 15.21 33.01 28.34
C GLY A 45 14.77 34.31 29.01
N ALA A 46 14.21 35.26 28.27
CA ALA A 46 13.61 36.47 28.82
C ALA A 46 12.24 36.17 29.46
N LYS A 47 11.72 37.12 30.25
CA LYS A 47 10.33 37.10 30.71
C LYS A 47 9.53 38.00 29.80
N VAL A 48 8.47 37.51 29.18
CA VAL A 48 7.67 38.32 28.24
C VAL A 48 6.38 38.76 28.90
N PHE A 49 6.03 40.04 28.77
CA PHE A 49 4.79 40.61 29.24
C PHE A 49 3.96 41.15 28.09
N LEU A 50 2.71 40.71 28.00
CA LEU A 50 1.71 41.27 27.10
C LEU A 50 1.07 42.49 27.76
N ILE A 51 1.07 43.59 27.04
CA ILE A 51 0.64 44.90 27.51
C ILE A 51 -0.66 45.21 26.77
N TYR A 52 -1.78 44.91 27.41
CA TYR A 52 -3.10 44.89 26.79
C TYR A 52 -3.63 46.30 26.50
N GLU A 53 -4.37 46.45 25.40
CA GLU A 53 -4.92 47.71 24.90
C GLU A 53 -3.86 48.82 24.73
N GLY A 54 -2.89 48.55 23.87
CA GLY A 54 -1.93 49.53 23.34
C GLY A 54 -1.19 50.31 24.42
N TYR A 55 -1.05 51.61 24.22
CA TYR A 55 -0.51 52.50 25.25
C TYR A 55 -1.49 52.81 26.37
N GLU A 56 -2.79 52.60 26.20
CA GLU A 56 -3.80 52.88 27.23
C GLU A 56 -3.61 51.94 28.43
N GLY A 57 -3.27 50.68 28.19
CA GLY A 57 -2.88 49.75 29.23
C GLY A 57 -1.45 49.89 29.70
N LEU A 58 -0.59 50.60 28.97
CA LEU A 58 0.74 50.96 29.46
C LEU A 58 0.64 52.09 30.50
N VAL A 59 -0.24 53.07 30.29
CA VAL A 59 -0.55 54.16 31.22
C VAL A 59 -1.41 53.71 32.41
N GLU A 60 -2.35 52.77 32.21
CA GLU A 60 -3.01 52.13 33.36
C GLU A 60 -2.13 51.11 34.11
N GLY A 61 -1.37 50.27 33.42
CA GLY A 61 -0.72 49.11 34.03
C GLY A 61 -1.71 48.20 34.76
N GLY A 62 -1.33 47.71 35.93
CA GLY A 62 -2.16 46.80 36.72
C GLY A 62 -2.44 45.52 35.95
N GLU A 63 -3.70 45.09 35.87
CA GLU A 63 -4.10 43.91 35.10
C GLU A 63 -3.81 44.03 33.59
N ASN A 64 -3.59 45.22 33.04
CA ASN A 64 -3.21 45.38 31.65
C ASN A 64 -1.79 44.89 31.35
N ILE A 65 -0.94 44.66 32.35
CA ILE A 65 0.39 44.10 32.15
C ILE A 65 0.48 42.78 32.88
N LYS A 66 0.51 41.67 32.14
CA LYS A 66 0.65 40.32 32.69
C LYS A 66 1.60 39.46 31.87
N GLN A 67 2.34 38.59 32.54
CA GLN A 67 3.38 37.77 31.96
C GLN A 67 2.80 36.63 31.10
N ALA A 68 3.36 36.44 29.93
CA ALA A 68 3.08 35.33 29.04
C ALA A 68 3.83 34.04 29.42
N ASN A 69 3.31 32.93 28.94
CA ASN A 69 3.97 31.64 28.81
C ASN A 69 3.77 31.16 27.36
N TRP A 70 4.38 30.03 26.98
CA TRP A 70 4.32 29.51 25.60
C TRP A 70 2.90 29.36 25.06
N LEU A 71 1.96 29.06 25.95
CA LEU A 71 0.55 28.83 25.64
C LEU A 71 -0.29 30.11 25.61
N SER A 72 0.17 31.21 26.19
CA SER A 72 -0.55 32.50 26.24
C SER A 72 -0.73 33.12 24.87
N VAL A 73 0.01 32.65 23.88
CA VAL A 73 -0.03 33.03 22.47
C VAL A 73 -0.34 31.84 21.57
N SER A 74 -1.00 30.81 22.10
CA SER A 74 -1.42 29.66 21.30
C SER A 74 -2.78 29.88 20.62
N ASN A 75 -2.93 29.28 19.45
CA ASN A 75 -4.08 29.41 18.56
C ASN A 75 -4.38 30.84 18.11
N ILE A 76 -3.38 31.73 18.08
CA ILE A 76 -3.54 33.11 17.58
C ILE A 76 -2.96 33.34 16.18
N ILE A 77 -2.03 32.54 15.66
CA ILE A 77 -1.34 32.84 14.39
C ILE A 77 -2.30 32.96 13.18
N GLN A 78 -3.42 32.27 13.20
CA GLN A 78 -4.43 32.30 12.14
C GLN A 78 -5.54 33.34 12.34
N LEU A 79 -5.54 34.04 13.47
CA LEU A 79 -6.51 35.07 13.81
C LEU A 79 -6.07 36.46 13.31
N GLY A 80 -7.00 37.21 12.75
CA GLY A 80 -6.80 38.63 12.45
C GLY A 80 -6.86 39.54 13.68
N GLY A 81 -6.72 40.83 13.45
CA GLY A 81 -6.71 41.83 14.51
C GLY A 81 -5.56 41.65 15.48
N THR A 82 -5.80 41.80 16.78
CA THR A 82 -4.79 41.50 17.79
C THR A 82 -5.43 41.13 19.12
N ILE A 83 -5.09 39.97 19.65
CA ILE A 83 -5.68 39.40 20.88
C ILE A 83 -5.37 40.19 22.14
N ILE A 84 -4.33 41.02 22.12
CA ILE A 84 -4.00 41.93 23.22
C ILE A 84 -4.70 43.30 23.09
N GLY A 85 -5.23 43.63 21.92
CA GLY A 85 -5.96 44.87 21.63
C GLY A 85 -5.09 46.11 21.53
N SER A 86 -5.55 47.12 20.80
CA SER A 86 -4.70 48.24 20.35
C SER A 86 -5.35 49.61 20.45
N ALA A 87 -5.95 49.92 21.59
CA ALA A 87 -6.56 51.21 21.87
C ALA A 87 -5.58 52.39 21.73
N ARG A 88 -6.06 53.51 21.16
CA ARG A 88 -5.42 54.85 21.15
C ARG A 88 -5.27 55.41 22.57
N CYS A 89 -4.32 56.30 22.79
CA CYS A 89 -4.06 56.82 24.13
C CYS A 89 -3.51 58.25 24.12
N LYS A 90 -4.38 59.25 24.03
CA LYS A 90 -4.00 60.65 24.14
C LYS A 90 -3.24 60.94 25.44
N ALA A 91 -3.47 60.20 26.50
CA ALA A 91 -2.74 60.35 27.75
C ALA A 91 -1.23 60.10 27.61
N PHE A 92 -0.78 59.14 26.79
CA PHE A 92 0.62 58.88 26.51
C PHE A 92 1.27 59.95 25.61
N THR A 93 0.48 60.68 24.83
CA THR A 93 0.88 61.91 24.14
C THR A 93 1.14 63.08 25.10
N THR A 94 0.77 62.95 26.37
CA THR A 94 1.09 63.88 27.46
C THR A 94 2.14 63.27 28.40
N ARG A 95 3.04 64.08 28.94
CA ARG A 95 4.10 63.61 29.84
C ARG A 95 3.59 63.08 31.18
N GLU A 96 2.41 63.51 31.61
CA GLU A 96 1.71 63.01 32.79
C GLU A 96 1.24 61.56 32.65
N GLY A 97 0.86 61.13 31.45
CA GLY A 97 0.65 59.71 31.16
C GLY A 97 1.97 59.01 30.92
N ARG A 98 2.86 59.61 30.14
CA ARG A 98 4.17 59.05 29.80
C ARG A 98 5.04 58.72 31.02
N ARG A 99 4.99 59.49 32.10
CA ARG A 99 5.68 59.15 33.35
C ARG A 99 5.06 57.97 34.09
N ALA A 100 3.74 57.80 34.01
CA ALA A 100 3.04 56.66 34.57
C ALA A 100 3.29 55.38 33.74
N ALA A 101 3.40 55.52 32.42
CA ALA A 101 3.85 54.44 31.55
C ALA A 101 5.25 53.92 31.92
N ALA A 102 6.19 54.82 32.27
CA ALA A 102 7.50 54.43 32.82
C ALA A 102 7.36 53.72 34.15
N TYR A 103 6.56 54.25 35.09
CA TYR A 103 6.30 53.65 36.39
C TYR A 103 5.74 52.23 36.28
N ASN A 104 4.78 51.99 35.40
CA ASN A 104 4.16 50.68 35.27
C ASN A 104 5.14 49.63 34.74
N LEU A 105 6.05 50.01 33.83
CA LEU A 105 7.09 49.09 33.35
C LEU A 105 8.08 48.77 34.46
N VAL A 106 8.61 49.76 35.17
CA VAL A 106 9.61 49.55 36.23
C VAL A 106 9.02 48.94 37.51
N GLN A 107 7.70 49.00 37.72
CA GLN A 107 6.98 48.17 38.69
C GLN A 107 7.08 46.68 38.37
N HIS A 108 6.78 46.26 37.12
CA HIS A 108 6.94 44.88 36.66
C HIS A 108 8.39 44.51 36.32
N GLY A 109 9.29 45.49 36.32
CA GLY A 109 10.71 45.35 36.00
C GLY A 109 11.01 45.28 34.51
N ILE A 110 10.05 45.64 33.66
CA ILE A 110 10.17 45.56 32.20
C ILE A 110 11.17 46.61 31.71
N THR A 111 12.17 46.16 30.96
CA THR A 111 13.36 46.95 30.60
C THR A 111 13.52 47.07 29.08
N ASN A 112 12.86 46.20 28.33
CA ASN A 112 12.85 46.17 26.89
C ASN A 112 11.40 46.16 26.44
N LEU A 113 11.07 46.79 25.33
CA LEU A 113 9.70 46.96 24.91
C LEU A 113 9.62 46.87 23.38
N CYS A 114 8.86 45.92 22.89
CA CYS A 114 8.55 45.77 21.49
C CYS A 114 7.23 46.50 21.19
N VAL A 115 7.22 47.40 20.23
CA VAL A 115 6.00 48.10 19.80
C VAL A 115 5.66 47.66 18.39
N ILE A 116 4.46 47.10 18.20
CA ILE A 116 3.94 46.74 16.89
C ILE A 116 2.91 47.80 16.49
N GLY A 117 3.20 48.64 15.50
CA GLY A 117 2.32 49.75 15.13
C GLY A 117 2.86 50.60 13.99
N GLY A 118 2.10 51.59 13.56
CA GLY A 118 2.48 52.55 12.52
C GLY A 118 3.41 53.69 12.97
N ASP A 119 3.56 54.71 12.15
CA ASP A 119 4.56 55.77 12.36
C ASP A 119 4.30 56.65 13.61
N GLY A 120 3.05 56.86 13.98
CA GLY A 120 2.69 57.58 15.20
C GLY A 120 3.03 56.79 16.46
N SER A 121 2.55 55.56 16.52
CA SER A 121 2.80 54.66 17.66
C SER A 121 4.26 54.31 17.85
N LEU A 122 5.07 54.31 16.78
CA LEU A 122 6.51 54.16 16.86
C LEU A 122 7.20 55.45 17.32
N THR A 123 6.71 56.64 16.93
CA THR A 123 7.28 57.92 17.38
C THR A 123 7.15 58.06 18.89
N GLY A 124 5.97 57.75 19.43
CA GLY A 124 5.75 57.71 20.88
C GLY A 124 6.73 56.82 21.64
N ALA A 125 7.19 55.71 21.06
CA ALA A 125 8.22 54.86 21.67
C ALA A 125 9.61 55.50 21.61
N ASN A 126 9.94 56.16 20.50
CA ASN A 126 11.20 56.87 20.27
C ASN A 126 11.44 57.97 21.33
N ILE A 127 10.37 58.70 21.64
CA ILE A 127 10.30 59.75 22.66
C ILE A 127 10.49 59.16 24.04
N PHE A 128 9.77 58.08 24.32
CA PHE A 128 9.76 57.40 25.61
C PHE A 128 11.12 56.77 25.97
N ARG A 129 12.03 56.54 25.01
CA ARG A 129 13.46 56.36 25.29
C ARG A 129 14.18 57.67 25.53
N SER A 130 14.00 58.62 24.63
CA SER A 130 14.75 59.89 24.57
C SER A 130 14.68 60.66 25.88
N GLU A 131 13.62 60.48 26.68
CA GLU A 131 13.51 61.08 28.00
C GLU A 131 13.35 60.06 29.15
N TRP A 132 13.54 58.77 28.92
CA TRP A 132 13.29 57.70 29.90
C TRP A 132 13.92 57.97 31.27
N GLY A 133 15.22 58.28 31.30
CA GLY A 133 15.99 58.50 32.52
C GLY A 133 15.47 59.67 33.36
N SER A 134 14.81 60.65 32.73
CA SER A 134 14.18 61.77 33.41
C SER A 134 12.79 61.44 33.99
N LEU A 135 12.08 60.47 33.40
CA LEU A 135 10.85 59.92 33.97
C LEU A 135 11.18 59.05 35.20
N LEU A 136 12.22 58.23 35.10
CA LEU A 136 12.79 57.46 36.22
C LEU A 136 13.26 58.37 37.35
N GLU A 137 13.90 59.49 37.02
CA GLU A 137 14.35 60.50 37.98
C GLU A 137 13.20 61.13 38.76
N GLU A 138 12.09 61.46 38.08
CA GLU A 138 10.90 62.02 38.74
C GLU A 138 10.23 61.01 39.67
N LEU A 139 10.20 59.73 39.29
CA LEU A 139 9.63 58.65 40.12
C LEU A 139 10.46 58.39 41.39
N VAL A 140 11.79 58.54 41.31
CA VAL A 140 12.68 58.61 42.48
C VAL A 140 12.45 59.89 43.30
N ALA A 141 12.33 61.05 42.65
CA ALA A 141 12.20 62.32 43.34
C ALA A 141 10.92 62.39 44.19
N GLU A 142 9.81 61.79 43.73
CA GLU A 142 8.58 61.64 44.53
C GLU A 142 8.53 60.35 45.37
N GLY A 143 9.53 59.48 45.29
CA GLY A 143 9.72 58.36 46.21
C GLY A 143 8.90 57.09 45.94
N LYS A 144 8.31 56.94 44.74
CA LYS A 144 7.58 55.71 44.37
C LYS A 144 8.51 54.51 44.22
N ILE A 145 9.76 54.75 43.85
CA ILE A 145 10.79 53.73 43.60
C ILE A 145 12.14 54.19 44.16
N SER A 146 13.00 53.23 44.52
CA SER A 146 14.32 53.51 45.10
C SER A 146 15.39 53.79 44.04
N GLU A 147 16.44 54.54 44.38
CA GLU A 147 17.54 54.88 43.46
C GLU A 147 18.18 53.65 42.79
N THR A 148 18.36 52.55 43.52
CA THR A 148 18.91 51.30 42.96
C THR A 148 18.09 50.79 41.77
N THR A 149 16.76 50.90 41.84
CA THR A 149 15.89 50.52 40.73
C THR A 149 16.08 51.46 39.55
N ALA A 150 16.21 52.77 39.77
CA ALA A 150 16.43 53.76 38.72
C ALA A 150 17.82 53.66 38.06
N ARG A 151 18.82 53.17 38.79
CA ARG A 151 20.12 52.76 38.25
C ARG A 151 20.06 51.42 37.50
N THR A 152 19.12 50.54 37.83
CA THR A 152 18.94 49.24 37.15
C THR A 152 18.16 49.41 35.85
N TYR A 153 16.92 49.89 35.95
CA TYR A 153 16.01 50.23 34.86
C TYR A 153 16.32 51.61 34.25
N SER A 154 17.60 51.93 34.07
CA SER A 154 18.06 53.27 33.68
C SER A 154 17.94 53.56 32.19
N HIS A 155 17.64 52.54 31.38
CA HIS A 155 17.48 52.65 29.94
C HIS A 155 16.34 51.75 29.48
N LEU A 156 15.64 52.18 28.43
CA LEU A 156 14.60 51.43 27.74
C LEU A 156 15.09 51.07 26.36
N ASN A 157 14.99 49.81 25.96
CA ASN A 157 15.23 49.41 24.58
C ASN A 157 13.91 49.29 23.86
N ILE A 158 13.79 49.93 22.71
CA ILE A 158 12.65 49.79 21.80
C ILE A 158 13.10 49.03 20.57
N ALA A 159 12.34 48.00 20.21
CA ALA A 159 12.29 47.51 18.85
C ALA A 159 10.90 47.79 18.28
N GLY A 160 10.89 48.45 17.14
CA GLY A 160 9.68 48.71 16.38
C GLY A 160 9.41 47.61 15.37
N LEU A 161 8.21 47.08 15.39
CA LEU A 161 7.63 46.25 14.35
C LEU A 161 6.59 47.09 13.62
N VAL A 162 6.74 47.35 12.33
CA VAL A 162 5.81 48.24 11.62
C VAL A 162 4.57 47.49 11.20
N GLY A 163 3.54 47.51 12.03
CA GLY A 163 2.22 46.97 11.76
C GLY A 163 1.27 48.01 11.22
N SER A 164 0.78 47.84 10.00
CA SER A 164 -0.12 48.78 9.32
C SER A 164 -0.60 48.15 8.02
N ILE A 165 -1.86 48.36 7.62
CA ILE A 165 -2.34 47.93 6.31
C ILE A 165 -1.90 48.86 5.17
N ASP A 166 -1.62 50.13 5.45
CA ASP A 166 -1.34 51.17 4.45
C ASP A 166 -0.02 51.02 3.71
N ASN A 167 0.98 50.37 4.30
CA ASN A 167 2.36 50.37 3.83
C ASN A 167 2.99 51.79 3.83
N ASP A 168 2.53 52.61 4.77
CA ASP A 168 2.78 54.04 4.90
C ASP A 168 4.22 54.40 5.29
N PHE A 169 5.08 53.42 5.57
CA PHE A 169 6.37 53.62 6.24
C PHE A 169 7.55 53.44 5.29
N CYS A 170 8.44 54.42 5.21
CA CYS A 170 9.37 54.57 4.11
C CYS A 170 10.65 53.72 4.16
N GLY A 171 11.05 53.19 5.32
CA GLY A 171 12.19 52.29 5.40
C GLY A 171 11.93 50.85 4.95
N THR A 172 10.79 50.51 4.34
CA THR A 172 10.32 49.11 4.27
C THR A 172 9.56 48.81 3.00
N ASP A 173 9.68 47.59 2.48
CA ASP A 173 8.89 47.14 1.33
C ASP A 173 7.48 46.70 1.70
N MET A 174 7.29 45.99 2.81
CA MET A 174 5.99 45.58 3.35
C MET A 174 5.91 45.80 4.87
N THR A 175 5.00 46.65 5.32
CA THR A 175 4.56 46.67 6.71
C THR A 175 3.69 45.43 7.00
N ILE A 176 3.74 44.93 8.22
CA ILE A 176 2.92 43.79 8.67
C ILE A 176 1.45 44.16 8.50
N GLY A 177 0.73 43.46 7.63
CA GLY A 177 -0.70 43.62 7.37
C GLY A 177 -1.07 43.95 5.94
N THR A 178 -0.14 44.46 5.17
CA THR A 178 -0.45 45.05 3.88
C THR A 178 -0.74 44.03 2.79
N ASP A 179 -0.16 42.81 2.85
CA ASP A 179 -0.52 41.73 1.92
C ASP A 179 -1.90 41.14 2.24
N SER A 180 -2.25 41.00 3.51
CA SER A 180 -3.57 40.55 3.94
C SER A 180 -4.68 41.54 3.61
N ALA A 181 -4.44 42.84 3.76
CA ALA A 181 -5.33 43.86 3.28
C ALA A 181 -5.49 43.80 1.76
N LEU A 182 -4.44 43.46 1.01
CA LEU A 182 -4.59 43.21 -0.41
C LEU A 182 -5.38 41.92 -0.70
N HIS A 183 -5.27 40.86 0.09
CA HIS A 183 -6.17 39.69 0.01
C HIS A 183 -7.62 40.09 0.23
N ARG A 184 -7.92 40.94 1.23
CA ARG A 184 -9.26 41.47 1.45
C ARG A 184 -9.77 42.28 0.25
N ILE A 185 -8.96 43.16 -0.33
CA ILE A 185 -9.38 43.94 -1.50
C ILE A 185 -9.57 43.05 -2.73
N MET A 186 -8.67 42.12 -2.98
CA MET A 186 -8.76 41.25 -4.15
C MET A 186 -9.90 40.24 -4.04
N GLU A 187 -10.30 39.83 -2.83
CA GLU A 187 -11.53 39.08 -2.58
C GLU A 187 -12.77 39.90 -2.94
N VAL A 188 -12.80 41.18 -2.61
CA VAL A 188 -13.90 42.09 -2.95
C VAL A 188 -13.94 42.43 -4.44
N ILE A 189 -12.81 42.56 -5.12
CA ILE A 189 -12.80 42.77 -6.57
C ILE A 189 -13.13 41.48 -7.31
N ASP A 190 -12.68 40.30 -6.86
CA ASP A 190 -13.12 39.00 -7.39
C ASP A 190 -14.63 38.79 -7.18
N ALA A 191 -15.24 39.41 -6.15
CA ALA A 191 -16.68 39.52 -6.08
C ALA A 191 -17.22 40.49 -7.14
N ILE A 192 -16.87 41.77 -7.06
CA ILE A 192 -17.46 42.85 -7.87
C ILE A 192 -17.24 42.66 -9.37
N THR A 193 -16.19 41.99 -9.80
CA THR A 193 -15.98 41.70 -11.22
C THR A 193 -17.11 40.86 -11.82
N THR A 194 -17.70 39.93 -11.07
CA THR A 194 -18.75 39.05 -11.64
C THR A 194 -20.09 39.75 -11.87
N THR A 195 -20.47 40.64 -10.96
CA THR A 195 -21.72 41.41 -11.06
C THR A 195 -21.57 42.64 -11.95
N ALA A 196 -20.37 43.23 -12.02
CA ALA A 196 -20.05 44.28 -12.95
C ALA A 196 -19.92 43.76 -14.38
N GLN A 197 -19.32 42.59 -14.58
CA GLN A 197 -19.26 41.96 -15.89
C GLN A 197 -20.65 41.59 -16.40
N SER A 198 -21.54 41.00 -15.60
CA SER A 198 -22.83 40.56 -16.12
C SER A 198 -23.70 41.72 -16.60
N HIS A 199 -23.77 42.80 -15.83
CA HIS A 199 -24.52 44.05 -16.10
C HIS A 199 -23.78 45.07 -16.95
N GLN A 200 -22.50 44.86 -17.27
CA GLN A 200 -21.63 45.82 -17.96
C GLN A 200 -21.38 47.14 -17.20
N ARG A 201 -21.26 47.09 -15.87
CA ARG A 201 -21.16 48.29 -15.00
C ARG A 201 -19.74 48.75 -14.71
N THR A 202 -19.57 50.04 -14.49
CA THR A 202 -18.35 50.62 -13.91
C THR A 202 -18.45 50.66 -12.39
N PHE A 203 -17.42 50.22 -11.67
CA PHE A 203 -17.37 50.36 -10.23
C PHE A 203 -16.27 51.30 -9.80
N VAL A 204 -16.61 52.29 -8.98
CA VAL A 204 -15.66 53.05 -8.18
C VAL A 204 -15.43 52.30 -6.86
N LEU A 205 -14.23 51.77 -6.65
CA LEU A 205 -13.82 51.08 -5.42
C LEU A 205 -12.98 52.04 -4.57
N GLU A 206 -13.39 52.33 -3.35
CA GLU A 206 -12.60 53.16 -2.45
C GLU A 206 -11.85 52.29 -1.44
N VAL A 207 -10.55 52.49 -1.27
CA VAL A 207 -9.65 51.65 -0.45
C VAL A 207 -8.86 52.46 0.58
N MET A 208 -8.50 51.85 1.71
CA MET A 208 -7.90 52.49 2.89
C MET A 208 -6.43 52.92 2.72
N GLY A 209 -6.08 53.67 1.67
CA GLY A 209 -4.83 54.40 1.55
C GLY A 209 -4.94 55.80 2.14
N ARG A 210 -4.65 55.96 3.44
CA ARG A 210 -5.03 57.14 4.23
C ARG A 210 -4.37 58.41 3.73
N HIS A 211 -3.04 58.35 3.66
CA HIS A 211 -2.16 59.31 2.98
C HIS A 211 -1.20 58.58 2.03
N CYS A 212 -1.20 57.24 2.02
CA CYS A 212 -0.33 56.38 1.25
C CYS A 212 -1.12 55.62 0.18
N GLY A 213 -0.76 55.73 -1.10
CA GLY A 213 -1.45 55.07 -2.20
C GLY A 213 -1.07 53.62 -2.47
N TYR A 214 -0.36 52.94 -1.57
CA TYR A 214 0.14 51.60 -1.87
C TYR A 214 -1.00 50.62 -2.13
N LEU A 215 -1.94 50.50 -1.21
CA LEU A 215 -3.09 49.62 -1.35
C LEU A 215 -3.88 49.88 -2.63
N ALA A 216 -4.05 51.15 -3.02
CA ALA A 216 -4.75 51.52 -4.23
C ALA A 216 -3.96 51.16 -5.49
N LEU A 217 -2.68 51.51 -5.57
CA LEU A 217 -1.86 51.18 -6.73
C LEU A 217 -1.71 49.68 -6.93
N VAL A 218 -1.35 48.98 -5.86
CA VAL A 218 -1.07 47.56 -5.93
C VAL A 218 -2.32 46.78 -6.28
N SER A 219 -3.46 47.06 -5.66
CA SER A 219 -4.72 46.41 -6.03
C SER A 219 -5.29 46.85 -7.38
N ALA A 220 -4.98 48.05 -7.89
CA ALA A 220 -5.33 48.44 -9.25
C ALA A 220 -4.54 47.66 -10.30
N LEU A 221 -3.24 47.55 -10.09
CA LEU A 221 -2.34 46.79 -10.92
C LEU A 221 -2.67 45.29 -10.89
N ALA A 222 -2.99 44.73 -9.72
CA ALA A 222 -3.44 43.35 -9.53
C ALA A 222 -4.84 43.03 -10.06
N SER A 223 -5.70 44.01 -10.31
CA SER A 223 -7.07 43.80 -10.80
C SER A 223 -7.30 44.26 -12.24
N GLY A 224 -6.32 44.91 -12.87
CA GLY A 224 -6.48 45.45 -14.21
C GLY A 224 -7.33 46.71 -14.25
N ALA A 225 -7.38 47.47 -13.15
CA ALA A 225 -8.22 48.66 -13.04
C ALA A 225 -7.90 49.71 -14.11
N ASP A 226 -8.96 50.24 -14.72
CA ASP A 226 -8.91 51.15 -15.87
C ASP A 226 -8.44 52.56 -15.52
N TRP A 227 -8.60 52.97 -14.27
CA TRP A 227 -8.10 54.23 -13.73
C TRP A 227 -7.77 54.07 -12.26
N LEU A 228 -6.92 54.95 -11.75
CA LEU A 228 -6.36 54.91 -10.42
C LEU A 228 -6.21 56.34 -9.90
N PHE A 229 -6.41 56.54 -8.60
CA PHE A 229 -6.22 57.80 -7.91
C PHE A 229 -5.37 57.57 -6.67
N ILE A 230 -4.11 57.99 -6.70
CA ILE A 230 -3.20 57.90 -5.56
C ILE A 230 -2.72 59.31 -5.20
N PRO A 231 -2.59 59.65 -3.92
CA PRO A 231 -2.23 61.01 -3.52
C PRO A 231 -0.77 61.37 -3.84
N GLU A 232 0.15 60.41 -4.02
CA GLU A 232 1.50 60.68 -4.51
C GLU A 232 1.59 60.93 -6.02
N ALA A 233 0.55 60.69 -6.81
CA ALA A 233 0.56 61.06 -8.23
C ALA A 233 -0.81 61.58 -8.69
N PRO A 234 -1.25 62.74 -8.20
CA PRO A 234 -2.55 63.32 -8.54
C PRO A 234 -2.71 63.56 -10.05
N PRO A 235 -3.93 63.45 -10.61
CA PRO A 235 -4.13 63.64 -12.02
C PRO A 235 -3.94 65.11 -12.43
N GLU A 236 -3.22 65.31 -13.54
CA GLU A 236 -2.97 66.60 -14.16
C GLU A 236 -4.24 67.27 -14.70
N ASP A 237 -4.21 68.57 -14.94
CA ASP A 237 -5.42 69.35 -15.23
C ASP A 237 -6.16 68.89 -16.51
N GLY A 238 -7.49 68.89 -16.46
CA GLY A 238 -8.37 68.39 -17.52
C GLY A 238 -8.47 66.86 -17.62
N TRP A 239 -8.02 66.11 -16.62
CA TRP A 239 -7.97 64.64 -16.60
C TRP A 239 -9.32 63.97 -16.83
N GLU A 240 -10.42 64.64 -16.55
CA GLU A 240 -11.77 64.15 -16.78
C GLU A 240 -12.00 63.78 -18.24
N ASN A 241 -11.33 64.47 -19.16
CA ASN A 241 -11.31 64.10 -20.58
C ASN A 241 -10.59 62.78 -20.78
N PHE A 242 -9.36 62.67 -20.28
CA PHE A 242 -8.50 61.51 -20.46
C PHE A 242 -9.01 60.25 -19.74
N MET A 243 -9.68 60.41 -18.60
CA MET A 243 -10.41 59.32 -17.97
C MET A 243 -11.59 58.89 -18.83
N CYS A 244 -12.41 59.81 -19.32
CA CYS A 244 -13.55 59.42 -20.14
C CYS A 244 -13.15 58.86 -21.52
N GLU A 245 -11.99 59.22 -22.04
CA GLU A 245 -11.35 58.55 -23.17
C GLU A 245 -10.85 57.14 -22.80
N ARG A 246 -10.20 56.92 -21.65
CA ARG A 246 -9.65 55.61 -21.24
C ARG A 246 -10.75 54.60 -20.93
N LEU A 247 -11.81 55.03 -20.26
CA LEU A 247 -12.99 54.21 -19.98
C LEU A 247 -13.74 53.89 -21.27
N GLY A 248 -13.83 54.85 -22.18
CA GLY A 248 -14.33 54.62 -23.54
C GLY A 248 -13.49 53.60 -24.33
N GLU A 249 -12.17 53.76 -24.37
CA GLU A 249 -11.26 52.95 -25.16
C GLU A 249 -11.34 51.47 -24.80
N THR A 250 -11.05 51.09 -23.56
CA THR A 250 -11.04 49.67 -23.14
C THR A 250 -12.37 48.99 -23.43
N ARG A 251 -13.48 49.68 -23.15
CA ARG A 251 -14.84 49.17 -23.33
C ARG A 251 -15.30 49.19 -24.80
N SER A 252 -14.67 49.99 -25.66
CA SER A 252 -14.80 49.91 -27.11
C SER A 252 -13.95 48.76 -27.68
N ARG A 253 -12.76 48.53 -27.11
CA ARG A 253 -11.82 47.43 -27.36
C ARG A 253 -12.28 46.09 -26.75
N GLY A 254 -13.57 45.81 -26.83
CA GLY A 254 -14.17 44.50 -26.51
C GLY A 254 -14.40 44.20 -25.02
N SER A 255 -13.96 45.06 -24.10
CA SER A 255 -14.28 44.90 -22.67
C SER A 255 -15.75 45.28 -22.39
N ARG A 256 -16.12 45.25 -21.11
CA ARG A 256 -17.50 45.11 -20.64
C ARG A 256 -17.77 45.84 -19.34
N LEU A 257 -17.00 45.55 -18.30
CA LEU A 257 -16.96 46.34 -17.06
C LEU A 257 -15.81 47.36 -17.10
N ASN A 258 -15.77 48.27 -16.13
CA ASN A 258 -14.54 48.96 -15.73
C ASN A 258 -14.44 48.98 -14.21
N ILE A 259 -13.25 48.86 -13.66
CA ILE A 259 -12.96 49.08 -12.25
C ILE A 259 -12.16 50.36 -12.14
N ILE A 260 -12.54 51.27 -11.24
CA ILE A 260 -11.81 52.49 -10.92
C ILE A 260 -11.40 52.39 -9.45
N ILE A 261 -10.10 52.37 -9.16
CA ILE A 261 -9.64 52.35 -7.76
C ILE A 261 -9.36 53.78 -7.32
N ILE A 262 -9.94 54.20 -6.20
CA ILE A 262 -9.64 55.48 -5.57
C ILE A 262 -9.13 55.26 -4.15
N ALA A 263 -7.96 55.79 -3.81
CA ALA A 263 -7.55 55.80 -2.41
C ALA A 263 -8.46 56.74 -1.63
N GLU A 264 -8.80 56.42 -0.38
CA GLU A 264 -9.59 57.32 0.48
C GLU A 264 -8.93 58.71 0.60
N GLY A 265 -7.61 58.73 0.60
CA GLY A 265 -6.79 59.94 0.70
C GLY A 265 -6.53 60.69 -0.58
N ALA A 266 -7.14 60.32 -1.71
CA ALA A 266 -6.86 60.91 -3.01
C ALA A 266 -7.15 62.42 -3.09
N ILE A 267 -6.24 63.13 -3.76
CA ILE A 267 -6.24 64.57 -3.99
C ILE A 267 -6.07 64.86 -5.49
N ASP A 268 -6.48 66.02 -5.96
CA ASP A 268 -6.13 66.53 -7.29
C ASP A 268 -4.75 67.21 -7.29
N ARG A 269 -4.29 67.71 -8.45
CA ARG A 269 -2.98 68.39 -8.62
C ARG A 269 -2.81 69.65 -7.75
N ASN A 270 -3.89 70.17 -7.16
CA ASN A 270 -3.86 71.35 -6.30
C ASN A 270 -3.86 70.96 -4.81
N GLY A 271 -3.96 69.67 -4.49
CA GLY A 271 -3.99 69.14 -3.13
C GLY A 271 -5.38 69.09 -2.51
N LYS A 272 -6.44 69.34 -3.28
CA LYS A 272 -7.83 69.36 -2.80
C LYS A 272 -8.50 68.00 -3.03
N PRO A 273 -9.27 67.47 -2.06
CA PRO A 273 -9.66 66.07 -2.05
C PRO A 273 -10.62 65.70 -3.17
N ILE A 274 -10.45 64.53 -3.79
CA ILE A 274 -11.36 64.02 -4.81
C ILE A 274 -12.17 62.86 -4.21
N SER A 275 -13.50 62.94 -4.29
CA SER A 275 -14.39 61.94 -3.72
C SER A 275 -14.76 60.87 -4.73
N SER A 276 -15.01 59.66 -4.24
CA SER A 276 -15.57 58.56 -5.03
C SER A 276 -16.94 58.92 -5.63
N SER A 277 -17.75 59.70 -4.91
CA SER A 277 -18.97 60.30 -5.44
C SER A 277 -18.72 61.21 -6.66
N TYR A 278 -17.69 62.08 -6.64
CA TYR A 278 -17.38 62.93 -7.79
C TYR A 278 -16.95 62.10 -9.00
N VAL A 279 -16.21 61.02 -8.78
CA VAL A 279 -15.85 60.09 -9.85
C VAL A 279 -17.08 59.41 -10.43
N LYS A 280 -18.02 58.94 -9.60
CA LYS A 280 -19.25 58.28 -10.06
C LYS A 280 -20.10 59.22 -10.89
N ASP A 281 -20.35 60.42 -10.38
CA ASP A 281 -21.09 61.48 -11.06
C ASP A 281 -20.46 61.85 -12.41
N LEU A 282 -19.14 61.94 -12.46
CA LEU A 282 -18.42 62.28 -13.68
C LEU A 282 -18.61 61.24 -14.78
N VAL A 283 -18.44 59.96 -14.45
CA VAL A 283 -18.60 58.83 -15.40
C VAL A 283 -20.02 58.79 -15.95
N VAL A 284 -21.02 58.87 -15.06
CA VAL A 284 -22.43 58.89 -15.46
C VAL A 284 -22.69 60.08 -16.40
N GLN A 285 -22.29 61.28 -16.02
CA GLN A 285 -22.62 62.50 -16.76
C GLN A 285 -21.83 62.72 -18.07
N ARG A 286 -20.70 62.04 -18.26
CA ARG A 286 -19.80 62.23 -19.41
C ARG A 286 -19.59 60.98 -20.28
N LEU A 287 -20.07 59.81 -19.85
CA LEU A 287 -20.08 58.56 -20.62
C LEU A 287 -21.43 57.84 -20.67
N GLY A 288 -22.38 58.13 -19.77
CA GLY A 288 -23.69 57.48 -19.78
C GLY A 288 -23.65 55.99 -19.42
N PHE A 289 -22.52 55.51 -18.89
CA PHE A 289 -22.33 54.15 -18.37
C PHE A 289 -23.04 53.99 -17.03
N ASP A 290 -23.73 52.88 -16.84
CA ASP A 290 -24.27 52.47 -15.55
C ASP A 290 -23.11 52.24 -14.56
N THR A 291 -23.11 52.94 -13.42
CA THR A 291 -21.95 53.08 -12.54
C THR A 291 -22.36 52.97 -11.08
N ARG A 292 -21.54 52.33 -10.24
CA ARG A 292 -21.72 52.16 -8.79
C ARG A 292 -20.48 52.57 -8.02
N VAL A 293 -20.62 52.81 -6.74
CA VAL A 293 -19.54 53.13 -5.81
C VAL A 293 -19.59 52.18 -4.64
N THR A 294 -18.53 51.44 -4.39
CA THR A 294 -18.36 50.62 -3.19
C THR A 294 -17.27 51.25 -2.33
N VAL A 295 -17.66 51.89 -1.23
CA VAL A 295 -16.70 52.21 -0.17
C VAL A 295 -16.44 50.95 0.62
N LEU A 296 -15.55 50.13 0.08
CA LEU A 296 -14.96 48.98 0.74
C LEU A 296 -14.25 49.49 2.01
N GLY A 297 -14.82 49.16 3.17
CA GLY A 297 -14.37 49.65 4.47
C GLY A 297 -13.52 48.65 5.22
N HIS A 298 -13.60 48.66 6.54
CA HIS A 298 -12.79 47.90 7.50
C HIS A 298 -12.81 46.38 7.37
N VAL A 299 -13.52 45.82 6.39
CA VAL A 299 -13.22 44.51 5.81
C VAL A 299 -11.72 44.38 5.51
N GLN A 300 -11.08 45.44 5.02
CA GLN A 300 -9.64 45.53 4.75
C GLN A 300 -8.74 45.27 5.95
N ARG A 301 -9.20 45.57 7.16
CA ARG A 301 -8.45 45.42 8.41
C ARG A 301 -8.57 44.03 9.00
N GLY A 302 -9.47 43.20 8.48
CA GLY A 302 -9.90 41.98 9.13
C GLY A 302 -9.64 40.68 8.38
N GLY A 303 -10.18 39.61 8.94
CA GLY A 303 -10.05 38.26 8.43
C GLY A 303 -8.70 37.66 8.76
N THR A 304 -8.49 36.42 8.37
CA THR A 304 -7.23 35.72 8.64
C THR A 304 -6.05 36.36 7.92
N PRO A 305 -4.86 36.44 8.53
CA PRO A 305 -3.66 36.87 7.83
C PRO A 305 -3.26 35.89 6.72
N SER A 306 -2.74 36.44 5.63
CA SER A 306 -2.12 35.70 4.54
C SER A 306 -0.84 35.00 5.00
N ALA A 307 -0.37 34.02 4.24
CA ALA A 307 0.86 33.32 4.54
C ALA A 307 2.06 34.27 4.64
N PHE A 308 2.17 35.23 3.73
CA PHE A 308 3.22 36.21 3.81
C PHE A 308 3.16 37.03 5.10
N ASP A 309 2.00 37.48 5.55
CA ASP A 309 1.92 38.24 6.81
C ASP A 309 2.15 37.39 8.05
N ARG A 310 1.89 36.07 8.04
CA ARG A 310 2.27 35.18 9.16
C ARG A 310 3.77 34.92 9.21
N ILE A 311 4.36 34.57 8.07
CA ILE A 311 5.78 34.27 7.94
C ILE A 311 6.61 35.52 8.16
N LEU A 312 6.19 36.65 7.58
CA LEU A 312 6.84 37.92 7.78
C LEU A 312 6.77 38.33 9.23
N SER A 313 5.60 38.36 9.86
CA SER A 313 5.46 38.71 11.28
C SER A 313 6.25 37.81 12.21
N SER A 314 6.47 36.56 11.81
CA SER A 314 7.34 35.62 12.52
C SER A 314 8.81 36.00 12.39
N LYS A 315 9.30 36.26 11.18
CA LYS A 315 10.71 36.67 10.98
C LYS A 315 10.98 38.04 11.60
N MET A 316 10.07 38.99 11.39
CA MET A 316 10.13 40.31 12.00
C MET A 316 10.09 40.21 13.53
N GLY A 317 9.18 39.44 14.11
CA GLY A 317 9.02 39.25 15.55
C GLY A 317 10.22 38.57 16.21
N MET A 318 10.85 37.64 15.52
CA MET A 318 12.07 36.97 15.98
C MET A 318 13.25 37.96 15.98
N GLU A 319 13.43 38.73 14.93
CA GLU A 319 14.44 39.77 14.85
C GLU A 319 14.23 40.88 15.88
N ALA A 320 13.00 41.30 16.13
CA ALA A 320 12.69 42.31 17.14
C ALA A 320 13.12 41.90 18.56
N VAL A 321 13.01 40.61 18.91
CA VAL A 321 13.49 40.12 20.21
C VAL A 321 15.02 40.14 20.28
N MET A 322 15.70 39.74 19.21
CA MET A 322 17.15 39.83 19.09
C MET A 322 17.62 41.29 19.17
N ALA A 323 17.00 42.18 18.41
CA ALA A 323 17.31 43.59 18.38
C ALA A 323 17.16 44.24 19.77
N LEU A 324 16.20 43.80 20.59
CA LEU A 324 16.09 44.24 21.99
C LEU A 324 17.26 43.73 22.83
N LEU A 325 17.49 42.43 22.89
CA LEU A 325 18.44 41.84 23.84
C LEU A 325 19.91 42.17 23.53
N GLU A 326 20.24 42.43 22.26
CA GLU A 326 21.58 42.85 21.83
C GLU A 326 21.77 44.37 21.69
N ALA A 327 20.71 45.18 21.86
CA ALA A 327 20.81 46.65 21.95
C ALA A 327 21.59 47.14 23.19
N THR A 328 22.05 48.39 23.13
CA THR A 328 22.90 49.06 24.12
C THR A 328 22.42 50.49 24.35
N PRO A 329 22.78 51.16 25.46
CA PRO A 329 22.32 52.53 25.70
C PRO A 329 22.93 53.59 24.75
N ASP A 330 23.94 53.23 23.97
CA ASP A 330 24.51 54.02 22.88
C ASP A 330 24.14 53.49 21.48
N THR A 331 23.13 52.63 21.39
CA THR A 331 22.46 52.22 20.14
C THR A 331 21.19 53.06 19.94
N PRO A 332 20.94 53.60 18.74
CA PRO A 332 19.67 54.25 18.43
C PRO A 332 18.57 53.19 18.29
N ALA A 333 17.34 53.50 18.69
CA ALA A 333 16.24 52.55 18.59
C ALA A 333 16.05 52.05 17.16
N CYS A 334 15.56 50.83 17.04
CA CYS A 334 15.57 50.07 15.81
C CYS A 334 14.15 49.77 15.34
N VAL A 335 13.98 49.67 14.03
CA VAL A 335 12.81 49.14 13.36
C VAL A 335 13.26 47.96 12.53
N VAL A 336 12.54 46.86 12.58
CA VAL A 336 12.79 45.70 11.73
C VAL A 336 11.85 45.72 10.52
N THR A 337 12.40 45.41 9.35
CA THR A 337 11.88 45.78 8.04
C THR A 337 12.26 44.72 7.00
N LEU A 338 11.59 44.62 5.85
CA LEU A 338 12.21 43.98 4.67
C LEU A 338 13.18 44.92 3.99
N SER A 339 14.19 44.34 3.36
CA SER A 339 14.84 44.95 2.21
C SER A 339 15.02 43.87 1.18
N GLY A 340 13.98 43.61 0.39
CA GLY A 340 13.89 42.44 -0.47
C GLY A 340 13.68 41.12 0.25
N ASN A 341 14.32 40.08 -0.25
CA ASN A 341 14.28 38.67 0.17
C ASN A 341 14.45 38.39 1.67
N GLN A 342 15.05 39.30 2.43
CA GLN A 342 15.44 39.12 3.83
C GLN A 342 15.27 40.41 4.63
N SER A 343 15.23 40.26 5.94
CA SER A 343 15.05 41.33 6.91
C SER A 343 16.31 42.15 7.13
N VAL A 344 16.12 43.44 7.33
CA VAL A 344 17.13 44.39 7.80
C VAL A 344 16.59 45.22 8.95
N ARG A 345 17.50 45.83 9.71
CA ARG A 345 17.23 46.61 10.90
C ARG A 345 17.71 48.04 10.70
N LEU A 346 16.86 49.04 10.95
CA LEU A 346 17.10 50.44 10.64
C LEU A 346 16.86 51.36 11.84
N PRO A 347 17.48 52.56 11.91
CA PRO A 347 17.19 53.51 12.96
C PRO A 347 15.74 54.03 12.90
N LEU A 348 15.05 54.03 14.04
CA LEU A 348 13.69 54.51 14.18
C LEU A 348 13.58 56.00 13.87
N MET A 349 14.50 56.81 14.38
CA MET A 349 14.59 58.24 14.07
C MET A 349 14.54 58.51 12.57
N GLU A 350 15.41 57.84 11.80
CA GLU A 350 15.55 58.07 10.37
C GLU A 350 14.30 57.67 9.60
N CYS A 351 13.73 56.51 9.90
CA CYS A 351 12.57 55.98 9.22
C CYS A 351 11.30 56.81 9.48
N VAL A 352 11.11 57.31 10.70
CA VAL A 352 10.04 58.27 11.03
C VAL A 352 10.23 59.55 10.21
N GLN A 353 11.43 60.14 10.20
CA GLN A 353 11.67 61.38 9.48
C GLN A 353 11.53 61.24 7.96
N MET A 354 12.06 60.18 7.37
CA MET A 354 11.90 59.86 5.94
C MET A 354 10.43 59.61 5.56
N THR A 355 9.58 59.25 6.53
CA THR A 355 8.13 59.11 6.36
C THR A 355 7.42 60.47 6.46
N LYS A 356 7.76 61.31 7.44
CA LYS A 356 7.28 62.69 7.58
C LYS A 356 7.69 63.56 6.38
N GLU A 357 8.89 63.33 5.84
CA GLU A 357 9.37 63.99 4.63
C GLU A 357 8.53 63.68 3.38
N VAL A 358 7.90 62.51 3.28
CA VAL A 358 6.94 62.17 2.20
C VAL A 358 5.61 62.91 2.36
N GLN A 359 5.03 62.95 3.56
CA GLN A 359 3.80 63.70 3.82
C GLN A 359 3.98 65.20 3.51
N LYS A 360 5.14 65.73 3.89
CA LYS A 360 5.57 67.10 3.61
C LYS A 360 5.78 67.34 2.13
N ALA A 361 6.45 66.44 1.40
CA ALA A 361 6.60 66.54 -0.05
C ALA A 361 5.27 66.51 -0.83
N MET A 362 4.30 65.75 -0.35
CA MET A 362 2.98 65.61 -0.95
C MET A 362 2.10 66.85 -0.73
N ASP A 363 2.11 67.43 0.47
CA ASP A 363 1.48 68.70 0.81
C ASP A 363 2.13 69.87 0.09
N ASP A 364 3.46 69.86 -0.06
CA ASP A 364 4.25 70.83 -0.82
C ASP A 364 4.11 70.71 -2.36
N LYS A 365 3.17 69.90 -2.85
CA LYS A 365 2.89 69.66 -4.28
C LYS A 365 4.07 69.11 -5.08
N ARG A 366 5.10 68.58 -4.41
CA ARG A 366 6.25 67.87 -4.97
C ARG A 366 5.93 66.39 -5.18
N PHE A 367 4.91 66.09 -5.96
CA PHE A 367 4.39 64.73 -6.13
C PHE A 367 5.43 63.72 -6.67
N ASP A 368 6.36 64.17 -7.51
CA ASP A 368 7.46 63.30 -7.98
C ASP A 368 8.48 62.96 -6.89
N GLU A 369 8.75 63.85 -5.92
CA GLU A 369 9.54 63.52 -4.73
C GLU A 369 8.76 62.55 -3.84
N ALA A 370 7.46 62.75 -3.65
CA ALA A 370 6.63 61.88 -2.83
C ALA A 370 6.64 60.43 -3.36
N THR A 371 6.54 60.28 -4.69
CA THR A 371 6.69 59.03 -5.42
C THR A 371 8.06 58.39 -5.23
N GLN A 372 9.15 59.10 -5.54
CA GLN A 372 10.52 58.58 -5.41
C GLN A 372 10.87 58.17 -3.97
N LEU A 373 10.38 58.93 -2.99
CA LEU A 373 10.73 58.76 -1.58
C LEU A 373 9.85 57.73 -0.84
N ARG A 374 8.68 57.35 -1.36
CA ARG A 374 7.92 56.18 -0.83
C ARG A 374 8.75 54.90 -0.88
N GLY A 375 9.58 54.73 -1.91
CA GLY A 375 10.49 53.62 -2.08
C GLY A 375 10.61 53.16 -3.52
N GLY A 376 11.65 52.37 -3.81
CA GLY A 376 11.84 51.76 -5.13
C GLY A 376 10.75 50.74 -5.47
N SER A 377 10.25 50.02 -4.45
CA SER A 377 9.11 49.13 -4.56
C SER A 377 7.83 49.89 -4.89
N PHE A 378 7.60 51.09 -4.37
CA PHE A 378 6.50 51.93 -4.84
C PHE A 378 6.70 52.38 -6.29
N GLU A 379 7.91 52.81 -6.66
CA GLU A 379 8.24 53.30 -8.00
C GLU A 379 8.13 52.23 -9.10
N ASN A 380 8.58 50.99 -8.87
CA ASN A 380 8.48 49.94 -9.87
C ASN A 380 7.03 49.51 -10.12
N ASN A 381 6.22 49.38 -9.07
CA ASN A 381 4.77 49.21 -9.25
C ASN A 381 4.16 50.38 -10.03
N TRP A 382 4.47 51.62 -9.65
CA TRP A 382 3.89 52.80 -10.29
C TRP A 382 4.29 52.93 -11.76
N ASN A 383 5.55 52.66 -12.09
CA ASN A 383 6.06 52.69 -13.45
C ASN A 383 5.42 51.59 -14.32
N ILE A 384 5.17 50.40 -13.78
CA ILE A 384 4.47 49.35 -14.51
C ILE A 384 2.97 49.63 -14.67
N TYR A 385 2.30 50.22 -13.68
CA TYR A 385 0.95 50.73 -13.90
C TYR A 385 0.93 51.84 -14.95
N LYS A 386 1.86 52.80 -14.88
CA LYS A 386 2.00 53.89 -15.85
C LYS A 386 2.34 53.38 -17.25
N LEU A 387 3.09 52.28 -17.39
CA LEU A 387 3.29 51.57 -18.65
C LEU A 387 1.96 51.01 -19.18
N LEU A 388 1.34 50.07 -18.49
CA LEU A 388 0.11 49.39 -18.92
C LEU A 388 -1.10 50.33 -19.04
N ALA A 389 -1.09 51.46 -18.36
CA ALA A 389 -2.06 52.54 -18.51
C ALA A 389 -1.87 53.34 -19.81
N HIS A 390 -0.65 53.40 -20.33
CA HIS A 390 -0.30 54.08 -21.58
C HIS A 390 -0.29 53.15 -22.81
N GLN A 391 -0.15 51.83 -22.63
CA GLN A 391 -0.10 50.86 -23.74
C GLN A 391 -1.40 50.82 -24.60
N LYS A 392 -1.23 50.44 -25.86
CA LYS A 392 -2.26 50.29 -26.89
C LYS A 392 -1.85 49.24 -27.94
N PRO A 393 -2.78 48.66 -28.71
CA PRO A 393 -2.47 48.15 -30.04
C PRO A 393 -1.91 49.27 -30.96
N PRO A 394 -0.70 49.13 -31.53
CA PRO A 394 -0.09 50.15 -32.39
C PRO A 394 -0.59 50.09 -33.84
N LYS A 395 -0.38 51.16 -34.59
CA LYS A 395 -0.66 51.23 -36.04
C LYS A 395 0.54 50.81 -36.90
N GLU A 396 1.75 51.00 -36.38
CA GLU A 396 3.00 50.97 -37.12
C GLU A 396 3.46 49.56 -37.50
N LYS A 397 3.37 48.61 -36.55
CA LYS A 397 3.85 47.21 -36.61
C LYS A 397 5.35 47.05 -36.88
N SER A 398 5.90 45.88 -36.56
CA SER A 398 7.34 45.60 -36.50
C SER A 398 7.70 44.20 -37.01
N ASN A 399 8.97 43.94 -37.27
CA ASN A 399 9.42 42.76 -38.02
C ASN A 399 9.25 41.43 -37.25
N PHE A 400 9.33 41.47 -35.93
CA PHE A 400 9.55 40.29 -35.09
C PHE A 400 8.32 39.42 -34.82
N SER A 401 8.53 38.11 -34.76
CA SER A 401 7.61 37.10 -34.26
C SER A 401 8.07 36.56 -32.93
N LEU A 402 7.23 36.57 -31.92
CA LEU A 402 7.51 36.07 -30.57
C LEU A 402 6.59 34.90 -30.27
N ALA A 403 6.99 33.91 -29.48
CA ALA A 403 6.09 32.86 -29.01
C ALA A 403 6.12 32.69 -27.48
N ILE A 404 4.97 32.47 -26.86
CA ILE A 404 4.82 32.30 -25.41
C ILE A 404 4.35 30.88 -25.10
N LEU A 405 5.11 30.17 -24.28
CA LEU A 405 4.87 28.79 -23.85
C LEU A 405 4.49 28.76 -22.38
N ASN A 406 3.66 27.82 -21.94
CA ASN A 406 3.59 27.41 -20.54
C ASN A 406 4.15 26.00 -20.39
N VAL A 407 5.03 25.75 -19.42
CA VAL A 407 5.72 24.47 -19.25
C VAL A 407 5.83 24.07 -17.77
N GLY A 408 5.56 22.82 -17.44
CA GLY A 408 5.49 22.30 -16.07
C GLY A 408 4.06 22.03 -15.60
N ALA A 409 3.87 21.90 -14.29
CA ALA A 409 2.54 21.97 -13.69
C ALA A 409 2.02 23.41 -13.74
N PRO A 410 0.70 23.63 -13.90
CA PRO A 410 0.12 24.95 -13.97
C PRO A 410 0.26 25.65 -12.62
N ALA A 411 0.79 26.86 -12.63
CA ALA A 411 1.03 27.67 -11.45
C ALA A 411 0.26 28.99 -11.53
N ALA A 412 -0.38 29.39 -10.45
CA ALA A 412 -1.21 30.58 -10.44
C ALA A 412 -0.33 31.83 -10.67
N GLY A 413 -0.72 32.67 -11.62
CA GLY A 413 0.09 33.78 -12.11
C GLY A 413 0.69 33.56 -13.48
N MET A 414 0.74 32.34 -14.01
CA MET A 414 1.06 32.09 -15.42
C MET A 414 0.18 32.95 -16.33
N ASN A 415 -1.13 32.99 -16.10
CA ASN A 415 -2.08 33.77 -16.90
C ASN A 415 -1.84 35.27 -16.80
N ALA A 416 -1.43 35.78 -15.64
CA ALA A 416 -1.06 37.16 -15.47
C ALA A 416 0.19 37.48 -16.30
N ALA A 417 1.21 36.62 -16.22
CA ALA A 417 2.45 36.78 -16.97
C ALA A 417 2.22 36.70 -18.47
N VAL A 418 1.40 35.77 -18.95
CA VAL A 418 1.04 35.73 -20.36
C VAL A 418 0.30 36.99 -20.77
N ARG A 419 -0.70 37.48 -20.02
CA ARG A 419 -1.43 38.70 -20.36
C ARG A 419 -0.51 39.90 -20.51
N SER A 420 0.39 40.09 -19.55
CA SER A 420 1.32 41.19 -19.52
C SER A 420 2.38 41.12 -20.61
N ALA A 421 2.85 39.91 -20.95
CA ALA A 421 3.72 39.66 -22.08
C ALA A 421 3.03 39.84 -23.43
N VAL A 422 1.78 39.39 -23.60
CA VAL A 422 1.04 39.56 -24.85
C VAL A 422 0.78 41.03 -25.13
N ARG A 423 0.46 41.82 -24.10
CA ARG A 423 0.16 43.25 -24.20
C ARG A 423 1.41 44.06 -24.40
N THR A 424 2.44 43.85 -23.60
CA THR A 424 3.74 44.49 -23.81
C THR A 424 4.33 44.10 -25.17
N GLY A 425 4.14 42.87 -25.62
CA GLY A 425 4.58 42.42 -26.94
C GLY A 425 3.80 43.07 -28.08
N ILE A 426 2.48 43.19 -27.96
CA ILE A 426 1.64 43.89 -28.93
C ILE A 426 1.98 45.38 -28.99
N SER A 427 2.14 46.08 -27.88
CA SER A 427 2.42 47.52 -27.86
C SER A 427 3.83 47.87 -28.35
N HIS A 428 4.80 46.97 -28.15
CA HIS A 428 6.11 47.00 -28.81
C HIS A 428 6.08 46.53 -30.27
N GLY A 429 4.93 46.23 -30.84
CA GLY A 429 4.69 46.05 -32.26
C GLY A 429 4.82 44.63 -32.80
N HIS A 430 5.07 43.64 -31.96
CA HIS A 430 5.41 42.28 -32.40
C HIS A 430 4.17 41.45 -32.76
N THR A 431 4.30 40.53 -33.72
CA THR A 431 3.34 39.43 -33.86
C THR A 431 3.63 38.37 -32.80
N VAL A 432 2.98 38.49 -31.66
CA VAL A 432 3.01 37.52 -30.57
C VAL A 432 2.15 36.31 -30.93
N TYR A 433 2.70 35.13 -30.68
CA TYR A 433 2.05 33.84 -30.76
C TYR A 433 1.95 33.24 -29.36
N VAL A 434 0.88 32.52 -29.08
CA VAL A 434 0.79 31.63 -27.93
C VAL A 434 0.73 30.20 -28.40
N VAL A 435 1.36 29.30 -27.66
CA VAL A 435 1.49 27.90 -28.03
C VAL A 435 0.94 27.05 -26.91
N HIS A 436 -0.01 26.18 -27.24
CA HIS A 436 -0.74 25.36 -26.27
C HIS A 436 0.01 24.07 -25.96
N ASP A 437 0.01 23.61 -24.71
CA ASP A 437 0.69 22.38 -24.29
C ASP A 437 2.23 22.43 -24.39
N GLY A 438 2.84 23.59 -24.14
CA GLY A 438 4.28 23.73 -23.98
C GLY A 438 5.12 23.32 -25.18
N PHE A 439 6.27 22.68 -24.92
CA PHE A 439 7.15 22.19 -25.98
C PHE A 439 6.50 21.08 -26.82
N GLU A 440 5.63 20.23 -26.28
CA GLU A 440 4.82 19.30 -27.07
C GLU A 440 3.86 20.05 -28.00
N GLY A 441 3.40 21.22 -27.60
CA GLY A 441 2.71 22.17 -28.45
C GLY A 441 3.55 22.73 -29.57
N LEU A 442 4.78 23.13 -29.30
CA LEU A 442 5.71 23.69 -30.29
C LEU A 442 6.22 22.59 -31.26
N ALA A 443 6.26 21.33 -30.83
CA ALA A 443 6.47 20.18 -31.67
C ALA A 443 5.27 19.91 -32.58
N LYS A 444 4.07 19.89 -32.02
CA LYS A 444 2.80 19.55 -32.68
C LYS A 444 2.16 20.74 -33.41
N GLY A 445 2.84 21.89 -33.46
CA GLY A 445 2.45 23.08 -34.21
C GLY A 445 1.23 23.82 -33.67
N GLN A 446 0.93 23.65 -32.39
CA GLN A 446 -0.23 24.21 -31.67
C GLN A 446 -0.05 25.71 -31.36
N VAL A 447 0.43 26.44 -32.36
CA VAL A 447 0.87 27.84 -32.33
C VAL A 447 -0.21 28.72 -32.95
N GLN A 448 -0.62 29.79 -32.28
CA GLN A 448 -1.59 30.73 -32.83
C GLN A 448 -1.28 32.19 -32.49
N GLU A 449 -1.45 33.09 -33.46
CA GLU A 449 -1.29 34.52 -33.27
C GLU A 449 -2.41 35.05 -32.36
N VAL A 450 -2.06 35.94 -31.43
CA VAL A 450 -2.94 36.41 -30.37
C VAL A 450 -3.09 37.93 -30.45
N GLY A 451 -4.31 38.43 -30.25
CA GLY A 451 -4.68 39.85 -30.20
C GLY A 451 -4.95 40.36 -28.79
N TRP A 452 -5.09 41.68 -28.64
CA TRP A 452 -5.33 42.31 -27.33
C TRP A 452 -6.59 41.78 -26.63
N HIS A 453 -7.65 41.52 -27.41
CA HIS A 453 -8.91 40.96 -26.92
C HIS A 453 -8.75 39.56 -26.34
N ASP A 454 -7.95 38.73 -27.01
CA ASP A 454 -7.90 37.28 -26.81
C ASP A 454 -7.39 36.86 -25.43
N VAL A 455 -6.75 37.78 -24.73
CA VAL A 455 -6.07 37.60 -23.45
C VAL A 455 -6.72 38.39 -22.31
N ALA A 456 -7.81 39.10 -22.60
CA ALA A 456 -8.53 39.92 -21.64
C ALA A 456 -9.19 39.05 -20.56
N GLY A 457 -9.08 39.48 -19.30
CA GLY A 457 -9.65 38.77 -18.15
C GLY A 457 -8.86 37.54 -17.69
N TRP A 458 -7.63 37.37 -18.17
CA TRP A 458 -6.70 36.32 -17.73
C TRP A 458 -6.01 36.62 -16.40
N LEU A 459 -5.93 37.87 -15.94
CA LEU A 459 -5.15 38.28 -14.77
C LEU A 459 -5.55 37.57 -13.46
N GLY A 460 -6.83 37.27 -13.29
CA GLY A 460 -7.36 36.69 -12.06
C GLY A 460 -7.55 35.19 -12.06
N ARG A 461 -7.20 34.49 -13.15
CA ARG A 461 -7.45 33.06 -13.32
C ARG A 461 -6.28 32.23 -12.79
N GLY A 462 -6.60 31.13 -12.13
CA GLY A 462 -5.66 30.07 -11.79
C GLY A 462 -5.36 29.18 -12.99
N GLY A 463 -4.54 28.16 -12.81
CA GLY A 463 -4.28 27.21 -13.89
C GLY A 463 -3.44 27.80 -15.01
N SER A 464 -3.74 27.39 -16.24
CA SER A 464 -3.11 27.89 -17.46
C SER A 464 -4.11 27.92 -18.61
N MET A 465 -4.33 29.08 -19.21
CA MET A 465 -5.19 29.22 -20.37
C MET A 465 -4.54 28.71 -21.66
N LEU A 466 -3.21 28.62 -21.70
CA LEU A 466 -2.50 27.96 -22.79
C LEU A 466 -2.53 26.44 -22.67
N GLY A 467 -2.58 25.91 -21.46
CA GLY A 467 -2.19 24.54 -21.21
C GLY A 467 -0.69 24.40 -21.14
N THR A 468 -0.23 23.44 -20.36
CA THR A 468 1.15 23.22 -20.02
C THR A 468 1.42 21.73 -19.93
N LYS A 469 2.68 21.32 -20.15
CA LYS A 469 3.15 19.93 -20.11
C LYS A 469 4.53 19.82 -19.47
N ARG A 470 4.93 18.65 -18.99
CA ARG A 470 6.29 18.34 -18.53
C ARG A 470 7.30 18.00 -19.66
N THR A 471 6.85 17.85 -20.89
CA THR A 471 7.66 17.35 -22.01
C THR A 471 8.85 18.26 -22.32
N LEU A 472 10.08 17.73 -22.22
CA LEU A 472 11.30 18.44 -22.60
C LEU A 472 11.53 18.39 -24.12
N PRO A 473 12.13 19.42 -24.73
CA PRO A 473 12.11 19.58 -26.18
C PRO A 473 13.01 18.60 -26.94
N LYS A 474 14.05 17.97 -26.36
CA LYS A 474 15.00 17.16 -27.16
C LYS A 474 14.36 15.96 -27.87
N GLY A 475 13.33 15.35 -27.30
CA GLY A 475 12.63 14.20 -27.88
C GLY A 475 11.78 14.55 -29.11
N GLN A 476 11.58 15.83 -29.38
CA GLN A 476 10.79 16.36 -30.50
C GLN A 476 11.54 17.47 -31.29
N LEU A 477 12.85 17.64 -31.07
CA LEU A 477 13.58 18.84 -31.45
C LEU A 477 13.60 19.12 -32.96
N GLU A 478 13.75 18.11 -33.80
CA GLU A 478 13.66 18.24 -35.26
C GLU A 478 12.31 18.79 -35.74
N SER A 479 11.24 18.63 -34.97
CA SER A 479 9.91 19.18 -35.26
C SER A 479 9.69 20.55 -34.62
N ILE A 480 10.30 20.83 -33.46
CA ILE A 480 10.30 22.15 -32.79
C ILE A 480 11.04 23.21 -33.63
N VAL A 481 12.21 22.88 -34.16
CA VAL A 481 12.94 23.79 -35.06
C VAL A 481 12.14 24.09 -36.32
N GLU A 482 11.35 23.13 -36.81
CA GLU A 482 10.58 23.26 -38.02
C GLU A 482 9.36 24.17 -37.86
N ASN A 483 8.71 24.20 -36.69
CA ASN A 483 7.69 25.19 -36.39
C ASN A 483 8.26 26.58 -36.07
N ILE A 484 9.44 26.67 -35.43
CA ILE A 484 10.17 27.92 -35.28
C ILE A 484 10.46 28.55 -36.64
N ARG A 485 10.89 27.74 -37.64
CA ARG A 485 11.10 28.16 -39.02
C ARG A 485 9.80 28.57 -39.72
N ILE A 486 8.78 27.72 -39.69
CA ILE A 486 7.51 27.92 -40.41
C ILE A 486 6.74 29.16 -39.95
N TYR A 487 6.66 29.39 -38.64
CA TYR A 487 6.03 30.60 -38.10
C TYR A 487 6.99 31.81 -38.06
N GLY A 488 8.28 31.64 -38.32
CA GLY A 488 9.28 32.69 -38.40
C GLY A 488 9.69 33.26 -37.04
N ILE A 489 9.55 32.48 -35.97
CA ILE A 489 9.64 32.89 -34.57
C ILE A 489 11.08 33.28 -34.21
N HIS A 490 11.29 34.49 -33.67
CA HIS A 490 12.60 35.08 -33.36
C HIS A 490 12.91 35.15 -31.86
N ALA A 491 11.90 34.94 -31.02
CA ALA A 491 12.09 34.83 -29.59
C ALA A 491 11.08 33.89 -28.94
N LEU A 492 11.49 33.15 -27.91
CA LEU A 492 10.62 32.39 -27.02
C LEU A 492 10.59 33.03 -25.65
N LEU A 493 9.40 33.23 -25.12
CA LEU A 493 9.16 33.48 -23.72
C LEU A 493 8.50 32.23 -23.15
N VAL A 494 9.13 31.58 -22.20
CA VAL A 494 8.63 30.35 -21.59
C VAL A 494 8.30 30.68 -20.16
N VAL A 495 7.05 30.53 -19.74
CA VAL A 495 6.67 30.73 -18.34
C VAL A 495 6.38 29.37 -17.72
N GLY A 496 7.11 29.00 -16.67
CA GLY A 496 7.06 27.63 -16.16
C GLY A 496 8.15 27.25 -15.18
N GLY A 497 8.11 26.00 -14.74
CA GLY A 497 8.95 25.47 -13.68
C GLY A 497 10.32 24.98 -14.14
N PHE A 498 10.86 23.96 -13.49
CA PHE A 498 12.16 23.42 -13.87
C PHE A 498 12.21 22.89 -15.31
N GLU A 499 11.12 22.36 -15.86
CA GLU A 499 11.13 21.92 -17.26
C GLU A 499 11.14 23.09 -18.24
N ALA A 500 10.74 24.29 -17.85
CA ALA A 500 10.95 25.48 -18.66
C ALA A 500 12.44 25.85 -18.69
N TYR A 501 13.11 25.82 -17.55
CA TYR A 501 14.54 26.04 -17.42
C TYR A 501 15.38 25.00 -18.17
N GLU A 502 15.21 23.70 -17.88
CA GLU A 502 15.90 22.64 -18.61
C GLU A 502 15.46 22.58 -20.08
N GLY A 503 14.24 23.01 -20.40
CA GLY A 503 13.79 23.15 -21.76
C GLY A 503 14.56 24.19 -22.58
N VAL A 504 14.68 25.42 -22.07
CA VAL A 504 15.48 26.46 -22.69
C VAL A 504 16.97 26.11 -22.68
N LEU A 505 17.46 25.38 -21.68
CA LEU A 505 18.82 24.88 -21.63
C LEU A 505 19.09 23.83 -22.71
N GLN A 506 18.20 22.85 -22.91
CA GLN A 506 18.25 21.89 -24.01
C GLN A 506 18.19 22.54 -25.41
N LEU A 507 17.77 23.79 -25.55
CA LEU A 507 17.87 24.55 -26.80
C LEU A 507 19.20 25.30 -26.93
N VAL A 508 19.74 25.88 -25.87
CA VAL A 508 21.09 26.50 -25.92
C VAL A 508 22.20 25.46 -26.08
N GLU A 509 22.11 24.32 -25.39
CA GLU A 509 22.94 23.14 -25.61
C GLU A 509 22.82 22.56 -27.03
N ALA A 510 21.85 23.00 -27.83
CA ALA A 510 21.59 22.56 -29.19
C ALA A 510 21.71 23.67 -30.26
N ARG A 511 22.10 24.90 -29.90
CA ARG A 511 22.44 25.97 -30.88
C ARG A 511 23.58 25.58 -31.83
N GLY A 512 24.57 24.84 -31.35
CA GLY A 512 25.64 24.33 -32.20
C GLY A 512 25.18 23.25 -33.20
N ARG A 513 24.03 22.61 -32.95
CA ARG A 513 23.47 21.52 -33.75
C ARG A 513 22.42 21.99 -34.75
N TYR A 514 21.66 23.04 -34.45
CA TYR A 514 20.58 23.53 -35.30
C TYR A 514 20.62 25.05 -35.49
N GLU A 515 20.55 25.53 -36.74
CA GLU A 515 20.63 26.97 -37.03
C GLU A 515 19.42 27.78 -36.52
N GLU A 516 18.29 27.13 -36.21
CA GLU A 516 17.07 27.82 -35.78
C GLU A 516 16.98 28.15 -34.27
N LEU A 517 17.75 27.47 -33.42
CA LEU A 517 17.83 27.71 -31.97
C LEU A 517 18.71 28.90 -31.58
N CYS A 518 19.26 29.57 -32.56
CA CYS A 518 19.78 30.93 -32.46
C CYS A 518 18.58 31.90 -32.49
N ILE A 519 17.91 31.96 -31.34
CA ILE A 519 16.61 32.55 -31.04
C ILE A 519 16.69 33.18 -29.64
N VAL A 520 16.10 34.34 -29.39
CA VAL A 520 16.21 34.99 -28.06
C VAL A 520 15.30 34.28 -27.06
N MET A 521 15.79 33.90 -25.88
CA MET A 521 15.01 33.06 -24.95
C MET A 521 14.95 33.66 -23.55
N CYS A 522 13.76 33.68 -22.97
CA CYS A 522 13.54 34.12 -21.60
C CYS A 522 12.66 33.11 -20.86
N VAL A 523 13.05 32.71 -19.65
CA VAL A 523 12.22 31.91 -18.75
C VAL A 523 11.70 32.82 -17.65
N ILE A 524 10.38 32.89 -17.51
CA ILE A 524 9.72 33.38 -16.29
C ILE A 524 9.48 32.16 -15.41
N PRO A 525 10.06 32.08 -14.20
CA PRO A 525 9.95 30.91 -13.33
C PRO A 525 8.57 30.82 -12.69
N ALA A 526 7.65 30.08 -13.29
CA ALA A 526 6.30 29.86 -12.79
C ALA A 526 6.12 28.44 -12.28
N THR A 527 6.24 28.26 -10.97
CA THR A 527 5.95 26.98 -10.34
C THR A 527 5.55 27.14 -8.89
N ILE A 528 4.74 26.21 -8.42
CA ILE A 528 4.32 25.95 -7.04
C ILE A 528 5.53 25.72 -6.11
N SER A 529 6.57 25.05 -6.60
CA SER A 529 7.63 24.46 -5.77
C SER A 529 8.77 25.38 -5.35
N ASN A 530 8.97 26.52 -6.00
CA ASN A 530 10.12 27.41 -5.81
C ASN A 530 11.50 26.74 -6.06
N ASN A 531 11.55 25.83 -7.03
CA ASN A 531 12.71 25.04 -7.40
C ASN A 531 13.42 25.47 -8.69
N VAL A 532 12.94 26.49 -9.42
CA VAL A 532 13.65 26.98 -10.60
C VAL A 532 14.91 27.72 -10.16
N PRO A 533 16.10 27.44 -10.73
CA PRO A 533 17.30 28.20 -10.44
C PRO A 533 17.19 29.63 -10.95
N GLY A 534 18.04 30.53 -10.49
CA GLY A 534 18.00 31.95 -10.84
C GLY A 534 17.22 32.78 -9.85
N THR A 535 15.90 32.85 -9.97
CA THR A 535 15.03 33.57 -9.02
C THR A 535 15.16 33.09 -7.57
N ASP A 536 14.79 33.95 -6.61
CA ASP A 536 14.52 33.55 -5.23
C ASP A 536 13.02 33.31 -4.95
N PHE A 537 12.13 33.79 -5.82
CA PHE A 537 10.68 33.52 -5.77
C PHE A 537 10.15 33.12 -7.14
N SER A 538 9.50 31.98 -7.25
CA SER A 538 8.76 31.58 -8.45
C SER A 538 7.29 31.98 -8.34
N LEU A 539 6.76 32.36 -9.49
CA LEU A 539 5.40 32.76 -9.69
C LEU A 539 4.45 31.58 -9.45
N GLY A 540 3.53 31.70 -8.51
CA GLY A 540 2.64 30.64 -8.04
C GLY A 540 2.98 30.05 -6.68
N SER A 541 4.18 30.28 -6.17
CA SER A 541 4.60 29.74 -4.88
C SER A 541 3.96 30.44 -3.68
N ASP A 542 3.54 31.70 -3.84
CA ASP A 542 2.76 32.45 -2.86
C ASP A 542 1.29 31.99 -2.82
N THR A 543 0.67 31.66 -3.94
CA THR A 543 -0.62 30.98 -3.98
C THR A 543 -0.54 29.61 -3.35
N ALA A 544 0.54 28.87 -3.56
CA ALA A 544 0.72 27.54 -3.02
C ALA A 544 0.86 27.53 -1.51
N VAL A 545 1.69 28.40 -0.94
CA VAL A 545 1.79 28.50 0.52
C VAL A 545 0.48 28.98 1.11
N ASN A 546 -0.25 29.91 0.49
CA ASN A 546 -1.59 30.28 0.95
C ASN A 546 -2.63 29.16 0.86
N ALA A 547 -2.65 28.39 -0.22
CA ALA A 547 -3.59 27.28 -0.39
C ALA A 547 -3.31 26.12 0.58
N ALA A 548 -2.05 25.88 0.93
CA ALA A 548 -1.64 24.89 1.92
C ALA A 548 -1.89 25.37 3.36
N MET A 549 -1.56 26.62 3.67
CA MET A 549 -1.78 27.30 4.95
C MET A 549 -3.27 27.36 5.33
N GLU A 550 -4.17 27.60 4.36
CA GLU A 550 -5.62 27.56 4.58
C GLU A 550 -6.14 26.15 4.92
N SER A 551 -5.49 25.14 4.36
CA SER A 551 -5.86 23.74 4.53
C SER A 551 -5.33 23.16 5.83
N CYS A 552 -4.11 23.53 6.21
CA CYS A 552 -3.55 23.17 7.51
C CYS A 552 -4.27 23.86 8.68
N ASP A 553 -4.79 25.08 8.53
CA ASP A 553 -5.68 25.71 9.50
C ASP A 553 -6.97 24.89 9.73
N ARG A 554 -7.56 24.33 8.68
CA ARG A 554 -8.75 23.47 8.80
C ARG A 554 -8.42 22.17 9.50
N ILE A 555 -7.31 21.56 9.15
CA ILE A 555 -6.79 20.35 9.78
C ILE A 555 -6.43 20.60 11.25
N LYS A 556 -5.82 21.71 11.62
CA LYS A 556 -5.53 22.02 13.02
C LYS A 556 -6.77 22.26 13.83
N GLN A 557 -7.77 22.93 13.27
CA GLN A 557 -9.04 23.12 13.97
C GLN A 557 -9.80 21.81 14.15
N SER A 558 -9.73 20.91 13.16
CA SER A 558 -10.16 19.52 13.29
C SER A 558 -9.45 18.78 14.42
N ALA A 559 -8.12 18.87 14.51
CA ALA A 559 -7.33 18.21 15.55
C ALA A 559 -7.59 18.76 16.95
N SER A 560 -7.90 20.06 17.04
CA SER A 560 -8.17 20.79 18.27
C SER A 560 -9.55 20.50 18.84
N GLY A 561 -10.56 20.21 18.00
CA GLY A 561 -11.84 19.70 18.45
C GLY A 561 -11.79 18.23 18.84
N THR A 562 -11.11 17.42 18.04
CA THR A 562 -10.93 15.98 18.25
C THR A 562 -9.75 15.70 19.19
N LYS A 563 -9.70 16.39 20.33
CA LYS A 563 -8.48 16.54 21.17
C LYS A 563 -7.64 15.27 21.33
N ARG A 564 -6.31 15.44 21.33
CA ARG A 564 -5.25 14.43 21.25
C ARG A 564 -5.08 13.75 19.89
N ARG A 565 -5.32 14.46 18.79
CA ARG A 565 -4.84 14.10 17.44
C ARG A 565 -3.44 14.66 17.17
N VAL A 566 -2.63 13.94 16.41
CA VAL A 566 -1.48 14.46 15.69
C VAL A 566 -1.64 14.20 14.21
N PHE A 567 -1.62 15.23 13.37
CA PHE A 567 -1.72 15.06 11.93
C PHE A 567 -0.34 15.01 11.26
N ILE A 568 -0.17 14.05 10.36
CA ILE A 568 0.91 14.02 9.38
C ILE A 568 0.31 14.58 8.09
N VAL A 569 0.83 15.67 7.54
CA VAL A 569 0.30 16.28 6.31
C VAL A 569 1.36 16.30 5.24
N GLU A 570 1.10 15.68 4.09
CA GLU A 570 2.03 15.67 2.97
C GLU A 570 1.78 16.82 2.01
N THR A 571 2.85 17.43 1.49
CA THR A 571 2.84 18.65 0.66
C THR A 571 3.70 18.54 -0.61
N MET A 572 3.26 19.07 -1.75
CA MET A 572 3.86 18.97 -3.10
C MET A 572 5.15 19.79 -3.38
N GLY A 573 6.18 19.70 -2.56
CA GLY A 573 7.43 20.43 -2.83
C GLY A 573 8.34 19.90 -3.97
N GLY A 574 8.07 18.75 -4.58
CA GLY A 574 9.09 17.98 -5.30
C GLY A 574 10.20 17.52 -4.35
N TYR A 575 11.48 17.53 -4.76
CA TYR A 575 12.60 17.43 -3.82
C TYR A 575 12.89 18.74 -3.07
N CYS A 576 12.14 19.82 -3.30
CA CYS A 576 12.41 21.15 -2.75
C CYS A 576 11.53 21.45 -1.53
N GLY A 577 12.16 21.67 -0.38
CA GLY A 577 11.45 21.81 0.90
C GLY A 577 10.84 23.18 1.21
N TYR A 578 10.78 24.09 0.23
CA TYR A 578 10.28 25.44 0.41
C TYR A 578 8.83 25.42 0.87
N LEU A 579 7.97 24.76 0.12
CA LEU A 579 6.53 24.79 0.35
C LEU A 579 6.14 24.19 1.71
N ALA A 580 6.78 23.11 2.11
CA ALA A 580 6.65 22.54 3.44
C ALA A 580 7.23 23.44 4.54
N THR A 581 8.34 24.14 4.29
CA THR A 581 8.96 24.99 5.30
C THR A 581 8.15 26.24 5.57
N VAL A 582 7.80 27.00 4.53
CA VAL A 582 7.05 28.24 4.72
C VAL A 582 5.63 27.96 5.19
N THR A 583 4.99 26.88 4.76
CA THR A 583 3.70 26.46 5.31
C THR A 583 3.82 26.11 6.78
N GLY A 584 4.86 25.41 7.20
CA GLY A 584 5.04 25.02 8.60
C GLY A 584 5.18 26.20 9.56
N ILE A 585 5.88 27.25 9.15
CA ILE A 585 5.93 28.54 9.84
C ILE A 585 4.54 29.20 9.86
N ALA A 586 3.89 29.30 8.71
CA ALA A 586 2.60 29.95 8.59
C ALA A 586 1.48 29.28 9.41
N VAL A 587 1.64 28.04 9.84
CA VAL A 587 0.67 27.37 10.72
C VAL A 587 1.26 26.91 12.05
N GLY A 588 2.52 27.15 12.34
CA GLY A 588 3.13 26.70 13.58
C GLY A 588 3.16 25.19 13.72
N ALA A 589 3.51 24.48 12.64
CA ALA A 589 3.71 23.03 12.65
C ALA A 589 4.87 22.65 13.57
N ASP A 590 4.75 21.50 14.21
CA ASP A 590 5.69 20.95 15.21
C ASP A 590 6.91 20.27 14.60
N ALA A 591 6.85 19.94 13.32
CA ALA A 591 8.00 19.60 12.49
C ALA A 591 7.64 19.81 11.03
N ALA A 592 8.59 20.11 10.16
CA ALA A 592 8.41 19.94 8.74
C ALA A 592 9.56 19.11 8.18
N TYR A 593 9.28 17.95 7.62
CA TYR A 593 10.28 17.06 7.07
C TYR A 593 10.53 17.36 5.62
N VAL A 594 11.80 17.61 5.32
CA VAL A 594 12.28 18.28 4.12
C VAL A 594 13.53 17.56 3.63
N PHE A 595 13.72 17.43 2.32
CA PHE A 595 14.87 16.72 1.76
C PHE A 595 16.21 17.39 2.08
N GLU A 596 16.25 18.72 2.10
CA GLU A 596 17.44 19.52 2.39
C GLU A 596 17.94 19.42 3.83
N ASP A 597 17.13 18.87 4.73
CA ASP A 597 17.59 18.37 6.02
C ASP A 597 17.76 16.85 5.99
N PRO A 598 18.89 16.29 6.41
CA PRO A 598 18.94 14.92 6.85
C PRO A 598 17.99 14.70 8.04
N PHE A 599 17.24 13.59 8.04
CA PHE A 599 16.53 13.07 9.21
C PHE A 599 16.47 11.55 9.16
N ASN A 600 16.31 10.91 10.31
CA ASN A 600 16.34 9.47 10.51
C ASN A 600 15.41 9.07 11.67
N ILE A 601 15.33 7.80 12.07
CA ILE A 601 14.51 7.43 13.23
C ILE A 601 14.93 8.06 14.55
N HIS A 602 16.15 8.57 14.72
CA HIS A 602 16.50 9.25 15.97
C HIS A 602 15.79 10.59 16.04
N ASP A 603 15.89 11.37 14.96
CA ASP A 603 15.19 12.63 14.82
C ASP A 603 13.67 12.44 14.88
N LEU A 604 13.12 11.43 14.20
CA LEU A 604 11.69 11.10 14.30
C LEU A 604 11.26 10.73 15.72
N LYS A 605 11.99 9.85 16.41
CA LYS A 605 11.69 9.49 17.80
C LYS A 605 11.78 10.70 18.74
N VAL A 606 12.73 11.61 18.52
CA VAL A 606 12.81 12.89 19.25
C VAL A 606 11.58 13.74 18.97
N ASN A 607 11.17 13.91 17.71
CA ASN A 607 9.98 14.68 17.38
C ASN A 607 8.70 14.06 17.96
N VAL A 608 8.61 12.74 18.11
CA VAL A 608 7.50 12.02 18.77
C VAL A 608 7.50 12.16 20.29
N GLU A 609 8.65 12.23 20.96
CA GLU A 609 8.66 12.42 22.41
C GLU A 609 8.42 13.88 22.80
N HIS A 610 8.80 14.85 21.94
CA HIS A 610 8.30 16.22 22.01
C HIS A 610 6.80 16.30 21.78
N MET A 611 6.25 15.55 20.82
CA MET A 611 4.81 15.51 20.58
C MET A 611 4.03 14.90 21.75
N THR A 612 4.62 13.92 22.43
CA THR A 612 4.08 13.31 23.64
C THR A 612 4.03 14.31 24.80
N GLU A 613 5.12 15.02 25.05
CA GLU A 613 5.22 15.95 26.17
C GLU A 613 4.23 17.12 26.04
N LYS A 614 3.91 17.53 24.81
CA LYS A 614 2.91 18.57 24.56
C LYS A 614 1.50 18.17 24.97
N MET A 615 1.15 16.89 24.95
CA MET A 615 -0.21 16.43 25.30
C MET A 615 -0.53 16.54 26.80
N LYS A 616 0.43 16.91 27.65
CA LYS A 616 0.22 17.30 29.05
C LYS A 616 -0.32 18.74 29.17
N THR A 617 -0.10 19.59 28.16
CA THR A 617 -0.51 21.00 28.15
C THR A 617 -1.99 21.16 27.83
N ASP A 618 -2.50 22.39 27.74
CA ASP A 618 -3.85 22.62 27.24
C ASP A 618 -3.99 22.45 25.72
N ILE A 619 -2.88 22.47 24.97
CA ILE A 619 -2.87 22.47 23.49
C ILE A 619 -2.61 21.07 22.96
N GLN A 620 -3.61 20.20 23.14
CA GLN A 620 -3.55 18.76 22.87
C GLN A 620 -3.87 18.45 21.40
N ARG A 621 -2.98 18.91 20.54
CA ARG A 621 -2.97 18.67 19.09
C ARG A 621 -1.54 18.69 18.58
N GLY A 622 -1.29 18.10 17.44
CA GLY A 622 -0.01 18.21 16.74
C GLY A 622 -0.19 18.31 15.25
N LEU A 623 0.74 18.97 14.58
CA LEU A 623 0.82 18.96 13.13
C LEU A 623 2.28 18.78 12.72
N VAL A 624 2.57 17.78 11.90
CA VAL A 624 3.86 17.66 11.21
C VAL A 624 3.64 17.66 9.71
N LEU A 625 4.39 18.49 9.00
CA LEU A 625 4.37 18.51 7.54
C LEU A 625 5.43 17.56 6.98
N ARG A 626 5.14 16.87 5.88
CA ARG A 626 6.11 16.05 5.16
C ARG A 626 6.20 16.51 3.71
N ASN A 627 7.35 16.90 3.22
CA ASN A 627 7.50 17.06 1.78
C ASN A 627 7.41 15.68 1.09
N GLU A 628 6.71 15.61 -0.04
CA GLU A 628 6.39 14.39 -0.78
C GLU A 628 7.59 13.49 -1.14
N LYS A 629 8.78 14.06 -1.25
CA LYS A 629 10.05 13.37 -1.53
C LYS A 629 11.11 13.72 -0.50
N CYS A 630 10.73 14.01 0.74
CA CYS A 630 11.69 14.37 1.79
C CYS A 630 12.62 13.24 2.20
N HIS A 631 12.18 12.00 1.98
CA HIS A 631 12.88 10.79 2.39
C HIS A 631 12.44 9.65 1.51
N ASP A 632 13.37 8.75 1.22
CA ASP A 632 13.22 7.66 0.26
C ASP A 632 12.36 6.52 0.82
N TYR A 633 12.46 6.26 2.13
CA TYR A 633 11.79 5.15 2.79
C TYR A 633 10.83 5.60 3.89
N TYR A 634 11.07 6.71 4.58
CA TYR A 634 10.15 7.26 5.58
C TYR A 634 9.06 8.08 4.92
N THR A 635 8.13 7.38 4.30
CA THR A 635 6.92 7.93 3.70
C THR A 635 5.93 8.47 4.74
N THR A 636 4.82 9.07 4.32
CA THR A 636 3.78 9.59 5.21
C THR A 636 3.11 8.47 6.01
N GLU A 637 2.93 7.29 5.41
CA GLU A 637 2.48 6.08 6.11
C GLU A 637 3.50 5.55 7.11
N PHE A 638 4.79 5.76 6.90
CA PHE A 638 5.79 5.37 7.88
C PHE A 638 5.70 6.25 9.12
N LEU A 639 5.60 7.57 8.95
CA LEU A 639 5.41 8.52 10.04
C LEU A 639 4.09 8.26 10.75
N TYR A 640 3.01 7.98 10.02
CA TYR A 640 1.74 7.60 10.63
C TYR A 640 1.89 6.40 11.55
N ASN A 641 2.51 5.33 11.09
CA ASN A 641 2.74 4.15 11.91
C ASN A 641 3.61 4.46 13.13
N LEU A 642 4.71 5.18 12.97
CA LEU A 642 5.63 5.54 14.05
C LEU A 642 4.95 6.38 15.13
N TYR A 643 4.30 7.48 14.76
CA TYR A 643 3.61 8.35 15.69
C TYR A 643 2.46 7.63 16.37
N SER A 644 1.65 6.89 15.61
CA SER A 644 0.54 6.10 16.18
C SER A 644 0.99 5.14 17.27
N SER A 645 2.17 4.56 17.11
CA SER A 645 2.68 3.54 18.01
C SER A 645 3.26 4.13 19.27
N GLU A 646 4.25 5.00 19.12
CA GLU A 646 4.95 5.59 20.26
C GLU A 646 4.09 6.65 20.98
N GLY A 647 3.02 7.11 20.34
CA GLY A 647 1.96 7.92 20.91
C GLY A 647 0.76 7.17 21.47
N LYS A 648 0.62 5.85 21.27
CA LYS A 648 -0.52 5.10 21.82
C LYS A 648 -0.56 5.22 23.34
N GLY A 649 -1.72 5.61 23.85
CA GLY A 649 -1.96 5.95 25.25
C GLY A 649 -1.81 7.42 25.59
N VAL A 650 -1.35 8.27 24.67
CA VAL A 650 -1.28 9.73 24.83
C VAL A 650 -1.89 10.53 23.70
N PHE A 651 -1.82 10.06 22.45
CA PHE A 651 -2.47 10.66 21.29
C PHE A 651 -2.79 9.62 20.21
N ASP A 652 -3.79 9.86 19.40
CA ASP A 652 -3.95 9.18 18.12
C ASP A 652 -3.53 10.10 16.97
N CYS A 653 -3.55 9.59 15.75
CA CYS A 653 -2.85 10.18 14.64
C CYS A 653 -3.61 9.95 13.34
N ARG A 654 -3.50 10.85 12.37
CA ARG A 654 -4.17 10.78 11.06
C ARG A 654 -3.27 11.34 9.98
N THR A 655 -3.48 10.96 8.74
CA THR A 655 -2.73 11.47 7.58
C THR A 655 -3.63 12.26 6.65
N ASN A 656 -3.18 13.39 6.14
CA ASN A 656 -3.77 13.98 4.93
C ASN A 656 -2.67 14.16 3.90
N VAL A 657 -2.98 13.94 2.64
CA VAL A 657 -2.12 14.33 1.53
C VAL A 657 -2.81 15.50 0.86
N LEU A 658 -2.29 16.71 1.03
CA LEU A 658 -2.68 17.83 0.20
C LEU A 658 -2.05 17.58 -1.16
N GLY A 659 -2.85 17.46 -2.20
CA GLY A 659 -2.33 17.32 -3.55
C GLY A 659 -2.51 18.61 -4.31
N HIS A 660 -3.11 18.50 -5.47
CA HIS A 660 -3.32 19.58 -6.42
C HIS A 660 -4.23 20.72 -5.91
N LEU A 661 -4.75 20.61 -4.70
CA LEU A 661 -5.25 21.72 -3.88
C LEU A 661 -4.27 22.86 -3.77
N GLN A 662 -2.99 22.54 -3.59
CA GLN A 662 -1.91 23.51 -3.42
C GLN A 662 -1.60 24.30 -4.69
N GLN A 663 -2.05 23.87 -5.85
CA GLN A 663 -1.97 24.70 -7.04
C GLN A 663 -2.88 25.93 -6.94
N GLY A 664 -3.84 25.91 -6.00
CA GLY A 664 -4.72 27.01 -5.63
C GLY A 664 -5.83 27.24 -6.62
N GLY A 665 -6.68 28.20 -6.29
CA GLY A 665 -7.68 28.75 -7.19
C GLY A 665 -7.12 29.99 -7.87
N ALA A 666 -7.83 31.11 -7.77
CA ALA A 666 -7.30 32.40 -8.18
C ALA A 666 -5.96 32.73 -7.49
N PRO A 667 -5.01 33.39 -8.20
CA PRO A 667 -3.77 33.82 -7.62
C PRO A 667 -3.92 34.84 -6.49
N THR A 668 -2.94 34.91 -5.61
CA THR A 668 -2.86 35.94 -4.57
C THR A 668 -2.59 37.32 -5.18
N PRO A 669 -2.71 38.41 -4.41
CA PRO A 669 -2.29 39.72 -4.89
C PRO A 669 -0.82 39.75 -5.33
N PHE A 670 0.08 39.08 -4.60
CA PHE A 670 1.48 39.00 -4.98
C PHE A 670 1.68 38.24 -6.29
N ASP A 671 1.06 37.09 -6.52
CA ASP A 671 1.18 36.43 -7.81
C ASP A 671 0.54 37.19 -8.98
N ARG A 672 -0.43 38.08 -8.76
CA ARG A 672 -1.01 38.94 -9.81
C ARG A 672 -0.12 40.12 -10.15
N ASN A 673 0.43 40.80 -9.15
CA ASN A 673 1.45 41.82 -9.34
C ASN A 673 2.70 41.22 -9.94
N TYR A 674 3.30 40.22 -9.31
CA TYR A 674 4.54 39.63 -9.74
C TYR A 674 4.45 39.03 -11.13
N GLY A 675 3.37 38.34 -11.46
CA GLY A 675 3.20 37.80 -12.79
C GLY A 675 3.07 38.87 -13.84
N THR A 676 2.28 39.90 -13.57
CA THR A 676 2.19 41.08 -14.44
C THR A 676 3.54 41.76 -14.61
N LYS A 677 4.27 42.02 -13.53
CA LYS A 677 5.56 42.70 -13.52
C LYS A 677 6.67 41.90 -14.22
N LEU A 678 6.74 40.58 -14.05
CA LEU A 678 7.67 39.74 -14.77
C LEU A 678 7.30 39.65 -16.24
N GLY A 679 6.02 39.52 -16.59
CA GLY A 679 5.56 39.52 -17.97
C GLY A 679 5.99 40.77 -18.74
N VAL A 680 5.99 41.95 -18.12
CA VAL A 680 6.47 43.17 -18.77
C VAL A 680 8.00 43.27 -18.73
N LYS A 681 8.66 43.11 -17.58
CA LYS A 681 10.13 43.22 -17.52
C LYS A 681 10.81 42.20 -18.46
N ALA A 682 10.30 40.98 -18.52
CA ALA A 682 10.74 39.96 -19.46
C ALA A 682 10.52 40.38 -20.91
N MET A 683 9.37 40.93 -21.26
CA MET A 683 9.09 41.37 -22.63
C MET A 683 9.87 42.62 -23.06
N LEU A 684 10.18 43.53 -22.13
CA LEU A 684 11.05 44.66 -22.37
C LEU A 684 12.50 44.21 -22.62
N TRP A 685 12.97 43.20 -21.90
CA TRP A 685 14.27 42.57 -22.15
C TRP A 685 14.30 41.76 -23.43
N LEU A 686 13.24 41.00 -23.73
CA LEU A 686 13.09 40.24 -24.96
C LEU A 686 13.16 41.16 -26.19
N SER A 687 12.50 42.31 -26.14
CA SER A 687 12.50 43.31 -27.20
C SER A 687 13.80 44.12 -27.28
N GLU A 688 14.44 44.42 -26.17
CA GLU A 688 15.77 45.04 -26.10
C GLU A 688 16.84 44.16 -26.75
N LYS A 689 16.96 42.90 -26.30
CA LYS A 689 17.91 41.92 -26.82
C LYS A 689 17.67 41.63 -28.30
N LEU A 690 16.42 41.65 -28.74
CA LEU A 690 16.05 41.31 -30.10
C LEU A 690 16.38 42.41 -31.12
N ARG A 691 16.73 43.63 -30.66
CA ARG A 691 17.37 44.69 -31.45
C ARG A 691 18.88 44.79 -31.22
N GLU A 692 19.42 44.17 -30.17
CA GLU A 692 20.87 44.00 -29.96
C GLU A 692 21.50 42.93 -30.90
N VAL A 693 20.74 42.43 -31.87
CA VAL A 693 21.16 41.48 -32.91
C VAL A 693 20.65 41.91 -34.29
N TYR A 694 21.42 41.72 -35.36
CA TYR A 694 21.29 42.48 -36.62
C TYR A 694 20.96 41.65 -37.88
N ARG A 695 20.22 42.27 -38.82
CA ARG A 695 19.46 41.63 -39.92
C ARG A 695 20.30 40.96 -41.02
N LYS A 696 21.61 41.22 -41.09
CA LYS A 696 22.46 40.96 -42.27
C LYS A 696 23.62 40.00 -41.97
N GLY A 697 23.87 39.04 -42.87
CA GLY A 697 25.07 38.19 -42.88
C GLY A 697 25.32 37.29 -41.65
N ARG A 698 24.27 36.88 -40.92
CA ARG A 698 24.41 36.23 -39.60
C ARG A 698 23.26 35.28 -39.23
N VAL A 699 23.50 34.40 -38.25
CA VAL A 699 22.45 33.85 -37.38
C VAL A 699 22.31 34.75 -36.15
N PHE A 700 21.10 35.13 -35.78
CA PHE A 700 20.87 36.06 -34.67
C PHE A 700 21.19 35.42 -33.31
N ALA A 701 21.73 36.18 -32.37
CA ALA A 701 21.66 35.87 -30.94
C ALA A 701 22.34 34.57 -30.48
N ASN A 702 23.37 34.06 -31.15
CA ASN A 702 24.05 32.81 -30.74
C ASN A 702 24.67 32.84 -29.33
N ALA A 703 24.93 34.02 -28.76
CA ALA A 703 25.60 34.19 -27.46
C ALA A 703 24.80 33.68 -26.26
N PRO A 704 25.46 33.25 -25.15
CA PRO A 704 24.79 32.79 -23.94
C PRO A 704 24.08 33.94 -23.20
N ASP A 705 24.50 35.18 -23.41
CA ASP A 705 23.81 36.39 -22.97
C ASP A 705 22.37 36.57 -23.50
N SER A 706 21.89 35.73 -24.42
CA SER A 706 20.58 35.87 -25.07
C SER A 706 19.54 34.85 -24.63
N ALA A 707 19.87 33.96 -23.69
CA ALA A 707 18.99 32.91 -23.20
C ALA A 707 19.01 32.87 -21.67
N CYS A 708 18.06 33.52 -21.04
CA CYS A 708 18.10 33.91 -19.62
C CYS A 708 16.83 33.50 -18.86
N VAL A 709 16.92 33.48 -17.54
CA VAL A 709 15.81 33.39 -16.60
C VAL A 709 15.69 34.74 -15.92
N ILE A 710 14.50 35.35 -15.93
CA ILE A 710 14.21 36.51 -15.09
C ILE A 710 13.83 36.05 -13.68
N GLY A 711 14.18 36.82 -12.66
CA GLY A 711 13.71 36.58 -11.32
C GLY A 711 14.04 37.67 -10.34
N LEU A 712 13.22 37.83 -9.32
CA LEU A 712 13.53 38.66 -8.19
C LEU A 712 14.70 38.04 -7.46
N LYS A 713 15.84 38.74 -7.41
CA LYS A 713 17.05 38.18 -6.78
C LYS A 713 17.31 38.73 -5.38
N LYS A 714 17.26 40.05 -5.19
CA LYS A 714 17.46 40.71 -3.89
C LYS A 714 16.38 41.76 -3.67
N LYS A 715 16.68 43.04 -3.91
CA LYS A 715 15.73 44.15 -3.84
C LYS A 715 14.90 44.28 -5.12
N ALA A 716 15.47 43.87 -6.26
CA ALA A 716 14.91 43.91 -7.61
C ALA A 716 15.39 42.73 -8.49
N VAL A 717 14.93 42.68 -9.75
CA VAL A 717 15.19 41.58 -10.69
C VAL A 717 16.65 41.44 -11.12
N ALA A 718 17.02 40.22 -11.51
CA ALA A 718 18.20 39.89 -12.29
C ALA A 718 17.82 39.03 -13.49
N PHE A 719 18.53 39.14 -14.61
CA PHE A 719 18.44 38.20 -15.72
C PHE A 719 19.71 37.36 -15.75
N SER A 720 19.57 36.05 -15.53
CA SER A 720 20.68 35.11 -15.40
C SER A 720 20.72 34.16 -16.58
N PRO A 721 21.84 34.05 -17.32
CA PRO A 721 21.97 33.10 -18.42
C PRO A 721 21.71 31.65 -18.01
N VAL A 722 20.94 30.94 -18.82
CA VAL A 722 20.50 29.58 -18.54
C VAL A 722 21.68 28.61 -18.38
N THR A 723 22.73 28.78 -19.18
CA THR A 723 23.98 28.01 -19.13
C THR A 723 24.87 28.43 -17.98
N GLU A 724 24.89 29.71 -17.60
CA GLU A 724 25.60 30.16 -16.40
C GLU A 724 25.02 29.54 -15.13
N LEU A 725 23.71 29.31 -15.08
CA LEU A 725 23.01 28.68 -13.97
C LEU A 725 23.28 27.17 -13.78
N LYS A 726 23.89 26.46 -14.73
CA LYS A 726 24.15 25.01 -14.59
C LYS A 726 24.88 24.67 -13.28
N LYS A 727 25.88 25.46 -12.91
CA LYS A 727 26.71 25.30 -11.70
C LYS A 727 25.97 25.63 -10.39
N ASP A 728 24.91 26.44 -10.44
CA ASP A 728 24.01 26.67 -9.30
C ASP A 728 22.88 25.63 -9.23
N THR A 729 22.80 24.67 -10.15
CA THR A 729 21.69 23.73 -10.29
C THR A 729 22.04 22.27 -10.00
N ASP A 730 21.21 21.59 -9.23
CA ASP A 730 21.15 20.12 -9.11
C ASP A 730 20.03 19.57 -10.00
N PHE A 731 20.38 18.97 -11.15
CA PHE A 731 19.40 18.46 -12.12
C PHE A 731 18.73 17.15 -11.71
N GLU A 732 19.39 16.36 -10.86
CA GLU A 732 18.93 15.05 -10.38
C GLU A 732 17.74 15.23 -9.43
N HIS A 733 17.84 16.19 -8.52
CA HIS A 733 16.75 16.63 -7.65
C HIS A 733 15.93 17.79 -8.22
N ARG A 734 16.23 18.30 -9.42
CA ARG A 734 15.54 19.41 -10.09
C ARG A 734 15.42 20.68 -9.25
N MET A 735 16.51 21.17 -8.65
CA MET A 735 16.47 22.37 -7.80
C MET A 735 17.83 23.08 -7.69
N PRO A 736 17.90 24.36 -7.30
CA PRO A 736 19.16 25.02 -7.04
C PRO A 736 19.91 24.48 -5.82
N ARG A 737 21.24 24.59 -5.85
CA ARG A 737 22.16 24.00 -4.88
C ARG A 737 22.30 24.76 -3.58
N GLU A 738 22.08 26.07 -3.60
CA GLU A 738 21.83 26.84 -2.38
C GLU A 738 20.59 27.72 -2.52
N GLN A 739 19.76 27.69 -1.50
CA GLN A 739 18.42 28.26 -1.51
C GLN A 739 18.26 29.16 -0.29
N TRP A 740 17.87 30.41 -0.49
CA TRP A 740 17.95 31.43 0.56
C TRP A 740 17.20 31.08 1.85
N TRP A 741 16.09 30.38 1.75
CA TRP A 741 15.12 30.13 2.81
C TRP A 741 15.52 29.07 3.83
N LEU A 742 16.66 28.40 3.71
CA LEU A 742 17.07 27.39 4.69
C LEU A 742 17.33 27.97 6.09
N SER A 743 17.48 29.28 6.21
CA SER A 743 17.54 29.97 7.49
C SER A 743 16.19 29.99 8.20
N LEU A 744 15.07 29.94 7.47
CA LEU A 744 13.73 29.88 8.01
C LEU A 744 13.42 28.56 8.72
N ARG A 745 14.14 27.48 8.42
CA ARG A 745 13.97 26.21 9.15
C ARG A 745 14.33 26.35 10.62
N LEU A 746 15.24 27.26 10.96
CA LEU A 746 15.63 27.53 12.35
C LEU A 746 14.49 28.18 13.11
N MET A 747 13.79 29.09 12.42
CA MET A 747 12.64 29.80 12.93
C MET A 747 11.46 28.86 13.17
N LEU A 748 11.17 27.98 12.21
CA LEU A 748 10.21 26.90 12.35
C LEU A 748 10.48 26.09 13.62
N LYS A 749 11.71 25.65 13.83
CA LYS A 749 12.04 24.79 14.98
C LYS A 749 11.94 25.54 16.32
N MET A 750 12.28 26.82 16.36
CA MET A 750 12.19 27.67 17.53
C MET A 750 10.74 27.92 17.92
N LEU A 751 9.87 28.26 16.96
CA LEU A 751 8.43 28.45 17.19
C LEU A 751 7.69 27.15 17.52
N ALA A 752 8.21 26.00 17.09
CA ALA A 752 7.76 24.64 17.40
C ALA A 752 8.26 24.07 18.73
N GLN A 753 8.94 24.85 19.58
CA GLN A 753 9.39 24.47 20.92
C GLN A 753 10.56 23.45 20.95
N TYR A 754 11.42 23.41 19.92
CA TYR A 754 12.79 22.89 20.05
C TYR A 754 13.71 23.90 20.74
N ALA B 11 -35.75 9.03 -20.34
CA ALA B 11 -35.87 9.10 -21.80
C ALA B 11 -36.08 10.53 -22.28
N SER B 12 -35.63 10.85 -23.50
CA SER B 12 -35.95 12.11 -24.18
C SER B 12 -37.44 12.18 -24.57
N GLY B 13 -37.98 13.38 -24.75
CA GLY B 13 -39.40 13.59 -25.00
C GLY B 13 -39.74 15.01 -25.40
N ALA B 14 -39.14 15.51 -26.49
CA ALA B 14 -39.20 16.93 -26.87
C ALA B 14 -39.46 17.17 -28.37
N GLY B 15 -38.43 17.33 -29.21
CA GLY B 15 -38.62 17.80 -30.59
C GLY B 15 -39.00 19.29 -30.68
N LYS B 16 -38.68 20.08 -29.66
CA LYS B 16 -39.11 21.48 -29.48
C LYS B 16 -38.02 22.34 -28.82
N ALA B 17 -38.13 23.65 -28.92
CA ALA B 17 -37.10 24.58 -28.48
C ALA B 17 -37.43 25.25 -27.14
N ILE B 18 -36.41 25.38 -26.28
CA ILE B 18 -36.44 26.13 -25.03
C ILE B 18 -35.49 27.33 -25.15
N GLY B 19 -35.97 28.54 -24.95
CA GLY B 19 -35.13 29.70 -24.69
C GLY B 19 -34.82 29.81 -23.19
N VAL B 20 -33.68 30.37 -22.81
CA VAL B 20 -33.41 30.74 -21.42
C VAL B 20 -32.76 32.11 -21.34
N LEU B 21 -33.27 32.98 -20.45
CA LEU B 21 -32.69 34.28 -20.14
C LEU B 21 -32.62 34.49 -18.64
N THR B 22 -31.58 35.16 -18.19
CA THR B 22 -31.41 35.68 -16.83
C THR B 22 -31.64 37.17 -16.88
N SER B 23 -32.41 37.73 -15.95
CA SER B 23 -32.92 39.10 -16.05
C SER B 23 -32.98 39.80 -14.70
N GLY B 24 -32.93 41.12 -14.73
CA GLY B 24 -32.89 41.94 -13.53
C GLY B 24 -31.62 41.76 -12.72
N GLY B 25 -31.71 41.95 -11.40
CA GLY B 25 -30.55 41.91 -10.51
C GLY B 25 -29.88 40.54 -10.53
N ASP B 26 -28.60 40.47 -10.89
CA ASP B 26 -27.92 39.20 -11.03
C ASP B 26 -27.63 38.58 -9.67
N ALA B 27 -27.62 37.26 -9.63
CA ALA B 27 -27.46 36.47 -8.42
C ALA B 27 -26.48 35.35 -8.71
N GLN B 28 -25.45 35.20 -7.87
CA GLN B 28 -24.51 34.12 -8.03
C GLN B 28 -25.21 32.79 -7.76
N GLY B 29 -25.26 31.93 -8.77
CA GLY B 29 -26.17 30.80 -8.89
C GLY B 29 -26.91 30.76 -10.24
N MET B 30 -27.06 31.87 -10.95
CA MET B 30 -27.68 31.91 -12.28
C MET B 30 -26.91 31.12 -13.34
N ASN B 31 -25.61 30.90 -13.18
CA ASN B 31 -24.83 30.02 -14.06
C ASN B 31 -25.16 28.56 -13.86
N ALA B 32 -25.16 28.07 -12.63
CA ALA B 32 -25.63 26.73 -12.29
C ALA B 32 -27.07 26.50 -12.75
N ALA B 33 -27.93 27.52 -12.74
CA ALA B 33 -29.27 27.45 -13.29
C ALA B 33 -29.27 27.31 -14.82
N VAL B 34 -28.61 28.19 -15.56
CA VAL B 34 -28.60 28.14 -17.03
C VAL B 34 -27.87 26.90 -17.55
N ARG B 35 -26.88 26.40 -16.83
CA ARG B 35 -26.23 25.12 -17.11
C ARG B 35 -27.18 23.96 -16.99
N ALA B 36 -27.93 23.88 -15.90
CA ALA B 36 -28.88 22.81 -15.68
C ALA B 36 -30.09 22.91 -16.59
N VAL B 37 -30.55 24.11 -16.93
CA VAL B 37 -31.59 24.30 -17.96
C VAL B 37 -31.08 23.87 -19.34
N THR B 38 -29.83 24.14 -19.67
CA THR B 38 -29.23 23.71 -20.94
C THR B 38 -29.03 22.22 -21.02
N ARG B 39 -28.40 21.62 -20.01
CA ARG B 39 -28.08 20.20 -20.00
C ARG B 39 -29.32 19.33 -19.89
N MET B 40 -30.27 19.67 -19.04
CA MET B 40 -31.56 18.96 -19.01
C MET B 40 -32.37 19.15 -20.28
N GLY B 41 -32.36 20.35 -20.85
CA GLY B 41 -33.03 20.65 -22.12
C GLY B 41 -32.52 19.80 -23.27
N ILE B 42 -31.21 19.71 -23.47
CA ILE B 42 -30.64 18.92 -24.59
C ILE B 42 -30.47 17.44 -24.27
N TYR B 43 -30.44 17.05 -22.99
CA TYR B 43 -30.61 15.67 -22.55
C TYR B 43 -31.98 15.13 -22.95
N VAL B 44 -33.05 15.86 -22.63
CA VAL B 44 -34.41 15.48 -22.97
C VAL B 44 -34.77 15.73 -24.45
N GLY B 45 -33.81 16.16 -25.26
CA GLY B 45 -33.90 16.20 -26.71
C GLY B 45 -34.45 17.50 -27.29
N ALA B 46 -34.64 18.54 -26.48
CA ALA B 46 -35.01 19.88 -26.95
C ALA B 46 -33.80 20.59 -27.58
N LYS B 47 -34.05 21.69 -28.29
CA LYS B 47 -33.01 22.62 -28.73
C LYS B 47 -32.99 23.78 -27.75
N VAL B 48 -31.85 24.09 -27.13
CA VAL B 48 -31.77 25.16 -26.13
C VAL B 48 -31.12 26.39 -26.74
N PHE B 49 -31.70 27.55 -26.53
CA PHE B 49 -31.15 28.84 -26.93
C PHE B 49 -30.87 29.72 -25.73
N LEU B 50 -29.64 30.22 -25.65
CA LEU B 50 -29.24 31.24 -24.70
C LEU B 50 -29.59 32.61 -25.27
N ILE B 51 -30.31 33.40 -24.47
CA ILE B 51 -30.87 34.68 -24.87
C ILE B 51 -30.09 35.74 -24.09
N TYR B 52 -29.05 36.29 -24.71
CA TYR B 52 -28.05 37.12 -24.07
C TYR B 52 -28.57 38.50 -23.69
N GLU B 53 -28.10 39.05 -22.57
CA GLU B 53 -28.51 40.33 -21.98
C GLU B 53 -30.03 40.44 -21.77
N GLY B 54 -30.57 39.55 -20.94
CA GLY B 54 -31.92 39.62 -20.39
C GLY B 54 -33.01 39.76 -21.42
N TYR B 55 -33.97 40.64 -21.16
CA TYR B 55 -34.98 40.99 -22.14
C TYR B 55 -34.49 41.94 -23.23
N GLU B 56 -33.37 42.64 -23.04
CA GLU B 56 -32.82 43.57 -24.03
C GLU B 56 -32.37 42.82 -25.29
N GLY B 57 -31.78 41.64 -25.12
CA GLY B 57 -31.48 40.74 -26.23
C GLY B 57 -32.66 39.93 -26.72
N LEU B 58 -33.75 39.85 -25.96
CA LEU B 58 -34.99 39.26 -26.47
C LEU B 58 -35.69 40.23 -27.44
N VAL B 59 -35.68 41.54 -27.14
CA VAL B 59 -36.19 42.61 -28.01
C VAL B 59 -35.27 42.90 -29.21
N GLU B 60 -33.95 42.81 -29.04
CA GLU B 60 -33.04 42.84 -30.20
C GLU B 60 -33.05 41.55 -31.03
N GLY B 61 -33.04 40.36 -30.41
CA GLY B 61 -32.77 39.11 -31.09
C GLY B 61 -31.45 39.12 -31.86
N GLY B 62 -31.43 38.57 -33.07
CA GLY B 62 -30.22 38.50 -33.89
C GLY B 62 -29.15 37.68 -33.19
N GLU B 63 -27.92 38.19 -33.11
CA GLU B 63 -26.82 37.54 -32.40
C GLU B 63 -27.08 37.33 -30.90
N ASN B 64 -28.03 38.06 -30.28
CA ASN B 64 -28.39 37.84 -28.89
C ASN B 64 -29.12 36.51 -28.65
N ILE B 65 -29.62 35.83 -29.68
CA ILE B 65 -30.25 34.52 -29.54
C ILE B 65 -29.45 33.52 -30.35
N LYS B 66 -28.72 32.64 -29.67
CA LYS B 66 -27.95 31.56 -30.31
C LYS B 66 -28.07 30.25 -29.55
N GLN B 67 -28.06 29.14 -30.29
CA GLN B 67 -28.27 27.80 -29.78
C GLN B 67 -27.07 27.30 -28.97
N ALA B 68 -27.34 26.70 -27.83
CA ALA B 68 -26.38 26.01 -27.00
C ALA B 68 -26.08 24.59 -27.48
N ASN B 69 -24.95 24.06 -27.05
CA ASN B 69 -24.58 22.66 -27.00
C ASN B 69 -24.08 22.34 -25.58
N TRP B 70 -23.79 21.08 -25.28
CA TRP B 70 -23.37 20.64 -23.94
C TRP B 70 -22.20 21.44 -23.37
N LEU B 71 -21.31 21.91 -24.25
CA LEU B 71 -20.10 22.65 -23.94
C LEU B 71 -20.30 24.16 -23.80
N SER B 72 -21.41 24.71 -24.33
CA SER B 72 -21.72 26.14 -24.30
C SER B 72 -21.97 26.65 -22.89
N VAL B 73 -22.19 25.75 -21.94
CA VAL B 73 -22.38 25.99 -20.51
C VAL B 73 -21.34 25.25 -19.67
N SER B 74 -20.18 24.94 -20.25
CA SER B 74 -19.08 24.33 -19.51
C SER B 74 -18.19 25.35 -18.80
N ASN B 75 -17.66 24.93 -17.65
CA ASN B 75 -16.86 25.73 -16.73
C ASN B 75 -17.58 26.98 -16.19
N ILE B 76 -18.92 26.98 -16.13
CA ILE B 76 -19.70 28.08 -15.55
C ILE B 76 -20.26 27.79 -14.15
N ILE B 77 -20.41 26.54 -13.70
CA ILE B 77 -21.09 26.25 -12.43
C ILE B 77 -20.44 26.90 -11.20
N GLN B 78 -19.13 27.13 -11.22
CA GLN B 78 -18.37 27.76 -10.14
C GLN B 78 -18.23 29.28 -10.26
N LEU B 79 -18.72 29.88 -11.35
CA LEU B 79 -18.69 31.31 -11.61
C LEU B 79 -19.93 32.02 -11.04
N GLY B 80 -19.72 33.17 -10.40
CA GLY B 80 -20.81 34.06 -10.04
C GLY B 80 -21.39 34.85 -11.20
N GLY B 81 -22.34 35.71 -10.92
CA GLY B 81 -23.03 36.52 -11.90
C GLY B 81 -23.80 35.67 -12.91
N THR B 82 -23.75 36.03 -14.20
CA THR B 82 -24.33 35.19 -15.25
C THR B 82 -23.63 35.42 -16.57
N ILE B 83 -23.13 34.35 -17.18
CA ILE B 83 -22.34 34.39 -18.42
C ILE B 83 -23.13 34.85 -19.65
N ILE B 84 -24.45 34.77 -19.61
CA ILE B 84 -25.33 35.31 -20.65
C ILE B 84 -25.70 36.78 -20.43
N GLY B 85 -25.50 37.31 -19.22
CA GLY B 85 -25.77 38.70 -18.86
C GLY B 85 -27.24 39.04 -18.71
N SER B 86 -27.56 40.06 -17.90
CA SER B 86 -28.92 40.30 -17.41
C SER B 86 -29.34 41.77 -17.41
N ALA B 87 -29.13 42.45 -18.53
CA ALA B 87 -29.53 43.85 -18.72
C ALA B 87 -31.05 44.07 -18.53
N ARG B 88 -31.41 45.20 -17.89
CA ARG B 88 -32.78 45.76 -17.81
C ARG B 88 -33.29 46.16 -19.19
N CYS B 89 -34.60 46.21 -19.39
CA CYS B 89 -35.17 46.50 -20.70
C CYS B 89 -36.54 47.20 -20.62
N LYS B 90 -36.54 48.52 -20.46
CA LYS B 90 -37.77 49.32 -20.49
C LYS B 90 -38.56 49.11 -21.78
N ALA B 91 -37.90 48.77 -22.89
CA ALA B 91 -38.58 48.47 -24.15
C ALA B 91 -39.54 47.27 -24.05
N PHE B 92 -39.23 46.23 -23.30
CA PHE B 92 -40.10 45.07 -23.06
C PHE B 92 -41.28 45.39 -22.12
N THR B 93 -41.14 46.42 -21.28
CA THR B 93 -42.25 47.02 -20.52
C THR B 93 -43.23 47.79 -21.42
N THR B 94 -42.90 48.00 -22.69
CA THR B 94 -43.79 48.54 -23.73
C THR B 94 -44.18 47.45 -24.74
N ARG B 95 -45.41 47.49 -25.24
CA ARG B 95 -45.91 46.49 -26.19
C ARG B 95 -45.20 46.52 -27.55
N GLU B 96 -44.61 47.64 -27.91
CA GLU B 96 -43.79 47.80 -29.12
C GLU B 96 -42.47 47.03 -29.05
N GLY B 97 -41.86 46.88 -27.87
CA GLY B 97 -40.76 45.96 -27.65
C GLY B 97 -41.28 44.54 -27.48
N ARG B 98 -42.33 44.34 -26.69
CA ARG B 98 -42.93 43.04 -26.41
C ARG B 98 -43.39 42.29 -27.67
N ARG B 99 -43.88 42.97 -28.70
CA ARG B 99 -44.21 42.33 -29.99
C ARG B 99 -42.98 41.89 -30.77
N ALA B 100 -41.88 42.64 -30.69
CA ALA B 100 -40.60 42.28 -31.28
C ALA B 100 -39.93 41.12 -30.54
N ALA B 101 -40.08 41.06 -29.22
CA ALA B 101 -39.68 39.91 -28.42
C ALA B 101 -40.39 38.62 -28.86
N ALA B 102 -41.70 38.69 -29.17
CA ALA B 102 -42.43 37.57 -29.76
C ALA B 102 -41.88 37.19 -31.14
N TYR B 103 -41.66 38.17 -32.01
CA TYR B 103 -41.09 37.97 -33.35
C TYR B 103 -39.73 37.28 -33.31
N ASN B 104 -38.83 37.70 -32.42
CA ASN B 104 -37.50 37.12 -32.35
C ASN B 104 -37.53 35.65 -31.91
N LEU B 105 -38.43 35.28 -31.00
CA LEU B 105 -38.60 33.88 -30.59
C LEU B 105 -39.14 33.04 -31.74
N VAL B 106 -40.21 33.47 -32.41
CA VAL B 106 -40.84 32.71 -33.51
C VAL B 106 -40.03 32.72 -34.80
N GLN B 107 -39.09 33.65 -34.98
CA GLN B 107 -38.02 33.57 -35.98
C GLN B 107 -37.09 32.37 -35.74
N HIS B 108 -36.57 32.19 -34.52
CA HIS B 108 -35.77 31.02 -34.14
C HIS B 108 -36.60 29.76 -33.86
N GLY B 109 -37.92 29.90 -33.82
CA GLY B 109 -38.88 28.85 -33.54
C GLY B 109 -39.02 28.50 -32.06
N ILE B 110 -38.53 29.35 -31.17
CA ILE B 110 -38.53 29.13 -29.72
C ILE B 110 -39.97 29.23 -29.19
N THR B 111 -40.40 28.19 -28.49
CA THR B 111 -41.80 27.96 -28.11
C THR B 111 -41.98 27.86 -26.59
N ASN B 112 -40.89 27.61 -25.89
CA ASN B 112 -40.82 27.50 -24.43
C ASN B 112 -39.73 28.44 -23.97
N LEU B 113 -39.87 29.06 -22.82
CA LEU B 113 -38.94 30.07 -22.35
C LEU B 113 -38.79 29.97 -20.83
N CYS B 114 -37.58 29.73 -20.37
CA CYS B 114 -37.21 29.75 -18.98
C CYS B 114 -36.71 31.14 -18.62
N VAL B 115 -37.29 31.78 -17.60
CA VAL B 115 -36.82 33.07 -17.10
C VAL B 115 -36.25 32.89 -15.72
N ILE B 116 -34.97 33.25 -15.54
CA ILE B 116 -34.32 33.27 -14.24
C ILE B 116 -34.24 34.71 -13.74
N GLY B 117 -34.99 35.09 -12.73
CA GLY B 117 -35.07 36.47 -12.27
C GLY B 117 -36.00 36.69 -11.10
N GLY B 118 -36.09 37.90 -10.59
CA GLY B 118 -36.98 38.31 -9.51
C GLY B 118 -38.44 38.57 -9.91
N ASP B 119 -39.22 39.19 -9.02
CA ASP B 119 -40.67 39.32 -9.21
C ASP B 119 -41.08 40.23 -10.39
N GLY B 120 -40.29 41.23 -10.73
CA GLY B 120 -40.53 42.08 -11.90
C GLY B 120 -40.29 41.34 -13.20
N SER B 121 -39.12 40.74 -13.33
CA SER B 121 -38.73 39.98 -14.51
C SER B 121 -39.60 38.75 -14.76
N LEU B 122 -40.18 38.16 -13.72
CA LEU B 122 -41.16 37.10 -13.84
C LEU B 122 -42.54 37.62 -14.24
N THR B 123 -42.96 38.81 -13.76
CA THR B 123 -44.24 39.42 -14.16
C THR B 123 -44.26 39.69 -15.65
N GLY B 124 -43.19 40.28 -16.18
CA GLY B 124 -43.04 40.48 -17.61
C GLY B 124 -43.19 39.21 -18.45
N ALA B 125 -42.79 38.04 -17.95
CA ALA B 125 -43.01 36.76 -18.64
C ALA B 125 -44.48 36.31 -18.57
N ASN B 126 -45.13 36.52 -17.43
CA ASN B 126 -46.54 36.20 -17.18
C ASN B 126 -47.47 36.92 -18.18
N ILE B 127 -47.16 38.19 -18.43
CA ILE B 127 -47.83 39.09 -19.38
C ILE B 127 -47.60 38.60 -20.80
N PHE B 128 -46.36 38.29 -21.12
CA PHE B 128 -45.93 37.86 -22.45
C PHE B 128 -46.54 36.51 -22.88
N ARG B 129 -47.05 35.69 -21.96
CA ARG B 129 -48.00 34.61 -22.27
C ARG B 129 -49.42 35.13 -22.45
N SER B 130 -49.90 35.90 -21.49
CA SER B 130 -51.28 36.35 -21.37
C SER B 130 -51.78 37.04 -22.64
N GLU B 131 -50.89 37.66 -23.42
CA GLU B 131 -51.23 38.26 -24.71
C GLU B 131 -50.47 37.68 -25.90
N TRP B 132 -49.73 36.57 -25.75
CA TRP B 132 -48.87 35.99 -26.80
C TRP B 132 -49.55 35.85 -28.16
N GLY B 133 -50.73 35.23 -28.19
CA GLY B 133 -51.47 34.95 -29.42
C GLY B 133 -51.87 36.21 -30.18
N SER B 134 -52.02 37.34 -29.48
CA SER B 134 -52.31 38.65 -30.08
C SER B 134 -51.06 39.34 -30.65
N LEU B 135 -49.87 39.06 -30.10
CA LEU B 135 -48.59 39.50 -30.67
C LEU B 135 -48.30 38.70 -31.96
N LEU B 136 -48.52 37.40 -31.92
CA LEU B 136 -48.46 36.51 -33.09
C LEU B 136 -49.45 36.95 -34.19
N GLU B 137 -50.67 37.33 -33.80
CA GLU B 137 -51.70 37.84 -34.72
C GLU B 137 -51.27 39.12 -35.44
N GLU B 138 -50.64 40.06 -34.72
CA GLU B 138 -50.14 41.30 -35.31
C GLU B 138 -48.98 41.06 -36.28
N LEU B 139 -48.10 40.10 -35.99
CA LEU B 139 -46.99 39.72 -36.86
C LEU B 139 -47.47 39.04 -38.16
N VAL B 140 -48.55 38.27 -38.10
CA VAL B 140 -49.29 37.80 -39.29
C VAL B 140 -49.98 38.95 -40.01
N ALA B 141 -50.64 39.86 -39.30
CA ALA B 141 -51.41 40.94 -39.92
C ALA B 141 -50.52 41.88 -40.74
N GLU B 142 -49.28 42.15 -40.28
CA GLU B 142 -48.27 42.91 -41.05
C GLU B 142 -47.39 42.03 -41.97
N GLY B 143 -47.56 40.70 -41.97
CA GLY B 143 -46.99 39.80 -42.96
C GLY B 143 -45.53 39.37 -42.73
N LYS B 144 -44.96 39.58 -41.54
CA LYS B 144 -43.59 39.13 -41.23
C LYS B 144 -43.48 37.60 -41.16
N ILE B 145 -44.57 36.93 -40.81
CA ILE B 145 -44.66 35.48 -40.64
C ILE B 145 -45.99 34.96 -41.21
N SER B 146 -46.01 33.70 -41.64
CA SER B 146 -47.19 33.05 -42.23
C SER B 146 -48.15 32.49 -41.18
N GLU B 147 -49.44 32.38 -41.50
CA GLU B 147 -50.47 31.85 -40.59
C GLU B 147 -50.13 30.47 -40.00
N THR B 148 -49.55 29.57 -40.79
CA THR B 148 -49.11 28.25 -40.32
C THR B 148 -48.14 28.33 -39.14
N THR B 149 -47.22 29.30 -39.18
CA THR B 149 -46.29 29.53 -38.08
C THR B 149 -47.03 30.04 -36.85
N ALA B 150 -48.00 30.94 -37.00
CA ALA B 150 -48.79 31.47 -35.89
C ALA B 150 -49.75 30.45 -35.27
N ARG B 151 -50.20 29.46 -36.05
CA ARG B 151 -50.89 28.26 -35.56
C ARG B 151 -49.94 27.25 -34.90
N THR B 152 -48.66 27.23 -35.25
CA THR B 152 -47.64 26.35 -34.65
C THR B 152 -47.15 26.92 -33.32
N TYR B 153 -46.54 28.11 -33.36
CA TYR B 153 -46.05 28.89 -32.23
C TYR B 153 -47.18 29.68 -31.55
N SER B 154 -48.36 29.06 -31.39
CA SER B 154 -49.58 29.74 -30.92
C SER B 154 -49.65 29.95 -29.42
N HIS B 155 -48.74 29.34 -28.66
CA HIS B 155 -48.65 29.44 -27.21
C HIS B 155 -47.18 29.50 -26.78
N LEU B 156 -46.93 30.23 -25.70
CA LEU B 156 -45.64 30.32 -25.03
C LEU B 156 -45.74 29.64 -23.68
N ASN B 157 -44.82 28.75 -23.35
CA ASN B 157 -44.70 28.21 -22.00
C ASN B 157 -43.61 28.96 -21.25
N ILE B 158 -43.94 29.46 -20.07
CA ILE B 158 -42.96 30.04 -19.16
C ILE B 158 -42.77 29.11 -17.98
N ALA B 159 -41.51 28.82 -17.66
CA ALA B 159 -41.12 28.41 -16.33
C ALA B 159 -40.26 29.51 -15.72
N GLY B 160 -40.65 29.94 -14.53
CA GLY B 160 -39.91 30.89 -13.74
C GLY B 160 -38.95 30.19 -12.79
N LEU B 161 -37.71 30.60 -12.81
CA LEU B 161 -36.70 30.30 -11.81
C LEU B 161 -36.46 31.58 -11.01
N VAL B 162 -36.71 31.59 -9.70
CA VAL B 162 -36.60 32.82 -8.93
C VAL B 162 -35.17 33.07 -8.53
N GLY B 163 -34.43 33.81 -9.33
CA GLY B 163 -33.07 34.28 -9.06
C GLY B 163 -33.04 35.66 -8.44
N SER B 164 -32.53 35.78 -7.23
CA SER B 164 -32.46 37.03 -6.46
C SER B 164 -31.65 36.82 -5.20
N ILE B 165 -30.85 37.77 -4.77
CA ILE B 165 -30.18 37.69 -3.47
C ILE B 165 -31.09 38.03 -2.29
N ASP B 166 -32.16 38.81 -2.50
CA ASP B 166 -33.03 39.35 -1.45
C ASP B 166 -33.91 38.31 -0.74
N ASN B 167 -34.23 37.20 -1.40
CA ASN B 167 -35.27 36.26 -0.95
C ASN B 167 -36.66 36.90 -0.89
N ASP B 168 -36.89 37.87 -1.76
CA ASP B 168 -38.03 38.78 -1.82
C ASP B 168 -39.35 38.12 -2.23
N PHE B 169 -39.35 36.83 -2.58
CA PHE B 169 -40.46 36.17 -3.26
C PHE B 169 -41.20 35.19 -2.35
N CYS B 170 -42.52 35.33 -2.24
CA CYS B 170 -43.29 34.76 -1.14
C CYS B 170 -43.69 33.28 -1.28
N GLY B 171 -43.67 32.69 -2.47
CA GLY B 171 -43.91 31.26 -2.62
C GLY B 171 -42.75 30.33 -2.25
N THR B 172 -41.67 30.81 -1.64
CA THR B 172 -40.39 30.07 -1.65
C THR B 172 -39.59 30.27 -0.38
N ASP B 173 -38.86 29.25 0.07
CA ASP B 173 -37.95 29.38 1.21
C ASP B 173 -36.60 30.01 0.85
N MET B 174 -36.02 29.67 -0.30
CA MET B 174 -34.78 30.25 -0.83
C MET B 174 -34.90 30.55 -2.32
N THR B 175 -34.79 31.82 -2.72
CA THR B 175 -34.51 32.21 -4.10
C THR B 175 -33.05 31.87 -4.43
N ILE B 176 -32.77 31.54 -5.68
CA ILE B 176 -31.41 31.26 -6.17
C ILE B 176 -30.56 32.51 -5.96
N GLY B 177 -29.54 32.41 -5.10
CA GLY B 177 -28.57 33.46 -4.82
C GLY B 177 -28.47 33.87 -3.37
N THR B 178 -29.49 33.58 -2.57
CA THR B 178 -29.63 34.17 -1.25
C THR B 178 -28.70 33.52 -0.22
N ASP B 179 -28.34 32.24 -0.36
CA ASP B 179 -27.33 31.61 0.51
C ASP B 179 -25.91 32.11 0.19
N SER B 180 -25.59 32.31 -1.08
CA SER B 180 -24.30 32.87 -1.49
C SER B 180 -24.12 34.33 -1.08
N ALA B 181 -25.17 35.14 -1.17
CA ALA B 181 -25.17 36.47 -0.61
C ALA B 181 -24.98 36.44 0.90
N LEU B 182 -25.53 35.46 1.61
CA LEU B 182 -25.21 35.28 3.02
C LEU B 182 -23.77 34.82 3.24
N HIS B 183 -23.15 34.00 2.40
CA HIS B 183 -21.71 33.73 2.43
C HIS B 183 -20.89 35.00 2.27
N ARG B 184 -21.25 35.88 1.32
CA ARG B 184 -20.60 37.19 1.17
C ARG B 184 -20.74 38.06 2.41
N ILE B 185 -21.91 38.14 3.03
CA ILE B 185 -22.10 38.94 4.25
C ILE B 185 -21.34 38.34 5.42
N MET B 186 -21.38 37.02 5.61
CA MET B 186 -20.71 36.37 6.72
C MET B 186 -19.20 36.37 6.58
N GLU B 187 -18.65 36.40 5.36
CA GLU B 187 -17.23 36.67 5.09
C GLU B 187 -16.84 38.08 5.53
N VAL B 188 -17.68 39.09 5.27
CA VAL B 188 -17.45 40.47 5.69
C VAL B 188 -17.62 40.67 7.20
N ILE B 189 -18.53 39.97 7.86
CA ILE B 189 -18.65 40.04 9.32
C ILE B 189 -17.52 39.25 9.99
N ASP B 190 -17.10 38.10 9.47
CA ASP B 190 -15.89 37.40 9.92
C ASP B 190 -14.63 38.25 9.73
N ALA B 191 -14.61 39.18 8.78
CA ALA B 191 -13.59 40.21 8.73
C ALA B 191 -13.82 41.24 9.85
N ILE B 192 -14.92 41.96 9.85
CA ILE B 192 -15.18 43.11 10.72
C ILE B 192 -15.19 42.75 12.20
N THR B 193 -15.52 41.52 12.57
CA THR B 193 -15.45 41.08 13.97
C THR B 193 -14.04 41.17 14.54
N THR B 194 -12.99 40.91 13.76
CA THR B 194 -11.62 40.91 14.30
C THR B 194 -11.07 42.31 14.59
N THR B 195 -11.39 43.28 13.75
CA THR B 195 -10.98 44.69 13.91
C THR B 195 -11.88 45.46 14.87
N ALA B 196 -13.16 45.09 14.95
CA ALA B 196 -14.09 45.61 15.93
C ALA B 196 -13.80 45.05 17.33
N GLN B 197 -13.46 43.77 17.45
CA GLN B 197 -13.07 43.18 18.71
C GLN B 197 -11.77 43.79 19.23
N SER B 198 -10.73 43.99 18.42
CA SER B 198 -9.45 44.49 18.94
C SER B 198 -9.58 45.91 19.51
N HIS B 199 -10.26 46.81 18.80
CA HIS B 199 -10.52 48.21 19.16
C HIS B 199 -11.74 48.44 20.06
N GLN B 200 -12.54 47.42 20.34
CA GLN B 200 -13.82 47.50 21.06
C GLN B 200 -14.89 48.37 20.37
N ARG B 201 -14.98 48.35 19.04
CA ARG B 201 -15.86 49.23 18.24
C ARG B 201 -17.23 48.63 17.94
N THR B 202 -18.22 49.50 17.79
CA THR B 202 -19.53 49.16 17.22
C THR B 202 -19.51 49.34 15.70
N PHE B 203 -20.02 48.38 14.95
CA PHE B 203 -20.18 48.52 13.50
C PHE B 203 -21.64 48.52 13.11
N VAL B 204 -22.05 49.53 12.36
CA VAL B 204 -23.29 49.51 11.58
C VAL B 204 -22.99 48.87 10.22
N LEU B 205 -23.54 47.71 9.94
CA LEU B 205 -23.43 46.99 8.68
C LEU B 205 -24.69 47.19 7.87
N GLU B 206 -24.62 47.75 6.67
CA GLU B 206 -25.78 47.91 5.80
C GLU B 206 -25.77 46.82 4.73
N VAL B 207 -26.89 46.10 4.54
CA VAL B 207 -27.02 44.94 3.66
C VAL B 207 -28.17 45.07 2.66
N MET B 208 -28.06 44.45 1.49
CA MET B 208 -28.96 44.59 0.33
C MET B 208 -30.35 43.93 0.49
N GLY B 209 -31.08 44.19 1.58
CA GLY B 209 -32.50 43.90 1.72
C GLY B 209 -33.35 45.05 1.21
N ARG B 210 -33.72 45.06 -0.08
CA ARG B 210 -34.22 46.24 -0.80
C ARG B 210 -35.55 46.72 -0.25
N HIS B 211 -36.50 45.80 -0.20
CA HIS B 211 -37.78 45.88 0.52
C HIS B 211 -38.00 44.64 1.41
N CYS B 212 -37.12 43.64 1.33
CA CYS B 212 -37.17 42.38 2.03
C CYS B 212 -36.06 42.28 3.07
N GLY B 213 -36.37 42.04 4.34
CA GLY B 213 -35.39 41.95 5.41
C GLY B 213 -34.71 40.61 5.60
N TYR B 214 -34.80 39.67 4.65
CA TYR B 214 -34.29 38.32 4.85
C TYR B 214 -32.79 38.33 5.09
N LEU B 215 -32.01 38.92 4.17
CA LEU B 215 -30.56 39.01 4.29
C LEU B 215 -30.12 39.66 5.60
N ALA B 216 -30.83 40.70 6.06
CA ALA B 216 -30.52 41.37 7.31
C ALA B 216 -30.84 40.50 8.53
N LEU B 217 -32.03 39.91 8.60
CA LEU B 217 -32.41 39.06 9.73
C LEU B 217 -31.52 37.83 9.83
N VAL B 218 -31.34 37.13 8.72
CA VAL B 218 -30.62 35.87 8.70
C VAL B 218 -29.15 36.10 9.03
N SER B 219 -28.50 37.10 8.45
CA SER B 219 -27.11 37.44 8.82
C SER B 219 -26.96 38.06 10.19
N ALA B 220 -27.97 38.72 10.76
CA ALA B 220 -27.94 39.16 12.16
C ALA B 220 -27.98 38.00 13.14
N LEU B 221 -28.89 37.06 12.90
CA LEU B 221 -29.04 35.85 13.66
C LEU B 221 -27.80 34.95 13.55
N ALA B 222 -27.22 34.83 12.36
CA ALA B 222 -25.97 34.09 12.10
C ALA B 222 -24.70 34.76 12.64
N SER B 223 -24.71 36.05 12.97
CA SER B 223 -23.52 36.77 13.48
C SER B 223 -23.62 37.18 14.95
N GLY B 224 -24.77 36.98 15.59
CA GLY B 224 -24.99 37.40 16.96
C GLY B 224 -25.18 38.91 17.08
N ALA B 225 -25.67 39.57 16.04
CA ALA B 225 -25.83 41.02 16.01
C ALA B 225 -26.75 41.54 17.13
N ASP B 226 -26.29 42.60 17.80
CA ASP B 226 -26.91 43.18 19.00
C ASP B 226 -28.21 43.93 18.72
N TRP B 227 -28.38 44.43 17.50
CA TRP B 227 -29.60 45.06 17.02
C TRP B 227 -29.77 44.81 15.54
N LEU B 228 -31.00 44.93 15.07
CA LEU B 228 -31.43 44.61 13.72
C LEU B 228 -32.51 45.61 13.28
N PHE B 229 -32.50 45.96 12.00
CA PHE B 229 -33.51 46.81 11.38
C PHE B 229 -34.01 46.16 10.11
N ILE B 230 -35.23 45.63 10.14
CA ILE B 230 -35.88 45.02 8.99
C ILE B 230 -37.19 45.78 8.69
N PRO B 231 -37.54 46.02 7.42
CA PRO B 231 -38.71 46.82 7.09
C PRO B 231 -40.04 46.10 7.40
N GLU B 232 -40.08 44.77 7.51
CA GLU B 232 -41.26 44.04 7.98
C GLU B 232 -41.46 44.08 9.50
N ALA B 233 -40.51 44.55 10.30
CA ALA B 233 -40.73 44.73 11.74
C ALA B 233 -40.04 46.00 12.26
N PRO B 234 -40.50 47.20 11.85
CA PRO B 234 -39.90 48.46 12.25
C PRO B 234 -39.90 48.66 13.77
N PRO B 235 -38.91 49.36 14.34
CA PRO B 235 -38.86 49.55 15.78
C PRO B 235 -39.96 50.49 16.27
N GLU B 236 -40.60 50.11 17.36
CA GLU B 236 -41.63 50.87 18.06
C GLU B 236 -41.11 52.17 18.66
N ASP B 237 -41.99 53.12 18.97
CA ASP B 237 -41.60 54.49 19.34
C ASP B 237 -40.72 54.55 20.61
N GLY B 238 -39.71 55.44 20.58
CA GLY B 238 -38.70 55.59 21.62
C GLY B 238 -37.60 54.51 21.65
N TRP B 239 -37.48 53.71 20.59
CA TRP B 239 -36.54 52.58 20.48
C TRP B 239 -35.08 52.96 20.71
N GLU B 240 -34.71 54.22 20.49
CA GLU B 240 -33.37 54.72 20.72
C GLU B 240 -32.91 54.51 22.16
N ASN B 241 -33.86 54.53 23.11
CA ASN B 241 -33.59 54.17 24.50
C ASN B 241 -33.25 52.69 24.61
N PHE B 242 -34.12 51.82 24.08
CA PHE B 242 -33.98 50.37 24.16
C PHE B 242 -32.77 49.82 23.39
N MET B 243 -32.42 50.44 22.27
CA MET B 243 -31.16 50.15 21.60
C MET B 243 -29.97 50.56 22.46
N CYS B 244 -29.96 51.76 23.02
CA CYS B 244 -28.83 52.18 23.84
C CYS B 244 -28.72 51.41 25.18
N GLU B 245 -29.83 50.89 25.70
CA GLU B 245 -29.83 49.89 26.77
C GLU B 245 -29.28 48.53 26.31
N ARG B 246 -29.66 48.01 25.13
CA ARG B 246 -29.19 46.69 24.64
C ARG B 246 -27.71 46.68 24.29
N LEU B 247 -27.22 47.74 23.67
CA LEU B 247 -25.80 47.93 23.37
C LEU B 247 -25.00 48.10 24.66
N GLY B 248 -25.54 48.84 25.62
CA GLY B 248 -24.99 48.92 26.98
C GLY B 248 -24.92 47.55 27.68
N GLU B 249 -26.02 46.79 27.71
CA GLU B 249 -26.15 45.53 28.44
C GLU B 249 -25.11 44.50 27.99
N THR B 250 -25.10 44.10 26.72
CA THR B 250 -24.17 43.07 26.22
C THR B 250 -22.72 43.42 26.49
N ARG B 251 -22.36 44.69 26.29
CA ARG B 251 -20.99 45.20 26.47
C ARG B 251 -20.63 45.45 27.94
N SER B 252 -21.61 45.57 28.82
CA SER B 252 -21.43 45.51 30.28
C SER B 252 -21.30 44.05 30.76
N ARG B 253 -22.05 43.12 30.16
CA ARG B 253 -22.01 41.67 30.32
C ARG B 253 -20.80 41.01 29.63
N GLY B 254 -19.63 41.65 29.73
CA GLY B 254 -18.33 41.09 29.35
C GLY B 254 -18.00 41.10 27.86
N SER B 255 -18.92 41.51 26.98
CA SER B 255 -18.59 41.69 25.55
C SER B 255 -17.76 42.96 25.31
N ARG B 256 -17.48 43.25 24.04
CA ARG B 256 -16.37 44.09 23.61
C ARG B 256 -16.68 44.88 22.35
N LEU B 257 -17.09 44.23 21.27
CA LEU B 257 -17.66 44.85 20.08
C LEU B 257 -19.20 44.85 20.16
N ASN B 258 -19.85 45.56 19.24
CA ASN B 258 -21.24 45.29 18.86
C ASN B 258 -21.36 45.32 17.34
N ILE B 259 -22.19 44.47 16.76
CA ILE B 259 -22.58 44.52 15.35
C ILE B 259 -24.04 44.95 15.31
N ILE B 260 -24.37 45.94 14.48
CA ILE B 260 -25.73 46.39 14.19
C ILE B 260 -26.02 46.12 12.73
N ILE B 261 -26.98 45.26 12.40
CA ILE B 261 -27.33 45.03 10.99
C ILE B 261 -28.50 45.93 10.63
N ILE B 262 -28.38 46.69 9.55
CA ILE B 262 -29.46 47.49 8.98
C ILE B 262 -29.73 47.08 7.55
N ALA B 263 -30.96 46.71 7.21
CA ALA B 263 -31.31 46.52 5.81
C ALA B 263 -31.26 47.88 5.09
N GLU B 264 -30.83 47.93 3.84
CA GLU B 264 -30.85 49.18 3.05
C GLU B 264 -32.27 49.79 2.99
N GLY B 265 -33.28 48.93 2.97
CA GLY B 265 -34.69 49.29 2.92
C GLY B 265 -35.36 49.61 4.24
N ALA B 266 -34.62 49.67 5.35
CA ALA B 266 -35.19 49.85 6.68
C ALA B 266 -35.97 51.16 6.85
N ILE B 267 -37.11 51.05 7.55
CA ILE B 267 -38.08 52.11 7.87
C ILE B 267 -38.35 52.12 9.37
N ASP B 268 -38.81 53.24 9.91
CA ASP B 268 -39.38 53.31 11.27
C ASP B 268 -40.86 52.89 11.27
N ARG B 269 -41.51 52.90 12.45
CA ARG B 269 -42.93 52.54 12.62
C ARG B 269 -43.91 53.41 11.83
N ASN B 270 -43.47 54.55 11.30
CA ASN B 270 -44.29 55.46 10.50
C ASN B 270 -44.06 55.25 8.99
N GLY B 271 -43.15 54.37 8.60
CA GLY B 271 -42.80 54.08 7.22
C GLY B 271 -41.74 55.00 6.62
N LYS B 272 -41.09 55.84 7.43
CA LYS B 272 -40.07 56.80 6.97
C LYS B 272 -38.66 56.22 7.15
N PRO B 273 -37.77 56.40 6.17
CA PRO B 273 -36.54 55.60 6.09
C PRO B 273 -35.56 55.91 7.21
N ILE B 274 -34.89 54.88 7.74
CA ILE B 274 -33.85 55.04 8.75
C ILE B 274 -32.49 54.75 8.11
N SER B 275 -31.55 55.68 8.22
CA SER B 275 -30.23 55.56 7.61
C SER B 275 -29.22 54.95 8.57
N SER B 276 -28.25 54.25 8.02
CA SER B 276 -27.08 53.75 8.75
C SER B 276 -26.28 54.88 9.41
N SER B 277 -26.20 56.05 8.75
CA SER B 277 -25.69 57.28 9.34
C SER B 277 -26.44 57.73 10.60
N TYR B 278 -27.78 57.69 10.61
CA TYR B 278 -28.56 58.06 11.80
C TYR B 278 -28.30 57.08 12.95
N VAL B 279 -28.15 55.79 12.66
CA VAL B 279 -27.78 54.80 13.67
C VAL B 279 -26.38 55.08 14.23
N LYS B 280 -25.39 55.39 13.39
CA LYS B 280 -24.03 55.69 13.84
C LYS B 280 -24.00 56.91 14.75
N ASP B 281 -24.62 58.01 14.31
CA ASP B 281 -24.75 59.25 15.06
C ASP B 281 -25.44 59.02 16.41
N LEU B 282 -26.49 58.20 16.45
CA LEU B 282 -27.23 57.91 17.66
C LEU B 282 -26.37 57.20 18.71
N VAL B 283 -25.65 56.15 18.30
CA VAL B 283 -24.76 55.37 19.18
C VAL B 283 -23.66 56.25 19.76
N VAL B 284 -22.98 57.01 18.90
CA VAL B 284 -21.94 57.95 19.34
C VAL B 284 -22.50 58.94 20.35
N GLN B 285 -23.61 59.60 20.04
CA GLN B 285 -24.16 60.68 20.85
C GLN B 285 -24.86 60.25 22.14
N ARG B 286 -25.25 58.98 22.28
CA ARG B 286 -26.02 58.46 23.41
C ARG B 286 -25.34 57.34 24.21
N LEU B 287 -24.21 56.81 23.72
CA LEU B 287 -23.36 55.84 24.42
C LEU B 287 -21.87 56.19 24.45
N GLY B 288 -21.38 57.09 23.60
CA GLY B 288 -19.97 57.47 23.60
C GLY B 288 -19.01 56.36 23.14
N PHE B 289 -19.55 55.28 22.56
CA PHE B 289 -18.80 54.18 21.98
C PHE B 289 -18.19 54.60 20.63
N ASP B 290 -16.94 54.24 20.40
CA ASP B 290 -16.30 54.36 19.09
C ASP B 290 -17.04 53.48 18.06
N THR B 291 -17.52 54.07 16.98
CA THR B 291 -18.50 53.45 16.07
C THR B 291 -18.16 53.73 14.61
N ARG B 292 -18.37 52.75 13.73
CA ARG B 292 -18.15 52.84 12.29
C ARG B 292 -19.36 52.36 11.50
N VAL B 293 -19.45 52.71 10.24
CA VAL B 293 -20.49 52.28 9.31
C VAL B 293 -19.85 51.69 8.08
N THR B 294 -20.15 50.43 7.77
CA THR B 294 -19.78 49.79 6.52
C THR B 294 -21.02 49.58 5.67
N VAL B 295 -21.17 50.37 4.62
CA VAL B 295 -22.13 50.05 3.56
C VAL B 295 -21.49 48.97 2.70
N LEU B 296 -21.62 47.74 3.17
CA LEU B 296 -21.31 46.53 2.42
C LEU B 296 -22.19 46.51 1.18
N GLY B 297 -21.59 46.71 0.01
CA GLY B 297 -22.28 46.86 -1.27
C GLY B 297 -22.26 45.59 -2.09
N HIS B 298 -22.24 45.73 -3.42
CA HIS B 298 -22.36 44.67 -4.43
C HIS B 298 -21.34 43.54 -4.38
N VAL B 299 -20.41 43.55 -3.42
CA VAL B 299 -19.76 42.33 -2.93
C VAL B 299 -20.79 41.23 -2.67
N GLN B 300 -21.97 41.57 -2.13
CA GLN B 300 -23.10 40.66 -1.88
C GLN B 300 -23.62 39.95 -3.12
N ARG B 301 -23.51 40.54 -4.30
CA ARG B 301 -23.99 40.01 -5.58
C ARG B 301 -22.99 39.07 -6.25
N GLY B 302 -21.75 39.02 -5.76
CA GLY B 302 -20.63 38.43 -6.47
C GLY B 302 -19.95 37.25 -5.79
N GLY B 303 -18.86 36.84 -6.40
CA GLY B 303 -18.04 35.72 -5.97
C GLY B 303 -18.67 34.39 -6.37
N THR B 304 -17.99 33.30 -6.06
CA THR B 304 -18.47 31.96 -6.40
C THR B 304 -19.76 31.62 -5.65
N PRO B 305 -20.73 30.93 -6.29
CA PRO B 305 -21.88 30.41 -5.59
C PRO B 305 -21.51 29.34 -4.56
N SER B 306 -22.24 29.35 -3.44
CA SER B 306 -22.19 28.32 -2.42
C SER B 306 -22.70 26.98 -2.95
N ALA B 307 -22.38 25.89 -2.25
CA ALA B 307 -22.85 24.57 -2.62
C ALA B 307 -24.37 24.50 -2.68
N PHE B 308 -25.07 25.08 -1.73
CA PHE B 308 -26.51 25.12 -1.78
C PHE B 308 -27.04 25.85 -3.02
N ASP B 309 -26.48 26.99 -3.41
CA ASP B 309 -26.94 27.67 -4.62
C ASP B 309 -26.59 26.95 -5.92
N ARG B 310 -25.51 26.15 -5.99
CA ARG B 310 -25.24 25.30 -7.16
C ARG B 310 -26.18 24.11 -7.24
N ILE B 311 -26.37 23.40 -6.14
CA ILE B 311 -27.23 22.21 -6.06
C ILE B 311 -28.69 22.62 -6.23
N LEU B 312 -29.10 23.69 -5.57
CA LEU B 312 -30.44 24.23 -5.71
C LEU B 312 -30.69 24.66 -7.14
N SER B 313 -29.85 25.49 -7.74
CA SER B 313 -30.01 25.94 -9.13
C SER B 313 -30.01 24.79 -10.13
N SER B 314 -29.34 23.69 -9.81
CA SER B 314 -29.39 22.45 -10.60
C SER B 314 -30.74 21.76 -10.47
N LYS B 315 -31.26 21.55 -9.26
CA LYS B 315 -32.58 20.92 -9.07
C LYS B 315 -33.70 21.79 -9.60
N MET B 316 -33.64 23.09 -9.33
CA MET B 316 -34.58 24.07 -9.87
C MET B 316 -34.51 24.11 -11.40
N GLY B 317 -33.33 24.17 -11.99
CA GLY B 317 -33.13 24.22 -13.44
C GLY B 317 -33.58 22.97 -14.17
N MET B 318 -33.43 21.80 -13.55
CA MET B 318 -33.91 20.53 -14.07
C MET B 318 -35.44 20.48 -14.05
N GLU B 319 -36.06 20.88 -12.94
CA GLU B 319 -37.51 20.97 -12.84
C GLU B 319 -38.10 22.00 -13.79
N ALA B 320 -37.47 23.16 -13.99
CA ALA B 320 -37.93 24.16 -14.93
C ALA B 320 -38.01 23.65 -16.37
N VAL B 321 -37.08 22.79 -16.81
CA VAL B 321 -37.15 22.18 -18.14
C VAL B 321 -38.31 21.18 -18.25
N MET B 322 -38.53 20.37 -17.21
CA MET B 322 -39.67 19.47 -17.12
C MET B 322 -40.99 20.26 -17.13
N ALA B 323 -41.10 21.29 -16.31
CA ALA B 323 -42.27 22.14 -16.20
C ALA B 323 -42.61 22.79 -17.54
N LEU B 324 -41.63 23.15 -18.37
CA LEU B 324 -41.87 23.63 -19.73
C LEU B 324 -42.42 22.53 -20.64
N LEU B 325 -41.73 21.40 -20.77
CA LEU B 325 -42.07 20.40 -21.78
C LEU B 325 -43.38 19.64 -21.47
N GLU B 326 -43.77 19.55 -20.19
CA GLU B 326 -45.04 18.94 -19.77
C GLU B 326 -46.19 19.96 -19.55
N ALA B 327 -45.94 21.26 -19.65
CA ALA B 327 -47.00 22.30 -19.66
C ALA B 327 -47.93 22.22 -20.89
N THR B 328 -49.10 22.84 -20.77
CA THR B 328 -50.20 22.83 -21.74
C THR B 328 -50.80 24.23 -21.87
N PRO B 329 -51.53 24.57 -22.94
CA PRO B 329 -52.10 25.90 -23.09
C PRO B 329 -53.24 26.23 -22.11
N ASP B 330 -53.75 25.25 -21.37
CA ASP B 330 -54.67 25.40 -20.25
C ASP B 330 -54.01 25.17 -18.87
N THR B 331 -52.67 25.20 -18.80
CA THR B 331 -51.88 25.25 -17.57
C THR B 331 -51.48 26.71 -17.29
N PRO B 332 -51.63 27.22 -16.06
CA PRO B 332 -51.10 28.52 -15.68
C PRO B 332 -49.57 28.45 -15.58
N ALA B 333 -48.87 29.52 -15.93
CA ALA B 333 -47.41 29.54 -15.87
C ALA B 333 -46.91 29.21 -14.47
N CYS B 334 -45.73 28.61 -14.41
CA CYS B 334 -45.19 27.97 -13.22
C CYS B 334 -43.93 28.66 -12.73
N VAL B 335 -43.71 28.62 -11.43
CA VAL B 335 -42.47 28.97 -10.77
C VAL B 335 -42.01 27.74 -10.02
N VAL B 336 -40.74 27.40 -10.11
CA VAL B 336 -40.13 26.32 -9.34
C VAL B 336 -39.42 26.89 -8.11
N THR B 337 -39.60 26.22 -6.98
CA THR B 337 -39.42 26.76 -5.63
C THR B 337 -38.99 25.66 -4.66
N LEU B 338 -38.39 25.96 -3.50
CA LEU B 338 -38.40 25.02 -2.38
C LEU B 338 -39.74 25.02 -1.67
N SER B 339 -40.10 23.88 -1.10
CA SER B 339 -40.97 23.85 0.07
C SER B 339 -40.36 22.86 1.04
N GLY B 340 -39.39 23.31 1.83
CA GLY B 340 -38.53 22.45 2.63
C GLY B 340 -37.51 21.65 1.82
N ASN B 341 -37.29 20.41 2.26
CA ASN B 341 -36.34 19.42 1.76
C ASN B 341 -36.31 19.18 0.24
N GLN B 342 -37.39 19.50 -0.48
CA GLN B 342 -37.59 19.19 -1.89
C GLN B 342 -38.33 20.32 -2.61
N SER B 343 -38.22 20.30 -3.93
CA SER B 343 -38.83 21.28 -4.83
C SER B 343 -40.31 21.07 -5.02
N VAL B 344 -41.04 22.17 -5.16
CA VAL B 344 -42.43 22.23 -5.59
C VAL B 344 -42.59 23.28 -6.68
N ARG B 345 -43.70 23.18 -7.41
CA ARG B 345 -44.04 24.01 -8.57
C ARG B 345 -45.35 24.74 -8.29
N LEU B 346 -45.38 26.06 -8.46
CA LEU B 346 -46.48 26.94 -8.07
C LEU B 346 -46.94 27.85 -9.22
N PRO B 347 -48.19 28.33 -9.23
CA PRO B 347 -48.64 29.30 -10.21
C PRO B 347 -47.89 30.64 -10.09
N LEU B 348 -47.41 31.16 -11.21
CA LEU B 348 -46.71 32.44 -11.30
C LEU B 348 -47.60 33.60 -10.90
N MET B 349 -48.84 33.63 -11.38
CA MET B 349 -49.85 34.62 -10.99
C MET B 349 -49.95 34.76 -9.47
N GLU B 350 -50.15 33.65 -8.77
CA GLU B 350 -50.37 33.64 -7.32
C GLU B 350 -49.16 34.12 -6.55
N CYS B 351 -47.97 33.65 -6.91
CA CYS B 351 -46.73 34.00 -6.23
C CYS B 351 -46.33 35.47 -6.42
N VAL B 352 -46.55 36.03 -7.60
CA VAL B 352 -46.40 37.48 -7.85
C VAL B 352 -47.37 38.26 -6.97
N GLN B 353 -48.65 37.91 -6.95
CA GLN B 353 -49.65 38.63 -6.15
C GLN B 353 -49.41 38.52 -4.64
N MET B 354 -49.09 37.35 -4.13
CA MET B 354 -48.73 37.14 -2.73
C MET B 354 -47.45 37.90 -2.33
N THR B 355 -46.61 38.26 -3.30
CA THR B 355 -45.43 39.10 -3.10
C THR B 355 -45.80 40.59 -3.10
N LYS B 356 -46.63 41.06 -4.05
CA LYS B 356 -47.19 42.41 -4.10
C LYS B 356 -48.04 42.72 -2.86
N GLU B 357 -48.77 41.73 -2.35
CA GLU B 357 -49.55 41.82 -1.12
C GLU B 357 -48.69 42.07 0.13
N VAL B 358 -47.43 41.61 0.17
CA VAL B 358 -46.47 41.94 1.25
C VAL B 358 -45.97 43.38 1.16
N GLN B 359 -45.59 43.86 -0.02
CA GLN B 359 -45.17 45.26 -0.21
C GLN B 359 -46.29 46.23 0.18
N LYS B 360 -47.52 45.89 -0.19
CA LYS B 360 -48.74 46.61 0.16
C LYS B 360 -49.04 46.55 1.65
N ALA B 361 -48.91 45.39 2.30
CA ALA B 361 -49.06 45.30 3.77
C ALA B 361 -48.04 46.11 4.57
N MET B 362 -46.81 46.21 4.06
CA MET B 362 -45.72 46.94 4.68
C MET B 362 -45.90 48.46 4.56
N ASP B 363 -46.30 48.96 3.39
CA ASP B 363 -46.68 50.35 3.14
C ASP B 363 -47.94 50.75 3.91
N ASP B 364 -48.92 49.85 4.03
CA ASP B 364 -50.13 50.00 4.84
C ASP B 364 -49.91 49.92 6.35
N LYS B 365 -48.66 49.91 6.83
CA LYS B 365 -48.27 49.84 8.24
C LYS B 365 -48.76 48.60 8.99
N ARG B 366 -49.20 47.56 8.26
CA ARG B 366 -49.59 46.23 8.76
C ARG B 366 -48.35 45.33 8.88
N PHE B 367 -47.37 45.73 9.67
CA PHE B 367 -46.09 45.05 9.77
C PHE B 367 -46.18 43.58 10.22
N ASP B 368 -47.14 43.24 11.07
CA ASP B 368 -47.40 41.85 11.47
C ASP B 368 -47.95 40.98 10.33
N GLU B 369 -48.76 41.53 9.41
CA GLU B 369 -49.16 40.83 8.18
C GLU B 369 -47.95 40.65 7.26
N ALA B 370 -47.12 41.69 7.11
CA ALA B 370 -45.93 41.63 6.27
C ALA B 370 -44.96 40.52 6.72
N THR B 371 -44.77 40.40 8.02
CA THR B 371 -44.03 39.32 8.69
C THR B 371 -44.63 37.94 8.42
N GLN B 372 -45.92 37.73 8.75
CA GLN B 372 -46.59 36.44 8.57
C GLN B 372 -46.62 35.99 7.10
N LEU B 373 -46.78 36.94 6.17
CA LEU B 373 -46.96 36.66 4.74
C LEU B 373 -45.64 36.52 3.96
N ARG B 374 -44.49 36.98 4.49
CA ARG B 374 -43.17 36.64 3.90
C ARG B 374 -42.93 35.13 3.86
N GLY B 375 -43.42 34.40 4.86
CA GLY B 375 -43.37 32.95 4.96
C GLY B 375 -43.11 32.45 6.37
N GLY B 376 -43.37 31.16 6.58
CA GLY B 376 -43.07 30.49 7.85
C GLY B 376 -41.58 30.43 8.16
N SER B 377 -40.76 30.29 7.12
CA SER B 377 -39.31 30.38 7.20
C SER B 377 -38.84 31.77 7.60
N PHE B 378 -39.47 32.85 7.15
CA PHE B 378 -39.19 34.18 7.70
C PHE B 378 -39.61 34.29 9.16
N GLU B 379 -40.80 33.79 9.53
CA GLU B 379 -41.34 33.87 10.89
C GLU B 379 -40.52 33.08 11.93
N ASN B 380 -40.04 31.87 11.62
CA ASN B 380 -39.25 31.08 12.56
C ASN B 380 -37.88 31.71 12.82
N ASN B 381 -37.21 32.22 11.78
CA ASN B 381 -36.00 33.03 11.98
C ASN B 381 -36.30 34.27 12.83
N TRP B 382 -37.36 35.01 12.52
CA TRP B 382 -37.70 36.24 13.24
C TRP B 382 -38.05 35.99 14.71
N ASN B 383 -38.81 34.93 15.00
CA ASN B 383 -39.18 34.54 16.35
C ASN B 383 -37.96 34.09 17.16
N ILE B 384 -36.99 33.41 16.56
CA ILE B 384 -35.75 33.04 17.24
C ILE B 384 -34.81 34.24 17.45
N TYR B 385 -34.72 35.18 16.51
CA TYR B 385 -34.05 36.44 16.79
C TYR B 385 -34.75 37.22 17.90
N LYS B 386 -36.07 37.33 17.87
CA LYS B 386 -36.88 37.98 18.89
C LYS B 386 -36.78 37.30 20.26
N LEU B 387 -36.60 35.98 20.31
CA LEU B 387 -36.26 35.24 21.52
C LEU B 387 -34.88 35.67 22.06
N LEU B 388 -33.80 35.42 21.33
CA LEU B 388 -32.42 35.71 21.74
C LEU B 388 -32.13 37.20 21.95
N ALA B 389 -32.91 38.09 21.33
CA ALA B 389 -32.90 39.52 21.56
C ALA B 389 -33.54 39.91 22.90
N HIS B 390 -34.48 39.12 23.40
CA HIS B 390 -35.18 39.32 24.68
C HIS B 390 -34.54 38.55 25.85
N GLN B 391 -33.76 37.49 25.60
CA GLN B 391 -33.13 36.67 26.64
C GLN B 391 -32.12 37.44 27.52
N LYS B 392 -31.96 36.98 28.76
CA LYS B 392 -31.07 37.50 29.81
C LYS B 392 -30.66 36.37 30.78
N PRO B 393 -29.57 36.51 31.53
CA PRO B 393 -29.43 35.85 32.83
C PRO B 393 -30.57 36.26 33.79
N PRO B 394 -31.36 35.32 34.34
CA PRO B 394 -32.48 35.64 35.24
C PRO B 394 -32.04 35.83 36.69
N LYS B 395 -32.88 36.45 37.51
CA LYS B 395 -32.69 36.60 38.96
C LYS B 395 -33.29 35.43 39.76
N GLU B 396 -34.33 34.81 39.22
CA GLU B 396 -35.24 33.91 39.94
C GLU B 396 -34.63 32.53 40.22
N LYS B 397 -33.97 31.94 39.23
CA LYS B 397 -33.39 30.58 39.19
C LYS B 397 -34.40 29.45 39.41
N SER B 398 -34.03 28.23 39.02
CA SER B 398 -34.94 27.07 38.91
C SER B 398 -34.26 25.76 39.34
N ASN B 399 -35.04 24.71 39.55
CA ASN B 399 -34.57 23.48 40.21
C ASN B 399 -33.58 22.64 39.38
N PHE B 400 -33.69 22.70 38.06
CA PHE B 400 -33.10 21.71 37.15
C PHE B 400 -31.61 21.90 36.86
N SER B 401 -30.90 20.79 36.71
CA SER B 401 -29.54 20.68 36.19
C SER B 401 -29.56 20.03 34.81
N LEU B 402 -28.95 20.67 33.82
CA LEU B 402 -28.87 20.19 32.43
C LEU B 402 -27.40 19.95 32.09
N ALA B 403 -27.08 18.98 31.24
CA ALA B 403 -25.71 18.81 30.72
C ALA B 403 -25.66 18.77 29.18
N ILE B 404 -24.67 19.40 28.58
CA ILE B 404 -24.48 19.45 27.13
C ILE B 404 -23.19 18.72 26.75
N LEU B 405 -23.30 17.74 25.87
CA LEU B 405 -22.21 16.88 25.38
C LEU B 405 -21.95 17.20 23.90
N ASN B 406 -20.71 17.08 23.43
CA ASN B 406 -20.42 16.91 22.01
C ASN B 406 -19.90 15.48 21.77
N VAL B 407 -20.43 14.77 20.77
CA VAL B 407 -20.08 13.37 20.51
C VAL B 407 -19.94 13.08 19.01
N GLY B 408 -18.91 12.35 18.61
CA GLY B 408 -18.55 12.08 17.21
C GLY B 408 -17.31 12.86 16.76
N ALA B 409 -17.11 12.96 15.45
CA ALA B 409 -16.17 13.94 14.89
C ALA B 409 -16.74 15.36 15.04
N PRO B 410 -15.89 16.38 15.24
CA PRO B 410 -16.34 17.74 15.39
C PRO B 410 -16.93 18.26 14.09
N ALA B 411 -18.13 18.80 14.15
CA ALA B 411 -18.87 19.32 13.01
C ALA B 411 -19.17 20.81 13.18
N ALA B 412 -18.98 21.60 12.14
CA ALA B 412 -19.15 23.04 12.22
C ALA B 412 -20.62 23.37 12.51
N GLY B 413 -20.86 24.20 13.51
CA GLY B 413 -22.21 24.46 14.05
C GLY B 413 -22.48 23.82 15.40
N MET B 414 -21.69 22.84 15.85
CA MET B 414 -21.74 22.37 17.23
C MET B 414 -21.64 23.54 18.21
N ASN B 415 -20.68 24.45 18.01
CA ASN B 415 -20.48 25.61 18.87
C ASN B 415 -21.64 26.58 18.86
N ALA B 416 -22.32 26.76 17.72
CA ALA B 416 -23.52 27.55 17.62
C ALA B 416 -24.64 26.91 18.43
N ALA B 417 -24.84 25.60 18.29
CA ALA B 417 -25.85 24.86 19.01
C ALA B 417 -25.60 24.85 20.52
N VAL B 418 -24.35 24.68 20.95
CA VAL B 418 -24.03 24.81 22.37
C VAL B 418 -24.30 26.22 22.87
N ARG B 419 -23.90 27.29 22.17
CA ARG B 419 -24.14 28.67 22.61
C ARG B 419 -25.64 28.94 22.80
N SER B 420 -26.44 28.55 21.84
CA SER B 420 -27.88 28.75 21.84
C SER B 420 -28.60 27.92 22.90
N ALA B 421 -28.14 26.70 23.16
CA ALA B 421 -28.61 25.87 24.26
C ALA B 421 -28.17 26.38 25.63
N VAL B 422 -26.94 26.87 25.80
CA VAL B 422 -26.47 27.41 27.07
C VAL B 422 -27.25 28.67 27.45
N ARG B 423 -27.54 29.53 26.48
CA ARG B 423 -28.27 30.79 26.67
C ARG B 423 -29.74 30.55 26.88
N THR B 424 -30.39 29.76 26.04
CA THR B 424 -31.79 29.36 26.26
C THR B 424 -31.94 28.60 27.58
N GLY B 425 -30.96 27.79 27.97
CA GLY B 425 -30.96 27.08 29.24
C GLY B 425 -30.79 28.01 30.43
N ILE B 426 -29.89 28.99 30.35
CA ILE B 426 -29.70 30.01 31.39
C ILE B 426 -30.95 30.89 31.53
N SER B 427 -31.56 31.37 30.44
CA SER B 427 -32.72 32.27 30.52
C SER B 427 -34.00 31.56 30.98
N HIS B 428 -34.13 30.26 30.72
CA HIS B 428 -35.11 29.37 31.34
C HIS B 428 -34.76 28.96 32.78
N GLY B 429 -33.67 29.47 33.35
CA GLY B 429 -33.34 29.41 34.77
C GLY B 429 -32.48 28.23 35.22
N HIS B 430 -32.04 27.36 34.31
CA HIS B 430 -31.38 26.11 34.67
C HIS B 430 -29.89 26.28 35.01
N THR B 431 -29.36 25.47 35.91
CA THR B 431 -27.91 25.26 36.00
C THR B 431 -27.45 24.34 34.88
N VAL B 432 -27.07 24.93 33.76
CA VAL B 432 -26.47 24.25 32.63
C VAL B 432 -25.00 23.90 32.92
N TYR B 433 -24.65 22.67 32.60
CA TYR B 433 -23.30 22.13 32.62
C TYR B 433 -22.87 21.83 31.19
N VAL B 434 -21.59 22.02 30.90
CA VAL B 434 -20.96 21.48 29.69
C VAL B 434 -19.95 20.42 30.08
N VAL B 435 -19.84 19.38 29.28
CA VAL B 435 -19.01 18.23 29.57
C VAL B 435 -18.06 18.02 28.41
N HIS B 436 -16.77 17.99 28.71
CA HIS B 436 -15.70 17.91 27.71
C HIS B 436 -15.40 16.47 27.30
N ASP B 437 -15.13 16.20 26.03
CA ASP B 437 -14.83 14.85 25.53
C ASP B 437 -16.02 13.86 25.60
N GLY B 438 -17.24 14.34 25.41
CA GLY B 438 -18.42 13.50 25.22
C GLY B 438 -18.76 12.57 26.37
N PHE B 439 -19.18 11.34 26.05
CA PHE B 439 -19.50 10.34 27.06
C PHE B 439 -18.27 9.88 27.85
N GLU B 440 -17.06 9.87 27.28
CA GLU B 440 -15.82 9.65 28.03
C GLU B 440 -15.58 10.78 29.02
N GLY B 441 -16.01 12.00 28.70
CA GLY B 441 -16.11 13.12 29.62
C GLY B 441 -17.09 12.92 30.77
N LEU B 442 -18.28 12.41 30.48
CA LEU B 442 -19.32 12.15 31.49
C LEU B 442 -18.95 10.95 32.38
N ALA B 443 -18.16 10.00 31.88
CA ALA B 443 -17.53 8.95 32.65
C ALA B 443 -16.44 9.50 33.57
N LYS B 444 -15.54 10.30 33.02
CA LYS B 444 -14.35 10.86 33.69
C LYS B 444 -14.64 12.13 34.52
N GLY B 445 -15.91 12.53 34.61
CA GLY B 445 -16.40 13.63 35.43
C GLY B 445 -15.98 15.03 34.97
N GLN B 446 -15.66 15.18 33.68
CA GLN B 446 -15.20 16.40 33.02
C GLN B 446 -16.33 17.42 32.79
N VAL B 447 -17.15 17.59 33.82
CA VAL B 447 -18.42 18.34 33.86
C VAL B 447 -18.17 19.68 34.56
N GLN B 448 -18.59 20.79 33.96
CA GLN B 448 -18.48 22.11 34.58
C GLN B 448 -19.68 23.01 34.33
N GLU B 449 -20.12 23.74 35.36
CA GLU B 449 -21.20 24.71 35.23
C GLU B 449 -20.73 25.90 34.38
N VAL B 450 -21.60 26.38 33.50
CA VAL B 450 -21.29 27.39 32.49
C VAL B 450 -22.18 28.62 32.66
N GLY B 451 -21.60 29.81 32.52
CA GLY B 451 -22.27 31.10 32.56
C GLY B 451 -22.44 31.75 31.18
N TRP B 452 -23.21 32.84 31.11
CA TRP B 452 -23.48 33.54 29.84
C TRP B 452 -22.19 34.03 29.15
N HIS B 453 -21.22 34.48 29.94
CA HIS B 453 -19.91 34.94 29.44
C HIS B 453 -19.11 33.82 28.78
N ASP B 454 -19.15 32.63 29.38
CA ASP B 454 -18.23 31.52 29.10
C ASP B 454 -18.35 30.95 27.69
N VAL B 455 -19.46 31.25 27.02
CA VAL B 455 -19.88 30.74 25.72
C VAL B 455 -19.95 31.83 24.64
N ALA B 456 -19.59 33.07 25.00
CA ALA B 456 -19.62 34.21 24.10
C ALA B 456 -18.58 34.06 22.98
N GLY B 457 -18.97 34.38 21.75
CA GLY B 457 -18.09 34.29 20.57
C GLY B 457 -17.88 32.88 20.03
N TRP B 458 -18.68 31.91 20.47
CA TRP B 458 -18.69 30.54 19.95
C TRP B 458 -19.43 30.38 18.62
N LEU B 459 -20.33 31.29 18.24
CA LEU B 459 -21.22 31.15 17.07
C LEU B 459 -20.48 30.96 15.74
N GLY B 460 -19.31 31.59 15.57
CA GLY B 460 -18.56 31.57 14.32
C GLY B 460 -17.43 30.58 14.24
N ARG B 461 -17.20 29.78 15.28
CA ARG B 461 -16.06 28.85 15.37
C ARG B 461 -16.39 27.49 14.78
N GLY B 462 -15.45 26.92 14.06
CA GLY B 462 -15.45 25.53 13.65
C GLY B 462 -15.06 24.61 14.79
N GLY B 463 -15.00 23.30 14.52
CA GLY B 463 -14.54 22.35 15.53
C GLY B 463 -15.53 22.17 16.68
N SER B 464 -15.00 22.00 17.89
CA SER B 464 -15.79 21.89 19.12
C SER B 464 -15.04 22.50 20.29
N MET B 465 -15.63 23.48 20.95
CA MET B 465 -15.05 24.09 22.15
C MET B 465 -15.18 23.19 23.39
N LEU B 466 -16.11 22.24 23.39
CA LEU B 466 -16.17 21.22 24.42
C LEU B 466 -15.15 20.11 24.22
N GLY B 467 -14.79 19.82 22.98
CA GLY B 467 -14.16 18.55 22.64
C GLY B 467 -15.21 17.46 22.53
N THR B 468 -14.93 16.49 21.69
CA THR B 468 -15.83 15.42 21.31
C THR B 468 -15.03 14.13 21.12
N LYS B 469 -15.69 12.99 21.29
CA LYS B 469 -15.14 11.63 21.16
C LYS B 469 -16.12 10.68 20.49
N ARG B 470 -15.64 9.56 19.92
CA ARG B 470 -16.47 8.45 19.43
C ARG B 470 -16.96 7.47 20.50
N THR B 471 -16.50 7.59 21.74
CA THR B 471 -16.76 6.60 22.80
C THR B 471 -18.25 6.48 23.15
N LEU B 472 -18.81 5.28 22.98
CA LEU B 472 -20.19 4.98 23.39
C LEU B 472 -20.29 4.69 24.88
N PRO B 473 -21.42 5.03 25.55
CA PRO B 473 -21.48 5.07 27.00
C PRO B 473 -21.48 3.70 27.69
N LYS B 474 -21.85 2.58 27.05
CA LYS B 474 -22.01 1.31 27.77
C LYS B 474 -20.73 0.79 28.44
N GLY B 475 -19.56 1.05 27.84
CA GLY B 475 -18.26 0.63 28.38
C GLY B 475 -17.82 1.38 29.64
N GLN B 476 -18.53 2.45 30.00
CA GLN B 476 -18.27 3.30 31.16
C GLN B 476 -19.54 3.58 31.99
N LEU B 477 -20.63 2.86 31.75
CA LEU B 477 -21.96 3.25 32.19
C LEU B 477 -22.13 3.36 33.70
N GLU B 478 -21.55 2.45 34.49
CA GLU B 478 -21.56 2.53 35.96
C GLU B 478 -20.90 3.81 36.50
N SER B 479 -20.00 4.44 35.73
CA SER B 479 -19.37 5.72 36.10
C SER B 479 -20.12 6.93 35.53
N ILE B 480 -20.79 6.80 34.38
CA ILE B 480 -21.69 7.82 33.79
C ILE B 480 -22.92 8.07 34.66
N VAL B 481 -23.57 7.01 35.15
CA VAL B 481 -24.69 7.17 36.08
C VAL B 481 -24.26 7.84 37.38
N GLU B 482 -23.02 7.63 37.82
CA GLU B 482 -22.52 8.16 39.07
C GLU B 482 -22.21 9.66 38.98
N ASN B 483 -21.76 10.18 37.84
CA ASN B 483 -21.67 11.61 37.61
C ASN B 483 -23.02 12.28 37.37
N ILE B 484 -23.96 11.62 36.71
CA ILE B 484 -25.36 12.06 36.61
C ILE B 484 -25.96 12.26 38.00
N ARG B 485 -25.73 11.32 38.94
CA ARG B 485 -26.14 11.41 40.34
C ARG B 485 -25.42 12.54 41.09
N ILE B 486 -24.09 12.58 41.04
CA ILE B 486 -23.25 13.54 41.79
C ILE B 486 -23.51 14.98 41.42
N TYR B 487 -23.63 15.30 40.12
CA TYR B 487 -23.98 16.65 39.67
C TYR B 487 -25.49 16.92 39.67
N GLY B 488 -26.33 15.91 39.90
CA GLY B 488 -27.78 16.04 40.01
C GLY B 488 -28.50 16.27 38.69
N ILE B 489 -27.90 15.84 37.57
CA ILE B 489 -28.27 16.17 36.20
C ILE B 489 -29.62 15.52 35.83
N HIS B 490 -30.58 16.32 35.37
CA HIS B 490 -31.97 15.91 35.05
C HIS B 490 -32.27 15.85 33.56
N ALA B 491 -31.40 16.41 32.72
CA ALA B 491 -31.50 16.28 31.29
C ALA B 491 -30.13 16.28 30.60
N LEU B 492 -29.97 15.52 29.53
CA LEU B 492 -28.83 15.58 28.62
C LEU B 492 -29.28 16.16 27.28
N LEU B 493 -28.52 17.13 26.80
CA LEU B 493 -28.53 17.55 25.42
C LEU B 493 -27.22 17.10 24.78
N VAL B 494 -27.29 16.24 23.79
CA VAL B 494 -26.12 15.69 23.12
C VAL B 494 -26.12 16.24 21.71
N VAL B 495 -25.10 16.98 21.32
CA VAL B 495 -24.96 17.46 19.94
C VAL B 495 -23.87 16.67 19.25
N GLY B 496 -24.18 15.98 18.16
CA GLY B 496 -23.26 15.02 17.58
C GLY B 496 -23.83 14.07 16.56
N GLY B 497 -22.99 13.18 16.05
CA GLY B 497 -23.28 12.29 14.94
C GLY B 497 -23.98 10.99 15.34
N PHE B 498 -23.72 9.91 14.62
CA PHE B 498 -24.33 8.62 14.93
C PHE B 498 -23.98 8.12 16.34
N GLU B 499 -22.80 8.41 16.89
CA GLU B 499 -22.49 7.99 18.26
C GLU B 499 -23.25 8.80 19.31
N ALA B 500 -23.75 9.99 18.99
CA ALA B 500 -24.70 10.70 19.86
C ALA B 500 -26.04 9.98 19.89
N TYR B 501 -26.55 9.57 18.72
CA TYR B 501 -27.78 8.80 18.58
C TYR B 501 -27.69 7.42 19.25
N GLU B 502 -26.71 6.58 18.89
CA GLU B 502 -26.50 5.29 19.54
C GLU B 502 -26.11 5.46 21.01
N GLY B 503 -25.47 6.56 21.38
CA GLY B 503 -25.19 6.89 22.77
C GLY B 503 -26.44 7.11 23.61
N VAL B 504 -27.35 7.98 23.18
CA VAL B 504 -28.64 8.18 23.85
C VAL B 504 -29.52 6.94 23.78
N LEU B 505 -29.42 6.12 22.72
CA LEU B 505 -30.11 4.85 22.61
C LEU B 505 -29.58 3.83 23.63
N GLN B 506 -28.27 3.68 23.80
CA GLN B 506 -27.66 2.86 24.84
C GLN B 506 -28.00 3.29 26.26
N LEU B 507 -28.53 4.51 26.49
CA LEU B 507 -29.07 4.93 27.78
C LEU B 507 -30.55 4.61 27.93
N VAL B 508 -31.38 4.74 26.89
CA VAL B 508 -32.79 4.31 26.94
C VAL B 508 -32.94 2.79 27.02
N GLU B 509 -32.12 2.04 26.26
CA GLU B 509 -31.96 0.59 26.40
C GLU B 509 -31.45 0.15 27.79
N ALA B 510 -31.00 1.08 28.63
CA ALA B 510 -30.48 0.85 29.97
C ALA B 510 -31.28 1.53 31.09
N ARG B 511 -32.40 2.21 30.81
CA ARG B 511 -33.34 2.72 31.84
C ARG B 511 -33.91 1.63 32.73
N GLY B 512 -34.17 0.44 32.18
CA GLY B 512 -34.60 -0.70 32.99
C GLY B 512 -33.53 -1.24 33.93
N ARG B 513 -32.26 -0.96 33.67
CA ARG B 513 -31.09 -1.44 34.42
C ARG B 513 -30.59 -0.45 35.48
N TYR B 514 -30.74 0.85 35.26
CA TYR B 514 -30.22 1.90 36.15
C TYR B 514 -31.27 2.99 36.43
N GLU B 515 -31.50 3.32 37.70
CA GLU B 515 -32.51 4.33 38.07
C GLU B 515 -32.15 5.75 37.64
N GLU B 516 -30.88 6.04 37.31
CA GLU B 516 -30.44 7.40 36.94
C GLU B 516 -30.63 7.78 35.47
N LEU B 517 -30.76 6.81 34.56
CA LEU B 517 -31.01 7.03 33.12
C LEU B 517 -32.48 7.35 32.78
N CYS B 518 -33.32 7.42 33.79
CA CYS B 518 -34.60 8.09 33.76
C CYS B 518 -34.34 9.61 33.86
N ILE B 519 -33.91 10.18 32.74
CA ILE B 519 -33.33 11.51 32.51
C ILE B 519 -33.84 11.99 31.15
N VAL B 520 -34.18 13.27 30.97
CA VAL B 520 -34.72 13.76 29.69
C VAL B 520 -33.58 13.89 28.67
N MET B 521 -33.73 13.35 27.46
CA MET B 521 -32.62 13.29 26.49
C MET B 521 -32.99 13.85 25.13
N CYS B 522 -32.12 14.70 24.58
CA CYS B 522 -32.28 15.25 23.24
C CYS B 522 -30.97 15.12 22.47
N VAL B 523 -31.03 14.64 21.23
CA VAL B 523 -29.90 14.64 20.29
C VAL B 523 -30.13 15.73 19.27
N ILE B 524 -29.20 16.66 19.15
CA ILE B 524 -29.06 17.53 17.98
C ILE B 524 -28.08 16.84 17.03
N PRO B 525 -28.48 16.47 15.82
CA PRO B 525 -27.66 15.72 14.88
C PRO B 525 -26.58 16.60 14.27
N ALA B 526 -25.38 16.62 14.84
CA ALA B 526 -24.24 17.38 14.36
C ALA B 526 -23.17 16.47 13.78
N THR B 527 -23.17 16.34 12.46
CA THR B 527 -22.12 15.60 11.76
C THR B 527 -21.96 16.07 10.33
N ILE B 528 -20.74 15.95 9.82
CA ILE B 528 -20.30 16.11 8.44
C ILE B 528 -21.07 15.19 7.47
N SER B 529 -21.39 13.97 7.89
CA SER B 529 -21.81 12.87 7.02
C SER B 529 -23.28 12.83 6.62
N ASN B 530 -24.17 13.51 7.33
CA ASN B 530 -25.63 13.42 7.17
C ASN B 530 -26.21 11.99 7.35
N ASN B 531 -25.61 11.23 8.27
CA ASN B 531 -25.96 9.83 8.56
C ASN B 531 -26.74 9.62 9.87
N VAL B 532 -27.04 10.66 10.65
CA VAL B 532 -27.87 10.48 11.85
C VAL B 532 -29.31 10.23 11.42
N PRO B 533 -30.00 9.20 11.95
CA PRO B 533 -31.42 8.98 11.67
C PRO B 533 -32.27 10.10 12.28
N GLY B 534 -33.52 10.22 11.84
CA GLY B 534 -34.43 11.29 12.28
C GLY B 534 -34.41 12.49 11.35
N THR B 535 -33.47 13.41 11.51
CA THR B 535 -33.32 14.58 10.62
C THR B 535 -33.12 14.22 9.15
N ASP B 536 -33.43 15.16 8.25
CA ASP B 536 -33.01 15.12 6.84
C ASP B 536 -31.73 15.96 6.58
N PHE B 537 -31.35 16.85 7.49
CA PHE B 537 -30.10 17.62 7.46
C PHE B 537 -29.40 17.59 8.82
N SER B 538 -28.15 17.16 8.89
CA SER B 538 -27.31 17.28 10.07
C SER B 538 -26.49 18.56 10.02
N LEU B 539 -26.31 19.14 11.19
CA LEU B 539 -25.55 20.33 11.45
C LEU B 539 -24.07 20.08 11.16
N GLY B 540 -23.47 20.84 10.25
CA GLY B 540 -22.12 20.67 9.75
C GLY B 540 -22.02 20.09 8.34
N SER B 541 -23.08 19.48 7.83
CA SER B 541 -23.06 18.88 6.51
C SER B 541 -23.07 19.89 5.36
N ASP B 542 -23.58 21.10 5.60
CA ASP B 542 -23.52 22.24 4.69
C ASP B 542 -22.12 22.87 4.64
N THR B 543 -21.42 22.96 5.76
CA THR B 543 -20.00 23.32 5.78
C THR B 543 -19.16 22.28 5.08
N ALA B 544 -19.48 21.00 5.22
CA ALA B 544 -18.74 19.92 4.59
C ALA B 544 -18.87 19.89 3.09
N VAL B 545 -20.08 20.03 2.55
CA VAL B 545 -20.26 20.12 1.10
C VAL B 545 -19.61 21.39 0.56
N ASN B 546 -19.65 22.53 1.26
CA ASN B 546 -18.93 23.73 0.84
C ASN B 546 -17.39 23.57 0.90
N ALA B 547 -16.84 22.94 1.93
CA ALA B 547 -15.40 22.72 2.05
C ALA B 547 -14.85 21.73 1.01
N ALA B 548 -15.65 20.74 0.61
CA ALA B 548 -15.32 19.80 -0.45
C ALA B 548 -15.49 20.40 -1.83
N MET B 549 -16.57 21.13 -2.09
CA MET B 549 -16.89 21.86 -3.32
C MET B 549 -15.82 22.91 -3.65
N GLU B 550 -15.29 23.63 -2.66
CA GLU B 550 -14.17 24.57 -2.84
C GLU B 550 -12.87 23.89 -3.25
N SER B 551 -12.66 22.67 -2.77
CA SER B 551 -11.46 21.87 -3.00
C SER B 551 -11.51 21.17 -4.35
N CYS B 552 -12.66 20.66 -4.75
CA CYS B 552 -12.87 20.09 -6.06
C CYS B 552 -12.83 21.16 -7.18
N ASP B 553 -13.23 22.40 -6.94
CA ASP B 553 -13.00 23.51 -7.87
C ASP B 553 -11.51 23.77 -8.12
N ARG B 554 -10.67 23.69 -7.09
CA ARG B 554 -9.21 23.84 -7.22
C ARG B 554 -8.62 22.70 -8.01
N ILE B 555 -9.04 21.47 -7.72
CA ILE B 555 -8.63 20.27 -8.42
C ILE B 555 -9.10 20.30 -9.88
N LYS B 556 -10.30 20.75 -10.20
CA LYS B 556 -10.76 20.86 -11.59
C LYS B 556 -10.01 21.92 -12.36
N GLN B 557 -9.68 23.05 -11.75
CA GLN B 557 -8.88 24.07 -12.41
C GLN B 557 -7.44 23.60 -12.63
N SER B 558 -6.88 22.83 -11.71
CA SER B 558 -5.64 22.08 -11.91
C SER B 558 -5.70 21.13 -13.10
N ALA B 559 -6.75 20.32 -13.20
CA ALA B 559 -6.94 19.37 -14.29
C ALA B 559 -7.14 20.03 -15.66
N SER B 560 -7.78 21.21 -15.67
CA SER B 560 -8.09 22.00 -16.85
C SER B 560 -6.86 22.73 -17.39
N GLY B 561 -5.91 23.14 -16.56
CA GLY B 561 -4.61 23.64 -17.02
C GLY B 561 -3.69 22.53 -17.48
N THR B 562 -3.64 21.42 -16.74
CA THR B 562 -2.82 20.23 -17.05
C THR B 562 -3.53 19.31 -18.02
N LYS B 563 -4.06 19.85 -19.12
CA LYS B 563 -5.08 19.20 -19.98
C LYS B 563 -4.88 17.71 -20.23
N ARG B 564 -5.99 16.96 -20.25
CA ARG B 564 -6.11 15.49 -20.26
C ARG B 564 -5.76 14.80 -18.93
N ARG B 565 -6.02 15.42 -17.78
CA ARG B 565 -6.12 14.75 -16.48
C ARG B 565 -7.52 14.23 -16.21
N VAL B 566 -7.64 13.10 -15.52
CA VAL B 566 -8.84 12.69 -14.78
C VAL B 566 -8.50 12.53 -13.31
N PHE B 567 -9.18 13.22 -12.42
CA PHE B 567 -8.97 13.08 -10.98
C PHE B 567 -9.94 12.10 -10.36
N ILE B 568 -9.43 11.22 -9.51
CA ILE B 568 -10.19 10.42 -8.57
C ILE B 568 -10.08 11.16 -7.22
N VAL B 569 -11.18 11.59 -6.63
CA VAL B 569 -11.16 12.33 -5.36
C VAL B 569 -11.94 11.59 -4.30
N GLU B 570 -11.31 11.23 -3.19
CA GLU B 570 -11.97 10.53 -2.10
C GLU B 570 -12.54 11.50 -1.06
N THR B 571 -13.73 11.21 -0.53
CA THR B 571 -14.51 12.09 0.36
C THR B 571 -15.06 11.35 1.61
N MET B 572 -15.06 11.99 2.79
CA MET B 572 -15.41 11.44 4.11
C MET B 572 -16.91 11.18 4.42
N GLY B 573 -17.64 10.47 3.58
CA GLY B 573 -19.05 10.17 3.85
C GLY B 573 -19.35 9.11 4.93
N GLY B 574 -18.38 8.39 5.48
CA GLY B 574 -18.62 7.10 6.14
C GLY B 574 -19.17 6.07 5.14
N TYR B 575 -20.10 5.21 5.52
CA TYR B 575 -20.90 4.45 4.54
C TYR B 575 -22.02 5.27 3.88
N CYS B 576 -22.15 6.56 4.17
CA CYS B 576 -23.25 7.41 3.71
C CYS B 576 -22.83 8.29 2.52
N GLY B 577 -23.46 8.11 1.37
CA GLY B 577 -23.05 8.75 0.12
C GLY B 577 -23.51 10.19 -0.09
N TYR B 578 -24.04 10.85 0.92
CA TYR B 578 -24.57 12.21 0.85
C TYR B 578 -23.49 13.18 0.41
N LEU B 579 -22.39 13.22 1.15
CA LEU B 579 -21.35 14.21 0.95
C LEU B 579 -20.68 14.10 -0.43
N ALA B 580 -20.45 12.88 -0.91
CA ALA B 580 -20.01 12.62 -2.27
C ALA B 580 -21.06 12.98 -3.32
N THR B 581 -22.35 12.74 -3.07
CA THR B 581 -23.40 13.03 -4.04
C THR B 581 -23.62 14.52 -4.21
N VAL B 582 -23.84 15.25 -3.12
CA VAL B 582 -24.11 16.68 -3.23
C VAL B 582 -22.88 17.44 -3.68
N THR B 583 -21.67 17.03 -3.30
CA THR B 583 -20.44 17.62 -3.84
C THR B 583 -20.32 17.36 -5.33
N GLY B 584 -20.65 16.18 -5.83
CA GLY B 584 -20.56 15.84 -7.24
C GLY B 584 -21.46 16.68 -8.14
N ILE B 585 -22.68 16.98 -7.68
CA ILE B 585 -23.58 17.96 -8.29
C ILE B 585 -22.98 19.36 -8.25
N ALA B 586 -22.52 19.81 -7.08
CA ALA B 586 -21.99 21.14 -6.88
C ALA B 586 -20.74 21.44 -7.73
N VAL B 587 -20.04 20.44 -8.24
CA VAL B 587 -18.89 20.61 -9.13
C VAL B 587 -19.05 19.95 -10.48
N GLY B 588 -20.17 19.32 -10.79
CA GLY B 588 -20.35 18.65 -12.07
C GLY B 588 -19.37 17.50 -12.30
N ALA B 589 -19.14 16.68 -11.28
CA ALA B 589 -18.34 15.48 -11.37
C ALA B 589 -18.97 14.48 -12.35
N ASP B 590 -18.12 13.72 -13.04
CA ASP B 590 -18.50 12.76 -14.09
C ASP B 590 -18.94 11.40 -13.55
N ALA B 591 -18.65 11.11 -12.29
CA ALA B 591 -19.26 10.05 -11.51
C ALA B 591 -19.10 10.38 -10.03
N ALA B 592 -19.99 9.91 -9.17
CA ALA B 592 -19.71 9.83 -7.74
C ALA B 592 -20.02 8.41 -7.26
N TYR B 593 -19.02 7.70 -6.76
CA TYR B 593 -19.16 6.33 -6.28
C TYR B 593 -19.53 6.31 -4.83
N VAL B 594 -20.62 5.64 -4.54
CA VAL B 594 -21.40 5.76 -3.31
C VAL B 594 -21.85 4.35 -2.91
N PHE B 595 -21.88 4.05 -1.60
CA PHE B 595 -22.26 2.73 -1.11
C PHE B 595 -23.72 2.36 -1.42
N GLU B 596 -24.62 3.33 -1.37
CA GLU B 596 -26.05 3.16 -1.62
C GLU B 596 -26.39 2.83 -3.08
N ASP B 597 -25.44 3.00 -4.00
CA ASP B 597 -25.48 2.40 -5.33
C ASP B 597 -24.59 1.16 -5.38
N PRO B 598 -25.09 0.01 -5.87
CA PRO B 598 -24.22 -1.02 -6.39
C PRO B 598 -23.38 -0.48 -7.56
N PHE B 599 -22.10 -0.82 -7.61
CA PHE B 599 -21.24 -0.67 -8.79
C PHE B 599 -20.18 -1.76 -8.83
N ASN B 600 -19.68 -2.07 -10.01
CA ASN B 600 -18.75 -3.15 -10.30
C ASN B 600 -17.82 -2.77 -11.45
N ILE B 601 -16.92 -3.64 -11.92
CA ILE B 601 -16.07 -3.30 -13.08
C ILE B 601 -16.84 -3.04 -14.38
N HIS B 602 -18.09 -3.45 -14.55
CA HIS B 602 -18.83 -3.11 -15.76
C HIS B 602 -19.20 -1.62 -15.73
N ASP B 603 -19.76 -1.17 -14.63
CA ASP B 603 -20.06 0.22 -14.38
C ASP B 603 -18.81 1.10 -14.42
N LEU B 604 -17.70 0.67 -13.79
CA LEU B 604 -16.43 1.38 -13.88
C LEU B 604 -15.90 1.46 -15.31
N LYS B 605 -15.87 0.36 -16.07
CA LYS B 605 -15.43 0.38 -17.47
C LYS B 605 -16.32 1.27 -18.33
N VAL B 606 -17.63 1.31 -18.08
CA VAL B 606 -18.56 2.25 -18.74
C VAL B 606 -18.20 3.69 -18.38
N ASN B 607 -17.97 4.01 -17.12
CA ASN B 607 -17.59 5.35 -16.71
C ASN B 607 -16.23 5.78 -17.30
N VAL B 608 -15.29 4.86 -17.51
CA VAL B 608 -14.00 5.10 -18.19
C VAL B 608 -14.12 5.30 -19.71
N GLU B 609 -15.04 4.62 -20.39
CA GLU B 609 -15.22 4.83 -21.83
C GLU B 609 -16.01 6.10 -22.13
N HIS B 610 -16.91 6.53 -21.24
CA HIS B 610 -17.45 7.88 -21.20
C HIS B 610 -16.38 8.93 -20.93
N MET B 611 -15.46 8.67 -20.02
CA MET B 611 -14.34 9.58 -19.74
C MET B 611 -13.37 9.71 -20.92
N THR B 612 -13.19 8.63 -21.67
CA THR B 612 -12.41 8.61 -22.92
C THR B 612 -13.05 9.45 -24.00
N GLU B 613 -14.36 9.27 -24.24
CA GLU B 613 -15.07 9.97 -25.31
C GLU B 613 -15.09 11.48 -25.09
N LYS B 614 -15.10 11.94 -23.82
CA LYS B 614 -15.04 13.36 -23.49
C LYS B 614 -13.73 14.03 -23.89
N MET B 615 -12.61 13.31 -23.94
CA MET B 615 -11.30 13.88 -24.29
C MET B 615 -11.17 14.26 -25.78
N LYS B 616 -12.15 13.94 -26.63
CA LYS B 616 -12.28 14.47 -27.99
C LYS B 616 -12.83 15.91 -28.02
N THR B 617 -13.55 16.33 -26.97
CA THR B 617 -14.17 17.65 -26.86
C THR B 617 -13.16 18.74 -26.50
N ASP B 618 -13.58 19.99 -26.33
CA ASP B 618 -12.72 21.03 -25.79
C ASP B 618 -12.47 20.90 -24.28
N ILE B 619 -13.29 20.13 -23.54
CA ILE B 619 -13.27 20.05 -22.07
C ILE B 619 -12.52 18.80 -21.64
N GLN B 620 -11.21 18.82 -21.83
CA GLN B 620 -10.29 17.70 -21.65
C GLN B 620 -9.81 17.58 -20.20
N ARG B 621 -10.76 17.29 -19.32
CA ARG B 621 -10.58 17.03 -17.90
C ARG B 621 -11.66 16.07 -17.42
N GLY B 622 -11.43 15.38 -16.32
CA GLY B 622 -12.44 14.59 -15.65
C GLY B 622 -12.34 14.68 -14.15
N LEU B 623 -13.46 14.53 -13.47
CA LEU B 623 -13.48 14.37 -12.03
C LEU B 623 -14.43 13.26 -11.65
N VAL B 624 -13.98 12.26 -10.90
CA VAL B 624 -14.85 11.29 -10.25
C VAL B 624 -14.66 11.33 -8.75
N LEU B 625 -15.75 11.42 -8.00
CA LEU B 625 -15.72 11.36 -6.54
C LEU B 625 -15.86 9.93 -6.06
N ARG B 626 -15.17 9.54 -5.00
CA ARG B 626 -15.34 8.23 -4.35
C ARG B 626 -15.66 8.45 -2.88
N ASN B 627 -16.78 7.93 -2.39
CA ASN B 627 -16.97 7.88 -0.96
C ASN B 627 -15.97 6.86 -0.34
N GLU B 628 -15.37 7.22 0.79
CA GLU B 628 -14.32 6.47 1.48
C GLU B 628 -14.60 4.98 1.75
N LYS B 629 -15.87 4.60 1.88
CA LYS B 629 -16.36 3.25 2.09
C LYS B 629 -17.40 2.85 1.05
N CYS B 630 -17.34 3.40 -0.16
CA CYS B 630 -18.32 3.09 -1.20
C CYS B 630 -18.27 1.65 -1.70
N HIS B 631 -17.12 1.00 -1.55
CA HIS B 631 -16.85 -0.34 -2.05
C HIS B 631 -15.75 -0.95 -1.22
N ASP B 632 -15.84 -2.25 -0.99
CA ASP B 632 -14.98 -3.02 -0.11
C ASP B 632 -13.60 -3.28 -0.72
N TYR B 633 -13.52 -3.45 -2.03
CA TYR B 633 -12.31 -3.79 -2.74
C TYR B 633 -11.90 -2.76 -3.79
N TYR B 634 -12.84 -2.05 -4.41
CA TYR B 634 -12.53 -0.98 -5.36
C TYR B 634 -12.25 0.32 -4.63
N THR B 635 -11.07 0.38 -4.03
CA THR B 635 -10.52 1.55 -3.37
C THR B 635 -10.15 2.68 -4.36
N THR B 636 -9.72 3.83 -3.88
CA THR B 636 -9.30 4.96 -4.72
C THR B 636 -8.08 4.62 -5.57
N GLU B 637 -7.15 3.83 -5.04
CA GLU B 637 -6.03 3.27 -5.80
C GLU B 637 -6.45 2.24 -6.85
N PHE B 638 -7.56 1.54 -6.66
CA PHE B 638 -8.07 0.65 -7.67
C PHE B 638 -8.61 1.42 -8.87
N LEU B 639 -9.41 2.46 -8.60
CA LEU B 639 -9.92 3.36 -9.63
C LEU B 639 -8.78 4.08 -10.33
N TYR B 640 -7.77 4.56 -9.60
CA TYR B 640 -6.57 5.14 -10.20
C TYR B 640 -5.92 4.21 -11.20
N ASN B 641 -5.65 2.96 -10.81
CA ASN B 641 -5.06 1.99 -11.70
C ASN B 641 -5.95 1.70 -12.93
N LEU B 642 -7.25 1.50 -12.73
CA LEU B 642 -8.19 1.22 -13.82
C LEU B 642 -8.26 2.36 -14.83
N TYR B 643 -8.52 3.59 -14.38
CA TYR B 643 -8.60 4.76 -15.25
C TYR B 643 -7.26 5.03 -15.94
N SER B 644 -6.15 4.95 -15.22
CA SER B 644 -4.82 5.15 -15.81
C SER B 644 -4.54 4.19 -16.95
N SER B 645 -5.04 2.96 -16.85
CA SER B 645 -4.76 1.92 -17.82
C SER B 645 -5.60 2.06 -19.06
N GLU B 646 -6.92 2.03 -18.89
CA GLU B 646 -7.85 2.08 -20.00
C GLU B 646 -7.93 3.47 -20.63
N GLY B 647 -7.43 4.50 -19.96
CA GLY B 647 -7.18 5.84 -20.46
C GLY B 647 -5.80 6.09 -21.02
N LYS B 648 -4.81 5.19 -20.90
CA LYS B 648 -3.47 5.42 -21.47
C LYS B 648 -3.57 5.63 -22.98
N GLY B 649 -2.96 6.72 -23.44
CA GLY B 649 -3.04 7.21 -24.80
C GLY B 649 -4.13 8.24 -25.07
N VAL B 650 -5.02 8.51 -24.10
CA VAL B 650 -6.04 9.55 -24.20
C VAL B 650 -6.09 10.49 -22.99
N PHE B 651 -5.81 10.02 -21.78
CA PHE B 651 -5.69 10.84 -20.57
C PHE B 651 -4.74 10.21 -19.56
N ASP B 652 -4.13 11.01 -18.69
CA ASP B 652 -3.54 10.53 -17.45
C ASP B 652 -4.43 10.86 -16.27
N CYS B 653 -4.04 10.44 -15.08
CA CYS B 653 -4.95 10.35 -13.95
C CYS B 653 -4.19 10.60 -12.66
N ARG B 654 -4.85 11.14 -11.63
CA ARG B 654 -4.27 11.45 -10.32
C ARG B 654 -5.30 11.22 -9.23
N THR B 655 -4.86 11.01 -7.99
CA THR B 655 -5.74 10.82 -6.84
C THR B 655 -5.56 11.95 -5.85
N ASN B 656 -6.63 12.48 -5.28
CA ASN B 656 -6.56 13.22 -4.02
C ASN B 656 -7.49 12.58 -3.01
N VAL B 657 -7.08 12.55 -1.74
CA VAL B 657 -7.95 12.21 -0.64
C VAL B 657 -8.20 13.49 0.11
N LEU B 658 -9.39 14.06 -0.01
CA LEU B 658 -9.83 15.12 0.89
C LEU B 658 -10.11 14.43 2.23
N GLY B 659 -9.40 14.82 3.28
CA GLY B 659 -9.68 14.28 4.60
C GLY B 659 -10.38 15.32 5.44
N HIS B 660 -9.83 15.57 6.61
CA HIS B 660 -10.36 16.46 7.62
C HIS B 660 -10.45 17.95 7.21
N LEU B 661 -10.01 18.27 5.99
CA LEU B 661 -10.38 19.48 5.25
C LEU B 661 -11.89 19.69 5.18
N GLN B 662 -12.64 18.61 4.96
CA GLN B 662 -14.09 18.62 4.82
C GLN B 662 -14.81 18.94 6.13
N GLN B 663 -14.16 18.85 7.28
CA GLN B 663 -14.75 19.35 8.50
C GLN B 663 -14.90 20.88 8.50
N GLY B 664 -14.18 21.56 7.59
CA GLY B 664 -14.27 22.97 7.29
C GLY B 664 -13.55 23.83 8.32
N GLY B 665 -13.58 25.13 8.06
CA GLY B 665 -13.17 26.16 9.02
C GLY B 665 -14.39 26.66 9.75
N ALA B 666 -14.61 27.97 9.73
CA ALA B 666 -15.85 28.57 10.20
C ALA B 666 -17.08 27.96 9.51
N PRO B 667 -18.21 27.79 10.23
CA PRO B 667 -19.45 27.30 9.65
C PRO B 667 -20.03 28.24 8.58
N THR B 668 -20.82 27.69 7.68
CA THR B 668 -21.59 28.47 6.72
C THR B 668 -22.69 29.29 7.40
N PRO B 669 -23.36 30.22 6.69
CA PRO B 669 -24.52 30.89 7.24
C PRO B 669 -25.63 29.91 7.64
N PHE B 670 -25.89 28.87 6.86
CA PHE B 670 -26.86 27.84 7.21
C PHE B 670 -26.49 27.08 8.46
N ASP B 671 -25.25 26.61 8.63
CA ASP B 671 -24.87 25.97 9.88
C ASP B 671 -24.87 26.89 11.11
N ARG B 672 -24.74 28.21 10.96
CA ARG B 672 -24.86 29.17 12.07
C ARG B 672 -26.30 29.45 12.46
N ASN B 673 -27.18 29.66 11.48
CA ASN B 673 -28.62 29.73 11.71
C ASN B 673 -29.14 28.42 12.26
N TYR B 674 -28.94 27.31 11.56
CA TYR B 674 -29.47 26.01 11.91
C TYR B 674 -28.98 25.55 13.27
N GLY B 675 -27.70 25.73 13.58
CA GLY B 675 -27.17 25.36 14.90
C GLY B 675 -27.78 26.19 16.00
N THR B 676 -27.88 27.50 15.81
CA THR B 676 -28.56 28.38 16.74
C THR B 676 -30.03 27.99 16.92
N LYS B 677 -30.76 27.76 15.85
CA LYS B 677 -32.19 27.41 15.85
C LYS B 677 -32.47 26.04 16.47
N LEU B 678 -31.65 25.02 16.22
CA LEU B 678 -31.78 23.73 16.88
C LEU B 678 -31.41 23.82 18.35
N GLY B 679 -30.36 24.55 18.71
CA GLY B 679 -29.98 24.78 20.10
C GLY B 679 -31.11 25.38 20.94
N VAL B 680 -31.91 26.31 20.38
CA VAL B 680 -33.06 26.85 21.09
C VAL B 680 -34.28 25.92 21.02
N LYS B 681 -34.70 25.42 19.86
CA LYS B 681 -35.86 24.54 19.78
C LYS B 681 -35.68 23.27 20.63
N ALA B 682 -34.48 22.70 20.64
CA ALA B 682 -34.10 21.59 21.50
C ALA B 682 -34.19 21.96 22.97
N MET B 683 -33.69 23.12 23.39
CA MET B 683 -33.74 23.56 24.79
C MET B 683 -35.14 23.94 25.26
N LEU B 684 -36.00 24.46 24.39
CA LEU B 684 -37.40 24.72 24.67
C LEU B 684 -38.18 23.41 24.86
N TRP B 685 -37.88 22.39 24.08
CA TRP B 685 -38.42 21.04 24.25
C TRP B 685 -37.89 20.35 25.49
N LEU B 686 -36.58 20.46 25.77
CA LEU B 686 -35.93 19.93 26.96
C LEU B 686 -36.57 20.49 28.24
N SER B 687 -36.84 21.79 28.26
CA SER B 687 -37.47 22.48 29.38
C SER B 687 -38.99 22.22 29.49
N GLU B 688 -39.70 22.08 28.37
CA GLU B 688 -41.10 21.66 28.31
C GLU B 688 -41.30 20.26 28.90
N LYS B 689 -40.57 19.26 28.36
CA LYS B 689 -40.61 17.86 28.81
C LYS B 689 -40.20 17.73 30.26
N LEU B 690 -39.28 18.55 30.74
CA LEU B 690 -38.75 18.46 32.09
C LEU B 690 -39.71 19.01 33.16
N ARG B 691 -40.77 19.72 32.76
CA ARG B 691 -41.94 20.03 33.59
C ARG B 691 -43.15 19.12 33.34
N GLU B 692 -43.16 18.36 32.25
CA GLU B 692 -44.14 17.28 31.99
C GLU B 692 -43.89 16.02 32.85
N VAL B 693 -42.96 16.09 33.82
CA VAL B 693 -42.63 15.03 34.79
C VAL B 693 -42.48 15.61 36.19
N TYR B 694 -42.93 14.90 37.24
CA TYR B 694 -43.30 15.48 38.54
C TYR B 694 -42.47 15.00 39.76
N ARG B 695 -42.32 15.90 40.75
CA ARG B 695 -41.30 15.87 41.83
C ARG B 695 -41.46 14.76 42.87
N LYS B 696 -42.60 14.08 42.92
CA LYS B 696 -43.04 13.24 44.07
C LYS B 696 -43.28 11.77 43.69
N GLY B 697 -42.81 10.84 44.53
CA GLY B 697 -43.14 9.41 44.47
C GLY B 697 -42.76 8.65 43.19
N ARG B 698 -41.73 9.08 42.45
CA ARG B 698 -41.43 8.58 41.09
C ARG B 698 -39.94 8.64 40.69
N VAL B 699 -39.56 7.89 39.66
CA VAL B 699 -38.42 8.22 38.78
C VAL B 699 -38.94 9.06 37.60
N PHE B 700 -38.31 10.18 37.29
CA PHE B 700 -38.77 11.08 36.24
C PHE B 700 -38.60 10.48 34.83
N ALA B 701 -39.54 10.74 33.93
CA ALA B 701 -39.31 10.64 32.48
C ALA B 701 -38.97 9.23 31.93
N ASN B 702 -39.40 8.13 32.55
CA ASN B 702 -39.08 6.78 32.05
C ASN B 702 -39.60 6.47 30.64
N ALA B 703 -40.58 7.22 30.13
CA ALA B 703 -41.23 6.97 28.84
C ALA B 703 -40.32 7.19 27.61
N PRO B 704 -40.56 6.49 26.48
CA PRO B 704 -39.77 6.67 25.26
C PRO B 704 -40.01 8.03 24.60
N ASP B 705 -41.15 8.67 24.87
CA ASP B 705 -41.45 10.06 24.51
C ASP B 705 -40.48 11.11 25.08
N SER B 706 -39.54 10.75 25.96
CA SER B 706 -38.64 11.69 26.65
C SER B 706 -37.18 11.63 26.17
N ALA B 707 -36.86 10.81 25.18
CA ALA B 707 -35.52 10.65 24.65
C ALA B 707 -35.56 10.68 23.12
N CYS B 708 -35.29 11.84 22.54
CA CYS B 708 -35.59 12.18 21.16
C CYS B 708 -34.40 12.75 20.40
N VAL B 709 -34.48 12.77 19.07
CA VAL B 709 -33.62 13.49 18.16
C VAL B 709 -34.43 14.62 17.57
N ILE B 710 -33.95 15.86 17.63
CA ILE B 710 -34.52 16.97 16.87
C ILE B 710 -33.96 16.96 15.44
N GLY B 711 -34.75 17.36 14.47
CA GLY B 711 -34.26 17.56 13.12
C GLY B 711 -35.26 18.22 12.20
N LEU B 712 -34.77 18.93 11.21
CA LEU B 712 -35.59 19.42 10.11
C LEU B 712 -36.06 18.21 9.33
N LYS B 713 -37.38 17.98 9.30
CA LYS B 713 -37.92 16.81 8.61
C LYS B 713 -38.52 17.13 7.24
N LYS B 714 -39.36 18.16 7.13
CA LYS B 714 -39.98 18.60 5.86
C LYS B 714 -39.88 20.11 5.73
N LYS B 715 -40.94 20.85 6.03
CA LYS B 715 -40.97 22.31 6.05
C LYS B 715 -40.40 22.88 7.36
N ALA B 716 -40.53 22.12 8.45
CA ALA B 716 -40.11 22.46 9.82
C ALA B 716 -39.67 21.21 10.62
N VAL B 717 -39.26 21.40 11.87
CA VAL B 717 -38.71 20.36 12.75
C VAL B 717 -39.70 19.25 13.14
N ALA B 718 -39.16 18.08 13.44
CA ALA B 718 -39.81 17.01 14.18
C ALA B 718 -38.92 16.54 15.34
N PHE B 719 -39.51 16.09 16.45
CA PHE B 719 -38.80 15.39 17.50
C PHE B 719 -39.18 13.92 17.46
N SER B 720 -38.22 13.05 17.16
CA SER B 720 -38.42 11.62 16.94
C SER B 720 -37.81 10.81 18.08
N PRO B 721 -38.54 9.94 18.79
CA PRO B 721 -37.98 9.08 19.83
C PRO B 721 -36.85 8.20 19.34
N VAL B 722 -35.78 8.12 20.12
CA VAL B 722 -34.55 7.41 19.76
C VAL B 722 -34.80 5.92 19.53
N THR B 723 -35.69 5.31 20.32
CA THR B 723 -36.11 3.92 20.19
C THR B 723 -37.08 3.70 19.06
N GLU B 724 -37.93 4.67 18.74
CA GLU B 724 -38.80 4.60 17.55
C GLU B 724 -37.98 4.60 16.26
N LEU B 725 -36.85 5.29 16.24
CA LEU B 725 -35.93 5.35 15.10
C LEU B 725 -35.14 4.06 14.82
N LYS B 726 -35.10 3.06 15.72
CA LYS B 726 -34.34 1.82 15.47
C LYS B 726 -34.68 1.16 14.14
N LYS B 727 -35.97 1.10 13.80
CA LYS B 727 -36.50 0.52 12.56
C LYS B 727 -36.20 1.33 11.30
N ASP B 728 -35.94 2.63 11.41
CA ASP B 728 -35.45 3.46 10.31
C ASP B 728 -33.92 3.44 10.20
N THR B 729 -33.20 2.72 11.07
CA THR B 729 -31.73 2.75 11.17
C THR B 729 -31.05 1.44 10.79
N ASP B 730 -29.98 1.53 10.00
CA ASP B 730 -28.98 0.48 9.80
C ASP B 730 -27.75 0.76 10.69
N PHE B 731 -27.58 0.01 11.79
CA PHE B 731 -26.50 0.22 12.75
C PHE B 731 -25.14 -0.28 12.27
N GLU B 732 -25.12 -1.26 11.36
CA GLU B 732 -23.92 -1.90 10.82
C GLU B 732 -23.17 -0.92 9.92
N HIS B 733 -23.91 -0.23 9.06
CA HIS B 733 -23.39 0.87 8.24
C HIS B 733 -23.54 2.25 8.89
N ARG B 734 -24.08 2.36 10.10
CA ARG B 734 -24.28 3.61 10.86
C ARG B 734 -25.05 4.69 10.09
N MET B 735 -26.20 4.37 9.51
CA MET B 735 -26.99 5.34 8.73
C MET B 735 -28.47 4.97 8.63
N PRO B 736 -29.39 5.91 8.31
CA PRO B 736 -30.78 5.58 8.06
C PRO B 736 -31.00 4.74 6.80
N ARG B 737 -32.07 3.94 6.81
CA ARG B 737 -32.40 2.94 5.78
C ARG B 737 -33.04 3.50 4.52
N GLU B 738 -33.73 4.62 4.62
CA GLU B 738 -34.08 5.43 3.46
C GLU B 738 -33.74 6.90 3.67
N GLN B 739 -33.12 7.49 2.66
CA GLN B 739 -32.50 8.81 2.73
C GLN B 739 -32.99 9.65 1.57
N TRP B 740 -33.52 10.83 1.86
CA TRP B 740 -34.29 11.60 0.87
C TRP B 740 -33.53 11.91 -0.42
N TRP B 741 -32.22 12.11 -0.33
CA TRP B 741 -31.36 12.64 -1.39
C TRP B 741 -30.98 11.64 -2.48
N LEU B 742 -31.39 10.37 -2.42
CA LEU B 742 -31.05 9.40 -3.47
C LEU B 742 -31.65 9.75 -4.83
N SER B 743 -32.64 10.63 -4.88
CA SER B 743 -33.17 11.19 -6.13
C SER B 743 -32.18 12.13 -6.80
N LEU B 744 -31.30 12.79 -6.04
CA LEU B 744 -30.26 13.67 -6.57
C LEU B 744 -29.18 12.93 -7.34
N ARG B 745 -28.99 11.63 -7.11
CA ARG B 745 -28.04 10.85 -7.92
C ARG B 745 -28.44 10.79 -9.39
N LEU B 746 -29.72 10.88 -9.69
CA LEU B 746 -30.21 10.91 -11.07
C LEU B 746 -29.83 12.20 -11.77
N MET B 747 -29.88 13.29 -11.01
CA MET B 747 -29.51 14.63 -11.46
C MET B 747 -28.01 14.72 -11.72
N LEU B 748 -27.19 14.20 -10.81
CA LEU B 748 -25.76 14.03 -10.99
C LEU B 748 -25.44 13.33 -12.31
N LYS B 749 -26.07 12.19 -12.58
CA LYS B 749 -25.79 11.39 -13.78
C LYS B 749 -26.23 12.09 -15.07
N MET B 750 -27.33 12.83 -15.03
CA MET B 750 -27.86 13.59 -16.16
C MET B 750 -26.95 14.76 -16.50
N LEU B 751 -26.50 15.54 -15.51
CA LEU B 751 -25.56 16.64 -15.69
C LEU B 751 -24.15 16.18 -16.08
N ALA B 752 -23.77 14.96 -15.73
CA ALA B 752 -22.53 14.26 -16.10
C ALA B 752 -22.55 13.58 -17.48
N GLN B 753 -23.60 13.77 -18.28
CA GLN B 753 -23.70 13.26 -19.66
C GLN B 753 -23.91 11.72 -19.78
N TYR B 754 -24.50 11.07 -18.77
CA TYR B 754 -25.19 9.77 -18.97
C TYR B 754 -26.56 9.96 -19.61
N ALA C 11 23.35 -14.11 32.06
CA ALA C 11 24.72 -13.66 32.34
C ALA C 11 25.74 -14.77 32.05
N SER C 12 26.97 -14.41 31.68
CA SER C 12 28.11 -15.32 31.60
C SER C 12 28.53 -15.82 32.98
N GLY C 13 29.20 -16.98 33.04
CA GLY C 13 29.55 -17.62 34.30
C GLY C 13 30.50 -18.80 34.14
N ALA C 14 31.68 -18.57 33.55
CA ALA C 14 32.58 -19.63 33.12
C ALA C 14 34.07 -19.39 33.46
N GLY C 15 34.88 -18.77 32.57
CA GLY C 15 36.33 -18.73 32.74
C GLY C 15 37.02 -20.09 32.55
N LYS C 16 36.39 -21.01 31.82
CA LYS C 16 36.79 -22.43 31.66
C LYS C 16 36.49 -22.95 30.27
N ALA C 17 37.12 -24.06 29.87
CA ALA C 17 37.05 -24.59 28.51
C ALA C 17 36.10 -25.78 28.39
N ILE C 18 35.33 -25.82 27.31
CA ILE C 18 34.48 -26.92 26.87
C ILE C 18 35.04 -27.50 25.57
N GLY C 19 35.35 -28.78 25.52
CA GLY C 19 35.55 -29.51 24.27
C GLY C 19 34.22 -30.05 23.76
N VAL C 20 34.05 -30.20 22.45
CA VAL C 20 32.91 -30.93 21.87
C VAL C 20 33.37 -31.85 20.76
N LEU C 21 32.92 -33.11 20.78
CA LEU C 21 33.13 -34.09 19.73
C LEU C 21 31.83 -34.81 19.38
N THR C 22 31.65 -35.12 18.10
CA THR C 22 30.61 -35.99 17.58
C THR C 22 31.26 -37.33 17.24
N SER C 23 30.64 -38.44 17.61
CA SER C 23 31.31 -39.75 17.56
C SER C 23 30.34 -40.88 17.18
N GLY C 24 30.89 -41.94 16.64
CA GLY C 24 30.13 -43.07 16.13
C GLY C 24 29.26 -42.72 14.93
N GLY C 25 28.14 -43.41 14.77
CA GLY C 25 27.26 -43.24 13.60
C GLY C 25 26.73 -41.83 13.51
N ASP C 26 27.00 -41.12 12.41
CA ASP C 26 26.59 -39.73 12.29
C ASP C 26 25.08 -39.61 12.07
N ALA C 27 24.51 -38.53 12.55
CA ALA C 27 23.10 -38.25 12.55
C ALA C 27 22.89 -36.82 12.09
N GLN C 28 22.03 -36.60 11.11
CA GLN C 28 21.71 -35.26 10.66
C GLN C 28 20.94 -34.53 11.77
N GLY C 29 21.54 -33.45 12.27
CA GLY C 29 21.24 -32.82 13.56
C GLY C 29 22.46 -32.56 14.43
N MET C 30 23.56 -33.29 14.23
CA MET C 30 24.82 -33.08 14.97
C MET C 30 25.46 -31.70 14.71
N ASN C 31 25.18 -31.06 13.58
CA ASN C 31 25.61 -29.69 13.31
C ASN C 31 24.86 -28.67 14.14
N ALA C 32 23.54 -28.73 14.17
CA ALA C 32 22.71 -27.93 15.04
C ALA C 32 23.08 -28.13 16.51
N ALA C 33 23.51 -29.33 16.91
CA ALA C 33 24.02 -29.59 18.25
C ALA C 33 25.37 -28.91 18.50
N VAL C 34 26.37 -29.10 17.66
CA VAL C 34 27.71 -28.49 17.86
C VAL C 34 27.67 -26.97 17.73
N ARG C 35 26.77 -26.43 16.91
CA ARG C 35 26.51 -24.99 16.84
C ARG C 35 25.96 -24.45 18.14
N ALA C 36 24.95 -25.09 18.71
CA ALA C 36 24.35 -24.65 19.94
C ALA C 36 25.26 -24.88 21.16
N VAL C 37 26.08 -25.93 21.16
CA VAL C 37 27.12 -26.13 22.17
C VAL C 37 28.20 -25.04 22.06
N THR C 38 28.57 -24.65 20.86
CA THR C 38 29.55 -23.58 20.63
C THR C 38 29.01 -22.21 21.03
N ARG C 39 27.83 -21.84 20.54
CA ARG C 39 27.25 -20.53 20.78
C ARG C 39 26.85 -20.33 22.23
N MET C 40 26.22 -21.32 22.87
CA MET C 40 25.95 -21.25 24.30
C MET C 40 27.22 -21.26 25.13
N GLY C 41 28.23 -22.03 24.75
CA GLY C 41 29.53 -22.08 25.43
C GLY C 41 30.24 -20.74 25.43
N ILE C 42 30.34 -20.05 24.29
CA ILE C 42 31.04 -18.76 24.21
C ILE C 42 30.14 -17.57 24.57
N TYR C 43 28.81 -17.71 24.53
CA TYR C 43 27.86 -16.78 25.14
C TYR C 43 28.05 -16.73 26.65
N VAL C 44 28.08 -17.88 27.31
CA VAL C 44 28.29 -17.98 28.76
C VAL C 44 29.75 -17.78 29.18
N GLY C 45 30.64 -17.45 28.24
CA GLY C 45 31.99 -16.99 28.51
C GLY C 45 33.06 -18.06 28.59
N ALA C 46 32.74 -19.31 28.27
CA ALA C 46 33.70 -20.40 28.17
C ALA C 46 34.54 -20.28 26.88
N LYS C 47 35.63 -21.02 26.79
CA LYS C 47 36.37 -21.23 25.54
C LYS C 47 35.93 -22.56 24.95
N VAL C 48 35.45 -22.60 23.72
CA VAL C 48 34.96 -23.83 23.10
C VAL C 48 35.99 -24.38 22.13
N PHE C 49 36.27 -25.67 22.19
CA PHE C 49 37.15 -26.37 21.26
C PHE C 49 36.39 -27.44 20.50
N LEU C 50 36.47 -27.40 19.18
CA LEU C 50 35.98 -28.46 18.31
C LEU C 50 37.06 -29.53 18.18
N ILE C 51 36.68 -30.77 18.44
CA ILE C 51 37.57 -31.92 18.51
C ILE C 51 37.24 -32.79 17.30
N TYR C 52 38.00 -32.61 16.23
CA TYR C 52 37.71 -33.13 14.91
C TYR C 52 37.93 -34.65 14.82
N GLU C 53 37.11 -35.33 14.03
CA GLU C 53 37.09 -36.79 13.85
C GLU C 53 36.99 -37.57 15.18
N GLY C 54 35.89 -37.35 15.89
CA GLY C 54 35.46 -38.15 17.03
C GLY C 54 36.50 -38.31 18.12
N TYR C 55 36.63 -39.53 18.63
CA TYR C 55 37.70 -39.87 19.57
C TYR C 55 39.06 -40.05 18.89
N GLU C 56 39.13 -40.26 17.58
CA GLU C 56 40.39 -40.44 16.86
C GLU C 56 41.24 -39.17 16.88
N GLY C 57 40.60 -38.01 16.77
CA GLY C 57 41.24 -36.72 16.99
C GLY C 57 41.40 -36.32 18.44
N LEU C 58 40.72 -36.98 19.37
CA LEU C 58 40.99 -36.79 20.80
C LEU C 58 42.28 -37.52 21.20
N VAL C 59 42.53 -38.71 20.65
CA VAL C 59 43.78 -39.48 20.84
C VAL C 59 44.95 -38.91 20.03
N GLU C 60 44.74 -38.38 18.84
CA GLU C 60 45.77 -37.61 18.16
C GLU C 60 46.02 -36.21 18.76
N GLY C 61 44.99 -35.46 19.11
CA GLY C 61 45.09 -34.03 19.43
C GLY C 61 45.76 -33.23 18.30
N GLY C 62 46.66 -32.31 18.66
CA GLY C 62 47.34 -31.45 17.69
C GLY C 62 46.33 -30.61 16.92
N GLU C 63 46.43 -30.57 15.59
CA GLU C 63 45.48 -29.86 14.74
C GLU C 63 44.03 -30.37 14.86
N ASN C 64 43.78 -31.57 15.37
CA ASN C 64 42.43 -32.06 15.59
C ASN C 64 41.71 -31.33 16.73
N ILE C 65 42.40 -30.58 17.59
CA ILE C 65 41.75 -29.77 18.64
C ILE C 65 42.09 -28.32 18.39
N LYS C 66 41.10 -27.54 17.97
CA LYS C 66 41.22 -26.11 17.74
C LYS C 66 40.01 -25.33 18.25
N GLN C 67 40.25 -24.13 18.75
CA GLN C 67 39.25 -23.28 19.39
C GLN C 67 38.27 -22.69 18.37
N ALA C 68 36.99 -22.72 18.68
CA ALA C 68 35.93 -22.08 17.95
C ALA C 68 35.79 -20.59 18.29
N ASN C 69 35.15 -19.87 17.39
CA ASN C 69 34.55 -18.56 17.57
C ASN C 69 33.10 -18.62 17.05
N TRP C 70 32.31 -17.57 17.21
CA TRP C 70 30.90 -17.54 16.82
C TRP C 70 30.65 -17.96 15.36
N LEU C 71 31.62 -17.66 14.49
CA LEU C 71 31.58 -17.91 13.07
C LEU C 71 32.07 -19.31 12.67
N SER C 72 32.81 -20.01 13.53
CA SER C 72 33.35 -21.35 13.27
C SER C 72 32.27 -22.41 13.14
N VAL C 73 31.05 -22.09 13.54
CA VAL C 73 29.85 -22.91 13.43
C VAL C 73 28.75 -22.20 12.65
N SER C 74 29.13 -21.25 11.78
CA SER C 74 28.16 -20.59 10.90
C SER C 74 27.89 -21.35 9.61
N ASN C 75 26.66 -21.23 9.12
CA ASN C 75 26.12 -21.92 7.98
C ASN C 75 26.13 -23.46 8.09
N ILE C 76 26.12 -24.01 9.31
CA ILE C 76 26.05 -25.47 9.54
C ILE C 76 24.67 -25.97 9.96
N ILE C 77 23.77 -25.15 10.52
CA ILE C 77 22.50 -25.66 11.09
C ILE C 77 21.61 -26.41 10.08
N GLN C 78 21.69 -26.07 8.79
CA GLN C 78 20.92 -26.70 7.72
C GLN C 78 21.63 -27.87 7.04
N LEU C 79 22.88 -28.16 7.41
CA LEU C 79 23.69 -29.25 6.87
C LEU C 79 23.49 -30.54 7.67
N GLY C 80 23.36 -31.66 6.96
CA GLY C 80 23.40 -32.98 7.56
C GLY C 80 24.82 -33.43 7.95
N GLY C 81 24.91 -34.64 8.47
CA GLY C 81 26.17 -35.22 8.93
C GLY C 81 26.78 -34.44 10.08
N THR C 82 28.09 -34.23 10.08
CA THR C 82 28.74 -33.36 11.06
C THR C 82 30.03 -32.78 10.51
N ILE C 83 30.16 -31.46 10.53
CA ILE C 83 31.28 -30.71 9.96
C ILE C 83 32.61 -30.94 10.68
N ILE C 84 32.58 -31.43 11.91
CA ILE C 84 33.79 -31.82 12.65
C ILE C 84 34.17 -33.28 12.41
N GLY C 85 33.27 -34.11 11.87
CA GLY C 85 33.51 -35.52 11.54
C GLY C 85 33.53 -36.45 12.74
N SER C 86 33.22 -37.73 12.54
CA SER C 86 32.91 -38.65 13.63
C SER C 86 33.51 -40.04 13.47
N ALA C 87 34.80 -40.11 13.15
CA ALA C 87 35.53 -41.37 13.04
C ALA C 87 35.51 -42.23 14.32
N ARG C 88 35.37 -43.57 14.14
CA ARG C 88 35.57 -44.60 15.17
C ARG C 88 37.01 -44.62 15.67
N CYS C 89 37.25 -45.12 16.88
CA CYS C 89 38.59 -45.08 17.47
C CYS C 89 38.83 -46.25 18.44
N LYS C 90 39.20 -47.41 17.92
CA LYS C 90 39.59 -48.56 18.75
C LYS C 90 40.72 -48.21 19.72
N ALA C 91 41.58 -47.26 19.40
CA ALA C 91 42.63 -46.79 20.31
C ALA C 91 42.09 -46.21 21.63
N PHE C 92 40.97 -45.49 21.63
CA PHE C 92 40.33 -44.96 22.84
C PHE C 92 39.62 -46.05 23.66
N THR C 93 39.26 -47.18 23.05
CA THR C 93 38.85 -48.41 23.73
C THR C 93 40.00 -49.10 24.47
N THR C 94 41.24 -48.67 24.24
CA THR C 94 42.45 -49.08 25.00
C THR C 94 42.94 -47.96 25.90
N ARG C 95 43.45 -48.29 27.07
CA ARG C 95 43.95 -47.29 28.05
C ARG C 95 45.17 -46.52 27.57
N GLU C 96 45.94 -47.08 26.65
CA GLU C 96 47.08 -46.44 25.99
C GLU C 96 46.67 -45.29 25.06
N GLY C 97 45.52 -45.37 24.40
CA GLY C 97 44.91 -44.24 23.72
C GLY C 97 44.21 -43.32 24.70
N ARG C 98 43.45 -43.89 25.64
CA ARG C 98 42.69 -43.13 26.64
C ARG C 98 43.55 -42.22 27.50
N ARG C 99 44.78 -42.58 27.85
CA ARG C 99 45.71 -41.70 28.56
C ARG C 99 46.23 -40.56 27.70
N ALA C 100 46.40 -40.78 26.39
CA ALA C 100 46.78 -39.74 25.44
C ALA C 100 45.61 -38.78 25.15
N ALA C 101 44.38 -39.28 25.13
CA ALA C 101 43.17 -38.46 25.09
C ALA C 101 43.08 -37.51 26.30
N ALA C 102 43.44 -37.96 27.51
CA ALA C 102 43.56 -37.10 28.69
C ALA C 102 44.66 -36.04 28.50
N TYR C 103 45.85 -36.44 28.05
CA TYR C 103 46.98 -35.55 27.78
C TYR C 103 46.61 -34.45 26.78
N ASN C 104 45.94 -34.77 25.69
CA ASN C 104 45.61 -33.78 24.68
C ASN C 104 44.62 -32.74 25.19
N LEU C 105 43.66 -33.12 26.04
CA LEU C 105 42.74 -32.17 26.67
C LEU C 105 43.48 -31.25 27.64
N VAL C 106 44.28 -31.79 28.56
CA VAL C 106 45.01 -31.00 29.55
C VAL C 106 46.17 -30.19 28.97
N GLN C 107 46.68 -30.53 27.78
CA GLN C 107 47.53 -29.64 26.97
C GLN C 107 46.81 -28.37 26.55
N HIS C 108 45.60 -28.47 25.97
CA HIS C 108 44.76 -27.31 25.62
C HIS C 108 44.03 -26.70 26.82
N GLY C 109 44.09 -27.36 27.97
CA GLY C 109 43.44 -26.96 29.23
C GLY C 109 41.95 -27.28 29.28
N ILE C 110 41.45 -28.14 28.38
CA ILE C 110 40.05 -28.51 28.29
C ILE C 110 39.64 -29.35 29.49
N THR C 111 38.60 -28.92 30.19
CA THR C 111 38.20 -29.43 31.50
C THR C 111 36.78 -29.99 31.50
N ASN C 112 35.99 -29.61 30.50
CA ASN C 112 34.62 -30.03 30.30
C ASN C 112 34.53 -30.57 28.87
N LEU C 113 33.72 -31.58 28.63
CA LEU C 113 33.67 -32.23 27.33
C LEU C 113 32.23 -32.65 27.03
N CYS C 114 31.68 -32.14 25.95
CA CYS C 114 30.40 -32.53 25.42
C CYS C 114 30.60 -33.64 24.38
N VAL C 115 29.94 -34.79 24.55
CA VAL C 115 29.99 -35.88 23.56
C VAL C 115 28.63 -36.01 22.91
N ILE C 116 28.57 -35.87 21.59
CA ILE C 116 27.35 -36.12 20.81
C ILE C 116 27.48 -37.48 20.13
N GLY C 117 26.72 -38.48 20.55
CA GLY C 117 26.86 -39.83 20.02
C GLY C 117 25.91 -40.82 20.65
N GLY C 118 25.92 -42.07 20.20
CA GLY C 118 25.11 -43.17 20.72
C GLY C 118 25.63 -43.82 22.02
N ASP C 119 25.10 -44.99 22.38
CA ASP C 119 25.36 -45.60 23.68
C ASP C 119 26.81 -46.08 23.88
N GLY C 120 27.51 -46.47 22.82
CA GLY C 120 28.91 -46.84 22.87
C GLY C 120 29.81 -45.63 23.10
N SER C 121 29.65 -44.61 22.27
CA SER C 121 30.42 -43.38 22.37
C SER C 121 30.18 -42.61 23.65
N LEU C 122 29.01 -42.74 24.27
CA LEU C 122 28.73 -42.20 25.59
C LEU C 122 29.35 -43.03 26.72
N THR C 123 29.40 -44.37 26.58
CA THR C 123 30.04 -45.25 27.58
C THR C 123 31.54 -44.92 27.69
N GLY C 124 32.21 -44.78 26.56
CA GLY C 124 33.60 -44.35 26.53
C GLY C 124 33.87 -43.03 27.27
N ALA C 125 32.93 -42.08 27.27
CA ALA C 125 33.05 -40.84 28.03
C ALA C 125 32.86 -41.08 29.55
N ASN C 126 31.92 -41.95 29.92
CA ASN C 126 31.61 -42.33 31.30
C ASN C 126 32.84 -42.92 32.00
N ILE C 127 33.55 -43.77 31.28
CA ILE C 127 34.81 -44.43 31.69
C ILE C 127 35.92 -43.39 31.85
N PHE C 128 36.05 -42.51 30.87
CA PHE C 128 37.08 -41.49 30.81
C PHE C 128 36.95 -40.44 31.93
N ARG C 129 35.79 -40.30 32.59
CA ARG C 129 35.68 -39.66 33.92
C ARG C 129 36.10 -40.58 35.04
N SER C 130 35.54 -41.80 35.06
CA SER C 130 35.66 -42.76 36.15
C SER C 130 37.11 -43.06 36.50
N GLU C 131 38.04 -42.93 35.57
CA GLU C 131 39.47 -43.08 35.82
C GLU C 131 40.32 -41.84 35.51
N TRP C 132 39.72 -40.68 35.22
CA TRP C 132 40.41 -39.46 34.78
C TRP C 132 41.63 -39.09 35.65
N GLY C 133 41.45 -39.03 36.97
CA GLY C 133 42.49 -38.64 37.92
C GLY C 133 43.69 -39.58 37.92
N SER C 134 43.51 -40.83 37.52
CA SER C 134 44.59 -41.81 37.38
C SER C 134 45.34 -41.69 36.04
N LEU C 135 44.69 -41.17 34.98
CA LEU C 135 45.35 -40.82 33.72
C LEU C 135 46.20 -39.56 33.93
N LEU C 136 45.66 -38.56 34.62
CA LEU C 136 46.39 -37.37 35.06
C LEU C 136 47.59 -37.71 35.94
N GLU C 137 47.43 -38.66 36.87
CA GLU C 137 48.50 -39.15 37.74
C GLU C 137 49.65 -39.77 36.95
N GLU C 138 49.36 -40.58 35.93
CA GLU C 138 50.38 -41.20 35.09
C GLU C 138 51.13 -40.16 34.25
N LEU C 139 50.45 -39.13 33.75
CA LEU C 139 51.07 -38.04 33.00
C LEU C 139 51.99 -37.17 33.86
N VAL C 140 51.67 -36.99 35.14
CA VAL C 140 52.59 -36.44 36.15
C VAL C 140 53.74 -37.39 36.44
N ALA C 141 53.47 -38.69 36.63
CA ALA C 141 54.49 -39.66 36.99
C ALA C 141 55.59 -39.80 35.92
N GLU C 142 55.24 -39.70 34.63
CA GLU C 142 56.22 -39.63 33.53
C GLU C 142 56.69 -38.20 33.18
N GLY C 143 56.16 -37.16 33.83
CA GLY C 143 56.68 -35.80 33.77
C GLY C 143 56.27 -34.96 32.57
N LYS C 144 55.24 -35.34 31.81
CA LYS C 144 54.73 -34.55 30.67
C LYS C 144 54.06 -33.26 31.15
N ILE C 145 53.50 -33.25 32.35
CA ILE C 145 52.77 -32.13 32.96
C ILE C 145 53.12 -32.02 34.45
N SER C 146 53.01 -30.82 35.00
CA SER C 146 53.33 -30.51 36.40
C SER C 146 52.18 -30.82 37.35
N GLU C 147 52.47 -31.12 38.62
CA GLU C 147 51.45 -31.43 39.65
C GLU C 147 50.35 -30.38 39.77
N THR C 148 50.70 -29.09 39.69
CA THR C 148 49.73 -27.98 39.73
C THR C 148 48.66 -28.11 38.64
N THR C 149 49.05 -28.54 37.44
CA THR C 149 48.11 -28.77 36.35
C THR C 149 47.20 -29.96 36.67
N ALA C 150 47.73 -31.05 37.24
CA ALA C 150 46.95 -32.22 37.62
C ALA C 150 46.00 -31.99 38.81
N ARG C 151 46.34 -31.04 39.70
CA ARG C 151 45.44 -30.49 40.71
C ARG C 151 44.39 -29.52 40.13
N THR C 152 44.67 -28.86 39.02
CA THR C 152 43.73 -27.95 38.33
C THR C 152 42.72 -28.73 37.49
N TYR C 153 43.22 -29.46 36.49
CA TYR C 153 42.49 -30.36 35.60
C TYR C 153 42.21 -31.72 36.25
N SER C 154 41.85 -31.74 37.53
CA SER C 154 41.73 -32.95 38.34
C SER C 154 40.43 -33.72 38.12
N HIS C 155 39.47 -33.14 37.42
CA HIS C 155 38.18 -33.73 37.11
C HIS C 155 37.76 -33.36 35.69
N LEU C 156 37.04 -34.28 35.04
CA LEU C 156 36.44 -34.09 33.74
C LEU C 156 34.93 -34.08 33.91
N ASN C 157 34.25 -33.08 33.35
CA ASN C 157 32.79 -33.09 33.26
C ASN C 157 32.37 -33.56 31.88
N ILE C 158 31.49 -34.56 31.83
CA ILE C 158 30.85 -35.01 30.60
C ILE C 158 29.39 -34.60 30.61
N ALA C 159 28.96 -33.96 29.53
CA ALA C 159 27.56 -33.97 29.16
C ALA C 159 27.41 -34.78 27.87
N GLY C 160 26.50 -35.74 27.91
CA GLY C 160 26.14 -36.54 26.76
C GLY C 160 24.96 -35.93 26.03
N LEU C 161 25.10 -35.77 24.72
CA LEU C 161 24.03 -35.50 23.78
C LEU C 161 23.79 -36.77 22.99
N VAL C 162 22.62 -37.37 23.03
CA VAL C 162 22.40 -38.65 22.36
C VAL C 162 22.07 -38.44 20.90
N GLY C 163 23.08 -38.46 20.04
CA GLY C 163 22.98 -38.41 18.60
C GLY C 163 22.96 -39.79 17.97
N SER C 164 21.88 -40.14 17.30
CA SER C 164 21.68 -41.45 16.66
C SER C 164 20.41 -41.42 15.83
N ILE C 165 20.37 -42.07 14.68
CA ILE C 165 19.12 -42.22 13.92
C ILE C 165 18.20 -43.32 14.48
N ASP C 166 18.75 -44.31 15.18
CA ASP C 166 18.02 -45.50 15.64
C ASP C 166 16.99 -45.25 16.74
N ASN C 167 17.15 -44.20 17.55
CA ASN C 167 16.41 -43.99 18.79
C ASN C 167 16.64 -45.12 19.82
N ASP C 168 17.84 -45.69 19.78
CA ASP C 168 18.28 -46.88 20.48
C ASP C 168 18.45 -46.70 22.00
N PHE C 169 18.26 -45.49 22.53
CA PHE C 169 18.64 -45.12 23.89
C PHE C 169 17.43 -44.95 24.82
N CYS C 170 17.44 -45.62 25.96
CA CYS C 170 16.22 -45.87 26.73
C CYS C 170 15.78 -44.74 27.68
N GLY C 171 16.63 -43.79 28.03
CA GLY C 171 16.21 -42.63 28.82
C GLY C 171 15.47 -41.53 28.05
N THR C 172 15.06 -41.73 26.80
CA THR C 172 14.73 -40.60 25.91
C THR C 172 13.63 -40.93 24.92
N ASP C 173 12.78 -39.95 24.58
CA ASP C 173 11.76 -40.13 23.55
C ASP C 173 12.30 -39.98 22.13
N MET C 174 13.20 -39.02 21.88
CA MET C 174 13.89 -38.82 20.60
C MET C 174 15.38 -38.56 20.78
N THR C 175 16.24 -39.43 20.25
CA THR C 175 17.66 -39.12 20.04
C THR C 175 17.78 -38.14 18.87
N ILE C 176 18.79 -37.27 18.91
CA ILE C 176 19.09 -36.32 17.83
C ILE C 176 19.36 -37.09 16.55
N GLY C 177 18.50 -36.94 15.54
CA GLY C 177 18.63 -37.53 14.22
C GLY C 177 17.46 -38.38 13.78
N THR C 178 16.65 -38.84 14.72
CA THR C 178 15.68 -39.89 14.45
C THR C 178 14.44 -39.37 13.71
N ASP C 179 14.04 -38.10 13.88
CA ASP C 179 12.97 -37.50 13.07
C ASP C 179 13.41 -37.23 11.63
N SER C 180 14.65 -36.79 11.42
CA SER C 180 15.22 -36.59 10.08
C SER C 180 15.42 -37.89 9.31
N ALA C 181 15.84 -38.96 9.98
CA ALA C 181 15.86 -40.29 9.41
C ALA C 181 14.45 -40.75 9.04
N LEU C 182 13.43 -40.41 9.82
CA LEU C 182 12.06 -40.67 9.41
C LEU C 182 11.63 -39.80 8.23
N HIS C 183 12.07 -38.55 8.09
CA HIS C 183 11.87 -37.75 6.86
C HIS C 183 12.51 -38.42 5.65
N ARG C 184 13.74 -38.96 5.77
CA ARG C 184 14.37 -39.73 4.71
C ARG C 184 13.58 -40.98 4.35
N ILE C 185 13.09 -41.76 5.31
CA ILE C 185 12.29 -42.96 5.01
C ILE C 185 10.95 -42.59 4.39
N MET C 186 10.26 -41.58 4.90
CA MET C 186 8.96 -41.19 4.38
C MET C 186 9.05 -40.53 3.00
N GLU C 187 10.16 -39.87 2.67
CA GLU C 187 10.47 -39.44 1.29
C GLU C 187 10.61 -40.63 0.35
N VAL C 188 11.27 -41.70 0.78
CA VAL C 188 11.44 -42.93 -0.01
C VAL C 188 10.14 -43.72 -0.13
N ILE C 189 9.29 -43.76 0.88
CA ILE C 189 7.98 -44.41 0.76
C ILE C 189 7.01 -43.55 -0.05
N ASP C 190 7.03 -42.23 0.05
CA ASP C 190 6.28 -41.33 -0.85
C ASP C 190 6.76 -41.47 -2.30
N ALA C 191 8.01 -41.86 -2.54
CA ALA C 191 8.43 -42.32 -3.85
C ALA C 191 7.81 -43.69 -4.19
N ILE C 192 8.15 -44.74 -3.44
CA ILE C 192 7.81 -46.13 -3.76
C ILE C 192 6.31 -46.38 -3.80
N THR C 193 5.49 -45.63 -3.10
CA THR C 193 4.03 -45.76 -3.18
C THR C 193 3.50 -45.49 -4.57
N THR C 194 4.08 -44.56 -5.34
CA THR C 194 3.55 -44.21 -6.67
C THR C 194 3.81 -45.28 -7.74
N THR C 195 4.99 -45.90 -7.70
CA THR C 195 5.38 -46.96 -8.63
C THR C 195 4.84 -48.34 -8.21
N ALA C 196 4.66 -48.57 -6.91
CA ALA C 196 3.99 -49.74 -6.39
C ALA C 196 2.47 -49.68 -6.63
N GLN C 197 1.85 -48.52 -6.47
CA GLN C 197 0.44 -48.35 -6.77
C GLN C 197 0.18 -48.54 -8.26
N SER C 198 0.96 -47.99 -9.18
CA SER C 198 0.64 -48.10 -10.61
C SER C 198 0.69 -49.54 -11.12
N HIS C 199 1.72 -50.30 -10.74
CA HIS C 199 1.96 -51.71 -11.07
C HIS C 199 1.26 -52.72 -10.17
N GLN C 200 0.63 -52.30 -9.07
CA GLN C 200 0.03 -53.15 -8.03
C GLN C 200 1.05 -54.05 -7.29
N ARG C 201 2.27 -53.56 -7.02
CA ARG C 201 3.37 -54.34 -6.43
C ARG C 201 3.45 -54.28 -4.91
N THR C 202 3.97 -55.35 -4.31
CA THR C 202 4.40 -55.36 -2.90
C THR C 202 5.85 -54.94 -2.79
N PHE C 203 6.18 -54.05 -1.87
CA PHE C 203 7.57 -53.69 -1.58
C PHE C 203 7.97 -54.12 -0.18
N VAL C 204 9.08 -54.85 -0.09
CA VAL C 204 9.82 -55.03 1.15
C VAL C 204 10.81 -53.87 1.30
N LEU C 205 10.60 -53.00 2.28
CA LEU C 205 11.49 -51.89 2.61
C LEU C 205 12.35 -52.25 3.81
N GLU C 206 13.67 -52.24 3.68
CA GLU C 206 14.55 -52.50 4.80
C GLU C 206 15.11 -51.19 5.35
N VAL C 207 15.02 -50.97 6.67
CA VAL C 207 15.37 -49.70 7.35
C VAL C 207 16.38 -49.90 8.49
N MET C 208 17.21 -48.90 8.78
CA MET C 208 18.34 -48.94 9.69
C MET C 208 17.98 -49.00 11.20
N GLY C 209 17.11 -49.92 11.62
CA GLY C 209 16.91 -50.29 13.02
C GLY C 209 17.86 -51.41 13.44
N ARG C 210 19.06 -51.07 13.93
CA ARG C 210 20.20 -51.99 14.05
C ARG C 210 19.93 -53.12 15.02
N HIS C 211 19.55 -52.75 16.23
CA HIS C 211 18.97 -53.60 17.27
C HIS C 211 17.67 -52.99 17.82
N CYS C 212 17.31 -51.77 17.40
CA CYS C 212 16.16 -51.00 17.83
C CYS C 212 15.14 -50.86 16.71
N GLY C 213 13.88 -51.27 16.92
CA GLY C 213 12.83 -51.21 15.91
C GLY C 213 12.11 -49.87 15.77
N TYR C 214 12.61 -48.78 16.34
CA TYR C 214 11.88 -47.52 16.34
C TYR C 214 11.62 -47.01 14.93
N LEU C 215 12.66 -46.86 14.13
CA LEU C 215 12.54 -46.40 12.74
C LEU C 215 11.59 -47.26 11.93
N ALA C 216 11.60 -48.58 12.12
CA ALA C 216 10.71 -49.50 11.42
C ALA C 216 9.26 -49.36 11.87
N LEU C 217 8.99 -49.36 13.18
CA LEU C 217 7.64 -49.22 13.70
C LEU C 217 7.03 -47.88 13.33
N VAL C 218 7.76 -46.80 13.58
CA VAL C 218 7.26 -45.46 13.39
C VAL C 218 7.00 -45.18 11.92
N SER C 219 7.90 -45.55 11.01
CA SER C 219 7.66 -45.41 9.57
C SER C 219 6.65 -46.39 9.02
N ALA C 220 6.42 -47.56 9.61
CA ALA C 220 5.31 -48.45 9.24
C ALA C 220 3.95 -47.86 9.58
N LEU C 221 3.83 -47.35 10.80
CA LEU C 221 2.65 -46.68 11.30
C LEU C 221 2.35 -45.39 10.52
N ALA C 222 3.37 -44.60 10.18
CA ALA C 222 3.29 -43.40 9.35
C ALA C 222 3.01 -43.64 7.86
N SER C 223 3.23 -44.85 7.34
CA SER C 223 3.01 -45.17 5.92
C SER C 223 1.83 -46.12 5.66
N GLY C 224 1.20 -46.65 6.71
CA GLY C 224 0.12 -47.61 6.56
C GLY C 224 0.61 -48.99 6.16
N ALA C 225 1.85 -49.35 6.49
CA ALA C 225 2.44 -50.61 6.09
C ALA C 225 1.65 -51.83 6.58
N ASP C 226 1.45 -52.78 5.69
CA ASP C 226 0.61 -53.97 5.87
C ASP C 226 1.20 -55.02 6.82
N TRP C 227 2.52 -55.04 6.95
CA TRP C 227 3.25 -55.86 7.90
C TRP C 227 4.51 -55.17 8.34
N LEU C 228 5.03 -55.58 9.49
CA LEU C 228 6.16 -54.98 10.18
C LEU C 228 6.99 -56.07 10.85
N PHE C 229 8.30 -55.89 10.88
CA PHE C 229 9.24 -56.77 11.56
C PHE C 229 10.17 -55.94 12.45
N ILE C 230 9.97 -56.00 13.76
CA ILE C 230 10.80 -55.32 14.74
C ILE C 230 11.41 -56.35 15.68
N PRO C 231 12.68 -56.22 16.09
CA PRO C 231 13.34 -57.23 16.91
C PRO C 231 12.81 -57.28 18.35
N GLU C 232 12.18 -56.22 18.87
CA GLU C 232 11.50 -56.26 20.17
C GLU C 232 10.12 -56.94 20.13
N ALA C 233 9.54 -57.26 18.97
CA ALA C 233 8.30 -58.03 18.92
C ALA C 233 8.31 -59.02 17.74
N PRO C 234 9.19 -60.05 17.77
CA PRO C 234 9.30 -61.03 16.69
C PRO C 234 7.99 -61.75 16.41
N PRO C 235 7.71 -62.17 15.16
CA PRO C 235 6.45 -62.84 14.85
C PRO C 235 6.42 -64.25 15.44
N GLU C 236 5.29 -64.60 16.03
CA GLU C 236 4.99 -65.91 16.60
C GLU C 236 4.94 -67.02 15.55
N ASP C 237 5.06 -68.28 15.96
CA ASP C 237 5.24 -69.40 15.03
C ASP C 237 4.09 -69.59 14.04
N GLY C 238 4.43 -69.92 12.78
CA GLY C 238 3.50 -70.04 11.66
C GLY C 238 3.02 -68.72 11.06
N TRP C 239 3.66 -67.58 11.39
CA TRP C 239 3.28 -66.23 10.95
C TRP C 239 3.19 -66.05 9.45
N GLU C 240 3.87 -66.87 8.67
CA GLU C 240 3.82 -66.84 7.22
C GLU C 240 2.39 -67.03 6.69
N ASN C 241 1.57 -67.79 7.42
CA ASN C 241 0.15 -67.90 7.13
C ASN C 241 -0.55 -66.55 7.37
N PHE C 242 -0.38 -65.97 8.55
CA PHE C 242 -1.05 -64.74 8.97
C PHE C 242 -0.60 -63.52 8.17
N MET C 243 0.67 -63.47 7.75
CA MET C 243 1.13 -62.47 6.80
C MET C 243 0.47 -62.67 5.44
N CYS C 244 0.43 -63.88 4.90
CA CYS C 244 -0.20 -64.08 3.60
C CYS C 244 -1.73 -63.90 3.62
N GLU C 245 -2.38 -64.10 4.76
CA GLU C 245 -3.75 -63.68 4.99
C GLU C 245 -3.88 -62.15 5.06
N ARG C 246 -3.01 -61.41 5.76
CA ARG C 246 -3.10 -59.94 5.90
C ARG C 246 -2.82 -59.20 4.59
N LEU C 247 -1.85 -59.67 3.82
CA LEU C 247 -1.55 -59.14 2.49
C LEU C 247 -2.68 -59.45 1.52
N GLY C 248 -3.26 -60.65 1.60
CA GLY C 248 -4.48 -61.01 0.90
C GLY C 248 -5.67 -60.11 1.25
N GLU C 249 -5.96 -59.92 2.54
CA GLU C 249 -7.13 -59.19 3.03
C GLU C 249 -7.16 -57.75 2.53
N THR C 250 -6.16 -56.93 2.84
CA THR C 250 -6.14 -55.51 2.45
C THR C 250 -6.30 -55.33 0.94
N ARG C 251 -5.62 -56.16 0.17
CA ARG C 251 -5.62 -56.11 -1.31
C ARG C 251 -6.88 -56.73 -1.92
N SER C 252 -7.61 -57.57 -1.19
CA SER C 252 -8.98 -57.99 -1.53
C SER C 252 -10.00 -56.90 -1.16
N ARG C 253 -9.79 -56.19 -0.04
CA ARG C 253 -10.54 -55.02 0.46
C ARG C 253 -10.20 -53.73 -0.33
N GLY C 254 -10.07 -53.84 -1.65
CA GLY C 254 -9.98 -52.70 -2.58
C GLY C 254 -8.62 -52.01 -2.68
N SER C 255 -7.62 -52.39 -1.88
CA SER C 255 -6.26 -51.88 -2.05
C SER C 255 -5.55 -52.51 -3.27
N ARG C 256 -4.28 -52.18 -3.47
CA ARG C 256 -3.58 -52.27 -4.75
C ARG C 256 -2.10 -52.59 -4.59
N LEU C 257 -1.36 -51.79 -3.83
CA LEU C 257 0.00 -52.10 -3.38
C LEU C 257 -0.03 -52.74 -1.98
N ASN C 258 1.12 -53.25 -1.52
CA ASN C 258 1.40 -53.42 -0.10
C ASN C 258 2.81 -52.93 0.20
N ILE C 259 3.03 -52.33 1.35
CA ILE C 259 4.35 -52.00 1.88
C ILE C 259 4.61 -52.93 3.07
N ILE C 260 5.77 -53.57 3.11
CA ILE C 260 6.26 -54.37 4.23
C ILE C 260 7.51 -53.71 4.78
N ILE C 261 7.48 -53.25 6.03
CA ILE C 261 8.70 -52.67 6.62
C ILE C 261 9.43 -53.76 7.40
N ILE C 262 10.71 -53.93 7.14
CA ILE C 262 11.58 -54.82 7.91
C ILE C 262 12.74 -54.04 8.51
N ALA C 263 12.94 -54.09 9.83
CA ALA C 263 14.18 -53.55 10.39
C ALA C 263 15.37 -54.40 9.94
N GLU C 264 16.53 -53.79 9.69
CA GLU C 264 17.74 -54.55 9.35
C GLU C 264 18.07 -55.60 10.41
N GLY C 265 17.79 -55.28 11.68
CA GLY C 265 18.02 -56.12 12.83
C GLY C 265 16.96 -57.16 13.15
N ALA C 266 15.93 -57.34 12.31
CA ALA C 266 14.81 -58.21 12.59
C ALA C 266 15.20 -59.68 12.79
N ILE C 267 14.55 -60.31 13.77
CA ILE C 267 14.71 -61.68 14.21
C ILE C 267 13.35 -62.37 14.28
N ASP C 268 13.31 -63.70 14.19
CA ASP C 268 12.12 -64.49 14.51
C ASP C 268 11.99 -64.75 16.03
N ARG C 269 10.93 -65.44 16.46
CA ARG C 269 10.67 -65.77 17.88
C ARG C 269 11.78 -66.60 18.56
N ASN C 270 12.70 -67.17 17.79
CA ASN C 270 13.81 -67.96 18.30
C ASN C 270 15.12 -67.13 18.38
N GLY C 271 15.09 -65.89 17.92
CA GLY C 271 16.23 -64.98 17.90
C GLY C 271 17.12 -65.10 16.66
N LYS C 272 16.70 -65.85 15.64
CA LYS C 272 17.46 -66.08 14.40
C LYS C 272 17.03 -65.10 13.31
N PRO C 273 17.96 -64.51 12.54
CA PRO C 273 17.69 -63.34 11.74
C PRO C 273 16.75 -63.62 10.57
N ILE C 274 15.83 -62.70 10.28
CA ILE C 274 14.93 -62.80 9.12
C ILE C 274 15.37 -61.78 8.07
N SER C 275 15.61 -62.22 6.85
CA SER C 275 16.08 -61.37 5.76
C SER C 275 14.92 -60.82 4.94
N SER C 276 15.12 -59.62 4.39
CA SER C 276 14.22 -59.02 3.41
C SER C 276 14.05 -59.90 2.16
N SER C 277 15.10 -60.60 1.73
CA SER C 277 15.04 -61.65 0.71
C SER C 277 14.09 -62.79 1.08
N TYR C 278 14.10 -63.30 2.31
CA TYR C 278 13.18 -64.36 2.73
C TYR C 278 11.73 -63.88 2.71
N VAL C 279 11.49 -62.63 3.10
CA VAL C 279 10.15 -62.03 2.99
C VAL C 279 9.70 -61.91 1.54
N LYS C 280 10.56 -61.47 0.62
CA LYS C 280 10.23 -61.35 -0.80
C LYS C 280 9.88 -62.70 -1.41
N ASP C 281 10.74 -63.69 -1.19
CA ASP C 281 10.54 -65.06 -1.64
C ASP C 281 9.24 -65.66 -1.11
N LEU C 282 8.92 -65.41 0.17
CA LEU C 282 7.71 -65.92 0.79
C LEU C 282 6.44 -65.37 0.13
N VAL C 283 6.38 -64.05 -0.08
CA VAL C 283 5.22 -63.38 -0.71
C VAL C 283 5.02 -63.89 -2.13
N VAL C 284 6.08 -63.94 -2.94
CA VAL C 284 6.03 -64.48 -4.29
C VAL C 284 5.50 -65.90 -4.28
N GLN C 285 6.10 -66.79 -3.47
CA GLN C 285 5.80 -68.22 -3.49
C GLN C 285 4.45 -68.61 -2.84
N ARG C 286 3.84 -67.77 -2.03
CA ARG C 286 2.61 -68.06 -1.27
C ARG C 286 1.42 -67.15 -1.59
N LEU C 287 1.63 -66.08 -2.37
CA LEU C 287 0.57 -65.19 -2.86
C LEU C 287 0.64 -64.89 -4.37
N GLY C 288 1.76 -65.14 -5.06
CA GLY C 288 1.86 -64.89 -6.49
C GLY C 288 1.81 -63.41 -6.88
N PHE C 289 1.93 -62.51 -5.90
CA PHE C 289 2.01 -61.06 -6.10
C PHE C 289 3.39 -60.67 -6.64
N ASP C 290 3.42 -59.78 -7.62
CA ASP C 290 4.66 -59.13 -8.08
C ASP C 290 5.26 -58.30 -6.94
N THR C 291 6.51 -58.58 -6.57
CA THR C 291 7.12 -58.12 -5.32
C THR C 291 8.56 -57.66 -5.54
N ARG C 292 8.98 -56.59 -4.86
CA ARG C 292 10.34 -56.03 -4.91
C ARG C 292 10.90 -55.82 -3.52
N VAL C 293 12.21 -55.67 -3.39
CA VAL C 293 12.91 -55.38 -2.16
C VAL C 293 13.79 -54.16 -2.36
N THR C 294 13.57 -53.12 -1.56
CA THR C 294 14.46 -51.96 -1.50
C THR C 294 15.19 -51.96 -0.18
N VAL C 295 16.48 -52.28 -0.18
CA VAL C 295 17.35 -52.00 0.95
C VAL C 295 17.69 -50.52 0.89
N LEU C 296 16.79 -49.72 1.41
CA LEU C 296 16.96 -48.30 1.67
C LEU C 296 18.13 -48.17 2.66
N GLY C 297 19.26 -47.66 2.18
CA GLY C 297 20.51 -47.57 2.92
C GLY C 297 20.76 -46.19 3.51
N HIS C 298 22.03 -45.81 3.60
CA HIS C 298 22.54 -44.59 4.25
C HIS C 298 22.01 -43.25 3.73
N VAL C 299 21.11 -43.25 2.75
CA VAL C 299 20.15 -42.15 2.54
C VAL C 299 19.50 -41.75 3.87
N GLN C 300 19.19 -42.70 4.75
CA GLN C 300 18.64 -42.47 6.10
C GLN C 300 19.50 -41.62 7.02
N ARG C 301 20.81 -41.64 6.83
CA ARG C 301 21.78 -40.90 7.65
C ARG C 301 21.99 -39.47 7.17
N GLY C 302 21.49 -39.12 6.00
CA GLY C 302 21.87 -37.91 5.29
C GLY C 302 20.76 -36.91 5.02
N GLY C 303 21.12 -35.90 4.24
CA GLY C 303 20.25 -34.80 3.87
C GLY C 303 20.12 -33.79 4.98
N THR C 304 19.37 -32.72 4.75
CA THR C 304 19.17 -31.66 5.73
C THR C 304 18.39 -32.17 6.94
N PRO C 305 18.73 -31.74 8.17
CA PRO C 305 17.91 -32.02 9.34
C PRO C 305 16.53 -31.38 9.25
N SER C 306 15.54 -32.09 9.77
CA SER C 306 14.18 -31.60 9.99
C SER C 306 14.16 -30.48 11.02
N ALA C 307 13.07 -29.70 11.04
CA ALA C 307 12.90 -28.64 12.03
C ALA C 307 12.97 -29.16 13.46
N PHE C 308 12.36 -30.30 13.75
CA PHE C 308 12.46 -30.88 15.07
C PHE C 308 13.89 -31.24 15.43
N ASP C 309 14.70 -31.82 14.55
CA ASP C 309 16.08 -32.12 14.88
C ASP C 309 16.99 -30.88 15.00
N ARG C 310 16.69 -29.76 14.33
CA ARG C 310 17.42 -28.50 14.54
C ARG C 310 17.05 -27.85 15.87
N ILE C 311 15.77 -27.74 16.16
CA ILE C 311 15.25 -27.12 17.39
C ILE C 311 15.61 -27.98 18.59
N LEU C 312 15.45 -29.29 18.48
CA LEU C 312 15.83 -30.22 19.52
C LEU C 312 17.32 -30.14 19.78
N SER C 313 18.17 -30.28 18.77
CA SER C 313 19.62 -30.19 18.94
C SER C 313 20.09 -28.86 19.51
N SER C 314 19.34 -27.78 19.27
CA SER C 314 19.56 -26.48 19.88
C SER C 314 19.22 -26.48 21.36
N LYS C 315 18.03 -26.97 21.76
CA LYS C 315 17.65 -27.03 23.17
C LYS C 315 18.53 -28.01 23.94
N MET C 316 18.79 -29.18 23.37
CA MET C 316 19.70 -30.17 23.93
C MET C 316 21.11 -29.60 24.06
N GLY C 317 21.65 -28.96 23.03
CA GLY C 317 22.99 -28.38 23.02
C GLY C 317 23.17 -27.22 24.00
N MET C 318 22.14 -26.43 24.21
CA MET C 318 22.13 -25.36 25.21
C MET C 318 22.12 -25.93 26.63
N GLU C 319 21.30 -26.93 26.90
CA GLU C 319 21.28 -27.63 28.19
C GLU C 319 22.58 -28.37 28.46
N ALA C 320 23.21 -29.01 27.47
CA ALA C 320 24.49 -29.68 27.64
C ALA C 320 25.61 -28.74 28.10
N VAL C 321 25.63 -27.48 27.63
CA VAL C 321 26.61 -26.50 28.10
C VAL C 321 26.36 -26.08 29.55
N MET C 322 25.09 -25.88 29.92
CA MET C 322 24.68 -25.62 31.29
C MET C 322 25.04 -26.80 32.21
N ALA C 323 24.70 -28.01 31.80
CA ALA C 323 24.98 -29.23 32.55
C ALA C 323 26.48 -29.41 32.79
N LEU C 324 27.35 -29.00 31.87
CA LEU C 324 28.79 -28.99 32.09
C LEU C 324 29.21 -27.94 33.14
N LEU C 325 28.86 -26.68 32.94
CA LEU C 325 29.40 -25.59 33.77
C LEU C 325 28.85 -25.60 35.20
N GLU C 326 27.66 -26.16 35.43
CA GLU C 326 27.06 -26.32 36.77
C GLU C 326 27.31 -27.70 37.41
N ALA C 327 27.91 -28.66 36.70
CA ALA C 327 28.36 -29.94 37.28
C ALA C 327 29.48 -29.79 38.32
N THR C 328 29.65 -30.82 39.15
CA THR C 328 30.57 -30.88 40.30
C THR C 328 31.27 -32.25 40.33
N PRO C 329 32.41 -32.41 41.02
CA PRO C 329 33.10 -33.69 41.06
C PRO C 329 32.37 -34.80 41.85
N ASP C 330 31.31 -34.46 42.59
CA ASP C 330 30.36 -35.37 43.23
C ASP C 330 28.99 -35.43 42.53
N THR C 331 28.90 -34.95 41.28
CA THR C 331 27.77 -35.15 40.36
C THR C 331 28.08 -36.32 39.42
N PRO C 332 27.16 -37.26 39.19
CA PRO C 332 27.31 -38.28 38.17
C PRO C 332 27.14 -37.65 36.79
N ALA C 333 27.87 -38.14 35.79
CA ALA C 333 27.77 -37.60 34.43
C ALA C 333 26.35 -37.65 33.90
N CYS C 334 26.02 -36.69 33.05
CA CYS C 334 24.66 -36.40 32.64
C CYS C 334 24.45 -36.65 31.16
N VAL C 335 23.23 -37.03 30.80
CA VAL C 335 22.72 -37.07 29.43
C VAL C 335 21.53 -36.14 29.39
N VAL C 336 21.43 -35.32 28.35
CA VAL C 336 20.28 -34.46 28.10
C VAL C 336 19.36 -35.12 27.08
N THR C 337 18.07 -35.05 27.34
CA THR C 337 17.04 -35.95 26.79
C THR C 337 15.70 -35.21 26.68
N LEU C 338 14.74 -35.67 25.87
CA LEU C 338 13.33 -35.30 26.08
C LEU C 338 12.73 -36.11 27.22
N SER C 339 11.76 -35.52 27.90
CA SER C 339 10.71 -36.27 28.55
C SER C 339 9.40 -35.56 28.24
N GLY C 340 8.83 -35.85 27.08
CA GLY C 340 7.72 -35.10 26.51
C GLY C 340 8.11 -33.72 25.99
N ASN C 341 7.22 -32.76 26.19
CA ASN C 341 7.25 -31.35 25.75
C ASN C 341 8.54 -30.57 26.02
N GLN C 342 9.37 -31.00 26.98
CA GLN C 342 10.54 -30.29 27.47
C GLN C 342 11.68 -31.26 27.82
N SER C 343 12.87 -30.70 27.91
CA SER C 343 14.11 -31.43 28.21
C SER C 343 14.24 -31.77 29.68
N VAL C 344 14.83 -32.92 29.94
CA VAL C 344 15.29 -33.37 31.26
C VAL C 344 16.71 -33.91 31.16
N ARG C 345 17.38 -33.98 32.30
CA ARG C 345 18.77 -34.38 32.46
C ARG C 345 18.86 -35.61 33.34
N LEU C 346 19.54 -36.66 32.89
CA LEU C 346 19.57 -37.98 33.53
C LEU C 346 20.99 -38.50 33.76
N PRO C 347 21.24 -39.40 34.72
CA PRO C 347 22.53 -40.02 34.90
C PRO C 347 22.94 -40.88 33.69
N LEU C 348 24.15 -40.70 33.20
CA LEU C 348 24.72 -41.46 32.09
C LEU C 348 24.84 -42.94 32.41
N MET C 349 25.34 -43.28 33.61
CA MET C 349 25.40 -44.65 34.11
C MET C 349 24.07 -45.38 33.95
N GLU C 350 22.99 -44.80 34.46
CA GLU C 350 21.67 -45.43 34.47
C GLU C 350 21.11 -45.63 33.07
N CYS C 351 21.22 -44.62 32.21
CA CYS C 351 20.69 -44.68 30.85
C CYS C 351 21.43 -45.68 29.96
N VAL C 352 22.76 -45.80 30.11
CA VAL C 352 23.56 -46.85 29.46
C VAL C 352 23.09 -48.22 29.92
N GLN C 353 22.97 -48.45 31.24
CA GLN C 353 22.56 -49.75 31.77
C GLN C 353 21.13 -50.14 31.39
N MET C 354 20.18 -49.22 31.47
CA MET C 354 18.80 -49.43 31.04
C MET C 354 18.69 -49.71 29.53
N THR C 355 19.70 -49.30 28.75
CA THR C 355 19.82 -49.61 27.32
C THR C 355 20.42 -51.01 27.09
N LYS C 356 21.49 -51.37 27.81
CA LYS C 356 22.10 -52.70 27.82
C LYS C 356 21.12 -53.77 28.33
N GLU C 357 20.28 -53.42 29.30
CA GLU C 357 19.21 -54.27 29.81
C GLU C 357 18.14 -54.61 28.76
N VAL C 358 17.88 -53.74 27.77
CA VAL C 358 16.99 -54.04 26.63
C VAL C 358 17.63 -55.01 25.65
N GLN C 359 18.89 -54.82 25.26
CA GLN C 359 19.60 -55.75 24.37
C GLN C 359 19.67 -57.16 24.98
N LYS C 360 19.91 -57.22 26.30
CA LYS C 360 19.92 -58.44 27.10
C LYS C 360 18.53 -59.07 27.19
N ALA C 361 17.47 -58.30 27.42
CA ALA C 361 16.10 -58.83 27.40
C ALA C 361 15.65 -59.39 26.06
N MET C 362 16.12 -58.81 24.96
CA MET C 362 15.82 -59.22 23.60
C MET C 362 16.54 -60.52 23.21
N ASP C 363 17.82 -60.65 23.55
CA ASP C 363 18.61 -61.86 23.41
C ASP C 363 18.11 -63.00 24.31
N ASP C 364 17.67 -62.68 25.53
CA ASP C 364 17.03 -63.60 26.48
C ASP C 364 15.59 -64.00 26.11
N LYS C 365 15.11 -63.68 24.90
CA LYS C 365 13.78 -64.00 24.37
C LYS C 365 12.62 -63.43 25.20
N ARG C 366 12.88 -62.47 26.09
CA ARG C 366 11.91 -61.69 26.88
C ARG C 366 11.40 -60.49 26.07
N PHE C 367 10.81 -60.75 24.90
CA PHE C 367 10.41 -59.70 23.97
C PHE C 367 9.40 -58.68 24.54
N ASP C 368 8.52 -59.10 25.46
CA ASP C 368 7.62 -58.18 26.15
C ASP C 368 8.33 -57.24 27.15
N GLU C 369 9.41 -57.68 27.79
CA GLU C 369 10.26 -56.78 28.59
C GLU C 369 11.02 -55.82 27.68
N ALA C 370 11.54 -56.29 26.54
CA ALA C 370 12.25 -55.46 25.58
C ALA C 370 11.37 -54.31 25.06
N THR C 371 10.12 -54.63 24.75
CA THR C 371 9.06 -53.68 24.39
C THR C 371 8.77 -52.67 25.50
N GLN C 372 8.43 -53.13 26.71
CA GLN C 372 8.10 -52.24 27.84
C GLN C 372 9.27 -51.33 28.23
N LEU C 373 10.50 -51.82 28.15
CA LEU C 373 11.70 -51.13 28.61
C LEU C 373 12.32 -50.20 27.55
N ARG C 374 11.99 -50.32 26.25
CA ARG C 374 12.35 -49.29 25.25
C ARG C 374 11.77 -47.92 25.61
N GLY C 375 10.58 -47.88 26.18
CA GLY C 375 9.92 -46.68 26.67
C GLY C 375 8.42 -46.69 26.45
N GLY C 376 7.72 -45.79 27.13
CA GLY C 376 6.28 -45.59 26.94
C GLY C 376 5.93 -45.07 25.56
N SER C 377 6.80 -44.23 25.00
CA SER C 377 6.72 -43.75 23.62
C SER C 377 6.89 -44.89 22.62
N PHE C 378 7.74 -45.88 22.85
CA PHE C 378 7.77 -47.08 22.02
C PHE C 378 6.48 -47.90 22.17
N GLU C 379 5.98 -48.08 23.39
CA GLU C 379 4.78 -48.88 23.69
C GLU C 379 3.49 -48.28 23.10
N ASN C 380 3.28 -46.96 23.16
CA ASN C 380 2.07 -46.34 22.60
C ASN C 380 2.05 -46.43 21.06
N ASN C 381 3.19 -46.19 20.39
CA ASN C 381 3.29 -46.45 18.96
C ASN C 381 3.01 -47.93 18.66
N TRP C 382 3.62 -48.86 19.40
CA TRP C 382 3.45 -50.29 19.15
C TRP C 382 2.02 -50.78 19.37
N ASN C 383 1.36 -50.30 20.43
CA ASN C 383 -0.03 -50.64 20.73
C ASN C 383 -0.97 -50.07 19.67
N ILE C 384 -0.74 -48.90 19.12
CA ILE C 384 -1.55 -48.34 18.03
C ILE C 384 -1.28 -49.05 16.69
N TYR C 385 -0.05 -49.46 16.38
CA TYR C 385 0.17 -50.35 15.24
C TYR C 385 -0.53 -51.69 15.44
N LYS C 386 -0.40 -52.30 16.63
CA LYS C 386 -1.05 -53.56 16.99
C LYS C 386 -2.59 -53.46 16.96
N LEU C 387 -3.16 -52.30 17.30
CA LEU C 387 -4.58 -52.00 17.10
C LEU C 387 -4.94 -52.01 15.60
N LEU C 388 -4.41 -51.10 14.80
CA LEU C 388 -4.71 -50.95 13.38
C LEU C 388 -4.32 -52.17 12.52
N ALA C 389 -3.37 -52.98 12.98
CA ALA C 389 -3.02 -54.26 12.39
C ALA C 389 -4.07 -55.34 12.67
N HIS C 390 -4.82 -55.24 13.75
CA HIS C 390 -5.88 -56.16 14.15
C HIS C 390 -7.28 -55.72 13.70
N GLN C 391 -7.50 -54.42 13.42
CA GLN C 391 -8.80 -53.88 13.02
C GLN C 391 -9.33 -54.46 11.68
N LYS C 392 -10.66 -54.47 11.55
CA LYS C 392 -11.44 -54.95 10.39
C LYS C 392 -12.79 -54.21 10.32
N PRO C 393 -13.46 -54.17 9.16
CA PRO C 393 -14.91 -54.05 9.11
C PRO C 393 -15.60 -55.21 9.87
N PRO C 394 -16.45 -54.95 10.88
CA PRO C 394 -17.11 -55.99 11.67
C PRO C 394 -18.37 -56.53 10.99
N LYS C 395 -18.86 -57.68 11.44
CA LYS C 395 -20.13 -58.28 11.00
C LYS C 395 -21.31 -57.86 11.89
N GLU C 396 -21.04 -57.55 13.15
CA GLU C 396 -22.02 -57.42 14.22
C GLU C 396 -22.85 -56.13 14.15
N LYS C 397 -22.19 -54.99 13.89
CA LYS C 397 -22.72 -53.61 13.88
C LYS C 397 -23.35 -53.16 15.21
N SER C 398 -23.48 -51.84 15.38
CA SER C 398 -23.81 -51.19 16.66
C SER C 398 -24.75 -49.98 16.49
N ASN C 399 -25.34 -49.50 17.56
CA ASN C 399 -26.44 -48.53 17.50
C ASN C 399 -26.05 -47.12 17.02
N PHE C 400 -24.80 -46.71 17.27
CA PHE C 400 -24.39 -45.32 17.22
C PHE C 400 -24.08 -44.78 15.82
N SER C 401 -24.43 -43.50 15.62
CA SER C 401 -24.02 -42.68 14.49
C SER C 401 -23.02 -41.62 14.93
N LEU C 402 -21.88 -41.53 14.26
CA LEU C 402 -20.80 -40.58 14.55
C LEU C 402 -20.63 -39.66 13.35
N ALA C 403 -20.24 -38.40 13.52
CA ALA C 403 -19.87 -37.53 12.40
C ALA C 403 -18.49 -36.88 12.57
N ILE C 404 -17.71 -36.80 11.50
CA ILE C 404 -16.37 -36.23 11.50
C ILE C 404 -16.35 -34.95 10.65
N LEU C 405 -15.93 -33.83 11.23
CA LEU C 405 -15.84 -32.51 10.63
C LEU C 405 -14.38 -32.12 10.46
N ASN C 406 -14.04 -31.33 9.44
CA ASN C 406 -12.81 -30.54 9.42
C ASN C 406 -13.17 -29.06 9.51
N VAL C 407 -12.53 -28.30 10.40
CA VAL C 407 -12.86 -26.88 10.65
C VAL C 407 -11.60 -26.01 10.82
N GLY C 408 -11.55 -24.85 10.20
CA GLY C 408 -10.39 -23.96 10.15
C GLY C 408 -9.71 -23.94 8.79
N ALA C 409 -8.47 -23.46 8.74
CA ALA C 409 -7.60 -23.68 7.59
C ALA C 409 -7.15 -25.16 7.55
N PRO C 410 -6.96 -25.74 6.36
CA PRO C 410 -6.54 -27.13 6.24
C PRO C 410 -5.12 -27.30 6.76
N ALA C 411 -4.92 -28.26 7.65
CA ALA C 411 -3.64 -28.56 8.29
C ALA C 411 -3.21 -29.98 7.97
N ALA C 412 -1.94 -30.18 7.64
CA ALA C 412 -1.44 -31.48 7.25
C ALA C 412 -1.52 -32.46 8.43
N GLY C 413 -2.11 -33.62 8.21
CA GLY C 413 -2.44 -34.58 9.27
C GLY C 413 -3.93 -34.66 9.58
N MET C 414 -4.76 -33.70 9.17
CA MET C 414 -6.22 -33.84 9.21
C MET C 414 -6.65 -35.14 8.54
N ASN C 415 -6.14 -35.45 7.35
CA ASN C 415 -6.46 -36.67 6.61
C ASN C 415 -6.03 -37.94 7.32
N ALA C 416 -4.90 -37.92 8.01
CA ALA C 416 -4.45 -39.03 8.84
C ALA C 416 -5.42 -39.25 10.00
N ALA C 417 -5.80 -38.18 10.69
CA ALA C 417 -6.72 -38.24 11.80
C ALA C 417 -8.12 -38.69 11.38
N VAL C 418 -8.63 -38.22 10.24
CA VAL C 418 -9.89 -38.74 9.70
C VAL C 418 -9.77 -40.20 9.35
N ARG C 419 -8.72 -40.67 8.68
CA ARG C 419 -8.56 -42.09 8.32
C ARG C 419 -8.58 -42.99 9.57
N SER C 420 -7.83 -42.61 10.58
CA SER C 420 -7.71 -43.36 11.82
C SER C 420 -8.99 -43.35 12.65
N ALA C 421 -9.73 -42.24 12.65
CA ALA C 421 -11.06 -42.14 13.26
C ALA C 421 -12.12 -42.92 12.48
N VAL C 422 -12.12 -42.89 11.14
CA VAL C 422 -13.08 -43.65 10.34
C VAL C 422 -12.90 -45.14 10.52
N ARG C 423 -11.66 -45.62 10.60
CA ARG C 423 -11.31 -47.04 10.77
C ARG C 423 -11.55 -47.51 12.18
N THR C 424 -11.08 -46.78 13.19
CA THR C 424 -11.40 -47.08 14.59
C THR C 424 -12.91 -47.01 14.84
N GLY C 425 -13.62 -46.08 14.20
CA GLY C 425 -15.06 -45.98 14.30
C GLY C 425 -15.80 -47.13 13.63
N ILE C 426 -15.36 -47.56 12.44
CA ILE C 426 -15.91 -48.74 11.75
C ILE C 426 -15.64 -50.02 12.54
N SER C 427 -14.43 -50.26 13.06
CA SER C 427 -14.11 -51.49 13.77
C SER C 427 -14.78 -51.59 15.16
N HIS C 428 -15.06 -50.46 15.80
CA HIS C 428 -15.96 -50.33 16.96
C HIS C 428 -17.45 -50.38 16.59
N GLY C 429 -17.80 -50.59 15.33
CA GLY C 429 -19.14 -50.95 14.86
C GLY C 429 -20.04 -49.79 14.47
N HIS C 430 -19.57 -48.55 14.50
CA HIS C 430 -20.42 -47.37 14.32
C HIS C 430 -20.70 -47.05 12.85
N THR C 431 -21.87 -46.49 12.54
CA THR C 431 -22.08 -45.79 11.28
C THR C 431 -21.44 -44.41 11.35
N VAL C 432 -20.19 -44.32 10.93
CA VAL C 432 -19.43 -43.09 10.78
C VAL C 432 -19.89 -42.32 9.55
N TYR C 433 -20.10 -41.03 9.72
CA TYR C 433 -20.37 -40.06 8.69
C TYR C 433 -19.19 -39.10 8.59
N VAL C 434 -18.88 -38.64 7.39
CA VAL C 434 -18.02 -37.48 7.18
C VAL C 434 -18.83 -36.33 6.59
N VAL C 435 -18.51 -35.12 7.00
CA VAL C 435 -19.26 -33.93 6.63
C VAL C 435 -18.30 -32.94 5.98
N HIS C 436 -18.63 -32.52 4.77
CA HIS C 436 -17.79 -31.66 3.96
C HIS C 436 -17.99 -30.18 4.28
N ASP C 437 -16.95 -29.36 4.30
CA ASP C 437 -17.04 -27.93 4.61
C ASP C 437 -17.44 -27.59 6.05
N GLY C 438 -17.05 -28.41 7.01
CA GLY C 438 -17.18 -28.12 8.45
C GLY C 438 -18.60 -27.89 8.95
N PHE C 439 -18.77 -26.93 9.85
CA PHE C 439 -20.08 -26.59 10.38
C PHE C 439 -21.04 -26.01 9.32
N GLU C 440 -20.55 -25.30 8.29
CA GLU C 440 -21.36 -24.91 7.13
C GLU C 440 -21.82 -26.14 6.35
N GLY C 441 -21.03 -27.21 6.34
CA GLY C 441 -21.44 -28.53 5.89
C GLY C 441 -22.53 -29.18 6.70
N LEU C 442 -22.44 -29.12 8.03
CA LEU C 442 -23.43 -29.69 8.94
C LEU C 442 -24.73 -28.88 8.95
N ALA C 443 -24.67 -27.58 8.64
CA ALA C 443 -25.82 -26.75 8.36
C ALA C 443 -26.48 -27.11 7.02
N LYS C 444 -25.68 -27.23 5.96
CA LYS C 444 -26.11 -27.47 4.58
C LYS C 444 -26.35 -28.96 4.27
N GLY C 445 -26.24 -29.83 5.26
CA GLY C 445 -26.55 -31.25 5.18
C GLY C 445 -25.58 -32.08 4.34
N GLN C 446 -24.35 -31.61 4.16
CA GLN C 446 -23.27 -32.19 3.36
C GLN C 446 -22.62 -33.41 4.05
N VAL C 447 -23.47 -34.27 4.60
CA VAL C 447 -23.17 -35.41 5.46
C VAL C 447 -23.29 -36.69 4.65
N GLN C 448 -22.28 -37.56 4.70
CA GLN C 448 -22.33 -38.85 4.01
C GLN C 448 -21.70 -40.00 4.81
N GLU C 449 -22.34 -41.16 4.81
CA GLU C 449 -21.80 -42.37 5.44
C GLU C 449 -20.56 -42.86 4.68
N VAL C 450 -19.54 -43.26 5.41
CA VAL C 450 -18.22 -43.60 4.88
C VAL C 450 -17.86 -45.05 5.21
N GLY C 451 -17.27 -45.76 4.25
CA GLY C 451 -16.77 -47.12 4.37
C GLY C 451 -15.25 -47.22 4.46
N TRP C 452 -14.73 -48.40 4.77
CA TRP C 452 -13.28 -48.63 4.92
C TRP C 452 -12.49 -48.27 3.65
N HIS C 453 -13.06 -48.54 2.47
CA HIS C 453 -12.46 -48.22 1.18
C HIS C 453 -12.32 -46.72 0.96
N ASP C 454 -13.35 -45.97 1.35
CA ASP C 454 -13.56 -44.56 0.96
C ASP C 454 -12.49 -43.60 1.48
N VAL C 455 -11.72 -44.05 2.47
CA VAL C 455 -10.72 -43.29 3.22
C VAL C 455 -9.31 -43.83 3.01
N ALA C 456 -9.15 -44.85 2.18
CA ALA C 456 -7.87 -45.48 1.89
C ALA C 456 -6.93 -44.52 1.14
N GLY C 457 -5.67 -44.49 1.53
CA GLY C 457 -4.64 -43.62 0.93
C GLY C 457 -4.71 -42.15 1.34
N TRP C 458 -5.48 -41.82 2.38
CA TRP C 458 -5.55 -40.48 2.98
C TRP C 458 -4.37 -40.15 3.89
N LEU C 459 -3.62 -41.12 4.42
CA LEU C 459 -2.59 -40.91 5.44
C LEU C 459 -1.47 -39.95 5.01
N GLY C 460 -1.09 -39.96 3.73
CA GLY C 460 0.01 -39.18 3.21
C GLY C 460 -0.34 -37.87 2.56
N ARG C 461 -1.63 -37.49 2.51
CA ARG C 461 -2.10 -36.30 1.80
C ARG C 461 -2.09 -35.07 2.71
N GLY C 462 -1.68 -33.95 2.14
CA GLY C 462 -1.87 -32.62 2.73
C GLY C 462 -3.29 -32.12 2.56
N GLY C 463 -3.56 -30.91 3.03
CA GLY C 463 -4.89 -30.31 2.84
C GLY C 463 -5.98 -31.00 3.66
N SER C 464 -7.17 -31.10 3.09
CA SER C 464 -8.32 -31.78 3.69
C SER C 464 -9.17 -32.43 2.60
N MET C 465 -9.37 -33.74 2.68
CA MET C 465 -10.25 -34.47 1.78
C MET C 465 -11.72 -34.24 2.06
N LEU C 466 -12.08 -33.81 3.27
CA LEU C 466 -13.44 -33.37 3.58
C LEU C 466 -13.73 -31.96 3.09
N GLY C 467 -12.72 -31.10 3.04
CA GLY C 467 -12.93 -29.67 2.98
C GLY C 467 -13.23 -29.13 4.37
N THR C 468 -12.85 -27.89 4.58
CA THR C 468 -12.90 -27.21 5.87
C THR C 468 -13.27 -25.75 5.65
N LYS C 469 -13.87 -25.11 6.66
CA LYS C 469 -14.30 -23.71 6.68
C LYS C 469 -14.04 -23.05 8.03
N ARG C 470 -13.97 -21.72 8.08
CA ARG C 470 -13.93 -20.92 9.32
C ARG C 470 -15.29 -20.71 10.01
N THR C 471 -16.40 -21.09 9.37
CA THR C 471 -17.76 -20.77 9.84
C THR C 471 -18.07 -21.38 11.20
N LEU C 472 -18.38 -20.56 12.20
CA LEU C 472 -18.82 -21.00 13.52
C LEU C 472 -20.32 -21.36 13.53
N PRO C 473 -20.75 -22.34 14.33
CA PRO C 473 -22.06 -22.95 14.18
C PRO C 473 -23.24 -22.06 14.62
N LYS C 474 -23.09 -21.04 15.47
CA LYS C 474 -24.26 -20.30 15.99
C LYS C 474 -25.11 -19.61 14.92
N GLY C 475 -24.50 -19.13 13.83
CA GLY C 475 -25.20 -18.47 12.72
C GLY C 475 -26.08 -19.40 11.88
N GLN C 476 -25.95 -20.71 12.08
CA GLN C 476 -26.68 -21.75 11.35
C GLN C 476 -27.29 -22.81 12.30
N LEU C 477 -27.33 -22.54 13.62
CA LEU C 477 -27.53 -23.57 14.63
C LEU C 477 -28.88 -24.30 14.55
N GLU C 478 -29.97 -23.61 14.26
CA GLU C 478 -31.29 -24.22 14.02
C GLU C 478 -31.29 -25.24 12.86
N SER C 479 -30.37 -25.12 11.91
CA SER C 479 -30.21 -26.07 10.80
C SER C 479 -29.20 -27.17 11.11
N ILE C 480 -28.17 -26.89 11.94
CA ILE C 480 -27.19 -27.89 12.44
C ILE C 480 -27.86 -28.91 13.36
N VAL C 481 -28.70 -28.47 14.29
CA VAL C 481 -29.47 -29.40 15.14
C VAL C 481 -30.40 -30.28 14.32
N GLU C 482 -30.93 -29.77 13.20
CA GLU C 482 -31.87 -30.50 12.38
C GLU C 482 -31.20 -31.58 11.53
N ASN C 483 -29.96 -31.41 11.09
CA ASN C 483 -29.18 -32.49 10.48
C ASN C 483 -28.65 -33.49 11.50
N ILE C 484 -28.28 -33.06 12.72
CA ILE C 484 -27.98 -33.96 13.84
C ILE C 484 -29.16 -34.89 14.13
N ARG C 485 -30.39 -34.36 14.14
CA ARG C 485 -31.63 -35.12 14.30
C ARG C 485 -31.89 -36.06 13.12
N ILE C 486 -31.86 -35.56 11.88
CA ILE C 486 -32.19 -36.30 10.66
C ILE C 486 -31.27 -37.48 10.39
N TYR C 487 -29.96 -37.31 10.56
CA TYR C 487 -29.00 -38.39 10.44
C TYR C 487 -28.85 -39.23 11.72
N GLY C 488 -29.43 -38.81 12.84
CA GLY C 488 -29.44 -39.53 14.11
C GLY C 488 -28.11 -39.51 14.86
N ILE C 489 -27.28 -38.49 14.61
CA ILE C 489 -25.87 -38.40 15.02
C ILE C 489 -25.75 -38.25 16.54
N HIS C 490 -24.97 -39.12 17.19
CA HIS C 490 -24.80 -39.22 18.64
C HIS C 490 -23.45 -38.72 19.15
N ALA C 491 -22.50 -38.54 18.25
CA ALA C 491 -21.22 -37.93 18.57
C ALA C 491 -20.63 -37.13 17.41
N LEU C 492 -19.95 -36.02 17.70
CA LEU C 492 -19.14 -35.28 16.75
C LEU C 492 -17.67 -35.43 17.11
N LEU C 493 -16.87 -35.75 16.12
CA LEU C 493 -15.43 -35.60 16.17
C LEU C 493 -15.07 -34.46 15.22
N VAL C 494 -14.50 -33.40 15.74
CA VAL C 494 -14.13 -32.22 14.95
C VAL C 494 -12.63 -32.14 14.93
N VAL C 495 -12.00 -32.21 13.77
CA VAL C 495 -10.55 -32.05 13.65
C VAL C 495 -10.26 -30.67 13.03
N GLY C 496 -9.54 -29.81 13.73
CA GLY C 496 -9.41 -28.43 13.32
C GLY C 496 -8.84 -27.48 14.34
N GLY C 497 -8.75 -26.21 13.96
CA GLY C 497 -8.08 -25.16 14.72
C GLY C 497 -8.94 -24.50 15.79
N PHE C 498 -8.72 -23.22 16.06
CA PHE C 498 -9.50 -22.51 17.07
C PHE C 498 -11.00 -22.48 16.75
N GLU C 499 -11.42 -22.45 15.49
CA GLU C 499 -12.85 -22.49 15.17
C GLU C 499 -13.48 -23.88 15.42
N ALA C 500 -12.69 -24.96 15.49
CA ALA C 500 -13.18 -26.24 15.96
C ALA C 500 -13.45 -26.19 17.46
N TYR C 501 -12.54 -25.61 18.24
CA TYR C 501 -12.66 -25.39 19.67
C TYR C 501 -13.83 -24.47 20.03
N GLU C 502 -13.86 -23.24 19.49
CA GLU C 502 -14.98 -22.32 19.70
C GLU C 502 -16.27 -22.86 19.08
N GLY C 503 -16.20 -23.66 18.03
CA GLY C 503 -17.34 -24.35 17.47
C GLY C 503 -18.00 -25.35 18.42
N VAL C 504 -17.23 -26.27 18.99
CA VAL C 504 -17.71 -27.21 20.00
C VAL C 504 -18.12 -26.49 21.29
N LEU C 505 -17.48 -25.38 21.64
CA LEU C 505 -17.87 -24.54 22.77
C LEU C 505 -19.23 -23.86 22.54
N GLN C 506 -19.47 -23.28 21.37
CA GLN C 506 -20.77 -22.74 20.97
C GLN C 506 -21.90 -23.78 20.93
N LEU C 507 -21.60 -25.08 20.92
CA LEU C 507 -22.60 -26.14 21.09
C LEU C 507 -22.82 -26.52 22.57
N VAL C 508 -21.79 -26.56 23.40
CA VAL C 508 -21.97 -26.78 24.84
C VAL C 508 -22.64 -25.60 25.54
N GLU C 509 -22.27 -24.38 25.19
CA GLU C 509 -22.98 -23.14 25.56
C GLU C 509 -24.44 -23.10 25.07
N ALA C 510 -24.85 -24.02 24.20
CA ALA C 510 -26.20 -24.11 23.64
C ALA C 510 -26.93 -25.43 23.97
N ARG C 511 -26.36 -26.33 24.77
CA ARG C 511 -27.07 -27.53 25.30
C ARG C 511 -28.31 -27.18 26.12
N GLY C 512 -28.28 -26.08 26.88
CA GLY C 512 -29.45 -25.61 27.61
C GLY C 512 -30.57 -25.07 26.70
N ARG C 513 -30.25 -24.70 25.45
CA ARG C 513 -31.17 -24.12 24.47
C ARG C 513 -31.75 -25.15 23.50
N TYR C 514 -31.02 -26.22 23.17
CA TYR C 514 -31.45 -27.21 22.20
C TYR C 514 -31.24 -28.65 22.69
N GLU C 515 -32.26 -29.50 22.62
CA GLU C 515 -32.17 -30.88 23.11
C GLU C 515 -31.22 -31.78 22.31
N GLU C 516 -30.85 -31.38 21.08
CA GLU C 516 -29.99 -32.20 20.21
C GLU C 516 -28.47 -32.04 20.43
N LEU C 517 -28.02 -30.95 21.04
CA LEU C 517 -26.61 -30.68 21.38
C LEU C 517 -26.12 -31.40 22.64
N CYS C 518 -27.00 -32.18 23.25
CA CYS C 518 -26.65 -33.25 24.17
C CYS C 518 -26.15 -34.46 23.35
N ILE C 519 -24.91 -34.32 22.90
CA ILE C 519 -24.18 -35.12 21.90
C ILE C 519 -22.73 -35.22 22.38
N VAL C 520 -22.06 -36.35 22.22
CA VAL C 520 -20.65 -36.49 22.70
C VAL C 520 -19.71 -35.77 21.74
N MET C 521 -18.80 -34.92 22.24
CA MET C 521 -17.98 -34.07 21.37
C MET C 521 -16.49 -34.17 21.68
N CYS C 522 -15.68 -34.33 20.65
CA CYS C 522 -14.23 -34.35 20.76
C CYS C 522 -13.62 -33.42 19.72
N VAL C 523 -12.68 -32.57 20.11
CA VAL C 523 -11.85 -31.77 19.19
C VAL C 523 -10.47 -32.39 19.14
N ILE C 524 -10.01 -32.76 17.94
CA ILE C 524 -8.60 -32.99 17.64
C ILE C 524 -8.04 -31.66 17.13
N PRO C 525 -7.07 -31.05 17.80
CA PRO C 525 -6.53 -29.75 17.46
C PRO C 525 -5.64 -29.83 16.21
N ALA C 526 -6.20 -29.57 15.03
CA ALA C 526 -5.49 -29.58 13.77
C ALA C 526 -5.35 -28.17 13.20
N THR C 527 -4.19 -27.56 13.42
CA THR C 527 -3.88 -26.27 12.82
C THR C 527 -2.38 -26.06 12.69
N ILE C 528 -2.01 -25.28 11.69
CA ILE C 528 -0.69 -24.72 11.41
C ILE C 528 -0.14 -23.89 12.59
N SER C 529 -1.01 -23.15 13.28
CA SER C 529 -0.63 -22.08 14.20
C SER C 529 -0.24 -22.48 15.62
N ASN C 530 -0.58 -23.68 16.09
CA ASN C 530 -0.43 -24.10 17.47
C ASN C 530 -1.14 -23.22 18.52
N ASN C 531 -2.31 -22.69 18.15
CA ASN C 531 -3.13 -21.77 18.95
C ASN C 531 -4.38 -22.40 19.57
N VAL C 532 -4.68 -23.68 19.36
CA VAL C 532 -5.82 -24.32 20.02
C VAL C 532 -5.49 -24.52 21.50
N PRO C 533 -6.36 -24.13 22.45
CA PRO C 533 -6.15 -24.40 23.86
C PRO C 533 -6.24 -25.91 24.15
N GLY C 534 -5.74 -26.35 25.30
CA GLY C 534 -5.70 -27.76 25.67
C GLY C 534 -4.37 -28.41 25.32
N THR C 535 -4.17 -28.86 24.09
CA THR C 535 -2.90 -29.44 23.63
C THR C 535 -1.69 -28.51 23.78
N ASP C 536 -0.49 -29.08 23.83
CA ASP C 536 0.77 -28.35 23.64
C ASP C 536 1.30 -28.44 22.20
N PHE C 537 0.81 -29.39 21.39
CA PHE C 537 1.11 -29.52 19.96
C PHE C 537 -0.17 -29.73 19.15
N SER C 538 -0.43 -28.90 18.15
CA SER C 538 -1.50 -29.11 17.18
C SER C 538 -0.98 -29.83 15.96
N LEU C 539 -1.82 -30.68 15.42
CA LEU C 539 -1.62 -31.48 14.23
C LEU C 539 -1.50 -30.58 13.00
N GLY C 540 -0.37 -30.63 12.30
CA GLY C 540 -0.02 -29.75 11.19
C GLY C 540 1.03 -28.69 11.49
N SER C 541 1.30 -28.42 12.76
CA SER C 541 2.27 -27.41 13.16
C SER C 541 3.72 -27.83 12.94
N ASP C 542 4.00 -29.14 12.92
CA ASP C 542 5.29 -29.72 12.55
C ASP C 542 5.55 -29.67 11.04
N THR C 543 4.53 -29.89 10.21
CA THR C 543 4.60 -29.63 8.78
C THR C 543 4.81 -28.16 8.48
N ALA C 544 4.19 -27.27 9.24
CA ALA C 544 4.30 -25.84 9.06
C ALA C 544 5.68 -25.30 9.39
N VAL C 545 6.27 -25.70 10.52
CA VAL C 545 7.64 -25.29 10.83
C VAL C 545 8.61 -25.89 9.84
N ASN C 546 8.43 -27.13 9.35
CA ASN C 546 9.27 -27.68 8.30
C ASN C 546 9.10 -26.96 6.94
N ALA C 547 7.89 -26.60 6.52
CA ALA C 547 7.65 -25.90 5.28
C ALA C 547 8.19 -24.46 5.29
N ALA C 548 8.18 -23.80 6.44
CA ALA C 548 8.77 -22.48 6.64
C ALA C 548 10.29 -22.51 6.75
N MET C 549 10.84 -23.46 7.49
CA MET C 549 12.28 -23.75 7.68
C MET C 549 12.96 -24.07 6.35
N GLU C 550 12.33 -24.83 5.45
CA GLU C 550 12.83 -25.11 4.10
C GLU C 550 12.90 -23.87 3.22
N SER C 551 11.97 -22.94 3.43
CA SER C 551 11.83 -21.71 2.65
C SER C 551 12.79 -20.63 3.14
N CYS C 552 12.97 -20.52 4.45
CA CYS C 552 13.96 -19.63 5.02
C CYS C 552 15.41 -20.08 4.73
N ASP C 553 15.70 -21.38 4.61
CA ASP C 553 16.98 -21.87 4.09
C ASP C 553 17.27 -21.39 2.67
N ARG C 554 16.27 -21.38 1.79
CA ARG C 554 16.40 -20.87 0.42
C ARG C 554 16.65 -19.39 0.40
N ILE C 555 15.91 -18.65 1.22
CA ILE C 555 16.06 -17.20 1.39
C ILE C 555 17.43 -16.86 1.99
N LYS C 556 17.93 -17.60 2.98
CA LYS C 556 19.27 -17.35 3.54
C LYS C 556 20.38 -17.65 2.55
N GLN C 557 20.25 -18.70 1.74
CA GLN C 557 21.24 -18.98 0.71
C GLN C 557 21.22 -17.92 -0.40
N SER C 558 20.03 -17.41 -0.75
CA SER C 558 19.89 -16.22 -1.58
C SER C 558 20.60 -14.99 -1.00
N ALA C 559 20.41 -14.69 0.28
CA ALA C 559 21.04 -13.56 0.95
C ALA C 559 22.56 -13.69 1.07
N SER C 560 23.05 -14.92 1.20
CA SER C 560 24.46 -15.26 1.34
C SER C 560 25.22 -15.18 0.02
N GLY C 561 24.59 -15.46 -1.12
CA GLY C 561 25.15 -15.19 -2.43
C GLY C 561 25.12 -13.71 -2.80
N THR C 562 24.00 -13.04 -2.52
CA THR C 562 23.77 -11.61 -2.78
C THR C 562 24.32 -10.76 -1.65
N LYS C 563 25.57 -11.00 -1.23
CA LYS C 563 26.12 -10.56 0.07
C LYS C 563 25.76 -9.12 0.47
N ARG C 564 25.50 -8.93 1.78
CA ARG C 564 24.94 -7.75 2.44
C ARG C 564 23.44 -7.53 2.21
N ARG C 565 22.64 -8.58 2.06
CA ARG C 565 21.17 -8.55 2.22
C ARG C 565 20.77 -8.78 3.68
N VAL C 566 19.68 -8.15 4.12
CA VAL C 566 18.89 -8.55 5.27
C VAL C 566 17.46 -8.83 4.83
N PHE C 567 16.94 -10.02 5.07
CA PHE C 567 15.56 -10.35 4.74
C PHE C 567 14.63 -10.16 5.92
N ILE C 568 13.48 -9.53 5.67
CA ILE C 568 12.32 -9.54 6.55
C ILE C 568 11.39 -10.61 5.99
N VAL C 569 11.04 -11.63 6.76
CA VAL C 569 10.18 -12.72 6.28
C VAL C 569 8.93 -12.81 7.14
N GLU C 570 7.75 -12.68 6.56
CA GLU C 570 6.49 -12.77 7.28
C GLU C 570 5.95 -14.20 7.29
N THR C 571 5.38 -14.63 8.42
CA THR C 571 4.93 -16.01 8.69
C THR C 571 3.52 -16.08 9.30
N MET C 572 2.69 -17.06 8.91
CA MET C 572 1.26 -17.23 9.26
C MET C 572 0.93 -17.72 10.69
N GLY C 573 1.44 -17.11 11.74
CA GLY C 573 1.12 -17.53 13.11
C GLY C 573 -0.29 -17.17 13.65
N GLY C 574 -1.11 -16.39 12.95
CA GLY C 574 -2.22 -15.64 13.57
C GLY C 574 -1.69 -14.63 14.59
N TYR C 575 -2.36 -14.43 15.72
CA TYR C 575 -1.74 -13.74 16.87
C TYR C 575 -0.77 -14.62 17.67
N CYS C 576 -0.52 -15.87 17.28
CA CYS C 576 0.28 -16.84 18.02
C CYS C 576 1.70 -16.96 17.45
N GLY C 577 2.71 -16.62 18.25
CA GLY C 577 4.09 -16.53 17.81
C GLY C 577 4.88 -17.84 17.71
N TYR C 578 4.22 -18.99 17.82
CA TYR C 578 4.85 -20.30 17.80
C TYR C 578 5.60 -20.52 16.51
N LEU C 579 4.91 -20.38 15.38
CA LEU C 579 5.46 -20.73 14.08
C LEU C 579 6.66 -19.85 13.69
N ALA C 580 6.61 -18.55 14.01
CA ALA C 580 7.74 -17.65 13.88
C ALA C 580 8.87 -17.98 14.85
N THR C 581 8.58 -18.39 16.08
CA THR C 581 9.62 -18.68 17.07
C THR C 581 10.38 -19.95 16.73
N VAL C 582 9.68 -21.06 16.51
CA VAL C 582 10.35 -22.32 16.24
C VAL C 582 11.04 -22.29 14.88
N THR C 583 10.48 -21.62 13.87
CA THR C 583 11.18 -21.42 12.60
C THR C 583 12.44 -20.59 12.79
N GLY C 584 12.42 -19.54 13.61
CA GLY C 584 13.59 -18.69 13.83
C GLY C 584 14.77 -19.42 14.47
N ILE C 585 14.51 -20.32 15.40
CA ILE C 585 15.49 -21.27 15.94
C ILE C 585 15.99 -22.22 14.86
N ALA C 586 15.08 -22.86 14.12
CA ALA C 586 15.42 -23.83 13.10
C ALA C 586 16.26 -23.27 11.95
N VAL C 587 16.31 -21.96 11.76
CA VAL C 587 17.16 -21.31 10.76
C VAL C 587 18.15 -20.31 11.33
N GLY C 588 18.21 -20.11 12.63
CA GLY C 588 19.12 -19.14 13.22
C GLY C 588 18.85 -17.71 12.78
N ALA C 589 17.58 -17.31 12.74
CA ALA C 589 17.16 -15.95 12.48
C ALA C 589 17.67 -15.00 13.55
N ASP C 590 17.99 -13.77 13.16
CA ASP C 590 18.57 -12.72 14.00
C ASP C 590 17.55 -11.96 14.85
N ALA C 591 16.27 -12.08 14.53
CA ALA C 591 15.15 -11.74 15.39
C ALA C 591 13.92 -12.49 14.92
N ALA C 592 12.97 -12.79 15.80
CA ALA C 592 11.62 -13.14 15.39
C ALA C 592 10.63 -12.26 16.14
N TYR C 593 9.85 -11.45 15.42
CA TYR C 593 8.88 -10.54 16.00
C TYR C 593 7.55 -11.22 16.15
N VAL C 594 7.05 -11.20 17.38
CA VAL C 594 6.00 -12.07 17.88
C VAL C 594 5.08 -11.24 18.77
N PHE C 595 3.76 -11.49 18.73
CA PHE C 595 2.80 -10.71 19.51
C PHE C 595 2.98 -10.86 21.03
N GLU C 596 3.34 -12.06 21.49
CA GLU C 596 3.56 -12.39 22.89
C GLU C 596 4.78 -11.70 23.52
N ASP C 597 5.66 -11.12 22.71
CA ASP C 597 6.64 -10.13 23.15
C ASP C 597 6.17 -8.72 22.81
N PRO C 598 6.17 -7.78 23.77
CA PRO C 598 6.21 -6.37 23.42
C PRO C 598 7.47 -6.05 22.61
N PHE C 599 7.35 -5.23 21.56
CA PHE C 599 8.46 -4.57 20.88
C PHE C 599 8.02 -3.22 20.33
N ASN C 600 8.97 -2.32 20.14
CA ASN C 600 8.77 -0.94 19.73
C ASN C 600 9.97 -0.45 18.88
N ILE C 601 10.02 0.82 18.45
CA ILE C 601 11.18 1.31 17.71
C ILE C 601 12.51 1.26 18.48
N HIS C 602 12.53 1.18 19.81
CA HIS C 602 13.80 1.05 20.51
C HIS C 602 14.38 -0.35 20.29
N ASP C 603 13.56 -1.36 20.49
CA ASP C 603 13.91 -2.75 20.21
C ASP C 603 14.25 -2.96 18.73
N LEU C 604 13.47 -2.40 17.80
CA LEU C 604 13.79 -2.45 16.37
C LEU C 604 15.12 -1.77 16.05
N LYS C 605 15.37 -0.55 16.53
CA LYS C 605 16.65 0.13 16.31
C LYS C 605 17.82 -0.64 16.91
N VAL C 606 17.65 -1.29 18.06
CA VAL C 606 18.66 -2.20 18.65
C VAL C 606 18.89 -3.40 17.72
N ASN C 607 17.85 -4.04 17.23
CA ASN C 607 18.00 -5.17 16.32
C ASN C 607 18.67 -4.76 14.98
N VAL C 608 18.47 -3.54 14.50
CA VAL C 608 19.14 -2.97 13.31
C VAL C 608 20.61 -2.62 13.56
N GLU C 609 21.01 -2.15 14.74
CA GLU C 609 22.41 -1.86 15.02
C GLU C 609 23.21 -3.13 15.30
N HIS C 610 22.59 -4.18 15.84
CA HIS C 610 23.13 -5.55 15.83
C HIS C 610 23.26 -6.09 14.42
N MET C 611 22.28 -5.86 13.54
CA MET C 611 22.37 -6.27 12.14
C MET C 611 23.47 -5.55 11.37
N THR C 612 23.72 -4.29 11.70
CA THR C 612 24.83 -3.50 11.15
C THR C 612 26.18 -4.05 11.58
N GLU C 613 26.37 -4.33 12.87
CA GLU C 613 27.64 -4.79 13.40
C GLU C 613 28.05 -6.16 12.82
N LYS C 614 27.07 -7.01 12.50
CA LYS C 614 27.33 -8.31 11.86
C LYS C 614 27.92 -8.19 10.45
N MET C 615 27.64 -7.12 9.72
CA MET C 615 28.15 -6.95 8.34
C MET C 615 29.66 -6.65 8.27
N LYS C 616 30.34 -6.45 9.41
CA LYS C 616 31.81 -6.43 9.51
C LYS C 616 32.43 -7.84 9.48
N THR C 617 31.65 -8.88 9.83
CA THR C 617 32.09 -10.27 9.89
C THR C 617 32.17 -10.92 8.51
N ASP C 618 32.53 -12.19 8.41
CA ASP C 618 32.42 -12.93 7.15
C ASP C 618 30.97 -13.28 6.77
N ILE C 619 30.02 -13.26 7.71
CA ILE C 619 28.64 -13.72 7.53
C ILE C 619 27.71 -12.54 7.25
N GLN C 620 27.87 -11.97 6.07
CA GLN C 620 27.22 -10.73 5.63
C GLN C 620 25.84 -10.99 5.05
N ARG C 621 24.94 -11.45 5.91
CA ARG C 621 23.52 -11.70 5.65
C ARG C 621 22.74 -11.50 6.94
N GLY C 622 21.45 -11.25 6.84
CA GLY C 622 20.55 -11.24 7.98
C GLY C 622 19.21 -11.85 7.64
N LEU C 623 18.55 -12.42 8.63
CA LEU C 623 17.17 -12.84 8.53
C LEU C 623 16.42 -12.43 9.77
N VAL C 624 15.31 -11.70 9.63
CA VAL C 624 14.36 -11.48 10.71
C VAL C 624 12.99 -12.01 10.31
N LEU C 625 12.37 -12.79 11.18
CA LEU C 625 11.02 -13.28 10.98
C LEU C 625 10.01 -12.32 11.59
N ARG C 626 8.86 -12.12 10.97
CA ARG C 626 7.75 -11.34 11.53
C ARG C 626 6.50 -12.20 11.55
N ASN C 627 5.88 -12.40 12.70
CA ASN C 627 4.55 -12.97 12.70
C ASN C 627 3.54 -11.96 12.08
N GLU C 628 2.63 -12.44 11.26
CA GLU C 628 1.67 -11.65 10.48
C GLU C 628 0.84 -10.63 11.26
N LYS C 629 0.61 -10.86 12.56
CA LYS C 629 -0.11 -10.00 13.49
C LYS C 629 0.72 -9.69 14.73
N CYS C 630 2.04 -9.67 14.62
CA CYS C 630 2.90 -9.41 15.78
C CYS C 630 2.78 -8.00 16.34
N HIS C 631 2.36 -7.05 15.51
CA HIS C 631 2.27 -5.64 15.84
C HIS C 631 1.24 -5.00 14.95
N ASP C 632 0.51 -4.03 15.49
CA ASP C 632 -0.64 -3.39 14.88
C ASP C 632 -0.22 -2.39 13.78
N TYR C 633 0.91 -1.72 13.96
CA TYR C 633 1.39 -0.67 13.07
C TYR C 633 2.75 -0.99 12.44
N TYR C 634 3.63 -1.71 13.12
CA TYR C 634 4.91 -2.13 12.56
C TYR C 634 4.76 -3.39 11.71
N THR C 635 4.20 -3.19 10.53
CA THR C 635 4.04 -4.20 9.49
C THR C 635 5.39 -4.63 8.87
N THR C 636 5.39 -5.60 7.97
CA THR C 636 6.60 -6.06 7.27
C THR C 636 7.21 -4.97 6.39
N GLU C 637 6.38 -4.14 5.77
CA GLU C 637 6.81 -2.93 5.06
C GLU C 637 7.38 -1.85 5.97
N PHE C 638 6.95 -1.78 7.23
CA PHE C 638 7.54 -0.85 8.17
C PHE C 638 8.96 -1.27 8.52
N LEU C 639 9.17 -2.55 8.83
CA LEU C 639 10.48 -3.12 9.09
C LEU C 639 11.38 -3.00 7.87
N TYR C 640 10.87 -3.28 6.67
CA TYR C 640 11.60 -3.06 5.44
C TYR C 640 12.13 -1.65 5.32
N ASN C 641 11.27 -0.64 5.49
CA ASN C 641 11.69 0.75 5.44
C ASN C 641 12.72 1.09 6.51
N LEU C 642 12.50 0.67 7.76
CA LEU C 642 13.42 0.93 8.87
C LEU C 642 14.80 0.34 8.64
N TYR C 643 14.89 -0.96 8.35
CA TYR C 643 16.15 -1.65 8.10
C TYR C 643 16.85 -1.08 6.87
N SER C 644 16.12 -0.84 5.78
CA SER C 644 16.70 -0.25 4.56
C SER C 644 17.36 1.08 4.82
N SER C 645 16.80 1.88 5.73
CA SER C 645 17.25 3.23 5.99
C SER C 645 18.47 3.24 6.88
N GLU C 646 18.35 2.67 8.07
CA GLU C 646 19.42 2.68 9.06
C GLU C 646 20.55 1.73 8.69
N GLY C 647 20.33 0.82 7.75
CA GLY C 647 21.31 -0.02 7.09
C GLY C 647 21.88 0.53 5.80
N LYS C 648 21.38 1.62 5.22
CA LYS C 648 21.95 2.19 3.98
C LYS C 648 23.43 2.54 4.19
N GLY C 649 24.26 2.04 3.27
CA GLY C 649 25.71 2.12 3.35
C GLY C 649 26.39 0.92 4.00
N VAL C 650 25.65 -0.02 4.58
CA VAL C 650 26.18 -1.28 5.15
C VAL C 650 25.45 -2.53 4.67
N PHE C 651 24.14 -2.49 4.43
CA PHE C 651 23.36 -3.57 3.86
C PHE C 651 22.15 -3.05 3.08
N ASP C 652 21.66 -3.80 2.11
CA ASP C 652 20.31 -3.63 1.58
C ASP C 652 19.38 -4.71 2.12
N CYS C 653 18.12 -4.65 1.77
CA CYS C 653 17.07 -5.36 2.48
C CYS C 653 15.96 -5.76 1.51
N ARG C 654 15.26 -6.85 1.78
CA ARG C 654 14.17 -7.38 0.96
C ARG C 654 13.10 -8.00 1.85
N THR C 655 11.87 -8.11 1.36
CA THR C 655 10.76 -8.75 2.08
C THR C 655 10.29 -10.00 1.36
N ASN C 656 10.02 -11.08 2.07
CA ASN C 656 9.16 -12.14 1.55
C ASN C 656 8.01 -12.36 2.52
N VAL C 657 6.82 -12.64 1.98
CA VAL C 657 5.70 -13.12 2.77
C VAL C 657 5.53 -14.58 2.41
N LEU C 658 5.90 -15.49 3.30
CA LEU C 658 5.50 -16.88 3.19
C LEU C 658 4.02 -16.91 3.52
N GLY C 659 3.19 -17.36 2.59
CA GLY C 659 1.78 -17.52 2.87
C GLY C 659 1.44 -18.98 3.01
N HIS C 660 0.45 -19.41 2.25
CA HIS C 660 -0.11 -20.75 2.27
C HIS C 660 0.87 -21.86 1.86
N LEU C 661 2.09 -21.51 1.48
CA LEU C 661 3.27 -22.39 1.47
C LEU C 661 3.47 -23.14 2.79
N GLN C 662 3.26 -22.46 3.91
CA GLN C 662 3.44 -22.99 5.25
C GLN C 662 2.38 -24.03 5.63
N GLN C 663 1.28 -24.13 4.91
CA GLN C 663 0.37 -25.24 5.10
C GLN C 663 0.99 -26.57 4.64
N GLY C 664 2.07 -26.52 3.86
CA GLY C 664 2.91 -27.63 3.45
C GLY C 664 2.29 -28.44 2.33
N GLY C 665 3.03 -29.44 1.90
CA GLY C 665 2.56 -30.49 1.01
C GLY C 665 2.14 -31.69 1.84
N ALA C 666 2.68 -32.86 1.55
CA ALA C 666 2.50 -34.03 2.40
C ALA C 666 2.94 -33.76 3.86
N PRO C 667 2.25 -34.33 4.86
CA PRO C 667 2.63 -34.20 6.25
C PRO C 667 4.00 -34.82 6.58
N THR C 668 4.63 -34.33 7.63
CA THR C 668 5.86 -34.92 8.17
C THR C 668 5.59 -36.30 8.78
N PRO C 669 6.62 -37.08 9.14
CA PRO C 669 6.42 -38.32 9.88
C PRO C 669 5.70 -38.09 11.21
N PHE C 670 6.02 -37.02 11.94
CA PHE C 670 5.31 -36.69 13.17
C PHE C 670 3.85 -36.36 12.95
N ASP C 671 3.47 -35.55 11.97
CA ASP C 671 2.05 -35.33 11.70
C ASP C 671 1.30 -36.56 11.19
N ARG C 672 1.96 -37.55 10.59
CA ARG C 672 1.32 -38.83 10.19
C ARG C 672 1.12 -39.78 11.36
N ASN C 673 2.12 -39.93 12.22
CA ASN C 673 1.98 -40.66 13.47
C ASN C 673 0.97 -39.97 14.37
N TYR C 674 1.18 -38.70 14.70
CA TYR C 674 0.35 -37.97 15.63
C TYR C 674 -1.10 -37.89 15.17
N GLY C 675 -1.35 -37.66 13.90
CA GLY C 675 -2.71 -37.63 13.37
C GLY C 675 -3.38 -38.98 13.47
N THR C 676 -2.67 -40.04 13.09
CA THR C 676 -3.16 -41.41 13.27
C THR C 676 -3.44 -41.73 14.73
N LYS C 677 -2.52 -41.42 15.64
CA LYS C 677 -2.62 -41.70 17.07
C LYS C 677 -3.72 -40.90 17.75
N LEU C 678 -3.93 -39.63 17.43
CA LEU C 678 -5.04 -38.85 17.95
C LEU C 678 -6.36 -39.33 17.37
N GLY C 679 -6.43 -39.65 16.08
CA GLY C 679 -7.64 -40.21 15.48
C GLY C 679 -8.12 -41.49 16.16
N VAL C 680 -7.22 -42.36 16.62
CA VAL C 680 -7.62 -43.55 17.39
C VAL C 680 -7.88 -43.23 18.86
N LYS C 681 -7.00 -42.55 19.58
CA LYS C 681 -7.24 -42.24 21.00
C LYS C 681 -8.54 -41.43 21.19
N ALA C 682 -8.81 -40.48 20.30
CA ALA C 682 -10.06 -39.73 20.27
C ALA C 682 -11.25 -40.62 20.01
N MET C 683 -11.19 -41.54 19.05
CA MET C 683 -12.30 -42.45 18.75
C MET C 683 -12.54 -43.52 19.84
N LEU C 684 -11.50 -43.96 20.53
CA LEU C 684 -11.62 -44.84 21.69
C LEU C 684 -12.28 -44.13 22.87
N TRP C 685 -11.98 -42.85 23.08
CA TRP C 685 -12.66 -42.02 24.06
C TRP C 685 -14.10 -41.70 23.68
N LEU C 686 -14.34 -41.37 22.40
CA LEU C 686 -15.67 -41.12 21.85
C LEU C 686 -16.59 -42.31 22.05
N SER C 687 -16.09 -43.53 21.80
CA SER C 687 -16.83 -44.77 21.98
C SER C 687 -16.98 -45.19 23.44
N GLU C 688 -15.98 -44.95 24.29
CA GLU C 688 -16.06 -45.13 25.76
C GLU C 688 -17.14 -44.26 26.39
N LYS C 689 -17.07 -42.93 26.16
CA LYS C 689 -18.04 -41.95 26.67
C LYS C 689 -19.44 -42.22 26.15
N LEU C 690 -19.58 -42.72 24.94
CA LEU C 690 -20.87 -42.94 24.30
C LEU C 690 -21.60 -44.17 24.83
N ARG C 691 -20.92 -45.04 25.60
CA ARG C 691 -21.53 -46.09 26.44
C ARG C 691 -21.62 -45.71 27.92
N GLU C 692 -20.92 -44.67 28.37
CA GLU C 692 -21.09 -44.07 29.70
C GLU C 692 -22.39 -43.23 29.83
N VAL C 693 -23.27 -43.28 28.83
CA VAL C 693 -24.58 -42.63 28.79
C VAL C 693 -25.65 -43.59 28.25
N TYR C 694 -26.88 -43.56 28.79
CA TYR C 694 -27.83 -44.69 28.74
C TYR C 694 -29.16 -44.42 28.00
N ARG C 695 -29.71 -45.48 27.40
CA ARG C 695 -30.75 -45.45 26.33
C ARG C 695 -32.15 -44.98 26.75
N LYS C 696 -32.43 -44.88 28.05
CA LYS C 696 -33.79 -44.80 28.61
C LYS C 696 -34.03 -43.52 29.43
N GLY C 697 -35.18 -42.87 29.24
CA GLY C 697 -35.69 -41.78 30.10
C GLY C 697 -34.82 -40.51 30.20
N ARG C 698 -34.01 -40.18 29.20
CA ARG C 698 -32.97 -39.12 29.29
C ARG C 698 -32.63 -38.45 27.96
N VAL C 699 -31.99 -37.28 28.03
CA VAL C 699 -31.09 -36.76 26.97
C VAL C 699 -29.67 -37.23 27.29
N PHE C 700 -28.94 -37.79 26.33
CA PHE C 700 -27.61 -38.33 26.54
C PHE C 700 -26.56 -37.23 26.82
N ALA C 701 -25.60 -37.48 27.70
CA ALA C 701 -24.33 -36.77 27.72
C ALA C 701 -24.38 -35.25 28.01
N ASN C 702 -25.39 -34.73 28.73
CA ASN C 702 -25.48 -33.29 29.01
C ASN C 702 -24.28 -32.70 29.79
N ALA C 703 -23.49 -33.52 30.48
CA ALA C 703 -22.39 -33.09 31.35
C ALA C 703 -21.21 -32.44 30.58
N PRO C 704 -20.43 -31.54 31.21
CA PRO C 704 -19.27 -30.90 30.59
C PRO C 704 -18.11 -31.90 30.39
N ASP C 705 -18.07 -32.99 31.15
CA ASP C 705 -17.18 -34.13 30.95
C ASP C 705 -17.32 -34.84 29.59
N SER C 706 -18.29 -34.50 28.74
CA SER C 706 -18.58 -35.19 27.47
C SER C 706 -18.21 -34.38 26.22
N ALA C 707 -17.64 -33.19 26.38
CA ALA C 707 -17.26 -32.31 25.28
C ALA C 707 -15.84 -31.78 25.49
N CYS C 708 -14.86 -32.42 24.88
CA CYS C 708 -13.44 -32.31 25.23
C CYS C 708 -12.56 -32.04 24.02
N VAL C 709 -11.34 -31.57 24.26
CA VAL C 709 -10.23 -31.48 23.32
C VAL C 709 -9.21 -32.54 23.71
N ILE C 710 -8.80 -33.41 22.81
CA ILE C 710 -7.64 -34.27 23.00
C ILE C 710 -6.35 -33.51 22.69
N GLY C 711 -5.27 -33.79 23.38
CA GLY C 711 -3.97 -33.26 23.05
C GLY C 711 -2.84 -33.85 23.83
N LEU C 712 -1.66 -33.89 23.24
CA LEU C 712 -0.43 -34.21 23.96
C LEU C 712 -0.19 -33.10 24.96
N LYS C 713 -0.20 -33.41 26.25
CA LYS C 713 -0.02 -32.39 27.28
C LYS C 713 1.38 -32.37 27.89
N LYS C 714 1.92 -33.53 28.29
CA LYS C 714 3.27 -33.66 28.85
C LYS C 714 3.99 -34.84 28.21
N LYS C 715 4.04 -36.00 28.88
CA LYS C 715 4.61 -37.24 28.34
C LYS C 715 3.62 -37.97 27.43
N ALA C 716 2.31 -37.81 27.69
CA ALA C 716 1.19 -38.44 26.99
C ALA C 716 -0.05 -37.52 26.96
N VAL C 717 -1.14 -37.99 26.35
CA VAL C 717 -2.38 -37.23 26.12
C VAL C 717 -3.14 -36.85 27.39
N ALA C 718 -3.91 -35.76 27.29
CA ALA C 718 -4.99 -35.39 28.19
C ALA C 718 -6.27 -35.09 27.40
N PHE C 719 -7.44 -35.37 27.96
CA PHE C 719 -8.72 -34.90 27.44
C PHE C 719 -9.25 -33.79 28.36
N SER C 720 -9.35 -32.58 27.83
CA SER C 720 -9.72 -31.38 28.59
C SER C 720 -11.09 -30.89 28.17
N PRO C 721 -12.07 -30.71 29.08
CA PRO C 721 -13.38 -30.17 28.76
C PRO C 721 -13.32 -28.79 28.11
N VAL C 722 -14.10 -28.60 27.06
CA VAL C 722 -14.10 -27.39 26.25
C VAL C 722 -14.46 -26.15 27.07
N THR C 723 -15.40 -26.28 28.00
CA THR C 723 -15.83 -25.23 28.93
C THR C 723 -14.85 -25.01 30.06
N GLU C 724 -14.15 -26.05 30.53
CA GLU C 724 -13.07 -25.88 31.50
C GLU C 724 -11.90 -25.07 30.93
N LEU C 725 -11.63 -25.19 29.62
CA LEU C 725 -10.60 -24.46 28.91
C LEU C 725 -10.88 -22.96 28.71
N LYS C 726 -12.10 -22.43 28.93
CA LYS C 726 -12.40 -21.00 28.73
C LYS C 726 -11.43 -20.09 29.47
N LYS C 727 -11.09 -20.42 30.72
CA LYS C 727 -10.17 -19.67 31.60
C LYS C 727 -8.70 -19.76 31.18
N ASP C 728 -8.30 -20.78 30.43
CA ASP C 728 -6.98 -20.87 29.82
C ASP C 728 -6.92 -20.20 28.44
N THR C 729 -8.03 -19.64 27.93
CA THR C 729 -8.16 -19.13 26.56
C THR C 729 -8.36 -17.62 26.48
N ASP C 730 -7.63 -16.96 25.57
CA ASP C 730 -7.89 -15.62 25.08
C ASP C 730 -8.64 -15.69 23.72
N PHE C 731 -9.94 -15.42 23.71
CA PHE C 731 -10.78 -15.51 22.51
C PHE C 731 -10.58 -14.37 21.51
N GLU C 732 -10.14 -13.20 21.98
CA GLU C 732 -9.93 -11.98 21.20
C GLU C 732 -8.74 -12.17 20.26
N HIS C 733 -7.65 -12.72 20.79
CA HIS C 733 -6.49 -13.13 20.02
C HIS C 733 -6.52 -14.59 19.54
N ARG C 734 -7.57 -15.35 19.83
CA ARG C 734 -7.76 -16.76 19.44
C ARG C 734 -6.60 -17.68 19.85
N MET C 735 -6.16 -17.64 21.10
CA MET C 735 -5.04 -18.47 21.56
C MET C 735 -5.05 -18.73 23.08
N PRO C 736 -4.35 -19.75 23.61
CA PRO C 736 -4.21 -19.94 25.04
C PRO C 736 -3.37 -18.86 25.72
N ARG C 737 -3.67 -18.62 27.00
CA ARG C 737 -3.12 -17.52 27.81
C ARG C 737 -1.72 -17.77 28.35
N GLU C 738 -1.35 -19.02 28.57
CA GLU C 738 0.06 -19.40 28.74
C GLU C 738 0.43 -20.56 27.84
N GLN C 739 1.58 -20.44 27.17
CA GLN C 739 2.00 -21.31 26.10
C GLN C 739 3.42 -21.79 26.39
N TRP C 740 3.65 -23.10 26.40
CA TRP C 740 4.89 -23.67 26.94
C TRP C 740 6.17 -23.14 26.30
N TRP C 741 6.13 -22.82 25.01
CA TRP C 741 7.28 -22.52 24.16
C TRP C 741 7.87 -21.13 24.34
N LEU C 742 7.32 -20.25 25.18
CA LEU C 742 7.89 -18.90 25.37
C LEU C 742 9.30 -18.92 25.97
N SER C 743 9.72 -20.03 26.56
CA SER C 743 11.10 -20.23 27.00
C SER C 743 12.06 -20.38 25.83
N LEU C 744 11.61 -20.87 24.67
CA LEU C 744 12.41 -21.00 23.45
C LEU C 744 12.79 -19.66 22.84
N ARG C 745 12.05 -18.58 23.12
CA ARG C 745 12.44 -17.25 22.66
C ARG C 745 13.79 -16.80 23.24
N LEU C 746 14.14 -17.27 24.43
CA LEU C 746 15.43 -16.97 25.05
C LEU C 746 16.57 -17.64 24.30
N MET C 747 16.32 -18.85 23.84
CA MET C 747 17.25 -19.65 23.05
C MET C 747 17.48 -19.03 21.68
N LEU C 748 16.41 -18.62 21.00
CA LEU C 748 16.46 -17.84 19.77
C LEU C 748 17.38 -16.63 19.93
N LYS C 749 17.19 -15.83 20.98
CA LYS C 749 17.97 -14.59 21.17
C LYS C 749 19.45 -14.87 21.48
N MET C 750 19.74 -15.94 22.21
CA MET C 750 21.10 -16.35 22.55
C MET C 750 21.84 -16.84 21.32
N LEU C 751 21.23 -17.69 20.50
CA LEU C 751 21.81 -18.17 19.23
C LEU C 751 21.94 -17.08 18.16
N ALA C 752 21.11 -16.03 18.22
CA ALA C 752 21.14 -14.82 17.40
C ALA C 752 22.14 -13.74 17.87
N GLN C 753 22.99 -14.02 18.87
CA GLN C 753 24.04 -13.12 19.34
C GLN C 753 23.54 -11.86 20.12
N TYR C 754 22.38 -11.93 20.77
CA TYR C 754 22.06 -11.05 21.92
C TYR C 754 22.77 -11.51 23.19
N ALA D 11 -8.82 -24.18 -33.34
CA ALA D 11 -10.14 -24.73 -33.62
C ALA D 11 -10.16 -26.25 -33.42
N SER D 12 -11.32 -26.81 -33.06
CA SER D 12 -11.56 -28.25 -33.05
C SER D 12 -11.57 -28.84 -34.47
N GLY D 13 -11.31 -30.14 -34.61
CA GLY D 13 -11.17 -30.78 -35.92
C GLY D 13 -11.11 -32.30 -35.84
N ALA D 14 -12.12 -32.94 -35.26
CA ALA D 14 -12.08 -34.36 -34.91
C ALA D 14 -13.37 -35.14 -35.27
N GLY D 15 -14.35 -35.27 -34.38
CA GLY D 15 -15.47 -36.19 -34.57
C GLY D 15 -15.09 -37.66 -34.46
N LYS D 16 -13.98 -37.99 -33.77
CA LYS D 16 -13.35 -39.31 -33.71
C LYS D 16 -12.75 -39.59 -32.34
N ALA D 17 -12.47 -40.85 -32.02
CA ALA D 17 -12.04 -41.29 -30.71
C ALA D 17 -10.53 -41.55 -30.64
N ILE D 18 -9.91 -41.13 -29.53
CA ILE D 18 -8.53 -41.42 -29.14
C ILE D 18 -8.53 -42.30 -27.89
N GLY D 19 -7.92 -43.47 -27.92
CA GLY D 19 -7.56 -44.20 -26.72
C GLY D 19 -6.19 -43.75 -26.21
N VAL D 20 -5.94 -43.83 -24.91
CA VAL D 20 -4.60 -43.65 -24.35
C VAL D 20 -4.29 -44.71 -23.30
N LEU D 21 -3.12 -45.35 -23.39
CA LEU D 21 -2.61 -46.28 -22.39
C LEU D 21 -1.16 -45.97 -22.06
N THR D 22 -0.79 -46.17 -20.81
CA THR D 22 0.59 -46.15 -20.31
C THR D 22 0.99 -47.60 -20.06
N SER D 23 2.18 -48.01 -20.48
CA SER D 23 2.56 -49.42 -20.53
C SER D 23 4.02 -49.64 -20.19
N GLY D 24 4.33 -50.85 -19.72
CA GLY D 24 5.67 -51.20 -19.27
C GLY D 24 6.11 -50.43 -18.02
N GLY D 25 7.41 -50.21 -17.87
CA GLY D 25 7.98 -49.58 -16.68
C GLY D 25 7.45 -48.16 -16.49
N ASP D 26 6.81 -47.89 -15.36
CA ASP D 26 6.19 -46.59 -15.15
C ASP D 26 7.24 -45.51 -14.89
N ALA D 27 6.92 -44.29 -15.30
CA ALA D 27 7.82 -43.15 -15.25
C ALA D 27 7.03 -41.97 -14.72
N GLN D 28 7.55 -41.29 -13.69
CA GLN D 28 6.90 -40.10 -13.17
C GLN D 28 6.97 -38.98 -14.22
N GLY D 29 5.79 -38.56 -14.66
CA GLY D 29 5.58 -37.81 -15.90
C GLY D 29 4.47 -38.38 -16.79
N MET D 30 4.13 -39.67 -16.66
CA MET D 30 3.04 -40.30 -17.41
C MET D 30 1.66 -39.70 -17.08
N ASN D 31 1.47 -39.11 -15.91
CA ASN D 31 0.24 -38.39 -15.57
C ASN D 31 0.11 -37.08 -16.32
N ALA D 32 1.13 -36.24 -16.32
CA ALA D 32 1.20 -35.04 -17.14
C ALA D 32 1.02 -35.35 -18.62
N ALA D 33 1.48 -36.51 -19.10
CA ALA D 33 1.25 -36.97 -20.46
C ALA D 33 -0.21 -37.33 -20.71
N VAL D 34 -0.83 -38.20 -19.90
CA VAL D 34 -2.23 -38.61 -20.10
C VAL D 34 -3.20 -37.47 -19.87
N ARG D 35 -2.87 -36.50 -19.01
CA ARG D 35 -3.62 -35.26 -18.84
C ARG D 35 -3.60 -34.43 -20.10
N ALA D 36 -2.43 -34.21 -20.68
CA ALA D 36 -2.30 -33.41 -21.88
C ALA D 36 -2.86 -34.11 -23.11
N VAL D 37 -2.77 -35.44 -23.20
CA VAL D 37 -3.45 -36.22 -24.25
C VAL D 37 -4.96 -36.12 -24.10
N THR D 38 -5.48 -36.15 -22.88
CA THR D 38 -6.92 -36.00 -22.62
C THR D 38 -7.44 -34.61 -22.91
N ARG D 39 -6.79 -33.59 -22.38
CA ARG D 39 -7.22 -32.20 -22.53
C ARG D 39 -7.09 -31.71 -23.95
N MET D 40 -5.98 -32.00 -24.63
CA MET D 40 -5.86 -31.68 -26.06
C MET D 40 -6.82 -32.48 -26.92
N GLY D 41 -7.05 -33.75 -26.61
CA GLY D 41 -8.00 -34.59 -27.31
C GLY D 41 -9.43 -34.06 -27.25
N ILE D 42 -9.93 -33.69 -26.07
CA ILE D 42 -11.31 -33.19 -25.93
C ILE D 42 -11.44 -31.68 -26.22
N TYR D 43 -10.35 -30.92 -26.15
CA TYR D 43 -10.26 -29.56 -26.68
C TYR D 43 -10.48 -29.56 -28.20
N VAL D 44 -9.75 -30.41 -28.92
CA VAL D 44 -9.86 -30.53 -30.37
C VAL D 44 -11.11 -31.32 -30.82
N GLY D 45 -11.96 -31.72 -29.89
CA GLY D 45 -13.30 -32.25 -30.15
C GLY D 45 -13.38 -33.76 -30.32
N ALA D 46 -12.31 -34.50 -30.06
CA ALA D 46 -12.31 -35.95 -30.04
C ALA D 46 -12.98 -36.50 -28.77
N LYS D 47 -13.30 -37.79 -28.74
CA LYS D 47 -13.69 -38.50 -27.52
C LYS D 47 -12.46 -39.23 -27.01
N VAL D 48 -12.05 -39.01 -25.77
CA VAL D 48 -10.85 -39.65 -25.21
C VAL D 48 -11.24 -40.79 -24.30
N PHE D 49 -10.61 -41.94 -24.43
CA PHE D 49 -10.77 -43.09 -23.57
C PHE D 49 -9.47 -43.44 -22.85
N LEU D 50 -9.54 -43.54 -21.54
CA LEU D 50 -8.45 -44.05 -20.71
C LEU D 50 -8.55 -45.58 -20.68
N ILE D 51 -7.45 -46.23 -21.00
CA ILE D 51 -7.35 -47.68 -21.16
C ILE D 51 -6.50 -48.18 -19.99
N TYR D 52 -7.17 -48.60 -18.93
CA TYR D 52 -6.57 -48.89 -17.63
C TYR D 52 -5.73 -50.16 -17.64
N GLU D 53 -4.64 -50.18 -16.88
CA GLU D 53 -3.66 -51.26 -16.78
C GLU D 53 -3.10 -51.71 -18.14
N GLY D 54 -2.43 -50.77 -18.82
CA GLY D 54 -1.60 -51.00 -19.99
C GLY D 54 -2.29 -51.76 -21.11
N TYR D 55 -1.61 -52.72 -21.70
CA TYR D 55 -2.20 -53.64 -22.66
C TYR D 55 -3.08 -54.72 -22.03
N GLU D 56 -2.96 -54.98 -20.73
CA GLU D 56 -3.77 -56.01 -20.05
C GLU D 56 -5.25 -55.61 -20.03
N GLY D 57 -5.53 -54.33 -19.83
CA GLY D 57 -6.88 -53.79 -19.99
C GLY D 57 -7.30 -53.51 -21.42
N LEU D 58 -6.37 -53.48 -22.37
CA LEU D 58 -6.72 -53.44 -23.79
C LEU D 58 -7.22 -54.82 -24.26
N VAL D 59 -6.60 -55.91 -23.79
CA VAL D 59 -7.02 -57.30 -24.05
C VAL D 59 -8.26 -57.70 -23.24
N GLU D 60 -8.43 -57.22 -22.01
CA GLU D 60 -9.71 -57.38 -21.31
C GLU D 60 -10.83 -56.47 -21.83
N GLY D 61 -10.56 -55.20 -22.12
CA GLY D 61 -11.59 -54.19 -22.36
C GLY D 61 -12.60 -54.10 -21.21
N GLY D 62 -13.88 -53.98 -21.53
CA GLY D 62 -14.94 -53.86 -20.52
C GLY D 62 -14.73 -52.60 -19.68
N GLU D 63 -14.80 -52.72 -18.37
CA GLU D 63 -14.55 -51.60 -17.44
C GLU D 63 -13.13 -51.01 -17.55
N ASN D 64 -12.15 -51.72 -18.14
CA ASN D 64 -10.83 -51.18 -18.37
C ASN D 64 -10.80 -50.08 -19.44
N ILE D 65 -11.83 -49.92 -20.26
CA ILE D 65 -11.91 -48.85 -21.25
C ILE D 65 -13.12 -47.99 -20.92
N LYS D 66 -12.87 -46.78 -20.44
CA LYS D 66 -13.93 -45.80 -20.13
C LYS D 66 -13.52 -44.39 -20.56
N GLN D 67 -14.52 -43.62 -20.99
CA GLN D 67 -14.35 -42.30 -21.56
C GLN D 67 -13.99 -41.26 -20.49
N ALA D 68 -13.01 -40.42 -20.78
CA ALA D 68 -12.63 -39.27 -19.99
C ALA D 68 -13.52 -38.06 -20.24
N ASN D 69 -13.51 -37.14 -19.28
CA ASN D 69 -13.92 -35.75 -19.37
C ASN D 69 -12.79 -34.88 -18.83
N TRP D 70 -12.90 -33.55 -18.92
CA TRP D 70 -11.84 -32.62 -18.49
C TRP D 70 -11.36 -32.86 -17.05
N LEU D 71 -12.27 -33.32 -16.19
CA LEU D 71 -12.03 -33.57 -14.77
C LEU D 71 -11.46 -34.96 -14.47
N SER D 72 -11.58 -35.91 -15.40
CA SER D 72 -11.09 -37.30 -15.23
C SER D 72 -9.57 -37.38 -15.12
N VAL D 73 -8.88 -36.31 -15.49
CA VAL D 73 -7.43 -36.13 -15.40
C VAL D 73 -7.06 -34.90 -14.55
N SER D 74 -7.94 -34.51 -13.64
CA SER D 74 -7.66 -33.43 -12.70
C SER D 74 -6.92 -33.88 -11.45
N ASN D 75 -6.07 -33.01 -10.93
CA ASN D 75 -5.17 -33.23 -9.80
C ASN D 75 -4.17 -34.37 -10.01
N ILE D 76 -3.83 -34.72 -11.26
CA ILE D 76 -2.81 -35.74 -11.57
C ILE D 76 -1.45 -35.18 -12.00
N ILE D 77 -1.32 -33.94 -12.48
CA ILE D 77 -0.06 -33.44 -13.05
C ILE D 77 1.12 -33.46 -12.07
N GLN D 78 0.87 -33.34 -10.76
CA GLN D 78 1.88 -33.37 -9.72
C GLN D 78 2.15 -34.75 -9.12
N LEU D 79 1.39 -35.77 -9.52
CA LEU D 79 1.52 -37.16 -9.08
C LEU D 79 2.51 -37.94 -9.94
N GLY D 80 3.37 -38.73 -9.30
CA GLY D 80 4.19 -39.72 -9.98
C GLY D 80 3.43 -40.97 -10.42
N GLY D 81 4.14 -41.91 -11.01
CA GLY D 81 3.59 -43.14 -11.53
C GLY D 81 2.59 -42.89 -12.64
N THR D 82 1.46 -43.61 -12.66
CA THR D 82 0.38 -43.34 -13.61
C THR D 82 -0.96 -43.78 -13.06
N ILE D 83 -1.92 -42.87 -13.00
CA ILE D 83 -3.25 -43.09 -12.41
C ILE D 83 -4.11 -44.10 -13.16
N ILE D 84 -3.80 -44.38 -14.42
CA ILE D 84 -4.45 -45.43 -15.21
C ILE D 84 -3.76 -46.79 -15.07
N GLY D 85 -2.53 -46.85 -14.55
CA GLY D 85 -1.77 -48.07 -14.31
C GLY D 85 -1.20 -48.72 -15.57
N SER D 86 -0.11 -49.47 -15.44
CA SER D 86 0.71 -49.89 -16.57
C SER D 86 1.19 -51.34 -16.50
N ALA D 87 0.28 -52.26 -16.22
CA ALA D 87 0.56 -53.70 -16.19
C ALA D 87 1.13 -54.24 -17.52
N ARG D 88 2.11 -55.16 -17.41
CA ARG D 88 2.64 -56.01 -18.51
C ARG D 88 1.56 -56.95 -19.04
N CYS D 89 1.68 -57.41 -20.27
CA CYS D 89 0.65 -58.24 -20.89
C CYS D 89 1.22 -59.21 -21.94
N LYS D 90 1.72 -60.36 -21.50
CA LYS D 90 2.17 -61.42 -22.39
C LYS D 90 1.07 -61.85 -23.38
N ALA D 91 -0.21 -61.73 -23.02
CA ALA D 91 -1.31 -62.03 -23.92
C ALA D 91 -1.32 -61.17 -25.19
N PHE D 92 -0.96 -59.88 -25.12
CA PHE D 92 -0.85 -59.00 -26.29
C PHE D 92 0.38 -59.29 -27.16
N THR D 93 1.41 -59.93 -26.59
CA THR D 93 2.52 -60.53 -27.35
C THR D 93 2.10 -61.77 -28.14
N THR D 94 0.88 -62.29 -27.93
CA THR D 94 0.25 -63.35 -28.73
C THR D 94 -0.90 -62.78 -29.57
N ARG D 95 -1.08 -63.30 -30.78
CA ARG D 95 -2.13 -62.82 -31.70
C ARG D 95 -3.56 -63.08 -31.20
N GLU D 96 -3.73 -64.08 -30.34
CA GLU D 96 -5.00 -64.39 -29.66
C GLU D 96 -5.44 -63.30 -28.66
N GLY D 97 -4.50 -62.65 -27.99
CA GLY D 97 -4.79 -61.44 -27.22
C GLY D 97 -4.88 -60.23 -28.14
N ARG D 98 -3.96 -60.08 -29.09
CA ARG D 98 -3.92 -58.97 -30.03
C ARG D 98 -5.19 -58.80 -30.86
N ARG D 99 -5.88 -59.87 -31.25
CA ARG D 99 -7.18 -59.79 -31.92
C ARG D 99 -8.30 -59.33 -31.01
N ALA D 100 -8.27 -59.68 -29.73
CA ALA D 100 -9.20 -59.22 -28.72
C ALA D 100 -8.97 -57.74 -28.36
N ALA D 101 -7.71 -57.30 -28.35
CA ALA D 101 -7.35 -55.90 -28.23
C ALA D 101 -7.94 -55.06 -29.38
N ALA D 102 -7.93 -55.56 -30.61
CA ALA D 102 -8.62 -54.93 -31.74
C ALA D 102 -10.13 -54.88 -31.53
N TYR D 103 -10.75 -55.99 -31.11
CA TYR D 103 -12.18 -56.08 -30.82
C TYR D 103 -12.62 -55.08 -29.76
N ASN D 104 -11.87 -54.94 -28.67
CA ASN D 104 -12.26 -54.04 -27.59
C ASN D 104 -12.22 -52.56 -28.02
N LEU D 105 -11.27 -52.18 -28.88
CA LEU D 105 -11.22 -50.82 -29.43
C LEU D 105 -12.40 -50.57 -30.35
N VAL D 106 -12.68 -51.45 -31.31
CA VAL D 106 -13.77 -51.28 -32.29
C VAL D 106 -15.16 -51.48 -31.68
N GLN D 107 -15.29 -52.14 -30.53
CA GLN D 107 -16.50 -52.10 -29.69
C GLN D 107 -16.78 -50.68 -29.17
N HIS D 108 -15.80 -50.00 -28.58
CA HIS D 108 -15.94 -48.60 -28.15
C HIS D 108 -15.82 -47.59 -29.29
N GLY D 109 -15.45 -48.05 -30.48
CA GLY D 109 -15.26 -47.25 -31.69
C GLY D 109 -13.93 -46.50 -31.74
N ILE D 110 -12.98 -46.86 -30.87
CA ILE D 110 -11.68 -46.20 -30.76
C ILE D 110 -10.83 -46.50 -32.02
N THR D 111 -10.36 -45.43 -32.66
CA THR D 111 -9.75 -45.49 -34.00
C THR D 111 -8.32 -44.96 -33.99
N ASN D 112 -7.97 -44.21 -32.96
CA ASN D 112 -6.65 -43.63 -32.74
C ASN D 112 -6.20 -44.05 -31.35
N LEU D 113 -4.92 -44.28 -31.14
CA LEU D 113 -4.41 -44.81 -29.88
C LEU D 113 -3.05 -44.20 -29.58
N CYS D 114 -2.96 -43.51 -28.45
CA CYS D 114 -1.72 -42.97 -27.93
C CYS D 114 -1.12 -44.01 -26.97
N VAL D 115 0.13 -44.41 -27.17
CA VAL D 115 0.84 -45.31 -26.25
C VAL D 115 1.95 -44.55 -25.59
N ILE D 116 1.94 -44.48 -24.25
CA ILE D 116 3.02 -43.90 -23.47
C ILE D 116 3.85 -45.04 -22.86
N GLY D 117 5.07 -45.26 -23.32
CA GLY D 117 5.87 -46.39 -22.88
C GLY D 117 7.24 -46.46 -23.55
N GLY D 118 8.07 -47.43 -23.17
CA GLY D 118 9.38 -47.69 -23.74
C GLY D 118 9.40 -48.44 -25.07
N ASP D 119 10.57 -48.93 -25.49
CA ASP D 119 10.75 -49.50 -26.84
C ASP D 119 9.97 -50.80 -27.09
N GLY D 120 9.75 -51.62 -26.07
CA GLY D 120 8.92 -52.83 -26.18
C GLY D 120 7.46 -52.50 -26.36
N SER D 121 6.91 -51.68 -25.47
CA SER D 121 5.51 -51.27 -25.51
C SER D 121 5.15 -50.46 -26.74
N LEU D 122 6.10 -49.74 -27.34
CA LEU D 122 5.92 -49.07 -28.62
C LEU D 122 6.00 -50.05 -29.80
N THR D 123 6.84 -51.08 -29.75
CA THR D 123 6.92 -52.11 -30.81
C THR D 123 5.59 -52.84 -30.94
N GLY D 124 5.02 -53.26 -29.81
CA GLY D 124 3.69 -53.85 -29.79
C GLY D 124 2.60 -53.00 -30.45
N ALA D 125 2.67 -51.67 -30.39
CA ALA D 125 1.74 -50.79 -31.08
C ALA D 125 2.01 -50.75 -32.60
N ASN D 126 3.28 -50.75 -32.99
CA ASN D 126 3.74 -50.75 -34.39
C ASN D 126 3.19 -51.97 -35.16
N ILE D 127 3.23 -53.13 -34.50
CA ILE D 127 2.72 -54.42 -34.97
C ILE D 127 1.21 -54.37 -35.10
N PHE D 128 0.55 -53.86 -34.07
CA PHE D 128 -0.91 -53.78 -33.98
C PHE D 128 -1.54 -52.86 -35.03
N ARG D 129 -0.77 -51.94 -35.66
CA ARG D 129 -1.14 -51.32 -36.94
C ARG D 129 -0.86 -52.21 -38.12
N SER D 130 0.36 -52.74 -38.19
CA SER D 130 0.89 -53.47 -39.34
C SER D 130 -0.01 -54.65 -39.75
N GLU D 131 -0.78 -55.22 -38.82
CA GLU D 131 -1.75 -56.27 -39.12
C GLU D 131 -3.20 -55.91 -38.74
N TRP D 132 -3.51 -54.67 -38.39
CA TRP D 132 -4.83 -54.25 -37.90
C TRP D 132 -6.00 -54.74 -38.76
N GLY D 133 -5.94 -54.49 -40.06
CA GLY D 133 -7.00 -54.83 -41.02
C GLY D 133 -7.28 -56.32 -41.09
N SER D 134 -6.29 -57.17 -40.77
CA SER D 134 -6.45 -58.61 -40.71
C SER D 134 -7.07 -59.11 -39.39
N LEU D 135 -6.90 -58.36 -38.29
CA LEU D 135 -7.60 -58.60 -37.03
C LEU D 135 -9.08 -58.21 -37.16
N LEU D 136 -9.35 -57.07 -37.80
CA LEU D 136 -10.69 -56.62 -38.18
C LEU D 136 -11.38 -57.63 -39.10
N GLU D 137 -10.66 -58.18 -40.08
CA GLU D 137 -11.15 -59.21 -41.00
C GLU D 137 -11.58 -60.49 -40.28
N GLU D 138 -10.80 -60.95 -39.30
CA GLU D 138 -11.14 -62.13 -38.51
C GLU D 138 -12.37 -61.91 -37.63
N LEU D 139 -12.54 -60.71 -37.07
CA LEU D 139 -13.71 -60.36 -36.26
C LEU D 139 -15.00 -60.27 -37.08
N VAL D 140 -14.91 -59.85 -38.36
CA VAL D 140 -15.97 -59.99 -39.35
C VAL D 140 -16.21 -61.45 -39.73
N ALA D 141 -15.15 -62.23 -39.97
CA ALA D 141 -15.28 -63.61 -40.42
C ALA D 141 -15.99 -64.49 -39.38
N GLU D 142 -15.77 -64.26 -38.08
CA GLU D 142 -16.51 -64.93 -37.00
C GLU D 142 -17.80 -64.19 -36.58
N GLY D 143 -18.11 -63.03 -37.15
CA GLY D 143 -19.40 -62.37 -37.03
C GLY D 143 -19.63 -61.52 -35.77
N LYS D 144 -18.58 -61.18 -35.01
CA LYS D 144 -18.71 -60.30 -33.82
C LYS D 144 -19.07 -58.87 -34.21
N ILE D 145 -18.68 -58.43 -35.40
CA ILE D 145 -18.89 -57.08 -35.92
C ILE D 145 -19.26 -57.14 -37.41
N SER D 146 -20.00 -56.14 -37.89
CA SER D 146 -20.47 -56.05 -39.28
C SER D 146 -19.41 -55.46 -40.22
N GLU D 147 -19.46 -55.80 -41.51
CA GLU D 147 -18.51 -55.30 -42.53
C GLU D 147 -18.40 -53.77 -42.56
N THR D 148 -19.52 -53.05 -42.42
CA THR D 148 -19.53 -51.58 -42.36
C THR D 148 -18.62 -51.02 -41.27
N THR D 149 -18.59 -51.67 -40.11
CA THR D 149 -17.71 -51.29 -39.01
C THR D 149 -16.24 -51.54 -39.38
N ALA D 150 -15.94 -52.68 -40.02
CA ALA D 150 -14.58 -53.02 -40.45
C ALA D 150 -14.07 -52.14 -41.60
N ARG D 151 -14.95 -51.60 -42.44
CA ARG D 151 -14.66 -50.54 -43.41
C ARG D 151 -14.51 -49.16 -42.75
N THR D 152 -15.14 -48.92 -41.59
CA THR D 152 -15.02 -47.65 -40.85
C THR D 152 -13.73 -47.62 -40.03
N TYR D 153 -13.60 -48.55 -39.08
CA TYR D 153 -12.43 -48.77 -38.23
C TYR D 153 -11.34 -49.58 -38.95
N SER D 154 -11.09 -49.27 -40.23
CA SER D 154 -10.20 -50.06 -41.10
C SER D 154 -8.72 -49.79 -40.90
N HIS D 155 -8.38 -48.76 -40.13
CA HIS D 155 -7.01 -48.35 -39.83
C HIS D 155 -6.91 -47.89 -38.38
N LEU D 156 -5.76 -48.14 -37.78
CA LEU D 156 -5.40 -47.66 -36.44
C LEU D 156 -4.28 -46.64 -36.58
N ASN D 157 -4.42 -45.49 -35.95
CA ASN D 157 -3.31 -44.53 -35.84
C ASN D 157 -2.65 -44.68 -34.48
N ILE D 158 -1.34 -44.84 -34.47
CA ILE D 158 -0.54 -44.83 -33.25
C ILE D 158 0.28 -43.55 -33.22
N ALA D 159 0.21 -42.85 -32.08
CA ALA D 159 1.27 -41.95 -31.67
C ALA D 159 1.94 -42.53 -30.43
N GLY D 160 3.26 -42.66 -30.51
CA GLY D 160 4.10 -43.06 -29.41
C GLY D 160 4.59 -41.87 -28.61
N LEU D 161 4.39 -41.91 -27.31
CA LEU D 161 5.04 -41.06 -26.33
C LEU D 161 6.08 -41.91 -25.60
N VAL D 162 7.36 -41.57 -25.65
CA VAL D 162 8.39 -42.42 -25.05
C VAL D 162 8.52 -42.13 -23.57
N GLY D 163 7.79 -42.86 -22.74
CA GLY D 163 7.87 -42.84 -21.29
C GLY D 163 8.81 -43.89 -20.75
N SER D 164 9.87 -43.49 -20.07
CA SER D 164 10.90 -44.36 -19.51
C SER D 164 11.85 -43.54 -18.65
N ILE D 165 12.34 -44.07 -17.53
CA ILE D 165 13.39 -43.41 -16.76
C ILE D 165 14.79 -43.57 -17.35
N ASP D 166 15.03 -44.63 -18.13
CA ASP D 166 16.35 -45.02 -18.64
C ASP D 166 16.94 -44.08 -19.71
N ASN D 167 16.09 -43.36 -20.45
CA ASN D 167 16.49 -42.64 -21.66
C ASN D 167 17.03 -43.57 -22.76
N ASP D 168 16.52 -44.79 -22.78
CA ASP D 168 16.95 -45.94 -23.56
C ASP D 168 16.69 -45.82 -25.07
N PHE D 169 16.02 -44.76 -25.53
CA PHE D 169 15.45 -44.67 -26.86
C PHE D 169 16.21 -43.68 -27.76
N CYS D 170 16.65 -44.13 -28.94
CA CYS D 170 17.69 -43.47 -29.70
C CYS D 170 17.26 -42.26 -30.56
N GLY D 171 15.98 -42.11 -30.89
CA GLY D 171 15.52 -40.92 -31.59
C GLY D 171 15.36 -39.65 -30.75
N THR D 172 15.81 -39.59 -29.50
CA THR D 172 15.34 -38.59 -28.54
C THR D 172 16.41 -38.16 -27.55
N ASP D 173 16.39 -36.88 -27.14
CA ASP D 173 17.29 -36.40 -26.10
C ASP D 173 16.83 -36.72 -24.68
N MET D 174 15.52 -36.63 -24.39
CA MET D 174 14.91 -37.00 -23.11
C MET D 174 13.61 -37.79 -23.31
N THR D 175 13.56 -39.04 -22.87
CA THR D 175 12.30 -39.76 -22.66
C THR D 175 11.58 -39.18 -21.44
N ILE D 176 10.24 -39.19 -21.44
CA ILE D 176 9.42 -38.74 -20.32
C ILE D 176 9.76 -39.57 -19.10
N GLY D 177 10.31 -38.95 -18.06
CA GLY D 177 10.65 -39.55 -16.78
C GLY D 177 12.09 -39.43 -16.36
N THR D 178 12.99 -39.19 -17.31
CA THR D 178 14.41 -39.34 -17.08
C THR D 178 15.01 -38.17 -16.28
N ASP D 179 14.46 -36.96 -16.36
CA ASP D 179 14.88 -35.84 -15.50
C ASP D 179 14.40 -36.03 -14.06
N SER D 180 13.19 -36.53 -13.85
CA SER D 180 12.67 -36.82 -12.52
C SER D 180 13.40 -37.97 -11.84
N ALA D 181 13.76 -39.02 -12.57
CA ALA D 181 14.64 -40.05 -12.07
C ALA D 181 16.01 -39.49 -11.70
N LEU D 182 16.54 -38.51 -12.44
CA LEU D 182 17.74 -37.81 -12.02
C LEU D 182 17.51 -36.96 -10.78
N HIS D 183 16.36 -36.31 -10.58
CA HIS D 183 16.00 -35.67 -9.30
C HIS D 183 16.01 -36.66 -8.15
N ARG D 184 15.43 -37.86 -8.33
CA ARG D 184 15.49 -38.93 -7.32
C ARG D 184 16.92 -39.36 -7.01
N ILE D 185 17.78 -39.56 -8.01
CA ILE D 185 19.18 -39.93 -7.77
C ILE D 185 19.96 -38.80 -7.08
N MET D 186 19.79 -37.56 -7.53
CA MET D 186 20.51 -36.45 -6.96
C MET D 186 20.04 -36.08 -5.56
N GLU D 187 18.78 -36.35 -5.19
CA GLU D 187 18.29 -36.31 -3.81
C GLU D 187 18.99 -37.35 -2.94
N VAL D 188 19.20 -38.57 -3.44
CA VAL D 188 19.91 -39.64 -2.73
C VAL D 188 21.41 -39.38 -2.62
N ILE D 189 22.06 -38.78 -3.62
CA ILE D 189 23.46 -38.41 -3.51
C ILE D 189 23.64 -37.17 -2.62
N ASP D 190 22.75 -36.18 -2.66
CA ASP D 190 22.72 -35.08 -1.69
C ASP D 190 22.49 -35.58 -0.26
N ALA D 191 21.83 -36.72 -0.07
CA ALA D 191 21.85 -37.41 1.20
C ALA D 191 23.22 -38.04 1.47
N ILE D 192 23.65 -39.00 0.67
CA ILE D 192 24.82 -39.83 0.91
C ILE D 192 26.12 -39.03 0.97
N THR D 193 26.22 -37.88 0.32
CA THR D 193 27.41 -37.02 0.43
C THR D 193 27.65 -36.55 1.86
N THR D 194 26.62 -36.28 2.65
CA THR D 194 26.82 -35.74 4.02
C THR D 194 27.34 -36.78 5.00
N THR D 195 26.88 -38.02 4.92
CA THR D 195 27.31 -39.13 5.77
C THR D 195 28.62 -39.77 5.29
N ALA D 196 28.88 -39.74 3.98
CA ALA D 196 30.15 -40.15 3.40
C ALA D 196 31.24 -39.12 3.69
N GLN D 197 30.94 -37.82 3.60
CA GLN D 197 31.88 -36.78 3.95
C GLN D 197 32.24 -36.83 5.44
N SER D 198 31.31 -37.00 6.37
CA SER D 198 31.65 -36.95 7.80
C SER D 198 32.59 -38.09 8.22
N HIS D 199 32.31 -39.31 7.76
CA HIS D 199 33.07 -40.54 8.01
C HIS D 199 34.24 -40.79 7.06
N GLN D 200 34.41 -39.99 6.01
CA GLN D 200 35.40 -40.17 4.94
C GLN D 200 35.21 -41.46 4.12
N ARG D 201 33.97 -41.89 3.86
CA ARG D 201 33.65 -43.18 3.20
C ARG D 201 33.52 -43.09 1.68
N THR D 202 33.83 -44.20 1.00
CA THR D 202 33.49 -44.42 -0.41
C THR D 202 32.12 -45.06 -0.53
N PHE D 203 31.26 -44.56 -1.40
CA PHE D 203 29.98 -45.18 -1.70
C PHE D 203 29.93 -45.70 -3.12
N VAL D 204 29.59 -46.97 -3.29
CA VAL D 204 29.11 -47.53 -4.55
C VAL D 204 27.61 -47.31 -4.65
N LEU D 205 27.16 -46.48 -5.58
CA LEU D 205 25.76 -46.20 -5.86
C LEU D 205 25.34 -46.97 -7.10
N GLU D 206 24.34 -47.85 -7.00
CA GLU D 206 23.82 -48.57 -8.17
C GLU D 206 22.52 -47.92 -8.64
N VAL D 207 22.41 -47.64 -9.94
CA VAL D 207 21.30 -46.88 -10.55
C VAL D 207 20.65 -47.62 -11.72
N MET D 208 19.37 -47.41 -11.98
CA MET D 208 18.51 -48.14 -12.92
C MET D 208 18.79 -47.86 -14.41
N GLY D 209 20.04 -47.94 -14.87
CA GLY D 209 20.41 -48.00 -16.28
C GLY D 209 20.44 -49.45 -16.79
N ARG D 210 19.30 -49.95 -17.29
CA ARG D 210 19.05 -51.40 -17.48
C ARG D 210 19.99 -52.00 -18.51
N HIS D 211 20.00 -51.41 -19.68
CA HIS D 211 20.98 -51.59 -20.76
C HIS D 211 21.53 -50.24 -21.24
N CYS D 212 21.00 -49.13 -20.75
CA CYS D 212 21.34 -47.76 -21.10
C CYS D 212 22.04 -47.04 -19.96
N GLY D 213 23.24 -46.51 -20.16
CA GLY D 213 24.00 -45.82 -19.13
C GLY D 213 23.67 -44.36 -18.89
N TYR D 214 22.55 -43.83 -19.40
CA TYR D 214 22.27 -42.40 -19.33
C TYR D 214 22.16 -41.93 -17.88
N LEU D 215 21.29 -42.56 -17.09
CA LEU D 215 21.11 -42.22 -15.68
C LEU D 215 22.41 -42.28 -14.89
N ALA D 216 23.27 -43.26 -15.16
CA ALA D 216 24.56 -43.39 -14.51
C ALA D 216 25.55 -42.30 -14.92
N LEU D 217 25.72 -42.05 -16.21
CA LEU D 217 26.63 -41.03 -16.69
C LEU D 217 26.20 -39.63 -16.23
N VAL D 218 24.94 -39.30 -16.44
CA VAL D 218 24.42 -37.98 -16.16
C VAL D 218 24.47 -37.69 -14.67
N SER D 219 24.05 -38.61 -13.81
CA SER D 219 24.17 -38.43 -12.35
C SER D 219 25.59 -38.52 -11.83
N ALA D 220 26.53 -39.21 -12.49
CA ALA D 220 27.95 -39.17 -12.14
C ALA D 220 28.57 -37.80 -12.43
N LEU D 221 28.30 -37.26 -13.60
CA LEU D 221 28.73 -35.95 -14.04
C LEU D 221 28.11 -34.84 -13.18
N ALA D 222 26.83 -34.96 -12.82
CA ALA D 222 26.11 -34.04 -11.92
C ALA D 222 26.52 -34.14 -10.44
N SER D 223 27.18 -35.21 -9.99
CA SER D 223 27.58 -35.39 -8.59
C SER D 223 29.09 -35.32 -8.36
N GLY D 224 29.89 -35.24 -9.42
CA GLY D 224 31.34 -35.24 -9.31
C GLY D 224 31.90 -36.63 -8.99
N ALA D 225 31.20 -37.69 -9.37
CA ALA D 225 31.59 -39.06 -9.06
C ALA D 225 32.99 -39.41 -9.61
N ASP D 226 33.80 -40.04 -8.77
CA ASP D 226 35.21 -40.36 -9.00
C ASP D 226 35.44 -41.48 -10.02
N TRP D 227 34.46 -42.36 -10.18
CA TRP D 227 34.45 -43.41 -11.19
C TRP D 227 33.02 -43.70 -11.62
N LEU D 228 32.89 -44.29 -12.80
CA LEU D 228 31.63 -44.54 -13.48
C LEU D 228 31.72 -45.87 -14.23
N PHE D 229 30.61 -46.60 -14.27
CA PHE D 229 30.47 -47.84 -15.03
C PHE D 229 29.22 -47.79 -15.88
N ILE D 230 29.38 -47.62 -17.20
CA ILE D 230 28.28 -47.61 -18.15
C ILE D 230 28.50 -48.73 -19.17
N PRO D 231 27.44 -49.45 -19.59
CA PRO D 231 27.60 -50.59 -20.48
C PRO D 231 27.99 -50.19 -21.91
N GLU D 232 27.75 -48.95 -22.36
CA GLU D 232 28.27 -48.46 -23.64
C GLU D 232 29.75 -48.05 -23.62
N ALA D 233 30.42 -47.98 -22.47
CA ALA D 233 31.86 -47.75 -22.43
C ALA D 233 32.53 -48.55 -21.31
N PRO D 234 32.55 -49.89 -21.41
CA PRO D 234 33.14 -50.76 -20.40
C PRO D 234 34.62 -50.46 -20.13
N PRO D 235 35.13 -50.64 -18.91
CA PRO D 235 36.51 -50.34 -18.61
C PRO D 235 37.47 -51.34 -19.27
N GLU D 236 38.54 -50.81 -19.85
CA GLU D 236 39.61 -51.55 -20.49
C GLU D 236 40.41 -52.41 -19.51
N ASP D 237 41.15 -53.40 -20.00
CA ASP D 237 41.77 -54.43 -19.15
C ASP D 237 42.78 -53.85 -18.12
N GLY D 238 42.78 -54.40 -16.91
CA GLY D 238 43.57 -53.93 -15.77
C GLY D 238 43.07 -52.66 -15.08
N TRP D 239 41.83 -52.23 -15.36
CA TRP D 239 41.22 -50.99 -14.85
C TRP D 239 41.21 -50.87 -13.33
N GLU D 240 41.26 -51.98 -12.60
CA GLU D 240 41.31 -52.02 -11.16
C GLU D 240 42.51 -51.25 -10.61
N ASN D 241 43.61 -51.21 -11.36
CA ASN D 241 44.76 -50.37 -11.06
C ASN D 241 44.39 -48.89 -11.20
N PHE D 242 43.85 -48.51 -12.34
CA PHE D 242 43.52 -47.12 -12.67
C PHE D 242 42.39 -46.55 -11.82
N MET D 243 41.42 -47.38 -11.43
CA MET D 243 40.43 -46.99 -10.43
C MET D 243 41.10 -46.78 -9.07
N CYS D 244 41.93 -47.70 -8.60
CA CYS D 244 42.57 -47.51 -7.29
C CYS D 244 43.59 -46.35 -7.27
N GLU D 245 44.18 -46.00 -8.40
CA GLU D 245 44.92 -44.76 -8.58
C GLU D 245 44.01 -43.53 -8.56
N ARG D 246 42.85 -43.52 -9.23
CA ARG D 246 41.93 -42.35 -9.28
C ARG D 246 41.28 -42.07 -7.95
N LEU D 247 40.87 -43.10 -7.23
CA LEU D 247 40.32 -42.99 -5.88
C LEU D 247 41.40 -42.53 -4.90
N GLY D 248 42.62 -43.03 -5.05
CA GLY D 248 43.79 -42.52 -4.33
C GLY D 248 44.08 -41.04 -4.60
N GLU D 249 44.14 -40.63 -5.87
CA GLU D 249 44.52 -39.29 -6.30
C GLU D 249 43.60 -38.22 -5.71
N THR D 250 42.30 -38.26 -5.99
CA THR D 250 41.35 -37.23 -5.53
C THR D 250 41.38 -37.08 -4.01
N ARG D 251 41.44 -38.20 -3.29
CA ARG D 251 41.45 -38.24 -1.83
C ARG D 251 42.81 -37.90 -1.21
N SER D 252 43.90 -38.00 -1.99
CA SER D 252 45.21 -37.42 -1.64
C SER D 252 45.25 -35.91 -1.92
N ARG D 253 44.59 -35.46 -2.99
CA ARG D 253 44.36 -34.06 -3.41
C ARG D 253 43.27 -33.37 -2.57
N GLY D 254 43.27 -33.61 -1.25
CA GLY D 254 42.48 -32.88 -0.27
C GLY D 254 41.01 -33.28 -0.14
N SER D 255 40.49 -34.18 -0.99
CA SER D 255 39.13 -34.70 -0.81
C SER D 255 39.06 -35.72 0.34
N ARG D 256 37.88 -36.32 0.53
CA ARG D 256 37.45 -36.92 1.79
C ARG D 256 36.54 -38.13 1.58
N LEU D 257 35.45 -37.99 0.85
CA LEU D 257 34.63 -39.09 0.35
C LEU D 257 35.04 -39.46 -1.08
N ASN D 258 34.51 -40.58 -1.59
CA ASN D 258 34.38 -40.82 -3.02
C ASN D 258 32.99 -41.37 -3.32
N ILE D 259 32.41 -40.99 -4.44
CA ILE D 259 31.18 -41.60 -4.99
C ILE D 259 31.58 -42.39 -6.23
N ILE D 260 31.14 -43.64 -6.33
CA ILE D 260 31.29 -44.51 -7.50
C ILE D 260 29.90 -44.80 -8.05
N ILE D 261 29.58 -44.38 -9.26
CA ILE D 261 28.28 -44.70 -9.86
C ILE D 261 28.43 -45.96 -10.71
N ILE D 262 27.60 -46.95 -10.49
CA ILE D 262 27.52 -48.14 -11.33
C ILE D 262 26.12 -48.30 -11.91
N ALA D 263 25.97 -48.40 -13.22
CA ALA D 263 24.68 -48.78 -13.79
C ALA D 263 24.36 -50.23 -13.41
N GLU D 264 23.10 -50.56 -13.15
CA GLU D 264 22.71 -51.95 -12.88
C GLU D 264 23.12 -52.89 -14.01
N GLY D 265 23.09 -52.39 -15.24
CA GLY D 265 23.46 -53.10 -16.45
C GLY D 265 24.93 -53.15 -16.81
N ALA D 266 25.82 -52.66 -15.96
CA ALA D 266 27.25 -52.55 -16.27
C ALA D 266 27.93 -53.89 -16.56
N ILE D 267 28.80 -53.87 -17.57
CA ILE D 267 29.59 -54.99 -18.09
C ILE D 267 31.06 -54.60 -18.15
N ASP D 268 31.97 -55.56 -18.14
CA ASP D 268 33.38 -55.34 -18.48
C ASP D 268 33.61 -55.36 -20.01
N ARG D 269 34.86 -55.16 -20.47
CA ARG D 269 35.25 -55.14 -21.89
C ARG D 269 34.95 -56.45 -22.64
N ASN D 270 34.65 -57.54 -21.93
CA ASN D 270 34.34 -58.84 -22.50
C ASN D 270 32.81 -59.09 -22.57
N GLY D 271 32.01 -58.16 -22.03
CA GLY D 271 30.55 -58.24 -21.98
C GLY D 271 29.99 -58.98 -20.78
N LYS D 272 30.84 -59.33 -19.79
CA LYS D 272 30.44 -60.07 -18.59
C LYS D 272 30.14 -59.11 -17.43
N PRO D 273 29.07 -59.35 -16.64
CA PRO D 273 28.50 -58.34 -15.77
C PRO D 273 29.43 -57.99 -14.60
N ILE D 274 29.51 -56.72 -14.24
CA ILE D 274 30.28 -56.26 -13.07
C ILE D 274 29.28 -55.84 -11.98
N SER D 275 29.43 -56.41 -10.78
CA SER D 275 28.53 -56.15 -9.66
C SER D 275 29.05 -55.01 -8.77
N SER D 276 28.13 -54.29 -8.16
CA SER D 276 28.43 -53.30 -7.13
C SER D 276 29.16 -53.90 -5.93
N SER D 277 28.85 -55.15 -5.57
CA SER D 277 29.61 -55.95 -4.61
C SER D 277 31.08 -56.15 -5.02
N TYR D 278 31.37 -56.47 -6.29
CA TYR D 278 32.76 -56.63 -6.74
C TYR D 278 33.52 -55.31 -6.67
N VAL D 279 32.87 -54.19 -6.97
CA VAL D 279 33.47 -52.86 -6.81
C VAL D 279 33.78 -52.57 -5.34
N LYS D 280 32.85 -52.85 -4.42
CA LYS D 280 33.04 -52.63 -2.98
C LYS D 280 34.22 -53.44 -2.44
N ASP D 281 34.22 -54.74 -2.74
CA ASP D 281 35.29 -55.66 -2.37
C ASP D 281 36.65 -55.21 -2.91
N LEU D 282 36.70 -54.73 -4.14
CA LEU D 282 37.93 -54.27 -4.78
C LEU D 282 38.53 -53.06 -4.06
N VAL D 283 37.71 -52.05 -3.78
CA VAL D 283 38.14 -50.82 -3.08
C VAL D 283 38.67 -51.15 -1.69
N VAL D 284 37.92 -51.93 -0.91
CA VAL D 284 38.34 -52.38 0.42
C VAL D 284 39.68 -53.10 0.34
N GLN D 285 39.81 -54.10 -0.54
CA GLN D 285 40.98 -54.97 -0.60
C GLN D 285 42.23 -54.34 -1.23
N ARG D 286 42.11 -53.25 -1.98
CA ARG D 286 43.21 -52.62 -2.72
C ARG D 286 43.50 -51.17 -2.33
N LEU D 287 42.66 -50.54 -1.50
CA LEU D 287 42.86 -49.21 -0.92
C LEU D 287 42.65 -49.13 0.59
N GLY D 288 42.00 -50.08 1.23
CA GLY D 288 41.78 -50.06 2.68
C GLY D 288 40.85 -48.93 3.16
N PHE D 289 40.14 -48.29 2.23
CA PHE D 289 39.12 -47.28 2.51
C PHE D 289 37.84 -47.92 3.03
N ASP D 290 37.25 -47.33 4.07
CA ASP D 290 35.91 -47.70 4.54
C ASP D 290 34.88 -47.42 3.43
N THR D 291 34.12 -48.42 3.02
CA THR D 291 33.32 -48.42 1.79
C THR D 291 31.95 -49.04 2.00
N ARG D 292 30.91 -48.49 1.38
CA ARG D 292 29.53 -48.97 1.43
C ARG D 292 28.94 -49.10 0.04
N VAL D 293 27.86 -49.85 -0.11
CA VAL D 293 27.11 -50.04 -1.34
C VAL D 293 25.65 -49.72 -1.08
N THR D 294 25.10 -48.75 -1.82
CA THR D 294 23.67 -48.46 -1.83
C THR D 294 23.09 -48.87 -3.16
N VAL D 295 22.35 -49.98 -3.21
CA VAL D 295 21.48 -50.27 -4.35
C VAL D 295 20.25 -49.40 -4.21
N LEU D 296 20.38 -48.16 -4.65
CA LEU D 296 19.31 -47.20 -4.84
C LEU D 296 18.32 -47.83 -5.84
N GLY D 297 17.15 -48.22 -5.37
CA GLY D 297 16.13 -48.94 -6.13
C GLY D 297 15.02 -48.05 -6.63
N HIS D 298 13.81 -48.60 -6.73
CA HIS D 298 12.60 -48.00 -7.33
C HIS D 298 12.14 -46.68 -6.71
N VAL D 299 12.83 -46.12 -5.73
CA VAL D 299 12.82 -44.69 -5.43
C VAL D 299 13.00 -43.88 -6.71
N GLN D 300 13.85 -44.32 -7.64
CA GLN D 300 14.10 -43.72 -8.96
C GLN D 300 12.86 -43.60 -9.84
N ARG D 301 11.89 -44.49 -9.69
CA ARG D 301 10.65 -44.54 -10.48
C ARG D 301 9.56 -43.64 -9.92
N GLY D 302 9.73 -43.10 -8.73
CA GLY D 302 8.66 -42.51 -7.95
C GLY D 302 8.83 -41.03 -7.61
N GLY D 303 7.91 -40.56 -6.79
CA GLY D 303 7.83 -39.19 -6.33
C GLY D 303 7.25 -38.28 -7.39
N THR D 304 7.11 -37.01 -7.06
CA THR D 304 6.53 -36.02 -7.97
C THR D 304 7.43 -35.82 -9.21
N PRO D 305 6.86 -35.64 -10.42
CA PRO D 305 7.64 -35.25 -11.57
C PRO D 305 8.23 -33.85 -11.42
N SER D 306 9.45 -33.71 -11.96
CA SER D 306 10.13 -32.42 -12.11
C SER D 306 9.39 -31.51 -13.08
N ALA D 307 9.68 -30.21 -13.04
CA ALA D 307 9.09 -29.24 -13.95
C ALA D 307 9.34 -29.60 -15.41
N PHE D 308 10.55 -30.02 -15.75
CA PHE D 308 10.84 -30.45 -17.11
C PHE D 308 9.98 -31.64 -17.53
N ASP D 309 9.79 -32.66 -16.70
CA ASP D 309 8.94 -33.79 -17.07
C ASP D 309 7.45 -33.45 -17.13
N ARG D 310 6.94 -32.46 -16.39
CA ARG D 310 5.55 -31.99 -16.56
C ARG D 310 5.37 -31.18 -17.83
N ILE D 311 6.26 -30.23 -18.09
CA ILE D 311 6.21 -29.36 -19.27
C ILE D 311 6.47 -30.17 -20.53
N LEU D 312 7.46 -31.05 -20.50
CA LEU D 312 7.78 -31.94 -21.59
C LEU D 312 6.60 -32.85 -21.87
N SER D 313 6.07 -33.58 -20.89
CA SER D 313 4.92 -34.46 -21.10
C SER D 313 3.68 -33.74 -21.59
N SER D 314 3.53 -32.46 -21.27
CA SER D 314 2.49 -31.60 -21.81
C SER D 314 2.72 -31.27 -23.28
N LYS D 315 3.92 -30.84 -23.68
CA LYS D 315 4.21 -30.56 -25.09
C LYS D 315 4.19 -31.83 -25.93
N MET D 316 4.78 -32.90 -25.44
CA MET D 316 4.74 -34.21 -26.07
C MET D 316 3.31 -34.72 -26.20
N GLY D 317 2.50 -34.66 -25.14
CA GLY D 317 1.11 -35.10 -25.13
C GLY D 317 0.19 -34.32 -26.04
N MET D 318 0.43 -33.01 -26.19
CA MET D 318 -0.29 -32.15 -27.12
C MET D 318 0.06 -32.50 -28.57
N GLU D 319 1.34 -32.68 -28.88
CA GLU D 319 1.79 -33.11 -30.20
C GLU D 319 1.29 -34.52 -30.56
N ALA D 320 1.27 -35.46 -29.62
CA ALA D 320 0.75 -36.80 -29.85
C ALA D 320 -0.72 -36.81 -30.27
N VAL D 321 -1.56 -35.93 -29.73
CA VAL D 321 -2.96 -35.80 -30.17
C VAL D 321 -3.06 -35.25 -31.59
N MET D 322 -2.26 -34.24 -31.91
CA MET D 322 -2.15 -33.69 -33.26
C MET D 322 -1.67 -34.75 -34.25
N ALA D 323 -0.60 -35.46 -33.92
CA ALA D 323 -0.02 -36.51 -34.73
C ALA D 323 -1.02 -37.63 -35.02
N LEU D 324 -1.93 -37.95 -34.10
CA LEU D 324 -3.02 -38.88 -34.35
C LEU D 324 -4.04 -38.32 -35.34
N LEU D 325 -4.62 -37.16 -35.07
CA LEU D 325 -5.75 -36.65 -35.84
C LEU D 325 -5.37 -36.22 -37.26
N GLU D 326 -4.11 -35.83 -37.50
CA GLU D 326 -3.60 -35.48 -38.83
C GLU D 326 -2.87 -36.63 -39.55
N ALA D 327 -2.67 -37.79 -38.91
CA ALA D 327 -2.18 -39.01 -39.57
C ALA D 327 -3.15 -39.59 -40.63
N THR D 328 -2.61 -40.41 -41.52
CA THR D 328 -3.28 -41.00 -42.69
C THR D 328 -2.90 -42.49 -42.81
N PRO D 329 -3.65 -43.32 -43.53
CA PRO D 329 -3.31 -44.74 -43.66
C PRO D 329 -2.06 -45.03 -44.49
N ASP D 330 -1.51 -44.03 -45.19
CA ASP D 330 -0.21 -44.04 -45.87
C ASP D 330 0.88 -43.22 -45.14
N THR D 331 0.65 -42.87 -43.86
CA THR D 331 1.64 -42.33 -42.94
C THR D 331 2.21 -43.45 -42.07
N PRO D 332 3.53 -43.57 -41.89
CA PRO D 332 4.11 -44.49 -40.92
C PRO D 332 3.86 -43.98 -39.49
N ALA D 333 3.65 -44.89 -38.54
CA ALA D 333 3.39 -44.50 -37.16
C ALA D 333 4.51 -43.63 -36.60
N CYS D 334 4.15 -42.75 -35.69
CA CYS D 334 4.97 -41.64 -35.23
C CYS D 334 5.33 -41.77 -33.76
N VAL D 335 6.50 -41.28 -33.40
CA VAL D 335 6.95 -41.05 -32.04
C VAL D 335 7.22 -39.57 -31.89
N VAL D 336 6.76 -38.94 -30.82
CA VAL D 336 7.06 -37.56 -30.49
C VAL D 336 8.21 -37.49 -29.49
N THR D 337 9.14 -36.58 -29.72
CA THR D 337 10.50 -36.59 -29.20
C THR D 337 11.02 -35.16 -29.02
N LEU D 338 12.06 -34.92 -28.21
CA LEU D 338 12.87 -33.70 -28.37
C LEU D 338 13.84 -33.83 -29.54
N SER D 339 14.14 -32.71 -30.16
CA SER D 339 15.43 -32.54 -30.84
C SER D 339 15.94 -31.16 -30.46
N GLY D 340 16.58 -31.06 -29.30
CA GLY D 340 16.92 -29.79 -28.66
C GLY D 340 15.73 -29.05 -28.07
N ASN D 341 15.76 -27.73 -28.20
CA ASN D 341 14.81 -26.73 -27.68
C ASN D 341 13.31 -26.99 -27.93
N GLN D 342 12.96 -27.80 -28.93
CA GLN D 342 11.61 -28.02 -29.41
C GLN D 342 11.39 -29.47 -29.84
N SER D 343 10.12 -29.85 -29.92
CA SER D 343 9.68 -31.19 -30.29
C SER D 343 9.75 -31.45 -31.78
N VAL D 344 10.09 -32.69 -32.12
CA VAL D 344 10.01 -33.26 -33.46
C VAL D 344 9.30 -34.60 -33.43
N ARG D 345 8.82 -35.03 -34.59
CA ARG D 345 8.04 -36.24 -34.81
C ARG D 345 8.78 -37.17 -35.76
N LEU D 346 8.97 -38.43 -35.38
CA LEU D 346 9.82 -39.39 -36.10
C LEU D 346 9.09 -40.71 -36.38
N PRO D 347 9.48 -41.49 -37.41
CA PRO D 347 8.92 -42.81 -37.64
C PRO D 347 9.22 -43.78 -36.50
N LEU D 348 8.19 -44.49 -36.02
CA LEU D 348 8.30 -45.49 -34.98
C LEU D 348 9.18 -46.67 -35.39
N MET D 349 9.00 -47.17 -36.61
CA MET D 349 9.85 -48.21 -37.19
C MET D 349 11.34 -47.89 -37.04
N GLU D 350 11.75 -46.70 -37.49
CA GLU D 350 13.16 -46.29 -37.51
C GLU D 350 13.74 -46.15 -36.12
N CYS D 351 13.01 -45.53 -35.19
CA CYS D 351 13.47 -45.29 -33.83
C CYS D 351 13.60 -46.59 -33.02
N VAL D 352 12.69 -47.55 -33.20
CA VAL D 352 12.80 -48.90 -32.63
C VAL D 352 14.05 -49.59 -33.17
N GLN D 353 14.26 -49.60 -34.49
CA GLN D 353 15.42 -50.26 -35.09
C GLN D 353 16.76 -49.63 -34.70
N MET D 354 16.86 -48.30 -34.70
CA MET D 354 18.03 -47.57 -34.25
C MET D 354 18.33 -47.81 -32.76
N THR D 355 17.33 -48.22 -31.98
CA THR D 355 17.48 -48.60 -30.58
C THR D 355 17.95 -50.05 -30.45
N LYS D 356 17.37 -51.00 -31.20
CA LYS D 356 17.80 -52.40 -31.30
C LYS D 356 19.24 -52.50 -31.85
N GLU D 357 19.61 -51.63 -32.78
CA GLU D 357 20.97 -51.53 -33.32
C GLU D 357 22.01 -51.14 -32.26
N VAL D 358 21.65 -50.37 -31.23
CA VAL D 358 22.54 -50.08 -30.08
C VAL D 358 22.73 -51.28 -29.17
N GLN D 359 21.67 -51.99 -28.80
CA GLN D 359 21.77 -53.21 -27.99
C GLN D 359 22.65 -54.27 -28.68
N LYS D 360 22.46 -54.40 -29.99
CA LYS D 360 23.26 -55.28 -30.87
C LYS D 360 24.71 -54.82 -30.97
N ALA D 361 25.00 -53.53 -31.13
CA ALA D 361 26.37 -53.01 -31.11
C ALA D 361 27.10 -53.22 -29.79
N MET D 362 26.39 -53.15 -28.67
CA MET D 362 26.92 -53.33 -27.33
C MET D 362 27.25 -54.80 -27.03
N ASP D 363 26.37 -55.73 -27.41
CA ASP D 363 26.58 -57.18 -27.35
C ASP D 363 27.69 -57.63 -28.30
N ASP D 364 27.78 -57.03 -29.49
CA ASP D 364 28.85 -57.24 -30.48
C ASP D 364 30.21 -56.61 -30.11
N LYS D 365 30.37 -56.12 -28.87
CA LYS D 365 31.59 -55.51 -28.33
C LYS D 365 32.07 -54.26 -29.10
N ARG D 366 31.21 -53.67 -29.94
CA ARG D 366 31.41 -52.40 -30.65
C ARG D 366 31.01 -51.22 -29.77
N PHE D 367 31.64 -51.08 -28.61
CA PHE D 367 31.28 -50.08 -27.61
C PHE D 367 31.33 -48.62 -28.10
N ASP D 368 32.25 -48.30 -29.01
CA ASP D 368 32.32 -46.97 -29.64
C ASP D 368 31.13 -46.69 -30.59
N GLU D 369 30.59 -47.70 -31.29
CA GLU D 369 29.34 -47.56 -32.05
C GLU D 369 28.16 -47.37 -31.09
N ALA D 370 28.12 -48.14 -30.00
CA ALA D 370 27.05 -48.05 -29.01
C ALA D 370 26.97 -46.64 -28.41
N THR D 371 28.12 -46.06 -28.09
CA THR D 371 28.28 -44.67 -27.65
C THR D 371 27.81 -43.66 -28.70
N GLN D 372 28.34 -43.71 -29.92
CA GLN D 372 27.98 -42.76 -30.99
C GLN D 372 26.48 -42.83 -31.35
N LEU D 373 25.90 -44.03 -31.32
CA LEU D 373 24.53 -44.28 -31.77
C LEU D 373 23.47 -44.05 -30.68
N ARG D 374 23.83 -44.00 -29.38
CA ARG D 374 22.90 -43.52 -28.33
C ARG D 374 22.41 -42.11 -28.59
N GLY D 375 23.26 -41.25 -29.15
CA GLY D 375 22.96 -39.89 -29.55
C GLY D 375 24.08 -38.91 -29.29
N GLY D 376 24.00 -37.73 -29.91
CA GLY D 376 24.96 -36.65 -29.67
C GLY D 376 24.90 -36.10 -28.25
N SER D 377 23.71 -36.08 -27.67
CA SER D 377 23.48 -35.75 -26.26
C SER D 377 24.13 -36.77 -25.33
N PHE D 378 24.13 -38.06 -25.64
CA PHE D 378 24.93 -39.03 -24.87
C PHE D 378 26.43 -38.77 -25.04
N GLU D 379 26.90 -38.51 -26.27
CA GLU D 379 28.32 -38.29 -26.58
C GLU D 379 28.90 -37.02 -25.93
N ASN D 380 28.18 -35.89 -25.90
CA ASN D 380 28.68 -34.67 -25.28
C ASN D 380 28.79 -34.80 -23.77
N ASN D 381 27.80 -35.41 -23.10
CA ASN D 381 27.94 -35.77 -21.69
C ASN D 381 29.14 -36.71 -21.47
N TRP D 382 29.27 -37.76 -22.27
CA TRP D 382 30.35 -38.73 -22.10
C TRP D 382 31.73 -38.13 -22.32
N ASN D 383 31.89 -37.28 -23.33
CA ASN D 383 33.15 -36.59 -23.62
C ASN D 383 33.51 -35.60 -22.51
N ILE D 384 32.55 -34.91 -21.91
CA ILE D 384 32.82 -34.02 -20.76
C ILE D 384 33.13 -34.81 -19.48
N TYR D 385 32.48 -35.94 -19.21
CA TYR D 385 32.92 -36.82 -18.14
C TYR D 385 34.34 -37.35 -18.41
N LYS D 386 34.62 -37.82 -19.62
CA LYS D 386 35.94 -38.30 -20.04
C LYS D 386 37.01 -37.21 -19.97
N LEU D 387 36.67 -35.95 -20.22
CA LEU D 387 37.54 -34.81 -19.97
C LEU D 387 37.85 -34.66 -18.48
N LEU D 388 36.86 -34.37 -17.64
CA LEU D 388 37.02 -34.15 -16.20
C LEU D 388 37.55 -35.36 -15.44
N ALA D 389 37.37 -36.56 -15.96
CA ALA D 389 37.97 -37.80 -15.46
C ALA D 389 39.46 -37.89 -15.75
N HIS D 390 39.94 -37.25 -16.83
CA HIS D 390 41.34 -37.21 -17.25
C HIS D 390 42.10 -35.98 -16.74
N GLN D 391 41.41 -34.88 -16.38
CA GLN D 391 42.03 -33.64 -15.92
C GLN D 391 42.84 -33.80 -14.60
N LYS D 392 43.84 -32.93 -14.44
CA LYS D 392 44.76 -32.84 -13.31
C LYS D 392 45.29 -31.39 -13.15
N PRO D 393 45.79 -30.99 -11.98
CA PRO D 393 46.80 -29.94 -11.89
C PRO D 393 48.07 -30.31 -12.71
N PRO D 394 48.51 -29.49 -13.69
CA PRO D 394 49.68 -29.79 -14.51
C PRO D 394 51.00 -29.39 -13.84
N LYS D 395 52.12 -29.91 -14.34
CA LYS D 395 53.47 -29.53 -13.91
C LYS D 395 54.05 -28.38 -14.75
N GLU D 396 53.62 -28.26 -15.99
CA GLU D 396 54.25 -27.45 -17.03
C GLU D 396 54.02 -25.94 -16.87
N LYS D 397 52.78 -25.54 -16.56
CA LYS D 397 52.25 -24.16 -16.46
C LYS D 397 52.39 -23.33 -17.74
N SER D 398 51.61 -22.25 -17.84
CA SER D 398 51.40 -21.46 -19.07
C SER D 398 51.31 -19.96 -18.80
N ASN D 399 51.40 -19.14 -19.84
CA ASN D 399 51.60 -17.69 -19.70
C ASN D 399 50.37 -16.93 -19.15
N PHE D 400 49.17 -17.43 -19.41
CA PHE D 400 47.93 -16.68 -19.28
C PHE D 400 47.38 -16.55 -17.86
N SER D 401 46.78 -15.38 -17.58
CA SER D 401 45.96 -15.10 -16.40
C SER D 401 44.50 -14.95 -16.80
N LEU D 402 43.60 -15.68 -16.17
CA LEU D 402 42.16 -15.66 -16.42
C LEU D 402 41.45 -15.16 -15.16
N ALA D 403 40.32 -14.47 -15.28
CA ALA D 403 39.49 -14.13 -14.11
C ALA D 403 38.02 -14.55 -14.28
N ILE D 404 37.40 -15.07 -13.22
CA ILE D 404 36.02 -15.53 -13.22
C ILE D 404 35.18 -14.64 -12.29
N LEU D 405 34.12 -14.05 -12.83
CA LEU D 405 33.19 -13.15 -12.15
C LEU D 405 31.83 -13.85 -11.98
N ASN D 406 31.09 -13.55 -10.93
CA ASN D 406 29.64 -13.77 -10.89
C ASN D 406 28.92 -12.42 -10.89
N VAL D 407 27.92 -12.23 -11.74
CA VAL D 407 27.22 -10.93 -11.90
C VAL D 407 25.70 -11.12 -12.05
N GLY D 408 24.91 -10.31 -11.37
CA GLY D 408 23.44 -10.42 -11.30
C GLY D 408 22.95 -10.94 -9.94
N ALA D 409 21.71 -11.40 -9.90
CA ALA D 409 21.23 -12.22 -8.79
C ALA D 409 21.86 -13.61 -8.84
N PRO D 410 22.14 -14.25 -7.70
CA PRO D 410 22.75 -15.56 -7.66
C PRO D 410 21.79 -16.60 -8.23
N ALA D 411 22.26 -17.40 -9.17
CA ALA D 411 21.49 -18.43 -9.85
C ALA D 411 22.11 -19.81 -9.63
N ALA D 412 21.30 -20.81 -9.33
CA ALA D 412 21.80 -22.14 -9.03
C ALA D 412 22.48 -22.74 -10.26
N GLY D 413 23.69 -23.24 -10.11
CA GLY D 413 24.56 -23.66 -11.20
C GLY D 413 25.72 -22.72 -11.49
N MET D 414 25.70 -21.48 -11.01
CA MET D 414 26.90 -20.62 -11.02
C MET D 414 28.10 -21.34 -10.42
N ASN D 415 27.94 -21.98 -9.26
CA ASN D 415 29.01 -22.71 -8.58
C ASN D 415 29.52 -23.91 -9.37
N ALA D 416 28.64 -24.61 -10.09
CA ALA D 416 29.02 -25.68 -10.98
C ALA D 416 29.87 -25.14 -12.13
N ALA D 417 29.43 -24.04 -12.75
CA ALA D 417 30.13 -23.41 -13.85
C ALA D 417 31.49 -22.84 -13.42
N VAL D 418 31.58 -22.23 -12.24
CA VAL D 418 32.87 -21.81 -11.72
C VAL D 418 33.77 -23.00 -11.45
N ARG D 419 33.31 -24.09 -10.83
CA ARG D 419 34.13 -25.27 -10.57
C ARG D 419 34.72 -25.85 -11.85
N SER D 420 33.89 -26.02 -12.86
CA SER D 420 34.27 -26.58 -14.14
C SER D 420 35.20 -25.67 -14.94
N ALA D 421 35.02 -24.36 -14.87
CA ALA D 421 35.94 -23.38 -15.43
C ALA D 421 37.26 -23.29 -14.68
N VAL D 422 37.28 -23.34 -13.35
CA VAL D 422 38.51 -23.32 -12.56
C VAL D 422 39.37 -24.55 -12.84
N ARG D 423 38.74 -25.72 -12.98
CA ARG D 423 39.42 -27.00 -13.22
C ARG D 423 39.88 -27.11 -14.66
N THR D 424 39.03 -26.82 -15.63
CA THR D 424 39.44 -26.74 -17.04
C THR D 424 40.52 -25.68 -17.25
N GLY D 425 40.44 -24.55 -16.54
CA GLY D 425 41.45 -23.51 -16.60
C GLY D 425 42.78 -23.93 -15.98
N ILE D 426 42.76 -24.60 -14.83
CA ILE D 426 43.96 -25.17 -14.21
C ILE D 426 44.61 -26.25 -15.07
N SER D 427 43.85 -27.19 -15.63
CA SER D 427 44.40 -28.28 -16.43
C SER D 427 44.95 -27.84 -17.79
N HIS D 428 44.38 -26.77 -18.37
CA HIS D 428 44.95 -26.02 -19.49
C HIS D 428 46.11 -25.09 -19.10
N GLY D 429 46.54 -25.08 -17.84
CA GLY D 429 47.78 -24.49 -17.36
C GLY D 429 47.70 -23.05 -16.88
N HIS D 430 46.53 -22.43 -16.86
CA HIS D 430 46.38 -21.00 -16.59
C HIS D 430 46.42 -20.66 -15.09
N THR D 431 46.92 -19.49 -14.74
CA THR D 431 46.65 -18.90 -13.43
C THR D 431 45.24 -18.28 -13.43
N VAL D 432 44.27 -19.08 -13.03
CA VAL D 432 42.88 -18.66 -12.84
C VAL D 432 42.74 -17.86 -11.55
N TYR D 433 42.04 -16.74 -11.64
CA TYR D 433 41.62 -15.90 -10.55
C TYR D 433 40.10 -15.97 -10.42
N VAL D 434 39.59 -15.90 -9.20
CA VAL D 434 38.19 -15.62 -8.94
C VAL D 434 38.04 -14.26 -8.27
N VAL D 435 36.99 -13.55 -8.61
CA VAL D 435 36.77 -12.18 -8.16
C VAL D 435 35.41 -12.12 -7.48
N HIS D 436 35.41 -11.65 -6.23
CA HIS D 436 34.22 -11.62 -5.39
C HIS D 436 33.39 -10.36 -5.63
N ASP D 437 32.07 -10.44 -5.63
CA ASP D 437 31.17 -9.30 -5.84
C ASP D 437 31.22 -8.69 -7.26
N GLY D 438 31.44 -9.50 -8.28
CA GLY D 438 31.31 -9.12 -9.68
C GLY D 438 32.22 -7.98 -10.15
N PHE D 439 31.69 -7.09 -10.98
CA PHE D 439 32.44 -5.94 -11.46
C PHE D 439 32.79 -4.94 -10.35
N GLU D 440 31.98 -4.79 -9.30
CA GLU D 440 32.35 -4.03 -8.10
C GLU D 440 33.53 -4.68 -7.38
N GLY D 441 33.65 -6.01 -7.45
CA GLY D 441 34.83 -6.75 -7.06
C GLY D 441 36.06 -6.47 -7.89
N LEU D 442 35.92 -6.40 -9.22
CA LEU D 442 37.03 -6.12 -10.14
C LEU D 442 37.47 -4.65 -10.07
N ALA D 443 36.57 -3.74 -9.68
CA ALA D 443 36.88 -2.37 -9.33
C ALA D 443 37.64 -2.28 -8.00
N LYS D 444 37.15 -2.96 -6.97
CA LYS D 444 37.66 -2.94 -5.59
C LYS D 444 38.83 -3.91 -5.36
N GLY D 445 39.30 -4.57 -6.40
CA GLY D 445 40.48 -5.44 -6.40
C GLY D 445 40.32 -6.74 -5.63
N GLN D 446 39.09 -7.22 -5.46
CA GLN D 446 38.69 -8.42 -4.71
C GLN D 446 39.00 -9.71 -5.48
N VAL D 447 40.20 -9.76 -6.06
CA VAL D 447 40.70 -10.76 -7.00
C VAL D 447 41.66 -11.68 -6.26
N GLN D 448 41.48 -13.00 -6.38
CA GLN D 448 42.39 -13.98 -5.77
C GLN D 448 42.66 -15.20 -6.64
N GLU D 449 43.91 -15.64 -6.70
CA GLU D 449 44.29 -16.86 -7.41
C GLU D 449 43.70 -18.10 -6.70
N VAL D 450 43.19 -19.03 -7.48
CA VAL D 450 42.45 -20.19 -7.00
C VAL D 450 43.13 -21.49 -7.42
N GLY D 451 43.18 -22.46 -6.51
CA GLY D 451 43.71 -23.81 -6.72
C GLY D 451 42.63 -24.89 -6.85
N TRP D 452 43.02 -26.10 -7.24
CA TRP D 452 42.08 -27.22 -7.43
C TRP D 452 41.27 -27.54 -6.16
N HIS D 453 41.91 -27.45 -5.00
CA HIS D 453 41.28 -27.67 -3.69
C HIS D 453 40.18 -26.66 -3.39
N ASP D 454 40.44 -25.39 -3.72
CA ASP D 454 39.69 -24.22 -3.25
C ASP D 454 38.22 -24.19 -3.73
N VAL D 455 37.93 -24.97 -4.76
CA VAL D 455 36.67 -25.03 -5.49
C VAL D 455 35.96 -26.39 -5.35
N ALA D 456 36.54 -27.30 -4.57
CA ALA D 456 36.01 -28.64 -4.35
C ALA D 456 34.69 -28.58 -3.56
N GLY D 457 33.71 -29.37 -3.99
CA GLY D 457 32.38 -29.44 -3.35
C GLY D 457 31.45 -28.27 -3.68
N TRP D 458 31.78 -27.46 -4.67
CA TRP D 458 30.93 -26.37 -5.19
C TRP D 458 29.82 -26.85 -6.11
N LEU D 459 29.89 -28.04 -6.72
CA LEU D 459 28.95 -28.51 -7.75
C LEU D 459 27.49 -28.58 -7.28
N GLY D 460 27.24 -28.89 -6.02
CA GLY D 460 25.90 -29.08 -5.48
C GLY D 460 25.31 -27.90 -4.74
N ARG D 461 26.03 -26.78 -4.65
CA ARG D 461 25.61 -25.62 -3.86
C ARG D 461 24.77 -24.64 -4.69
N GLY D 462 23.73 -24.11 -4.07
CA GLY D 462 22.98 -22.97 -4.58
C GLY D 462 23.71 -21.67 -4.35
N GLY D 463 23.10 -20.54 -4.74
CA GLY D 463 23.70 -19.23 -4.49
C GLY D 463 24.95 -18.97 -5.33
N SER D 464 25.92 -18.29 -4.73
CA SER D 464 27.23 -18.01 -5.34
C SER D 464 28.31 -17.99 -4.28
N MET D 465 29.33 -18.82 -4.43
CA MET D 465 30.49 -18.84 -3.54
C MET D 465 31.44 -17.67 -3.79
N LEU D 466 31.39 -17.05 -4.96
CA LEU D 466 32.11 -15.80 -5.22
C LEU D 466 31.40 -14.58 -4.64
N GLY D 467 30.07 -14.62 -4.55
CA GLY D 467 29.28 -13.41 -4.42
C GLY D 467 29.13 -12.72 -5.76
N THR D 468 28.01 -12.04 -5.92
CA THR D 468 27.58 -11.43 -7.15
C THR D 468 26.88 -10.10 -6.84
N LYS D 469 26.88 -9.17 -7.81
CA LYS D 469 26.28 -7.84 -7.73
C LYS D 469 25.62 -7.44 -9.04
N ARG D 470 24.69 -6.49 -9.02
CA ARG D 470 24.10 -5.86 -10.22
C ARG D 470 24.96 -4.75 -10.86
N THR D 471 26.05 -4.35 -10.23
CA THR D 471 26.85 -3.17 -10.64
C THR D 471 27.46 -3.35 -12.03
N LEU D 472 27.13 -2.46 -12.97
CA LEU D 472 27.72 -2.42 -14.30
C LEU D 472 29.08 -1.70 -14.30
N PRO D 473 30.03 -2.10 -15.15
CA PRO D 473 31.41 -1.69 -15.01
C PRO D 473 31.70 -0.22 -15.36
N LYS D 474 30.89 0.49 -16.15
CA LYS D 474 31.27 1.85 -16.61
C LYS D 474 31.47 2.86 -15.48
N GLY D 475 30.72 2.75 -14.39
CA GLY D 475 30.83 3.64 -13.22
C GLY D 475 32.12 3.49 -12.41
N GLN D 476 32.89 2.44 -12.68
CA GLN D 476 34.14 2.09 -12.02
C GLN D 476 35.27 1.77 -13.01
N LEU D 477 35.11 2.07 -14.30
CA LEU D 477 35.92 1.49 -15.37
C LEU D 477 37.41 1.83 -15.29
N GLU D 478 37.77 3.06 -14.94
CA GLU D 478 39.17 3.47 -14.71
C GLU D 478 39.88 2.64 -13.62
N SER D 479 39.13 2.07 -12.68
CA SER D 479 39.66 1.19 -11.63
C SER D 479 39.62 -0.29 -12.03
N ILE D 480 38.66 -0.72 -12.85
CA ILE D 480 38.57 -2.08 -13.44
C ILE D 480 39.73 -2.34 -14.40
N VAL D 481 40.06 -1.40 -15.29
CA VAL D 481 41.22 -1.54 -16.17
C VAL D 481 42.52 -1.63 -15.38
N GLU D 482 42.60 -0.96 -14.23
CA GLU D 482 43.81 -0.93 -13.42
C GLU D 482 44.05 -2.23 -12.66
N ASN D 483 43.01 -2.95 -12.23
CA ASN D 483 43.16 -4.31 -11.71
C ASN D 483 43.40 -5.35 -12.80
N ILE D 484 42.81 -5.20 -13.99
CA ILE D 484 43.15 -6.02 -15.17
C ILE D 484 44.65 -5.90 -15.49
N ARG D 485 45.21 -4.69 -15.44
CA ARG D 485 46.65 -4.43 -15.61
C ARG D 485 47.49 -5.02 -14.48
N ILE D 486 47.16 -4.73 -13.22
CA ILE D 486 47.93 -5.14 -12.03
C ILE D 486 48.02 -6.65 -11.87
N TYR D 487 46.93 -7.38 -12.04
CA TYR D 487 46.93 -8.84 -12.01
C TYR D 487 47.35 -9.48 -13.34
N GLY D 488 47.48 -8.72 -14.42
CA GLY D 488 47.94 -9.18 -15.72
C GLY D 488 46.91 -10.00 -16.50
N ILE D 489 45.62 -9.81 -16.22
CA ILE D 489 44.50 -10.65 -16.64
C ILE D 489 44.28 -10.53 -18.16
N HIS D 490 44.26 -11.66 -18.87
CA HIS D 490 44.17 -11.76 -20.34
C HIS D 490 42.81 -12.25 -20.84
N ALA D 491 41.99 -12.81 -19.95
CA ALA D 491 40.63 -13.17 -20.28
C ALA D 491 39.69 -13.04 -19.08
N LEU D 492 38.43 -12.64 -19.32
CA LEU D 492 37.34 -12.69 -18.35
C LEU D 492 36.33 -13.75 -18.75
N LEU D 493 35.97 -14.58 -17.79
CA LEU D 493 34.80 -15.41 -17.86
C LEU D 493 33.80 -14.86 -16.86
N VAL D 494 32.66 -14.41 -17.32
CA VAL D 494 31.62 -13.82 -16.48
C VAL D 494 30.44 -14.76 -16.49
N VAL D 495 30.04 -15.30 -15.34
CA VAL D 495 28.85 -16.14 -15.26
C VAL D 495 27.74 -15.35 -14.56
N GLY D 496 26.61 -15.15 -15.23
CA GLY D 496 25.62 -14.22 -14.74
C GLY D 496 24.52 -13.83 -15.72
N GLY D 497 23.62 -12.97 -15.27
CA GLY D 497 22.42 -12.59 -15.99
C GLY D 497 22.59 -11.46 -17.00
N PHE D 498 21.57 -10.63 -17.20
CA PHE D 498 21.67 -9.53 -18.13
C PHE D 498 22.78 -8.53 -17.78
N GLU D 499 23.10 -8.31 -16.51
CA GLU D 499 24.20 -7.40 -16.17
C GLU D 499 25.59 -8.01 -16.49
N ALA D 500 25.71 -9.33 -16.62
CA ALA D 500 26.93 -9.93 -17.17
C ALA D 500 27.06 -9.64 -18.66
N TYR D 501 25.97 -9.77 -19.41
CA TYR D 501 25.89 -9.43 -20.83
C TYR D 501 26.14 -7.95 -21.10
N GLU D 502 25.37 -7.04 -20.49
CA GLU D 502 25.59 -5.60 -20.63
C GLU D 502 26.93 -5.18 -20.01
N GLY D 503 27.43 -5.89 -19.02
CA GLY D 503 28.75 -5.67 -18.47
C GLY D 503 29.87 -5.93 -19.47
N VAL D 504 29.90 -7.10 -20.10
CA VAL D 504 30.87 -7.42 -21.15
C VAL D 504 30.67 -6.54 -22.39
N LEU D 505 29.44 -6.11 -22.69
CA LEU D 505 29.15 -5.16 -23.75
C LEU D 505 29.72 -3.77 -23.46
N GLN D 506 29.54 -3.24 -22.25
CA GLN D 506 30.17 -2.00 -21.79
C GLN D 506 31.70 -2.03 -21.79
N LEU D 507 32.35 -3.20 -21.86
CA LEU D 507 33.79 -3.32 -22.08
C LEU D 507 34.17 -3.37 -23.56
N VAL D 508 33.41 -4.04 -24.42
CA VAL D 508 33.66 -4.01 -25.88
C VAL D 508 33.36 -2.63 -26.48
N GLU D 509 32.28 -1.98 -26.06
CA GLU D 509 31.98 -0.57 -26.35
C GLU D 509 33.06 0.40 -25.84
N ALA D 510 33.99 -0.05 -25.00
CA ALA D 510 35.08 0.73 -24.42
C ALA D 510 36.49 0.24 -24.81
N ARG D 511 36.65 -0.76 -25.67
CA ARG D 511 37.95 -1.15 -26.26
C ARG D 511 38.64 -0.02 -27.03
N GLY D 512 37.87 0.81 -27.72
CA GLY D 512 38.42 2.00 -28.39
C GLY D 512 38.91 3.08 -27.44
N ARG D 513 38.46 3.07 -26.18
CA ARG D 513 38.78 4.06 -25.15
C ARG D 513 39.93 3.63 -24.22
N TYR D 514 40.09 2.34 -23.96
CA TYR D 514 41.10 1.81 -23.04
C TYR D 514 41.88 0.63 -23.62
N GLU D 515 43.21 0.67 -23.58
CA GLU D 515 44.05 -0.39 -24.15
C GLU D 515 43.95 -1.74 -23.42
N GLU D 516 43.44 -1.76 -22.18
CA GLU D 516 43.35 -3.00 -21.38
C GLU D 516 42.11 -3.87 -21.63
N LEU D 517 41.03 -3.32 -22.18
CA LEU D 517 39.80 -4.03 -22.53
C LEU D 517 39.88 -4.82 -23.84
N CYS D 518 41.04 -4.79 -24.48
CA CYS D 518 41.47 -5.76 -25.47
C CYS D 518 41.91 -7.04 -24.73
N ILE D 519 40.90 -7.79 -24.31
CA ILE D 519 40.91 -8.92 -23.37
C ILE D 519 39.88 -9.94 -23.87
N VAL D 520 40.13 -11.24 -23.80
CA VAL D 520 39.16 -12.24 -24.32
C VAL D 520 37.99 -12.38 -23.35
N MET D 521 36.74 -12.32 -23.81
CA MET D 521 35.58 -12.28 -22.91
C MET D 521 34.53 -13.33 -23.25
N CYS D 522 34.05 -14.04 -22.25
CA CYS D 522 32.98 -15.01 -22.39
C CYS D 522 31.93 -14.80 -21.32
N VAL D 523 30.65 -14.75 -21.68
CA VAL D 523 29.53 -14.76 -20.74
C VAL D 523 28.89 -16.14 -20.75
N ILE D 524 28.83 -16.79 -19.58
CA ILE D 524 27.93 -17.91 -19.33
C ILE D 524 26.65 -17.32 -18.76
N PRO D 525 25.49 -17.48 -19.42
CA PRO D 525 24.24 -16.87 -19.00
C PRO D 525 23.65 -17.59 -17.78
N ALA D 526 23.94 -17.11 -16.58
CA ALA D 526 23.43 -17.65 -15.33
C ALA D 526 22.39 -16.73 -14.69
N THR D 527 21.12 -17.03 -14.91
CA THR D 527 20.05 -16.31 -14.25
C THR D 527 18.79 -17.15 -14.13
N ILE D 528 18.02 -16.87 -13.10
CA ILE D 528 16.66 -17.35 -12.81
C ILE D 528 15.69 -17.02 -13.95
N SER D 529 15.83 -15.85 -14.59
CA SER D 529 14.81 -15.25 -15.44
C SER D 529 14.75 -15.73 -16.89
N ASN D 530 15.79 -16.36 -17.42
CA ASN D 530 15.93 -16.71 -18.83
C ASN D 530 15.85 -15.51 -19.81
N ASN D 531 16.38 -14.36 -19.39
CA ASN D 531 16.37 -13.09 -20.11
C ASN D 531 17.70 -12.69 -20.74
N VAL D 532 18.79 -13.46 -20.59
CA VAL D 532 20.05 -13.14 -21.28
C VAL D 532 19.89 -13.43 -22.77
N PRO D 533 20.27 -12.51 -23.67
CA PRO D 533 20.27 -12.77 -25.10
C PRO D 533 21.32 -13.82 -25.47
N GLY D 534 21.23 -14.40 -26.66
CA GLY D 534 22.12 -15.47 -27.11
C GLY D 534 21.56 -16.86 -26.82
N THR D 535 21.73 -17.39 -25.63
CA THR D 535 21.18 -18.70 -25.23
C THR D 535 19.65 -18.80 -25.36
N ASP D 536 19.13 -20.02 -25.47
CA ASP D 536 17.72 -20.32 -25.27
C ASP D 536 17.41 -20.82 -23.83
N PHE D 537 18.42 -21.25 -23.07
CA PHE D 537 18.32 -21.62 -21.66
C PHE D 537 19.43 -20.98 -20.83
N SER D 538 19.09 -20.24 -19.79
CA SER D 538 20.05 -19.75 -18.80
C SER D 538 20.17 -20.71 -17.63
N LEU D 539 21.38 -20.81 -17.13
CA LEU D 539 21.77 -21.61 -16.00
C LEU D 539 21.11 -21.09 -14.73
N GLY D 540 20.32 -21.92 -14.05
CA GLY D 540 19.50 -21.56 -12.89
C GLY D 540 18.01 -21.45 -13.17
N SER D 541 17.60 -21.34 -14.43
CA SER D 541 16.19 -21.21 -14.77
C SER D 541 15.39 -22.50 -14.62
N ASP D 542 16.05 -23.66 -14.67
CA ASP D 542 15.48 -24.98 -14.37
C ASP D 542 15.29 -25.19 -12.86
N THR D 543 16.21 -24.73 -12.03
CA THR D 543 16.02 -24.67 -10.58
C THR D 543 14.89 -23.73 -10.21
N ALA D 544 14.76 -22.60 -10.90
CA ALA D 544 13.72 -21.63 -10.64
C ALA D 544 12.33 -22.13 -10.96
N VAL D 545 12.12 -22.73 -12.12
CA VAL D 545 10.82 -23.32 -12.45
C VAL D 545 10.52 -24.48 -11.51
N ASN D 546 11.48 -25.30 -11.09
CA ASN D 546 11.25 -26.33 -10.09
C ASN D 546 10.93 -25.76 -8.69
N ALA D 547 11.60 -24.72 -8.23
CA ALA D 547 11.34 -24.11 -6.94
C ALA D 547 9.99 -23.40 -6.88
N ALA D 548 9.52 -22.82 -7.99
CA ALA D 548 8.21 -22.21 -8.13
C ALA D 548 7.09 -23.25 -8.27
N MET D 549 7.29 -24.28 -9.08
CA MET D 549 6.40 -25.43 -9.31
C MET D 549 6.13 -26.21 -8.02
N GLU D 550 7.13 -26.40 -7.15
CA GLU D 550 6.97 -27.03 -5.83
C GLU D 550 6.11 -26.19 -4.88
N SER D 551 6.19 -24.87 -5.01
CA SER D 551 5.50 -23.91 -4.17
C SER D 551 4.05 -23.70 -4.62
N CYS D 552 3.81 -23.68 -5.92
CA CYS D 552 2.47 -23.63 -6.46
C CYS D 552 1.69 -24.94 -6.23
N ASP D 553 2.34 -26.11 -6.18
CA ASP D 553 1.71 -27.36 -5.74
C ASP D 553 1.21 -27.28 -4.28
N ARG D 554 1.97 -26.64 -3.39
CA ARG D 554 1.57 -26.44 -1.99
C ARG D 554 0.39 -25.49 -1.90
N ILE D 555 0.44 -24.40 -2.65
CA ILE D 555 -0.63 -23.43 -2.73
C ILE D 555 -1.89 -24.04 -3.35
N LYS D 556 -1.81 -24.88 -4.40
CA LYS D 556 -2.98 -25.54 -4.96
C LYS D 556 -3.60 -26.54 -4.02
N GLN D 557 -2.79 -27.30 -3.27
CA GLN D 557 -3.32 -28.22 -2.28
C GLN D 557 -3.97 -27.49 -1.10
N SER D 558 -3.43 -26.34 -0.71
CA SER D 558 -4.09 -25.40 0.20
C SER D 558 -5.44 -24.92 -0.33
N ALA D 559 -5.53 -24.50 -1.59
CA ALA D 559 -6.76 -24.03 -2.20
C ALA D 559 -7.82 -25.13 -2.35
N SER D 560 -7.39 -26.36 -2.58
CA SER D 560 -8.21 -27.54 -2.78
C SER D 560 -8.80 -28.06 -1.46
N GLY D 561 -8.12 -27.91 -0.32
CA GLY D 561 -8.70 -28.17 0.99
C GLY D 561 -9.64 -27.07 1.44
N THR D 562 -9.25 -25.81 1.23
CA THR D 562 -10.02 -24.61 1.57
C THR D 562 -11.02 -24.25 0.48
N LYS D 563 -11.80 -25.25 0.02
CA LYS D 563 -12.54 -25.20 -1.26
C LYS D 563 -13.23 -23.87 -1.57
N ARG D 564 -13.20 -23.48 -2.86
CA ARG D 564 -13.57 -22.18 -3.44
C ARG D 564 -12.59 -21.04 -3.16
N ARG D 565 -11.28 -21.32 -3.05
CA ARG D 565 -10.22 -20.31 -3.19
C ARG D 565 -9.79 -20.12 -4.65
N VAL D 566 -9.41 -18.90 -5.02
CA VAL D 566 -8.57 -18.62 -6.18
C VAL D 566 -7.31 -17.91 -5.73
N PHE D 567 -6.13 -18.44 -6.03
CA PHE D 567 -4.88 -17.79 -5.68
C PHE D 567 -4.32 -16.95 -6.83
N ILE D 568 -3.89 -15.74 -6.51
CA ILE D 568 -3.03 -14.92 -7.36
C ILE D 568 -1.61 -15.13 -6.84
N VAL D 569 -0.69 -15.63 -7.67
CA VAL D 569 0.70 -15.89 -7.24
C VAL D 569 1.66 -15.08 -8.07
N GLU D 570 2.47 -14.23 -7.45
CA GLU D 570 3.46 -13.43 -8.16
C GLU D 570 4.81 -14.13 -8.24
N THR D 571 5.49 -14.01 -9.37
CA THR D 571 6.74 -14.72 -9.72
C THR D 571 7.83 -13.81 -10.29
N MET D 572 9.11 -14.01 -9.94
CA MET D 572 10.29 -13.18 -10.28
C MET D 572 10.83 -13.24 -11.72
N GLY D 573 10.01 -13.07 -12.75
CA GLY D 573 10.51 -13.07 -14.13
C GLY D 573 11.31 -11.84 -14.61
N GLY D 574 11.42 -10.75 -13.86
CA GLY D 574 11.74 -9.44 -14.40
C GLY D 574 10.66 -8.96 -15.37
N TYR D 575 10.99 -8.32 -16.49
CA TYR D 575 10.05 -8.13 -17.60
C TYR D 575 9.89 -9.39 -18.47
N CYS D 576 10.54 -10.51 -18.16
CA CYS D 576 10.57 -11.72 -18.98
C CYS D 576 9.59 -12.79 -18.45
N GLY D 577 8.60 -13.16 -19.25
CA GLY D 577 7.52 -14.04 -18.84
C GLY D 577 7.80 -15.53 -18.82
N TYR D 578 9.05 -15.95 -18.99
CA TYR D 578 9.44 -17.35 -19.06
C TYR D 578 9.06 -18.09 -17.79
N LEU D 579 9.51 -17.59 -16.64
CA LEU D 579 9.36 -18.28 -15.38
C LEU D 579 7.89 -18.45 -14.98
N ALA D 580 7.06 -17.44 -15.20
CA ALA D 580 5.62 -17.52 -15.05
C ALA D 580 4.96 -18.45 -16.06
N THR D 581 5.43 -18.50 -17.30
CA THR D 581 4.83 -19.35 -18.34
C THR D 581 5.10 -20.81 -18.10
N VAL D 582 6.37 -21.19 -17.91
CA VAL D 582 6.70 -22.59 -17.73
C VAL D 582 6.20 -23.11 -16.39
N THR D 583 6.19 -22.29 -15.33
CA THR D 583 5.57 -22.68 -14.06
C THR D 583 4.07 -22.88 -14.23
N GLY D 584 3.37 -22.05 -14.99
CA GLY D 584 1.93 -22.18 -15.19
C GLY D 584 1.51 -23.46 -15.89
N ILE D 585 2.29 -23.91 -16.87
CA ILE D 585 2.17 -25.23 -17.48
C ILE D 585 2.46 -26.34 -16.48
N ALA D 586 3.56 -26.25 -15.76
CA ALA D 586 3.98 -27.26 -14.80
C ALA D 586 3.00 -27.46 -13.64
N VAL D 587 2.10 -26.53 -13.37
CA VAL D 587 1.06 -26.68 -12.35
C VAL D 587 -0.35 -26.56 -12.88
N GLY D 588 -0.56 -26.37 -14.19
CA GLY D 588 -1.90 -26.22 -14.73
C GLY D 588 -2.63 -24.99 -14.21
N ALA D 589 -1.94 -23.86 -14.12
CA ALA D 589 -2.53 -22.57 -13.75
C ALA D 589 -3.57 -22.14 -14.80
N ASP D 590 -4.61 -21.46 -14.34
CA ASP D 590 -5.77 -21.00 -15.13
C ASP D 590 -5.52 -19.72 -15.91
N ALA D 591 -4.48 -18.98 -15.56
CA ALA D 591 -3.89 -17.93 -16.37
C ALA D 591 -2.45 -17.70 -15.93
N ALA D 592 -1.57 -17.24 -16.80
CA ALA D 592 -0.32 -16.64 -16.39
C ALA D 592 -0.17 -15.28 -17.05
N TYR D 593 -0.11 -14.21 -16.28
CA TYR D 593 0.00 -12.85 -16.79
C TYR D 593 1.45 -12.46 -16.94
N VAL D 594 1.77 -12.04 -18.16
CA VAL D 594 3.13 -11.97 -18.69
C VAL D 594 3.25 -10.67 -19.50
N PHE D 595 4.39 -10.01 -19.46
CA PHE D 595 4.59 -8.73 -20.16
C PHE D 595 4.52 -8.88 -21.69
N GLU D 596 5.03 -9.99 -22.22
CA GLU D 596 5.05 -10.29 -23.66
C GLU D 596 3.67 -10.55 -24.27
N ASP D 597 2.65 -10.75 -23.44
CA ASP D 597 1.26 -10.64 -23.84
C ASP D 597 0.68 -9.28 -23.42
N PRO D 598 0.03 -8.53 -24.31
CA PRO D 598 -0.93 -7.52 -23.89
C PRO D 598 -2.07 -8.18 -23.09
N PHE D 599 -2.49 -7.55 -21.99
CA PHE D 599 -3.75 -7.83 -21.30
C PHE D 599 -4.31 -6.57 -20.66
N ASN D 600 -5.60 -6.53 -20.44
CA ASN D 600 -6.37 -5.38 -19.94
C ASN D 600 -7.56 -5.85 -19.10
N ILE D 601 -8.42 -4.98 -18.60
CA ILE D 601 -9.62 -5.43 -17.85
C ILE D 601 -10.59 -6.29 -18.65
N HIS D 602 -10.58 -6.30 -19.98
CA HIS D 602 -11.47 -7.20 -20.73
C HIS D 602 -10.97 -8.63 -20.59
N ASP D 603 -9.67 -8.84 -20.84
CA ASP D 603 -9.02 -10.12 -20.64
C ASP D 603 -9.10 -10.58 -19.20
N LEU D 604 -8.86 -9.71 -18.20
CA LEU D 604 -9.04 -10.04 -16.79
C LEU D 604 -10.48 -10.42 -16.46
N LYS D 605 -11.49 -9.67 -16.87
CA LYS D 605 -12.90 -10.01 -16.65
C LYS D 605 -13.28 -11.33 -17.32
N VAL D 606 -12.74 -11.64 -18.50
CA VAL D 606 -12.90 -12.95 -19.15
C VAL D 606 -12.27 -14.05 -18.31
N ASN D 607 -11.05 -13.88 -17.82
CA ASN D 607 -10.39 -14.86 -16.98
C ASN D 607 -11.14 -15.09 -15.65
N VAL D 608 -11.79 -14.07 -15.09
CA VAL D 608 -12.63 -14.16 -13.89
C VAL D 608 -13.97 -14.85 -14.15
N GLU D 609 -14.61 -14.70 -15.31
CA GLU D 609 -15.86 -15.39 -15.60
C GLU D 609 -15.62 -16.86 -15.97
N HIS D 610 -14.48 -17.20 -16.56
CA HIS D 610 -13.97 -18.57 -16.64
C HIS D 610 -13.68 -19.14 -15.26
N MET D 611 -13.08 -18.38 -14.36
CA MET D 611 -12.83 -18.82 -12.98
C MET D 611 -14.12 -19.06 -12.20
N THR D 612 -15.15 -18.27 -12.46
CA THR D 612 -16.50 -18.44 -11.89
C THR D 612 -17.15 -19.72 -12.38
N GLU D 613 -17.13 -19.98 -13.68
CA GLU D 613 -17.79 -21.15 -14.27
C GLU D 613 -17.18 -22.46 -13.78
N LYS D 614 -15.87 -22.48 -13.48
CA LYS D 614 -15.20 -23.64 -12.93
C LYS D 614 -15.69 -24.03 -11.53
N MET D 615 -16.17 -23.10 -10.72
CA MET D 615 -16.64 -23.39 -9.36
C MET D 615 -17.96 -24.17 -9.30
N LYS D 616 -18.62 -24.40 -10.44
CA LYS D 616 -19.73 -25.35 -10.57
C LYS D 616 -19.26 -26.82 -10.63
N THR D 617 -18.00 -27.06 -11.03
CA THR D 617 -17.42 -28.39 -11.18
C THR D 617 -17.02 -29.00 -9.84
N ASP D 618 -16.42 -30.19 -9.82
CA ASP D 618 -15.83 -30.74 -8.60
C ASP D 618 -14.51 -30.07 -8.22
N ILE D 619 -13.84 -29.36 -9.13
CA ILE D 619 -12.48 -28.81 -8.96
C ILE D 619 -12.57 -27.32 -8.59
N GLN D 620 -13.04 -27.07 -7.37
CA GLN D 620 -13.37 -25.75 -6.85
C GLN D 620 -12.15 -25.05 -6.24
N ARG D 621 -11.19 -24.76 -7.11
CA ARG D 621 -9.96 -24.02 -6.84
C ARG D 621 -9.53 -23.28 -8.09
N GLY D 622 -8.73 -22.24 -7.96
CA GLY D 622 -8.09 -21.57 -9.08
C GLY D 622 -6.68 -21.15 -8.74
N LEU D 623 -5.83 -21.08 -9.76
CA LEU D 623 -4.51 -20.49 -9.64
C LEU D 623 -4.24 -19.60 -10.84
N VAL D 624 -3.90 -18.35 -10.63
CA VAL D 624 -3.36 -17.48 -11.67
C VAL D 624 -1.98 -17.00 -11.28
N LEU D 625 -1.02 -17.12 -12.19
CA LEU D 625 0.33 -16.60 -11.98
C LEU D 625 0.44 -15.17 -12.51
N ARG D 626 1.17 -14.29 -11.85
CA ARG D 626 1.48 -12.95 -12.34
C ARG D 626 2.98 -12.75 -12.39
N ASN D 627 3.55 -12.42 -13.53
CA ASN D 627 4.93 -11.96 -13.54
C ASN D 627 5.02 -10.59 -12.84
N GLU D 628 6.04 -10.39 -12.02
CA GLU D 628 6.26 -9.21 -11.17
C GLU D 628 6.18 -7.84 -11.88
N LYS D 629 6.48 -7.80 -13.18
CA LYS D 629 6.42 -6.62 -14.05
C LYS D 629 5.58 -6.88 -15.28
N CYS D 630 4.57 -7.74 -15.20
CA CYS D 630 3.73 -8.06 -16.37
C CYS D 630 2.87 -6.88 -16.85
N HIS D 631 2.58 -5.94 -15.95
CA HIS D 631 1.71 -4.82 -16.19
C HIS D 631 2.07 -3.70 -15.24
N ASP D 632 1.96 -2.47 -15.72
CA ASP D 632 2.40 -1.26 -15.03
C ASP D 632 1.47 -0.86 -13.90
N TYR D 633 0.16 -1.09 -14.07
CA TYR D 633 -0.87 -0.69 -13.12
C TYR D 633 -1.67 -1.86 -12.55
N TYR D 634 -1.87 -2.94 -13.29
CA TYR D 634 -2.53 -4.13 -12.78
C TYR D 634 -1.56 -5.01 -12.00
N THR D 635 -1.25 -4.57 -10.80
CA THR D 635 -0.43 -5.29 -9.81
C THR D 635 -1.15 -6.53 -9.26
N THR D 636 -0.49 -7.31 -8.41
CA THR D 636 -1.07 -8.50 -7.77
C THR D 636 -2.23 -8.13 -6.83
N GLU D 637 -2.15 -6.99 -6.14
CA GLU D 637 -3.25 -6.42 -5.37
C GLU D 637 -4.42 -5.94 -6.24
N PHE D 638 -4.17 -5.53 -7.48
CA PHE D 638 -5.26 -5.17 -8.38
C PHE D 638 -6.04 -6.41 -8.79
N LEU D 639 -5.36 -7.49 -9.17
CA LEU D 639 -5.97 -8.77 -9.50
C LEU D 639 -6.68 -9.35 -8.28
N TYR D 640 -6.10 -9.27 -7.09
CA TYR D 640 -6.76 -9.68 -5.86
C TYR D 640 -8.09 -8.97 -5.68
N ASN D 641 -8.12 -7.65 -5.77
CA ASN D 641 -9.36 -6.89 -5.65
C ASN D 641 -10.37 -7.26 -6.72
N LEU D 642 -9.97 -7.36 -7.99
CA LEU D 642 -10.84 -7.70 -9.10
C LEU D 642 -11.48 -9.08 -8.95
N TYR D 643 -10.68 -10.12 -8.72
CA TYR D 643 -11.16 -11.48 -8.54
C TYR D 643 -12.04 -11.59 -7.30
N SER D 644 -11.62 -11.00 -6.17
CA SER D 644 -12.42 -11.01 -4.94
C SER D 644 -13.80 -10.43 -5.14
N SER D 645 -13.93 -9.41 -5.98
CA SER D 645 -15.18 -8.70 -6.19
C SER D 645 -16.12 -9.44 -7.10
N GLU D 646 -15.67 -9.72 -8.31
CA GLU D 646 -16.50 -10.36 -9.32
C GLU D 646 -16.71 -11.85 -9.04
N GLY D 647 -15.91 -12.44 -8.14
CA GLY D 647 -16.08 -13.75 -7.55
C GLY D 647 -16.84 -13.80 -6.24
N LYS D 648 -17.18 -12.67 -5.60
CA LYS D 648 -17.96 -12.71 -4.34
C LYS D 648 -19.29 -13.41 -4.55
N GLY D 649 -19.58 -14.38 -3.70
CA GLY D 649 -20.71 -15.29 -3.79
C GLY D 649 -20.44 -16.60 -4.54
N VAL D 650 -19.26 -16.77 -5.14
CA VAL D 650 -18.85 -18.02 -5.79
C VAL D 650 -17.46 -18.50 -5.37
N PHE D 651 -16.51 -17.61 -5.10
CA PHE D 651 -15.18 -17.94 -4.57
C PHE D 651 -14.62 -16.79 -3.75
N ASP D 652 -13.73 -17.09 -2.82
CA ASP D 652 -12.83 -16.09 -2.25
C ASP D 652 -11.42 -16.26 -2.82
N CYS D 653 -10.50 -15.39 -2.43
CA CYS D 653 -9.26 -15.19 -3.16
C CYS D 653 -8.16 -14.81 -2.21
N ARG D 654 -6.90 -15.14 -2.51
CA ARG D 654 -5.72 -14.86 -1.70
C ARG D 654 -4.53 -14.56 -2.60
N THR D 655 -3.53 -13.87 -2.10
CA THR D 655 -2.29 -13.55 -2.83
C THR D 655 -1.09 -14.22 -2.17
N ASN D 656 -0.19 -14.80 -2.94
CA ASN D 656 1.17 -15.07 -2.47
C ASN D 656 2.16 -14.39 -3.41
N VAL D 657 3.24 -13.85 -2.86
CA VAL D 657 4.38 -13.42 -3.66
C VAL D 657 5.48 -14.42 -3.37
N LEU D 658 5.79 -15.29 -4.33
CA LEU D 658 7.01 -16.07 -4.29
C LEU D 658 8.14 -15.10 -4.59
N GLY D 659 9.07 -14.93 -3.67
CA GLY D 659 10.23 -14.09 -3.92
C GLY D 659 11.45 -14.95 -4.14
N HIS D 660 12.49 -14.67 -3.39
CA HIS D 660 13.79 -15.29 -3.48
C HIS D 660 13.81 -16.80 -3.15
N LEU D 661 12.67 -17.38 -2.78
CA LEU D 661 12.38 -18.80 -2.84
C LEU D 661 12.70 -19.42 -4.20
N GLN D 662 12.37 -18.70 -5.28
CA GLN D 662 12.57 -19.15 -6.66
C GLN D 662 14.03 -19.20 -7.07
N GLN D 663 14.93 -18.58 -6.33
CA GLN D 663 16.36 -18.81 -6.56
C GLN D 663 16.78 -20.24 -6.20
N GLY D 664 15.96 -20.95 -5.44
CA GLY D 664 16.07 -22.35 -5.11
C GLY D 664 17.10 -22.62 -4.03
N GLY D 665 17.22 -23.89 -3.67
CA GLY D 665 18.29 -24.41 -2.83
C GLY D 665 19.38 -24.97 -3.72
N ALA D 666 19.76 -26.22 -3.51
CA ALA D 666 20.64 -26.94 -4.43
C ALA D 666 20.10 -26.93 -5.88
N PRO D 667 20.98 -26.85 -6.89
CA PRO D 667 20.58 -26.92 -8.28
C PRO D 667 19.96 -28.26 -8.67
N THR D 668 19.14 -28.26 -9.71
CA THR D 668 18.60 -29.49 -10.31
C THR D 668 19.70 -30.31 -10.99
N PRO D 669 19.44 -31.55 -11.41
CA PRO D 669 20.38 -32.30 -12.22
C PRO D 669 20.75 -31.57 -13.52
N PHE D 670 19.80 -30.94 -14.20
CA PHE D 670 20.06 -30.15 -15.40
C PHE D 670 20.95 -28.96 -15.11
N ASP D 671 20.72 -28.15 -14.09
CA ASP D 671 21.64 -27.06 -13.77
C ASP D 671 23.03 -27.52 -13.31
N ARG D 672 23.22 -28.73 -12.79
CA ARG D 672 24.54 -29.28 -12.45
C ARG D 672 25.30 -29.78 -13.66
N ASN D 673 24.63 -30.51 -14.55
CA ASN D 673 25.18 -30.89 -15.85
C ASN D 673 25.47 -29.66 -16.68
N TYR D 674 24.46 -28.83 -16.95
CA TYR D 674 24.58 -27.67 -17.81
C TYR D 674 25.62 -26.69 -17.31
N GLY D 675 25.68 -26.42 -16.02
CA GLY D 675 26.69 -25.53 -15.47
C GLY D 675 28.09 -26.08 -15.62
N THR D 676 28.27 -27.37 -15.32
CA THR D 676 29.54 -28.05 -15.57
C THR D 676 29.93 -28.02 -17.04
N LYS D 677 29.02 -28.35 -17.95
CA LYS D 677 29.24 -28.41 -19.40
C LYS D 677 29.52 -27.04 -20.02
N LEU D 678 28.84 -25.97 -19.61
CA LEU D 678 29.15 -24.63 -20.05
C LEU D 678 30.47 -24.14 -19.48
N GLY D 679 30.77 -24.41 -18.21
CA GLY D 679 32.05 -24.06 -17.61
C GLY D 679 33.24 -24.66 -18.36
N VAL D 680 33.14 -25.89 -18.89
CA VAL D 680 34.21 -26.46 -19.71
C VAL D 680 34.16 -25.96 -21.15
N LYS D 681 33.03 -25.99 -21.85
CA LYS D 681 32.97 -25.52 -23.24
C LYS D 681 33.40 -24.04 -23.36
N ALA D 682 33.00 -23.20 -22.43
CA ALA D 682 33.43 -21.82 -22.31
C ALA D 682 34.93 -21.71 -22.09
N MET D 683 35.51 -22.50 -21.19
CA MET D 683 36.95 -22.46 -20.92
C MET D 683 37.81 -23.03 -22.04
N LEU D 684 37.32 -24.01 -22.79
CA LEU D 684 37.96 -24.52 -23.99
C LEU D 684 37.97 -23.49 -25.12
N TRP D 685 36.88 -22.71 -25.26
CA TRP D 685 36.81 -21.59 -26.18
C TRP D 685 37.68 -20.41 -25.73
N LEU D 686 37.68 -20.08 -24.44
CA LEU D 686 38.50 -19.04 -23.85
C LEU D 686 40.00 -19.32 -24.10
N SER D 687 40.43 -20.57 -23.93
CA SER D 687 41.80 -21.01 -24.16
C SER D 687 42.16 -21.12 -25.65
N GLU D 688 41.24 -21.54 -26.51
CA GLU D 688 41.39 -21.56 -27.97
C GLU D 688 41.60 -20.15 -28.53
N LYS D 689 40.68 -19.23 -28.22
CA LYS D 689 40.74 -17.82 -28.65
C LYS D 689 41.97 -17.12 -28.12
N LEU D 690 42.44 -17.47 -26.93
CA LEU D 690 43.56 -16.82 -26.28
C LEU D 690 44.92 -17.23 -26.86
N ARG D 691 44.96 -18.28 -27.70
CA ARG D 691 46.10 -18.61 -28.59
C ARG D 691 45.88 -18.18 -30.04
N GLU D 692 44.66 -17.84 -30.44
CA GLU D 692 44.35 -17.20 -31.73
C GLU D 692 44.76 -15.71 -31.79
N VAL D 693 45.48 -15.22 -30.77
CA VAL D 693 46.04 -13.87 -30.67
C VAL D 693 47.49 -13.90 -30.16
N TYR D 694 48.37 -13.04 -30.67
CA TYR D 694 49.84 -13.25 -30.66
C TYR D 694 50.67 -12.21 -29.89
N ARG D 695 51.79 -12.67 -29.32
CA ARG D 695 52.57 -12.03 -28.24
C ARG D 695 53.30 -10.72 -28.60
N LYS D 696 53.42 -10.39 -29.88
CA LYS D 696 54.37 -9.39 -30.41
C LYS D 696 53.68 -8.22 -31.15
N GLY D 697 54.12 -6.99 -30.90
CA GLY D 697 53.75 -5.79 -31.68
C GLY D 697 52.26 -5.42 -31.73
N ARG D 698 51.45 -5.77 -30.72
CA ARG D 698 49.98 -5.66 -30.78
C ARG D 698 49.31 -5.46 -29.41
N VAL D 699 48.05 -4.99 -29.43
CA VAL D 699 47.06 -5.28 -28.37
C VAL D 699 46.29 -6.55 -28.75
N PHE D 700 46.15 -7.50 -27.84
CA PHE D 700 45.50 -8.79 -28.11
C PHE D 700 43.98 -8.64 -28.34
N ALA D 701 43.41 -9.41 -29.25
CA ALA D 701 41.98 -9.72 -29.26
C ALA D 701 41.01 -8.54 -29.47
N ASN D 702 41.39 -7.44 -30.13
CA ASN D 702 40.51 -6.28 -30.32
C ASN D 702 39.20 -6.59 -31.09
N ALA D 703 39.14 -7.69 -31.85
CA ALA D 703 38.01 -8.05 -32.71
C ALA D 703 36.71 -8.40 -31.95
N PRO D 704 35.52 -8.20 -32.53
CA PRO D 704 34.24 -8.54 -31.89
C PRO D 704 34.05 -10.06 -31.78
N ASP D 705 34.72 -10.85 -32.61
CA ASP D 705 34.82 -12.31 -32.50
C ASP D 705 35.42 -12.82 -31.17
N SER D 706 35.94 -11.97 -30.29
CA SER D 706 36.63 -12.37 -29.06
C SER D 706 35.86 -12.08 -27.77
N ALA D 707 34.63 -11.57 -27.87
CA ALA D 707 33.79 -11.22 -26.72
C ALA D 707 32.37 -11.75 -26.93
N CYS D 708 32.09 -12.92 -26.39
CA CYS D 708 30.94 -13.76 -26.76
C CYS D 708 30.12 -14.21 -25.55
N VAL D 709 28.89 -14.65 -25.80
CA VAL D 709 28.03 -15.38 -24.87
C VAL D 709 27.95 -16.82 -25.36
N ILE D 710 28.24 -17.79 -24.50
CA ILE D 710 27.95 -19.20 -24.78
C ILE D 710 26.48 -19.50 -24.45
N GLY D 711 25.84 -20.39 -25.19
CA GLY D 711 24.52 -20.87 -24.84
C GLY D 711 24.06 -22.03 -25.70
N LEU D 712 23.21 -22.86 -25.13
CA LEU D 712 22.49 -23.86 -25.89
C LEU D 712 21.55 -23.15 -26.82
N LYS D 713 21.74 -23.30 -28.14
CA LYS D 713 20.89 -22.60 -29.11
C LYS D 713 19.83 -23.48 -29.75
N LYS D 714 20.19 -24.67 -30.23
CA LYS D 714 19.24 -25.64 -30.83
C LYS D 714 19.50 -27.03 -30.26
N LYS D 715 20.22 -27.89 -30.99
CA LYS D 715 20.63 -29.22 -30.55
C LYS D 715 21.88 -29.17 -29.67
N ALA D 716 22.74 -28.17 -29.88
CA ALA D 716 24.00 -27.93 -29.20
C ALA D 716 24.33 -26.42 -29.08
N VAL D 717 25.47 -26.08 -28.47
CA VAL D 717 25.90 -24.71 -28.18
C VAL D 717 26.19 -23.84 -29.41
N ALA D 718 26.05 -22.53 -29.23
CA ALA D 718 26.59 -21.49 -30.08
C ALA D 718 27.36 -20.46 -29.24
N PHE D 719 28.42 -19.86 -29.79
CA PHE D 719 29.07 -18.69 -29.22
C PHE D 719 28.72 -17.47 -30.06
N SER D 720 28.00 -16.52 -29.46
CA SER D 720 27.46 -15.33 -30.14
C SER D 720 28.17 -14.08 -29.67
N PRO D 721 28.77 -13.25 -30.56
CA PRO D 721 29.40 -11.99 -30.17
C PRO D 721 28.45 -11.04 -29.44
N VAL D 722 28.92 -10.45 -28.36
CA VAL D 722 28.14 -9.59 -27.48
C VAL D 722 27.58 -8.37 -28.22
N THR D 723 28.35 -7.80 -29.14
CA THR D 723 27.95 -6.67 -29.99
C THR D 723 27.04 -7.10 -31.12
N GLU D 724 27.20 -8.31 -31.67
CA GLU D 724 26.26 -8.85 -32.65
C GLU D 724 24.86 -9.04 -32.06
N LEU D 725 24.77 -9.40 -30.77
CA LEU D 725 23.52 -9.57 -30.04
C LEU D 725 22.74 -8.28 -29.75
N LYS D 726 23.30 -7.06 -29.92
CA LYS D 726 22.58 -5.82 -29.62
C LYS D 726 21.23 -5.73 -30.34
N LYS D 727 21.17 -6.12 -31.61
CA LYS D 727 19.97 -6.13 -32.45
C LYS D 727 18.94 -7.19 -32.08
N ASP D 728 19.34 -8.26 -31.41
CA ASP D 728 18.41 -9.24 -30.83
C ASP D 728 17.97 -8.86 -29.41
N THR D 729 18.43 -7.74 -28.85
CA THR D 729 18.22 -7.34 -27.45
C THR D 729 17.36 -6.09 -27.27
N ASP D 730 16.40 -6.14 -26.35
CA ASP D 730 15.72 -4.98 -25.76
C ASP D 730 16.35 -4.63 -24.41
N PHE D 731 17.15 -3.56 -24.35
CA PHE D 731 17.87 -3.15 -23.13
C PHE D 731 16.98 -2.48 -22.08
N GLU D 732 15.87 -1.88 -22.49
CA GLU D 732 14.93 -1.15 -21.64
C GLU D 732 14.17 -2.13 -20.75
N HIS D 733 13.71 -3.24 -21.32
CA HIS D 733 13.13 -4.36 -20.61
C HIS D 733 14.13 -5.45 -20.22
N ARG D 734 15.42 -5.30 -20.52
CA ARG D 734 16.50 -6.25 -20.22
C ARG D 734 16.24 -7.68 -20.70
N MET D 735 15.85 -7.88 -21.96
CA MET D 735 15.55 -9.22 -22.49
C MET D 735 15.70 -9.31 -24.02
N PRO D 736 15.84 -10.51 -24.61
CA PRO D 736 15.83 -10.66 -26.05
C PRO D 736 14.47 -10.36 -26.70
N ARG D 737 14.50 -9.91 -27.95
CA ARG D 737 13.35 -9.41 -28.72
C ARG D 737 12.46 -10.49 -29.29
N GLU D 738 13.00 -11.67 -29.59
CA GLU D 738 12.20 -12.86 -29.81
C GLU D 738 12.71 -14.04 -28.99
N GLN D 739 11.79 -14.74 -28.35
CA GLN D 739 12.07 -15.74 -27.34
C GLN D 739 11.32 -17.01 -27.68
N TRP D 740 12.01 -18.14 -27.77
CA TRP D 740 11.46 -19.36 -28.37
C TRP D 740 10.16 -19.85 -27.73
N TRP D 741 10.00 -19.67 -26.43
CA TRP D 741 8.97 -20.26 -25.59
C TRP D 741 7.59 -19.59 -25.69
N LEU D 742 7.40 -18.52 -26.46
CA LEU D 742 6.08 -17.88 -26.59
C LEU D 742 5.02 -18.80 -27.23
N SER D 743 5.44 -19.88 -27.88
CA SER D 743 4.53 -20.92 -28.37
C SER D 743 3.93 -21.73 -27.23
N LEU D 744 4.62 -21.86 -26.09
CA LEU D 744 4.14 -22.55 -24.91
C LEU D 744 2.97 -21.84 -24.22
N ARG D 745 2.79 -20.53 -24.43
CA ARG D 745 1.63 -19.82 -23.90
C ARG D 745 0.32 -20.34 -24.48
N LEU D 746 0.34 -20.87 -25.70
CA LEU D 746 -0.84 -21.46 -26.34
C LEU D 746 -1.23 -22.76 -25.65
N MET D 747 -0.23 -23.53 -25.25
CA MET D 747 -0.37 -24.78 -24.53
C MET D 747 -0.93 -24.55 -23.13
N LEU D 748 -0.39 -23.57 -22.40
CA LEU D 748 -0.92 -23.10 -21.14
C LEU D 748 -2.41 -22.79 -21.24
N LYS D 749 -2.83 -22.01 -22.23
CA LYS D 749 -4.23 -21.60 -22.37
C LYS D 749 -5.16 -22.76 -22.73
N MET D 750 -4.68 -23.71 -23.52
CA MET D 750 -5.43 -24.90 -23.93
C MET D 750 -5.64 -25.84 -22.74
N LEU D 751 -4.60 -26.10 -21.95
CA LEU D 751 -4.68 -26.92 -20.73
C LEU D 751 -5.49 -26.25 -19.60
N ALA D 752 -5.56 -24.93 -19.59
CA ALA D 752 -6.37 -24.09 -18.70
C ALA D 752 -7.83 -23.91 -19.12
N GLN D 753 -8.31 -24.62 -20.15
CA GLN D 753 -9.72 -24.62 -20.60
C GLN D 753 -10.19 -23.31 -21.29
N TYR D 754 -9.28 -22.55 -21.93
CA TYR D 754 -9.65 -21.62 -23.01
C TYR D 754 -9.91 -22.36 -24.32
C02 YG1 E . 4.78 33.46 0.13
C03 YG1 E . 5.45 33.83 1.46
C04 YG1 E . 6.71 33.05 1.86
C05 YG1 E . 7.85 33.82 2.39
C06 YG1 E . 8.77 34.43 2.83
C07 YG1 E . 11.50 35.20 5.05
C08 YG1 E . 10.42 34.54 4.47
C09 YG1 E . 9.86 35.16 3.36
C10 YG1 E . 10.34 36.36 2.84
C11 YG1 E . 11.42 37.01 3.45
C12 YG1 E . 12.00 36.40 4.56
C13 YG1 E . 5.81 37.79 -1.00
C14 YG1 E . 6.17 39.05 -1.28
C15 YG1 E . 5.40 40.17 -1.54
C16 YG1 E . 4.07 39.83 -1.43
C17 YG1 E . 3.60 38.54 -1.13
C18 YG1 E . 4.44 37.51 -0.89
C20 YG1 E . 3.08 41.79 -2.55
C22 YG1 E . 1.87 42.62 -2.70
C23 YG1 E . 6.97 36.93 -0.76
C25 YG1 E . 8.92 38.13 0.01
C26 YG1 E . 8.73 39.15 -0.98
C29 YG1 E . 9.53 36.80 1.66
C30 YG1 E . 9.84 38.00 1.00
N19 YG1 E . 3.05 40.74 -1.66
N24 YG1 E . 8.11 37.10 0.09
N28 YG1 E . 8.43 36.23 1.14
O01 YG1 E . 5.52 32.53 -0.62
O21 YG1 E . 4.13 41.94 -3.14
O27 YG1 E . 7.46 39.51 -1.42
H021 YG1 E . 3.81 33.11 0.53
H022 YG1 E . 4.75 34.38 -0.44
H031 YG1 E . 4.86 33.44 2.25
H032 YG1 E . 5.38 34.93 1.53
H041 YG1 E . 7.19 32.53 1.03
H042 YG1 E . 6.44 32.28 2.61
H071 YG1 E . 12.04 34.82 5.92
H081 YG1 E . 9.88 33.63 4.66
H111 YG1 E . 11.67 37.96 2.92
H121 YG1 E . 12.87 36.91 5.05
H151 YG1 E . 6.11 40.98 -1.74
H171 YG1 E . 2.52 38.48 -1.10
H181 YG1 E . 3.99 36.55 -0.66
H222 YG1 E . 1.82 43.15 -3.67
H223 YG1 E . 1.88 43.25 -1.84
H221 YG1 E . 1.20 41.78 -2.59
H231 YG1 E . 7.26 36.77 -1.78
H232 YG1 E . 6.65 36.03 -0.24
H262 YG1 E . 9.22 40.03 -0.49
H261 YG1 E . 9.22 38.56 -1.75
H301 YG1 E . 10.70 38.39 1.47
H191 YG1 E . 2.35 40.35 -1.07
H011 YG1 E . 6.17 33.04 -1.11
P1 FBP F . 2.04 16.12 -11.39
O1P FBP F . 2.58 15.64 -12.70
O2P FBP F . 0.88 17.06 -11.67
O3P FBP F . 1.60 14.94 -10.58
O1 FBP F . 3.18 16.85 -10.50
C1 FBP F . 3.01 17.23 -9.14
C2 FBP F . 4.09 18.22 -8.65
O2 FBP F . 5.15 17.55 -7.90
C3 FBP F . 3.73 19.26 -7.63
O3 FBP F . 4.77 19.31 -6.65
C4 FBP F . 3.60 20.64 -8.26
O4 FBP F . 2.28 21.11 -8.40
C5 FBP F . 4.10 20.40 -9.64
O5 FBP F . 4.44 19.02 -9.78
C6 FBP F . 5.34 21.23 -9.84
O6 FBP F . 6.17 20.46 -10.64
P2 FBP F . 7.70 20.61 -10.44
O4P FBP F . 8.33 19.53 -11.29
O5P FBP F . 8.01 21.99 -10.91
O6P FBP F . 8.06 20.46 -8.97
O1 F6P G . -3.60 52.74 9.50
C1 F6P G . -4.74 51.92 9.20
C2 F6P G . -6.08 52.58 8.84
O2 F6P G . -7.03 51.52 8.89
C3 F6P G . -6.20 53.20 7.49
O3 F6P G . -6.25 52.24 6.48
C4 F6P G . -7.51 53.88 7.58
O4 F6P G . -7.71 54.82 6.54
C5 F6P G . -7.31 54.51 8.92
O5 F6P G . -6.61 53.56 9.70
C6 F6P G . -8.67 54.88 9.43
O6 F6P G . -8.80 54.55 10.79
P F6P G . -10.24 54.18 11.27
O1P F6P G . -11.16 55.07 10.51
O2P F6P G . -10.18 54.31 12.75
O3P F6P G . -10.27 52.82 10.77
PB ADP H . -0.45 54.84 14.17
O1B ADP H . -1.07 54.17 12.97
O2B ADP H . 0.12 56.18 13.87
O3B ADP H . 0.42 53.97 15.03
PA ADP H . -1.84 56.44 16.02
O1A ADP H . -3.13 56.41 16.77
O2A ADP H . -1.52 57.63 15.17
O3A ADP H . -1.71 55.13 15.11
O5' ADP H . -0.76 56.27 17.14
C5' ADP H . -1.16 55.53 18.28
C4' ADP H . -0.52 56.14 19.51
O4' ADP H . 0.75 56.73 19.24
C3' ADP H . -1.35 57.28 20.02
O3' ADP H . -2.38 56.74 20.83
C2' ADP H . -0.34 58.08 20.80
O2' ADP H . -0.22 57.52 22.10
C1' ADP H . 1.00 57.75 20.21
N9 ADP H . 1.70 58.94 19.68
C8 ADP H . 1.61 59.46 18.45
N7 ADP H . 2.42 60.54 18.33
C5 ADP H . 3.02 60.72 19.50
C6 ADP H . 3.99 61.68 20.06
N6 ADP H . 4.47 62.69 19.31
N1 ADP H . 4.37 61.51 21.34
C2 ADP H . 3.89 60.52 22.10
N3 ADP H . 3.01 59.62 21.64
C4 ADP H . 2.55 59.67 20.37
C02 YG1 I . -25.78 21.82 1.70
C03 YG1 I . -26.54 21.74 0.40
C04 YG1 I . -26.98 20.33 -0.08
C05 YG1 I . -28.36 20.18 -0.60
C06 YG1 I . -29.47 20.05 -1.03
C07 YG1 I . -32.06 18.95 -3.26
C08 YG1 I . -30.80 19.15 -2.68
C09 YG1 I . -30.78 19.91 -1.53
C10 YG1 I . -31.92 20.46 -0.95
C11 YG1 I . -33.17 20.27 -1.54
C12 YG1 I . -33.22 19.49 -2.71
C13 YG1 I . -29.39 24.30 3.06
C14 YG1 I . -30.49 24.99 3.41
C15 YG1 I . -30.65 26.33 3.75
C16 YG1 I . -29.43 26.95 3.65
C17 YG1 I . -28.23 26.32 3.28
C18 YG1 I . -28.19 25.01 2.96
C20 YG1 I . -29.97 29.01 4.90
C22 YG1 I . -29.60 30.42 5.13
C23 YG1 I . -29.70 22.90 2.75
C25 YG1 I . -31.96 22.56 2.01
C26 YG1 I . -32.48 23.39 3.05
C29 YG1 I . -31.57 21.26 0.28
C30 YG1 I . -32.59 21.91 0.99
N19 YG1 I . -29.26 28.30 3.95
N24 YG1 I . -30.68 22.32 1.88
N28 YG1 I . -30.36 21.53 0.78
O01 YG1 I . -25.69 20.59 2.38
O21 YG1 I . -30.85 28.39 5.48
O27 YG1 I . -31.76 24.48 3.54
H021 YG1 I . -24.82 22.23 1.31
H022 YG1 I . -26.35 22.51 2.33
H031 YG1 I . -25.87 21.87 -0.41
H032 YG1 I . -27.23 22.60 0.38
H041 YG1 I . -26.98 19.58 0.70
H042 YG1 I . -26.29 19.98 -0.87
H071 YG1 I . -32.23 18.36 -4.16
H081 YG1 I . -29.80 18.84 -2.92
H111 YG1 I . -33.97 20.77 -0.96
H121 YG1 I . -34.22 19.31 -3.19
H151 YG1 I . -31.71 26.44 3.98
H171 YG1 I . -27.39 26.99 3.27
H181 YG1 I . -27.22 24.60 2.69
H222 YG1 I . -29.90 30.79 6.12
H223 YG1 I . -30.05 30.95 4.30
H221 YG1 I . -28.55 30.25 4.98
H231 YG1 I . -29.77 22.54 3.75
H232 YG1 I . -28.87 22.48 2.18
H262 YG1 I . -33.43 23.75 2.61
H261 YG1 I . -32.44 22.58 3.78
H301 YG1 I . -33.49 21.65 0.53
H191 YG1 I . -28.50 28.51 3.35
H011 YG1 I . -26.50 20.51 2.90
P1 FBP J . -11.96 10.04 12.26
O1P FBP J . -10.87 9.48 11.40
O2P FBP J . -12.03 9.24 13.53
O3P FBP J . -11.73 11.48 12.62
O1 FBP J . -13.32 9.87 11.40
C1 FBP J . -13.48 10.35 10.06
C2 FBP J . -14.97 10.41 9.61
O2 FBP J . -15.33 9.24 8.79
C3 FBP J . -15.40 11.48 8.64
O3 FBP J . -16.23 10.88 7.65
C4 FBP J . -16.21 12.54 9.37
O4 FBP J . -15.53 13.77 9.55
C5 FBP J . -16.39 11.96 10.72
O5 FBP J . -15.72 10.70 10.76
C6 FBP J . -17.86 11.75 10.94
O6 FBP J . -17.96 10.57 11.68
P2 FBP J . -19.20 9.68 11.44
O4P FBP J . -19.41 9.42 9.97
O5P FBP J . -18.95 8.41 12.22
O6P FBP J . -20.33 10.48 11.99
O1 F6P K . -32.49 42.31 -6.35
C1 F6P K . -31.09 42.44 -6.07
C2 F6P K . -30.51 43.79 -5.63
O2 F6P K . -29.11 43.63 -5.74
C3 F6P K . -30.80 44.26 -4.25
O3 F6P K . -30.10 43.52 -3.30
C4 F6P K . -30.28 45.64 -4.28
O4 F6P K . -30.73 46.42 -3.18
C5 F6P K . -30.88 46.07 -5.58
O5 F6P K . -30.79 44.93 -6.44
C6 F6P K . -30.11 47.26 -6.05
O6 F6P K . -29.83 47.18 -7.42
P F6P K . -28.52 47.89 -7.89
O1P F6P K . -28.68 48.04 -9.36
O2P F6P K . -27.58 46.87 -7.46
O3P F6P K . -28.40 49.11 -7.06
PB ADP L . -36.34 42.06 -10.96
O1B ADP L . -36.44 40.88 -11.88
O2B ADP L . -35.41 41.90 -9.79
O3B ADP L . -37.65 42.67 -10.59
PA ADP L . -36.41 44.28 -12.68
O1A ADP L . -37.41 44.91 -11.76
O2A ADP L . -35.45 45.16 -13.39
O3A ADP L . -35.62 43.17 -11.85
O5' ADP L . -37.12 43.50 -13.84
C5' ADP L . -36.36 43.28 -15.01
C4' ADP L . -37.27 43.38 -16.21
O4' ADP L . -38.61 42.96 -15.94
C3' ADP L . -37.42 44.81 -16.63
O3' ADP L . -36.30 45.15 -17.44
C2' ADP L . -38.71 44.78 -17.39
O2' ADP L . -38.47 44.36 -18.72
C1' ADP L . -39.49 43.62 -16.85
N9 ADP L . -40.80 44.02 -16.26
C8 ADP L . -41.04 44.38 -15.01
N7 ADP L . -42.36 44.65 -14.84
C5 ADP L . -42.96 44.45 -16.01
C6 ADP L . -44.32 44.56 -16.54
N6 ADP L . -45.35 44.94 -15.74
N1 ADP L . -44.52 44.26 -17.83
C2 ADP L . -43.53 43.87 -18.64
N3 ADP L . -42.27 43.76 -18.22
C4 ADP L . -41.93 44.04 -16.94
C02 YG1 M . 7.94 -29.14 15.17
C03 YG1 M . 9.11 -28.89 16.09
C04 YG1 M . 9.02 -27.70 17.07
C05 YG1 M . 9.47 -27.93 18.46
C06 YG1 M . 9.84 -28.11 19.59
C07 YG1 M . 11.52 -27.38 22.68
C08 YG1 M . 11.03 -27.25 21.38
C09 YG1 M . 10.29 -28.31 20.91
C10 YG1 M . 10.01 -29.44 21.67
C11 YG1 M . 10.51 -29.56 22.97
C12 YG1 M . 11.28 -28.49 23.46
C13 YG1 M . 7.79 -33.17 17.37
C14 YG1 M . 7.77 -34.31 18.08
C15 YG1 M . 8.00 -35.61 17.67
C16 YG1 M . 8.31 -35.62 16.33
C17 YG1 M . 8.35 -34.47 15.51
C18 YG1 M . 8.12 -33.24 16.01
C20 YG1 M . 7.99 -38.03 15.88
C22 YG1 M . 8.34 -39.15 14.99
C23 YG1 M . 7.52 -31.99 18.22
C25 YG1 M . 8.13 -32.34 20.52
C26 YG1 M . 7.53 -33.63 20.55
C29 YG1 M . 9.19 -30.44 20.89
C30 YG1 M . 8.83 -31.66 21.48
N19 YG1 M . 8.56 -36.80 15.63
N24 YG1 M . 8.11 -31.58 19.46
N28 YG1 M . 8.80 -30.37 19.61
O01 YG1 M . 6.81 -28.34 15.47
O21 YG1 M . 7.24 -38.08 16.84
O27 YG1 M . 7.49 -34.43 19.41
H021 YG1 M . 8.43 -28.96 14.19
H022 YG1 M . 7.63 -30.17 15.36
H031 YG1 M . 9.89 -28.42 15.51
H032 YG1 M . 9.50 -29.87 16.39
H041 YG1 M . 7.99 -27.37 17.26
H042 YG1 M . 9.57 -26.84 16.67
H071 YG1 M . 12.12 -26.61 23.17
H081 YG1 M . 11.10 -26.51 20.60
H111 YG1 M . 10.20 -30.52 23.44
H121 YG1 M . 11.67 -28.57 24.52
H151 YG1 M . 7.86 -36.22 18.57
H171 YG1 M . 8.60 -34.70 14.50
H181 YG1 M . 8.18 -32.41 15.32
H222 YG1 M . 7.58 -39.95 14.99
H223 YG1 M . 9.31 -39.44 15.31
H221 YG1 M . 8.37 -38.53 14.10
H231 YG1 M . 6.46 -32.11 18.30
H232 YG1 M . 7.84 -31.10 17.70
H262 YG1 M . 8.09 -34.15 21.35
H261 YG1 M . 6.54 -33.21 20.72
H301 YG1 M . 9.18 -31.63 22.46
H191 YG1 M . 9.17 -36.44 14.93
H011 YG1 M . 6.34 -28.79 16.17
P1 FBP N . -6.86 -17.76 5.55
O1P FBP N . -8.34 -17.60 5.74
O2P FBP N . -6.63 -19.01 4.73
O3P FBP N . -6.34 -16.54 4.87
O1 FBP N . -6.10 -17.84 6.97
C1 FBP N . -4.68 -17.80 7.11
C2 FBP N . -4.20 -18.26 8.51
O2 FBP N . -3.90 -17.13 9.40
C3 FBP N . -2.88 -18.97 8.64
O3 FBP N . -2.18 -18.43 9.76
C4 FBP N . -3.08 -20.46 8.87
O4 FBP N . -2.79 -21.28 7.77
C5 FBP N . -4.56 -20.56 9.09
O5 FBP N . -5.12 -19.25 8.95
C6 FBP N . -4.79 -21.04 10.49
O6 FBP N . -5.93 -20.38 10.92
P2 FBP N . -6.04 -20.04 12.43
O4P FBP N . -7.26 -19.17 12.56
O5P FBP N . -6.19 -21.37 13.09
O6P FBP N . -4.78 -19.34 12.91
O1 F6P O . 23.67 -45.92 14.68
C1 F6P O . 23.42 -45.57 13.31
C2 F6P O . 23.55 -46.64 12.21
O2 F6P O . 23.53 -45.91 11.00
C3 F6P O . 22.47 -47.67 12.12
O3 F6P O . 21.29 -47.13 11.63
C4 F6P O . 23.03 -48.61 11.12
O4 F6P O . 22.35 -49.85 11.10
C5 F6P O . 24.41 -48.71 11.68
O5 F6P O . 24.74 -47.40 12.14
C6 F6P O . 25.29 -49.23 10.59
O6 F6P O . 26.51 -48.53 10.55
P F6P O . 27.18 -48.42 9.14
O1P F6P O . 26.90 -49.72 8.46
O2P F6P O . 28.59 -48.07 9.43
O3P F6P O . 26.35 -47.36 8.61
PB ADP P . 27.92 -45.50 18.91
O1B ADP P . 26.76 -45.44 17.96
O2B ADP P . 27.86 -46.68 19.84
O3B ADP P . 28.30 -44.21 19.57
PA ADP P . 30.38 -46.75 18.37
O1A ADP P . 31.36 -46.83 17.25
O2A ADP P . 29.82 -48.01 18.93
O3A ADP P . 29.15 -45.82 17.95
O5' ADP P . 31.15 -45.94 19.47
C5' ADP P . 32.12 -45.01 19.02
C4' ADP P . 33.29 -45.01 19.97
O4' ADP P . 32.92 -45.30 21.32
C3' ADP P . 34.25 -46.10 19.62
O3' ADP P . 35.09 -45.64 18.58
C2' ADP P . 34.97 -46.31 20.92
O2' ADP P . 36.01 -45.36 21.03
C1' ADP P . 34.04 -45.85 22.01
N9 ADP P . 33.70 -46.92 22.96
C8 ADP P . 32.70 -47.80 22.89
N7 ADP P . 32.71 -48.61 23.97
C5 ADP P . 33.71 -48.25 24.75
C6 ADP P . 34.27 -48.68 26.04
N6 ADP P . 33.74 -49.72 26.72
N1 ADP P . 35.35 -48.02 26.50
C2 ADP P . 35.91 -46.99 25.84
N3 ADP P . 35.43 -46.57 24.67
C4 ADP P . 34.37 -47.13 24.09
C02 YG1 Q . 13.06 -26.15 -17.00
C03 YG1 Q . 11.99 -26.69 -17.93
C04 YG1 Q . 11.26 -25.67 -18.85
C05 YG1 Q . 11.03 -26.07 -20.25
C06 YG1 Q . 10.86 -26.39 -21.40
C07 YG1 Q . 9.04 -26.77 -24.47
C08 YG1 Q . 9.35 -26.44 -23.16
C09 YG1 Q . 10.62 -26.75 -22.73
C10 YG1 Q . 11.56 -27.37 -23.55
C11 YG1 Q . 11.24 -27.72 -24.88
C12 YG1 Q . 9.95 -27.39 -25.32
C13 YG1 Q . 15.79 -28.92 -19.43
C14 YG1 Q . 16.54 -29.72 -20.20
C15 YG1 Q . 17.25 -30.88 -19.87
C16 YG1 Q . 17.06 -31.16 -18.55
C17 YG1 Q . 16.28 -30.38 -17.67
C18 YG1 Q . 15.62 -29.28 -18.09
C20 YG1 Q . 18.90 -32.77 -18.24
C22 YG1 Q . 19.40 -33.89 -17.41
C23 YG1 Q . 15.20 -27.83 -20.21
C25 YG1 Q . 14.91 -28.35 -22.55
C26 YG1 Q . 16.23 -28.92 -22.63
C29 YG1 Q . 12.85 -27.62 -22.82
C30 YG1 Q . 13.92 -28.25 -23.47
N19 YG1 Q . 17.67 -32.24 -17.92
N24 YG1 Q . 14.45 -27.85 -21.43
N28 YG1 Q . 13.13 -27.38 -21.53
O01 YG1 Q . 13.36 -24.78 -17.24
O21 YG1 Q . 19.46 -32.26 -19.17
O27 YG1 Q . 16.82 -29.56 -21.54
H021 YG1 Q . 12.60 -26.39 -16.03
H022 YG1 Q . 13.97 -26.71 -17.25
H031 YG1 Q . 11.11 -26.89 -17.35
H032 YG1 Q . 12.35 -27.67 -18.30
H041 YG1 Q . 11.80 -24.75 -18.99
H042 YG1 Q . 10.27 -25.43 -18.41
H071 YG1 Q . 8.07 -26.58 -24.94
H081 YG1 Q . 8.82 -25.96 -22.34
H111 YG1 Q . 12.10 -28.20 -25.39
H121 YG1 Q . 9.68 -27.65 -26.38
H151 YG1 Q . 17.74 -31.19 -20.81
H171 YG1 Q . 16.27 -30.78 -16.67
H181 YG1 Q . 15.04 -28.74 -17.34
H222 YG1 Q . 20.49 -33.99 -17.44
H223 YG1 Q . 18.87 -34.75 -17.78
H221 YG1 Q . 18.99 -33.50 -16.50
H231 YG1 Q . 16.06 -27.20 -20.27
H232 YG1 Q . 14.37 -27.41 -19.64
H262 YG1 Q . 16.12 -29.64 -23.47
H261 YG1 Q . 16.69 -27.94 -22.75
H301 YG1 Q . 13.63 -28.41 -24.47
H191 YG1 Q . 16.98 -32.43 -17.21
H011 YG1 Q . 14.00 -24.76 -17.96
P1 FBP R . 16.80 -8.39 -6.43
O1P FBP R . 15.61 -7.87 -5.69
O2P FBP R . 17.79 -7.28 -6.57
O3P FBP R . 17.47 -9.53 -5.68
O1 FBP R . 16.24 -8.88 -7.87
C1 FBP R . 15.15 -9.78 -8.03
C2 FBP R . 15.07 -10.37 -9.47
O2 FBP R . 14.08 -9.66 -10.29
C3 FBP R . 14.55 -11.77 -9.67
O3 FBP R . 13.64 -11.76 -10.76
C4 FBP R . 15.68 -12.72 -9.98
O4 FBP R . 16.04 -13.59 -8.93
C5 FBP R . 16.84 -11.80 -10.17
O5 FBP R . 16.41 -10.47 -9.93
C6 FBP R . 17.32 -11.93 -11.58
O6 FBP R . 17.72 -10.65 -11.96
P2 FBP R . 17.54 -10.24 -13.44
O4P FBP R . 16.12 -10.53 -13.91
O5P FBP R . 17.88 -8.78 -13.49
O6P FBP R . 18.51 -11.10 -14.18
O1 F6P S . 12.41 -49.14 -17.83
C1 F6P S . 12.40 -48.79 -16.43
C2 F6P S . 13.04 -49.73 -15.41
O2 F6P S . 12.59 -49.25 -14.16
C3 F6P S . 14.54 -49.79 -15.35
O3 F6P S . 15.07 -48.62 -14.81
C4 F6P S . 14.76 -50.91 -14.42
O4 F6P S . 16.09 -51.39 -14.46
C5 F6P S . 13.79 -51.87 -15.02
O5 F6P S . 12.65 -51.10 -15.41
C6 F6P S . 13.49 -52.92 -13.98
O6 F6P S . 12.11 -53.21 -13.92
P F6P S . 11.57 -53.65 -12.53
O1P F6P S . 10.27 -54.30 -12.82
O2P F6P S . 11.50 -52.33 -11.92
O3P F6P S . 12.64 -54.47 -11.92
PB ADP T . 8.88 -51.40 -22.13
O1B ADP T . 7.72 -50.65 -22.72
O2B ADP T . 9.73 -50.63 -21.15
O3B ADP T . 9.68 -52.17 -23.12
PA ADP T . 7.87 -53.97 -21.71
O1A ADP T . 9.11 -54.53 -22.33
O2A ADP T . 7.21 -54.75 -20.62
O3A ADP T . 8.17 -52.50 -21.21
O5' ADP T . 6.74 -53.83 -22.78
C5' ADP T . 5.41 -53.81 -22.30
C4' ADP T . 4.51 -54.52 -23.27
O4' ADP T . 4.95 -54.41 -24.63
C3' ADP T . 4.52 -55.99 -23.00
O3' ADP T . 3.60 -56.26 -21.96
C2' ADP T . 4.09 -56.56 -24.33
O2' ADP T . 2.67 -56.53 -24.41
C1' ADP T . 4.45 -55.53 -25.36
N9 ADP T . 5.40 -56.04 -26.38
C8 ADP T . 6.72 -56.04 -26.33
N7 ADP T . 7.24 -56.59 -27.46
C5 ADP T . 6.23 -56.94 -28.25
C6 ADP T . 6.06 -57.57 -29.56
N6 ADP T . 7.14 -57.94 -30.30
N1 ADP T . 4.81 -57.76 -30.01
C2 ADP T . 3.73 -57.40 -29.31
N3 ADP T . 3.82 -56.83 -28.10
C4 ADP T . 5.02 -56.58 -27.53
#